data_7ZZ3
#
_entry.id   7ZZ3
#
_cell.length_a   1.00
_cell.length_b   1.00
_cell.length_c   1.00
_cell.angle_alpha   90.00
_cell.angle_beta   90.00
_cell.angle_gamma   90.00
#
_symmetry.space_group_name_H-M   'P 1'
#
loop_
_entity.id
_entity.type
_entity.pdbx_description
1 polymer 'Pyruvate carboxylase'
2 non-polymer BIOTIN
3 non-polymer 'MAGNESIUM ION'
4 non-polymer 'MANGANESE (II) ION'
5 non-polymer "ADENOSINE-5'-TRIPHOSPHATE"
6 non-polymer 'ACETYL COENZYME *A'
7 non-polymer 'PYRUVIC ACID'
8 non-polymer 'BICARBONATE ION'
9 non-polymer "ADENOSINE-5'-DIPHOSPHATE"
10 water water
#
_entity_poly.entity_id   1
_entity_poly.type   'polypeptide(L)'
_entity_poly.pdbx_seq_one_letter_code
;VPRGSHMKKLLVANRGEIAVRVFRACNELGLSTVAVYAREDEYSVHRFKADESYLIGQGKKPIDAYLDIDDIIRVALESG
ADAIHPGYGLLSENLEFATKVRAAGLVFVGPELHHLDIFGDKIKAKAAADEAKVPGIPGTNGAVDIDGALEFAKTYGYPV
MIKAALGGGGRGMRVARNDAEMHDGYARAKSEAIGAFGSGEIYVEKYIENPKHIEVQILGDRHGNIIHLHERDCSVQRRN
QKVIEIAPAVGLSPDFRNEICEAAVKLCKNVGYVNAGTVEFLVKDDKFYFIEVNPRVQVEHTITELITGVDIVQAQILIA
QGKDLHREIGLPAQSEIPLLGSAIQCRITTEDPQNGFLPDTGKIDTYRSPGGFGIRLDVGNAYAGYEVTPYFDSLLVKVC
TFANEFSDSVRKMDRVLHEFRIRGVKTNIPFLINVIANENFTSGQATTTFIDNTPSLFNFPRLRDRGTKTLHYLSMITVN
GFPGIENTEKRHFEEPRQPLLNLEKKKTAKNILDEQGADAVVDYVKNTKEVLLTDTTLRDAHQSLLATRLRLQDMKGIAQ
AIDQGLPELFSAEMWGGATFDVAYRFLNESPWYRLRKLRKLMPNTMFQMLFRGSNAVGYQNYPDNVIEEFIRVAAHEGID
VFRIFDSLNWLPQMEKSIQAVRDNGKIAEATICYTGDILDPSRPKYNIQYYKDLAKELEATGAHILAV(KCX)DMAGLLK
PQAAYRLISELKDTVDLPIHLHTHDTSGNGIITYSGATQAGVDIIDVATASLAGGTSQPSMQSIYYALEHGPRHASINVK
NAEQIDHYWEDVRKYYAPFEAGITSPQTEVYMHEMPGGQYTNLKSQAAAVGLGHRFDEIKQMYRKVNMMFGDIIKVTPSS
KVVGDMALFMIQNDLTEEDVYARGNELNFPESVVSFFRGDLGQPVGGFPEKLQKIIVKDKAVITDRPGLHAEKVDFETVK
ADLEQKIGYEPGDHEVISYIMYPQVFLDYQKMQREFGAVTLLDTPTFLHGMRLNEKIEVQIEKGKTLSIRLDEIGEPDLA
GNRVLFFNLNGQRREVVINDQSVQAQVVAKRKAETGNPNQIGATMPGSVLEILVKAGDKVQKGQALMVTEAMKMETTIEA
PFDGEIVDLHVVKGEAIQTQDLLIEIN
;
_entity_poly.pdbx_strand_id   A,B,C,D
#
# COMPACT_ATOMS: atom_id res chain seq x y z
N HIS A 6 -26.12 -60.53 17.22
CA HIS A 6 -25.32 -59.79 18.18
C HIS A 6 -25.14 -58.35 17.74
N MET A 7 -25.05 -57.44 18.71
CA MET A 7 -24.78 -56.04 18.39
C MET A 7 -23.34 -55.86 17.95
N LYS A 8 -23.15 -55.10 16.88
CA LYS A 8 -21.85 -54.64 16.46
C LYS A 8 -21.73 -53.13 16.41
N LYS A 9 -22.85 -52.42 16.27
CA LYS A 9 -22.84 -50.97 16.11
C LYS A 9 -24.00 -50.37 16.88
N LEU A 10 -23.73 -49.27 17.59
CA LEU A 10 -24.74 -48.59 18.40
C LEU A 10 -24.77 -47.12 18.04
N LEU A 11 -25.98 -46.57 17.94
CA LEU A 11 -26.19 -45.15 17.74
C LEU A 11 -26.63 -44.51 19.04
N VAL A 12 -26.18 -43.29 19.30
CA VAL A 12 -26.61 -42.51 20.45
C VAL A 12 -27.52 -41.39 19.95
N ALA A 13 -28.77 -41.40 20.39
CA ALA A 13 -29.74 -40.37 20.02
C ALA A 13 -29.73 -39.25 21.05
N ASN A 14 -28.56 -38.69 21.28
CA ASN A 14 -28.36 -37.65 22.28
C ASN A 14 -27.15 -36.82 21.87
N ARG A 15 -26.67 -36.00 22.80
CA ARG A 15 -25.62 -35.05 22.52
C ARG A 15 -24.82 -34.78 23.80
N GLY A 16 -23.65 -34.16 23.62
CA GLY A 16 -22.94 -33.64 24.76
C GLY A 16 -22.24 -34.72 25.57
N GLU A 17 -22.32 -34.57 26.89
CA GLU A 17 -21.56 -35.41 27.81
C GLU A 17 -22.04 -36.87 27.80
N ILE A 18 -23.37 -37.06 27.79
CA ILE A 18 -23.91 -38.41 27.88
C ILE A 18 -23.60 -39.21 26.62
N ALA A 19 -23.58 -38.54 25.45
CA ALA A 19 -23.20 -39.22 24.22
C ALA A 19 -21.76 -39.71 24.28
N VAL A 20 -20.85 -38.88 24.81
CA VAL A 20 -19.46 -39.28 24.96
C VAL A 20 -19.33 -40.42 25.97
N ARG A 21 -20.15 -40.39 27.02
CA ARG A 21 -20.12 -41.46 28.01
C ARG A 21 -20.53 -42.80 27.41
N VAL A 22 -21.62 -42.80 26.62
CA VAL A 22 -22.04 -44.03 25.96
C VAL A 22 -21.03 -44.46 24.90
N PHE A 23 -20.38 -43.50 24.22
CA PHE A 23 -19.33 -43.84 23.27
C PHE A 23 -18.15 -44.54 23.95
N ARG A 24 -17.74 -44.03 25.11
CA ARG A 24 -16.66 -44.66 25.87
C ARG A 24 -17.06 -46.05 26.34
N ALA A 25 -18.30 -46.22 26.81
CA ALA A 25 -18.77 -47.54 27.22
C ALA A 25 -18.81 -48.52 26.04
N CYS A 26 -19.26 -48.05 24.87
CA CYS A 26 -19.32 -48.91 23.70
C CYS A 26 -17.93 -49.29 23.20
N ASN A 27 -16.99 -48.34 23.25
CA ASN A 27 -15.61 -48.66 22.87
C ASN A 27 -14.96 -49.62 23.85
N GLU A 28 -15.30 -49.51 25.14
CA GLU A 28 -14.84 -50.51 26.10
C GLU A 28 -15.48 -51.86 25.84
N LEU A 29 -16.71 -51.88 25.33
CA LEU A 29 -17.40 -53.12 25.00
C LEU A 29 -17.12 -53.59 23.58
N GLY A 30 -16.23 -52.92 22.85
CA GLY A 30 -15.90 -53.31 21.49
C GLY A 30 -17.02 -53.13 20.49
N LEU A 31 -17.72 -52.00 20.53
CA LEU A 31 -18.82 -51.71 19.64
C LEU A 31 -18.51 -50.47 18.80
N SER A 32 -18.98 -50.49 17.55
CA SER A 32 -18.91 -49.30 16.72
C SER A 32 -19.93 -48.26 17.20
N THR A 33 -19.58 -47.00 17.02
CA THR A 33 -20.37 -45.89 17.55
C THR A 33 -20.83 -44.98 16.42
N VAL A 34 -22.09 -44.55 16.50
CA VAL A 34 -22.66 -43.60 15.55
C VAL A 34 -23.18 -42.40 16.34
N ALA A 35 -22.75 -41.20 15.94
CA ALA A 35 -23.22 -39.97 16.52
C ALA A 35 -24.22 -39.28 15.60
N VAL A 36 -25.14 -38.54 16.19
CA VAL A 36 -26.03 -37.66 15.44
C VAL A 36 -25.88 -36.26 16.01
N TYR A 37 -25.96 -35.26 15.14
CA TYR A 37 -25.76 -33.89 15.56
C TYR A 37 -26.61 -32.96 14.70
N ALA A 38 -27.12 -31.91 15.33
CA ALA A 38 -27.78 -30.85 14.59
C ALA A 38 -26.75 -29.94 13.95
N ARG A 39 -27.22 -29.07 13.05
CA ARG A 39 -26.33 -28.11 12.39
C ARG A 39 -25.75 -27.14 13.40
N GLU A 40 -26.54 -26.73 14.39
CA GLU A 40 -26.07 -25.80 15.41
C GLU A 40 -25.14 -26.48 16.42
N ASP A 41 -25.11 -27.81 16.45
CA ASP A 41 -24.22 -28.56 17.31
C ASP A 41 -23.04 -29.15 16.55
N GLU A 42 -22.62 -28.50 15.46
CA GLU A 42 -21.57 -29.03 14.60
C GLU A 42 -20.20 -29.05 15.28
N TYR A 43 -20.00 -28.20 16.29
CA TYR A 43 -18.73 -28.14 17.00
C TYR A 43 -18.77 -28.89 18.32
N SER A 44 -19.78 -29.70 18.55
CA SER A 44 -19.85 -30.50 19.76
C SER A 44 -18.79 -31.59 19.75
N VAL A 45 -18.28 -31.92 20.95
CA VAL A 45 -17.23 -32.92 21.08
C VAL A 45 -17.74 -34.30 20.70
N HIS A 46 -19.01 -34.59 21.02
CA HIS A 46 -19.58 -35.92 20.80
C HIS A 46 -19.68 -36.27 19.32
N ARG A 47 -19.72 -35.28 18.43
CA ARG A 47 -19.73 -35.56 17.00
C ARG A 47 -18.42 -36.23 16.56
N PHE A 48 -17.30 -35.74 17.09
CA PHE A 48 -15.99 -36.22 16.69
C PHE A 48 -15.47 -37.35 17.57
N LYS A 49 -16.23 -37.75 18.59
CA LYS A 49 -15.85 -38.85 19.47
C LYS A 49 -16.36 -40.20 18.99
N ALA A 50 -17.13 -40.23 17.91
CA ALA A 50 -17.69 -41.47 17.38
C ALA A 50 -17.05 -41.83 16.05
N ASP A 51 -17.23 -43.09 15.66
CA ASP A 51 -16.71 -43.56 14.38
C ASP A 51 -17.44 -42.89 13.21
N GLU A 52 -18.75 -42.75 13.32
CA GLU A 52 -19.56 -42.13 12.28
C GLU A 52 -20.43 -41.04 12.88
N SER A 53 -20.54 -39.92 12.20
CA SER A 53 -21.39 -38.81 12.61
C SER A 53 -22.25 -38.39 11.43
N TYR A 54 -23.53 -38.11 11.69
CA TYR A 54 -24.48 -37.76 10.65
C TYR A 54 -25.32 -36.58 11.11
N LEU A 55 -25.52 -35.62 10.19
CA LEU A 55 -26.41 -34.50 10.47
C LEU A 55 -27.86 -34.96 10.52
N ILE A 56 -28.60 -34.44 11.50
CA ILE A 56 -30.01 -34.79 11.67
C ILE A 56 -30.82 -33.52 11.84
N GLY A 57 -32.09 -33.60 11.46
CA GLY A 57 -33.02 -32.49 11.61
C GLY A 57 -32.65 -31.27 10.80
N GLN A 58 -32.31 -31.46 9.53
CA GLN A 58 -31.86 -30.37 8.68
C GLN A 58 -33.00 -29.38 8.42
N GLY A 59 -32.80 -28.13 8.85
CA GLY A 59 -33.76 -27.08 8.66
C GLY A 59 -34.59 -26.75 9.88
N LYS A 60 -34.63 -27.63 10.86
CA LYS A 60 -35.43 -27.41 12.05
C LYS A 60 -34.63 -26.71 13.15
N LYS A 61 -35.29 -26.42 14.25
CA LYS A 61 -34.59 -25.96 15.44
C LYS A 61 -33.74 -27.11 15.99
N PRO A 62 -32.56 -26.81 16.55
CA PRO A 62 -31.64 -27.90 16.97
C PRO A 62 -32.21 -28.82 18.03
N ILE A 63 -32.99 -28.30 18.99
CA ILE A 63 -33.63 -29.17 19.97
C ILE A 63 -34.71 -30.00 19.31
N ASP A 64 -35.48 -29.41 18.39
CA ASP A 64 -36.42 -30.18 17.59
C ASP A 64 -35.70 -31.15 16.67
N ALA A 65 -34.48 -30.80 16.24
CA ALA A 65 -33.68 -31.73 15.45
C ALA A 65 -33.28 -32.95 16.27
N TYR A 66 -32.93 -32.75 17.54
CA TYR A 66 -32.60 -33.87 18.42
C TYR A 66 -33.83 -34.63 18.89
N LEU A 67 -35.03 -34.10 18.68
CA LEU A 67 -36.27 -34.79 19.01
C LEU A 67 -36.93 -35.42 17.80
N ASP A 68 -36.25 -35.46 16.65
CA ASP A 68 -36.83 -36.02 15.44
C ASP A 68 -36.66 -37.53 15.46
N ILE A 69 -37.77 -38.24 15.68
CA ILE A 69 -37.73 -39.70 15.79
C ILE A 69 -37.39 -40.33 14.44
N ASP A 70 -38.05 -39.88 13.38
CA ASP A 70 -37.92 -40.51 12.07
C ASP A 70 -36.53 -40.30 11.48
N ASP A 71 -35.95 -39.11 11.65
CA ASP A 71 -34.62 -38.85 11.13
C ASP A 71 -33.56 -39.68 11.86
N ILE A 72 -33.70 -39.79 13.18
CA ILE A 72 -32.77 -40.59 13.98
C ILE A 72 -32.86 -42.07 13.60
N ILE A 73 -34.08 -42.57 13.41
CA ILE A 73 -34.26 -43.97 13.02
C ILE A 73 -33.74 -44.21 11.61
N ARG A 74 -33.94 -43.25 10.70
CA ARG A 74 -33.41 -43.37 9.34
C ARG A 74 -31.89 -43.40 9.36
N VAL A 75 -31.25 -42.55 10.17
CA VAL A 75 -29.80 -42.53 10.26
C VAL A 75 -29.29 -43.84 10.85
N ALA A 76 -29.95 -44.36 11.88
CA ALA A 76 -29.55 -45.62 12.50
C ALA A 76 -29.72 -46.80 11.54
N LEU A 77 -30.75 -46.75 10.68
CA LEU A 77 -30.95 -47.83 9.72
C LEU A 77 -29.95 -47.75 8.58
N GLU A 78 -29.65 -46.55 8.08
CA GLU A 78 -28.72 -46.42 6.98
C GLU A 78 -27.27 -46.56 7.40
N SER A 79 -26.97 -46.39 8.70
CA SER A 79 -25.61 -46.54 9.18
C SER A 79 -25.27 -47.96 9.60
N GLY A 80 -26.24 -48.88 9.55
CA GLY A 80 -25.99 -50.23 9.98
C GLY A 80 -25.98 -50.43 11.49
N ALA A 81 -26.45 -49.45 12.24
CA ALA A 81 -26.50 -49.57 13.70
C ALA A 81 -27.55 -50.59 14.11
N ASP A 82 -27.20 -51.41 15.11
CA ASP A 82 -28.13 -52.42 15.62
C ASP A 82 -28.94 -51.94 16.80
N ALA A 83 -28.48 -50.92 17.52
CA ALA A 83 -29.15 -50.46 18.72
C ALA A 83 -29.09 -48.95 18.81
N ILE A 84 -29.99 -48.39 19.61
CA ILE A 84 -30.06 -46.96 19.86
C ILE A 84 -30.04 -46.74 21.37
N HIS A 85 -29.05 -45.98 21.84
CA HIS A 85 -29.01 -45.55 23.23
C HIS A 85 -29.50 -44.11 23.32
N PRO A 86 -30.60 -43.84 24.02
CA PRO A 86 -31.15 -42.47 24.02
C PRO A 86 -30.49 -41.52 24.99
N GLY A 87 -29.70 -42.01 25.94
CA GLY A 87 -29.09 -41.12 26.92
C GLY A 87 -30.10 -40.69 27.95
N TYR A 88 -30.18 -39.39 28.21
CA TYR A 88 -31.21 -38.85 29.08
C TYR A 88 -31.73 -37.54 28.50
N GLY A 89 -32.93 -37.16 28.92
CA GLY A 89 -33.47 -35.87 28.60
C GLY A 89 -34.36 -35.78 27.37
N LEU A 90 -33.81 -36.05 26.19
CA LEU A 90 -34.52 -35.74 24.95
C LEU A 90 -35.58 -36.78 24.63
N LEU A 91 -35.16 -38.02 24.37
CA LEU A 91 -36.09 -39.08 23.99
C LEU A 91 -35.85 -40.35 24.80
N SER A 92 -35.25 -40.22 25.98
CA SER A 92 -35.00 -41.39 26.83
C SER A 92 -36.30 -41.96 27.37
N GLU A 93 -37.24 -41.10 27.74
CA GLU A 93 -38.53 -41.52 28.28
C GLU A 93 -39.65 -41.43 27.25
N ASN A 94 -39.32 -41.24 25.98
CA ASN A 94 -40.32 -41.10 24.94
C ASN A 94 -40.88 -42.48 24.57
N LEU A 95 -42.18 -42.67 24.76
CA LEU A 95 -42.80 -43.95 24.44
C LEU A 95 -42.86 -44.18 22.94
N GLU A 96 -43.19 -43.14 22.18
CA GLU A 96 -43.31 -43.27 20.72
C GLU A 96 -41.97 -43.58 20.08
N PHE A 97 -40.89 -42.93 20.56
CA PHE A 97 -39.56 -43.17 20.01
C PHE A 97 -39.11 -44.60 20.24
N ALA A 98 -39.28 -45.10 21.47
CA ALA A 98 -38.89 -46.47 21.78
C ALA A 98 -39.75 -47.48 21.04
N THR A 99 -41.05 -47.19 20.90
CA THR A 99 -41.95 -48.07 20.15
C THR A 99 -41.54 -48.17 18.69
N LYS A 100 -41.24 -47.03 18.07
CA LYS A 100 -40.82 -47.02 16.67
C LYS A 100 -39.45 -47.66 16.48
N VAL A 101 -38.54 -47.49 17.46
CA VAL A 101 -37.21 -48.10 17.38
C VAL A 101 -37.33 -49.62 17.46
N ARG A 102 -38.13 -50.12 18.41
CA ARG A 102 -38.29 -51.56 18.52
C ARG A 102 -39.12 -52.13 17.37
N ALA A 103 -40.00 -51.33 16.76
CA ALA A 103 -40.73 -51.77 15.58
C ALA A 103 -39.87 -51.75 14.32
N ALA A 104 -38.79 -50.97 14.30
CA ALA A 104 -37.88 -50.93 13.18
C ALA A 104 -36.85 -52.05 13.20
N GLY A 105 -36.88 -52.90 14.23
CA GLY A 105 -35.94 -54.00 14.36
C GLY A 105 -34.70 -53.68 15.16
N LEU A 106 -34.47 -52.43 15.51
CA LEU A 106 -33.33 -52.06 16.32
C LEU A 106 -33.60 -52.37 17.80
N VAL A 107 -32.53 -52.36 18.58
CA VAL A 107 -32.61 -52.60 20.02
C VAL A 107 -32.65 -51.26 20.73
N PHE A 108 -33.65 -51.07 21.59
CA PHE A 108 -33.75 -49.87 22.40
C PHE A 108 -33.06 -50.13 23.73
N VAL A 109 -31.97 -49.40 24.00
CA VAL A 109 -31.24 -49.56 25.24
C VAL A 109 -31.99 -48.80 26.33
N GLY A 110 -32.91 -49.49 26.99
CA GLY A 110 -33.78 -48.90 27.97
C GLY A 110 -34.78 -49.90 28.48
N PRO A 111 -35.78 -49.45 29.21
CA PRO A 111 -36.79 -50.36 29.75
C PRO A 111 -37.75 -50.82 28.65
N GLU A 112 -38.69 -51.67 29.04
CA GLU A 112 -39.71 -52.12 28.10
C GLU A 112 -40.72 -51.00 27.85
N LEU A 113 -41.58 -51.23 26.84
CA LEU A 113 -42.58 -50.23 26.50
C LEU A 113 -43.61 -50.06 27.61
N HIS A 114 -43.92 -51.15 28.33
CA HIS A 114 -44.85 -51.07 29.45
C HIS A 114 -44.29 -50.20 30.57
N HIS A 115 -42.99 -50.35 30.88
CA HIS A 115 -42.38 -49.54 31.92
C HIS A 115 -42.36 -48.06 31.53
N LEU A 116 -42.03 -47.76 30.28
CA LEU A 116 -42.05 -46.37 29.82
C LEU A 116 -43.45 -45.80 29.84
N ASP A 117 -44.46 -46.62 29.53
CA ASP A 117 -45.84 -46.16 29.59
C ASP A 117 -46.28 -45.86 31.02
N ILE A 118 -45.93 -46.73 31.96
CA ILE A 118 -46.44 -46.56 33.33
C ILE A 118 -45.61 -45.56 34.13
N PHE A 119 -44.37 -45.31 33.73
CA PHE A 119 -43.52 -44.35 34.45
C PHE A 119 -43.34 -43.04 33.68
N GLY A 120 -43.90 -42.92 32.48
CA GLY A 120 -43.87 -41.64 31.79
C GLY A 120 -44.71 -40.59 32.48
N ASP A 121 -45.87 -40.98 32.99
CA ASP A 121 -46.75 -40.09 33.72
C ASP A 121 -46.79 -40.48 35.19
N LYS A 122 -47.01 -39.49 36.04
CA LYS A 122 -46.82 -39.67 37.48
C LYS A 122 -47.94 -40.46 38.14
N ILE A 123 -49.19 -40.32 37.67
CA ILE A 123 -50.30 -40.98 38.36
C ILE A 123 -50.26 -42.48 38.12
N LYS A 124 -49.85 -42.92 36.93
CA LYS A 124 -49.73 -44.35 36.67
C LYS A 124 -48.56 -44.95 37.47
N ALA A 125 -47.48 -44.19 37.62
CA ALA A 125 -46.37 -44.64 38.47
C ALA A 125 -46.78 -44.74 39.93
N LYS A 126 -47.58 -43.77 40.40
CA LYS A 126 -48.08 -43.82 41.77
C LYS A 126 -49.02 -45.01 41.97
N ALA A 127 -49.85 -45.30 40.98
CA ALA A 127 -50.70 -46.50 41.04
C ALA A 127 -49.87 -47.77 41.06
N ALA A 128 -48.82 -47.83 40.25
CA ALA A 128 -47.94 -49.00 40.22
C ALA A 128 -47.24 -49.19 41.56
N ALA A 129 -46.82 -48.10 42.20
CA ALA A 129 -46.25 -48.19 43.54
C ALA A 129 -47.31 -48.58 44.56
N ASP A 130 -48.58 -48.23 44.33
CA ASP A 130 -49.64 -48.65 45.22
C ASP A 130 -49.88 -50.14 45.14
N GLU A 131 -49.89 -50.71 43.94
CA GLU A 131 -49.98 -52.18 43.82
C GLU A 131 -48.70 -52.84 44.30
N ALA A 132 -47.57 -52.12 44.24
CA ALA A 132 -46.32 -52.66 44.76
C ALA A 132 -46.17 -52.48 46.26
N LYS A 133 -47.14 -51.87 46.92
CA LYS A 133 -47.18 -51.61 48.36
C LYS A 133 -46.06 -50.69 48.82
N VAL A 134 -45.48 -49.90 47.93
CA VAL A 134 -44.49 -48.89 48.31
C VAL A 134 -45.25 -47.62 48.69
N PRO A 135 -45.05 -47.09 49.89
CA PRO A 135 -45.81 -45.90 50.31
C PRO A 135 -45.43 -44.67 49.50
N GLY A 136 -46.41 -43.82 49.25
CA GLY A 136 -46.22 -42.57 48.55
C GLY A 136 -46.82 -41.41 49.33
N ILE A 137 -46.68 -40.23 48.74
CA ILE A 137 -47.27 -39.03 49.35
C ILE A 137 -48.79 -39.10 49.21
N PRO A 138 -49.55 -38.87 50.29
CA PRO A 138 -51.01 -38.80 50.16
C PRO A 138 -51.42 -37.67 49.22
N GLY A 139 -52.41 -37.95 48.38
CA GLY A 139 -52.81 -36.97 47.39
C GLY A 139 -54.09 -37.37 46.72
N THR A 140 -54.46 -36.59 45.70
CA THR A 140 -55.67 -36.84 44.94
C THR A 140 -55.53 -38.12 44.12
N ASN A 141 -56.62 -38.88 44.02
CA ASN A 141 -56.63 -40.11 43.26
C ASN A 141 -56.70 -39.80 41.77
N GLY A 142 -55.54 -39.76 41.11
CA GLY A 142 -55.50 -39.46 39.69
C GLY A 142 -55.64 -37.97 39.42
N ALA A 143 -55.86 -37.67 38.14
CA ALA A 143 -56.06 -36.29 37.72
C ALA A 143 -57.38 -35.75 38.26
N VAL A 144 -57.34 -34.52 38.75
CA VAL A 144 -58.51 -33.89 39.35
C VAL A 144 -58.67 -32.48 38.79
N ASP A 145 -59.89 -31.97 38.87
CA ASP A 145 -60.20 -30.62 38.45
C ASP A 145 -59.81 -29.64 39.56
N ILE A 146 -60.08 -28.35 39.34
CA ILE A 146 -59.72 -27.33 40.32
C ILE A 146 -60.55 -27.47 41.59
N ASP A 147 -61.84 -27.78 41.46
CA ASP A 147 -62.70 -27.91 42.63
C ASP A 147 -62.33 -29.14 43.46
N GLY A 148 -62.01 -30.25 42.79
CA GLY A 148 -61.58 -31.44 43.53
C GLY A 148 -60.24 -31.24 44.22
N ALA A 149 -59.32 -30.52 43.57
CA ALA A 149 -58.05 -30.20 44.21
C ALA A 149 -58.24 -29.28 45.41
N LEU A 150 -59.14 -28.30 45.29
CA LEU A 150 -59.46 -27.45 46.44
C LEU A 150 -60.11 -28.26 47.56
N GLU A 151 -60.95 -29.23 47.20
CA GLU A 151 -61.57 -30.09 48.21
C GLU A 151 -60.52 -30.92 48.93
N PHE A 152 -59.54 -31.45 48.19
CA PHE A 152 -58.45 -32.18 48.82
C PHE A 152 -57.61 -31.27 49.72
N ALA A 153 -57.39 -30.02 49.29
CA ALA A 153 -56.65 -29.08 50.10
C ALA A 153 -57.38 -28.75 51.41
N LYS A 154 -58.71 -28.61 51.34
CA LYS A 154 -59.48 -28.35 52.55
C LYS A 154 -59.56 -29.57 53.45
N THR A 155 -59.62 -30.78 52.86
CA THR A 155 -59.77 -31.99 53.67
C THR A 155 -58.48 -32.34 54.40
N TYR A 156 -57.33 -32.26 53.72
CA TYR A 156 -56.07 -32.72 54.29
C TYR A 156 -55.17 -31.59 54.78
N GLY A 157 -55.51 -30.34 54.50
CA GLY A 157 -54.75 -29.22 55.03
C GLY A 157 -53.84 -28.58 54.00
N TYR A 158 -53.02 -27.68 54.50
CA TYR A 158 -52.10 -26.88 53.71
C TYR A 158 -50.71 -26.95 54.33
N PRO A 159 -49.64 -26.77 53.53
CA PRO A 159 -49.57 -26.52 52.07
C PRO A 159 -49.67 -27.79 51.24
N VAL A 160 -49.93 -27.64 49.95
CA VAL A 160 -49.96 -28.74 48.99
C VAL A 160 -49.16 -28.33 47.76
N MET A 161 -48.83 -29.32 46.94
CA MET A 161 -48.08 -29.11 45.71
C MET A 161 -48.91 -29.55 44.52
N ILE A 162 -48.96 -28.71 43.49
CA ILE A 162 -49.69 -28.98 42.26
C ILE A 162 -48.69 -29.50 41.24
N LYS A 163 -48.87 -30.75 40.81
CA LYS A 163 -47.95 -31.41 39.89
C LYS A 163 -48.71 -31.91 38.67
N ALA A 164 -48.17 -31.65 37.48
CA ALA A 164 -48.69 -32.20 36.26
C ALA A 164 -48.32 -33.68 36.14
N ALA A 165 -49.21 -34.46 35.53
CA ALA A 165 -48.92 -35.88 35.32
C ALA A 165 -47.77 -36.07 34.33
N LEU A 166 -47.74 -35.27 33.27
CA LEU A 166 -46.66 -35.33 32.29
C LEU A 166 -45.51 -34.40 32.63
N GLY A 167 -45.52 -33.80 33.82
CA GLY A 167 -44.48 -32.86 34.19
C GLY A 167 -43.15 -33.55 34.40
N GLY A 168 -42.09 -32.87 33.96
CA GLY A 168 -40.74 -33.37 34.16
C GLY A 168 -39.75 -32.24 34.04
N GLY A 169 -38.63 -32.37 34.77
CA GLY A 169 -37.64 -31.32 34.78
C GLY A 169 -37.97 -30.12 35.62
N GLY A 170 -39.05 -30.18 36.41
CA GLY A 170 -39.39 -29.12 37.33
C GLY A 170 -40.25 -28.00 36.78
N ARG A 171 -40.58 -28.03 35.49
CA ARG A 171 -41.38 -26.94 34.94
C ARG A 171 -42.88 -27.10 35.20
N GLY A 172 -43.37 -28.33 35.33
CA GLY A 172 -44.78 -28.55 35.63
C GLY A 172 -45.05 -28.76 37.11
N MET A 173 -44.66 -27.81 37.94
CA MET A 173 -44.76 -28.01 39.39
C MET A 173 -44.85 -26.68 40.13
N ARG A 174 -45.99 -26.45 40.79
CA ARG A 174 -46.23 -25.24 41.56
C ARG A 174 -46.74 -25.60 42.94
N VAL A 175 -46.39 -24.78 43.92
CA VAL A 175 -46.79 -25.01 45.30
C VAL A 175 -47.89 -24.03 45.66
N ALA A 176 -48.64 -24.34 46.72
CA ALA A 176 -49.75 -23.51 47.15
C ALA A 176 -49.96 -23.66 48.65
N ARG A 177 -50.21 -22.54 49.34
CA ARG A 177 -50.51 -22.55 50.76
C ARG A 177 -51.88 -21.98 51.09
N ASN A 178 -52.56 -21.37 50.13
CA ASN A 178 -53.89 -20.82 50.35
C ASN A 178 -54.75 -21.10 49.12
N ASP A 179 -56.05 -20.80 49.24
CA ASP A 179 -57.00 -21.14 48.18
C ASP A 179 -56.80 -20.29 46.94
N ALA A 180 -56.42 -19.02 47.10
CA ALA A 180 -56.06 -18.22 45.94
C ALA A 180 -54.80 -18.75 45.28
N GLU A 181 -53.82 -19.17 46.09
CA GLU A 181 -52.61 -19.78 45.57
C GLU A 181 -52.92 -21.08 44.85
N MET A 182 -53.91 -21.82 45.36
CA MET A 182 -54.37 -23.02 44.68
C MET A 182 -54.91 -22.71 43.29
N HIS A 183 -55.70 -21.64 43.16
CA HIS A 183 -56.27 -21.28 41.86
C HIS A 183 -55.18 -20.86 40.89
N ASP A 184 -54.29 -19.96 41.31
CA ASP A 184 -53.28 -19.46 40.37
C ASP A 184 -52.26 -20.55 40.02
N GLY A 185 -51.86 -21.36 41.00
CA GLY A 185 -50.94 -22.44 40.71
C GLY A 185 -51.56 -23.50 39.81
N TYR A 186 -52.85 -23.81 40.01
CA TYR A 186 -53.53 -24.75 39.12
C TYR A 186 -53.57 -24.20 37.69
N ALA A 187 -53.84 -22.90 37.53
CA ALA A 187 -53.98 -22.37 36.18
C ALA A 187 -52.64 -22.30 35.45
N ARG A 188 -51.58 -21.78 36.10
CA ARG A 188 -50.25 -21.89 35.47
C ARG A 188 -49.80 -23.33 35.27
N ALA A 189 -50.09 -24.23 36.21
CA ALA A 189 -49.68 -25.62 36.05
C ALA A 189 -50.34 -26.25 34.84
N LYS A 190 -51.64 -26.00 34.66
CA LYS A 190 -52.35 -26.47 33.48
C LYS A 190 -51.80 -25.84 32.20
N SER A 191 -51.47 -24.54 32.24
CA SER A 191 -51.03 -23.87 31.02
C SER A 191 -49.68 -24.39 30.55
N GLU A 192 -48.71 -24.54 31.46
CA GLU A 192 -47.41 -25.07 31.03
C GLU A 192 -47.47 -26.57 30.78
N ALA A 193 -48.42 -27.28 31.42
CA ALA A 193 -48.57 -28.69 31.12
C ALA A 193 -49.12 -28.91 29.71
N ILE A 194 -50.11 -28.11 29.31
CA ILE A 194 -50.64 -28.23 27.95
C ILE A 194 -49.64 -27.69 26.94
N GLY A 195 -48.96 -26.59 27.25
CA GLY A 195 -48.05 -25.97 26.30
C GLY A 195 -46.81 -26.79 26.01
N ALA A 196 -46.23 -27.41 27.05
CA ALA A 196 -44.95 -28.09 26.87
C ALA A 196 -45.10 -29.56 26.53
N PHE A 197 -46.05 -30.26 27.15
CA PHE A 197 -46.20 -31.70 26.98
C PHE A 197 -47.44 -32.09 26.18
N GLY A 198 -48.28 -31.14 25.80
CA GLY A 198 -49.45 -31.46 25.02
C GLY A 198 -50.59 -32.09 25.78
N SER A 199 -50.48 -32.20 27.10
CA SER A 199 -51.53 -32.81 27.92
C SER A 199 -51.41 -32.27 29.34
N GLY A 200 -52.54 -32.00 29.96
CA GLY A 200 -52.55 -31.29 31.23
C GLY A 200 -53.24 -31.98 32.39
N GLU A 201 -53.07 -33.29 32.52
CA GLU A 201 -53.60 -33.99 33.68
C GLU A 201 -52.82 -33.58 34.92
N ILE A 202 -53.54 -33.20 35.97
CA ILE A 202 -52.96 -32.58 37.16
C ILE A 202 -53.45 -33.31 38.39
N TYR A 203 -52.52 -33.76 39.22
CA TYR A 203 -52.82 -34.27 40.56
C TYR A 203 -52.17 -33.37 41.60
N VAL A 204 -52.72 -33.42 42.80
CA VAL A 204 -52.27 -32.58 43.91
C VAL A 204 -51.95 -33.49 45.09
N GLU A 205 -50.79 -33.30 45.70
CA GLU A 205 -50.36 -34.13 46.81
C GLU A 205 -49.88 -33.23 47.95
N LYS A 206 -49.70 -33.85 49.12
CA LYS A 206 -49.31 -33.12 50.32
C LYS A 206 -47.89 -32.59 50.19
N TYR A 207 -47.68 -31.35 50.63
CA TYR A 207 -46.37 -30.71 50.59
C TYR A 207 -45.61 -31.08 51.86
N ILE A 208 -44.51 -31.81 51.69
CA ILE A 208 -43.67 -32.17 52.83
C ILE A 208 -42.76 -31.01 53.18
N GLU A 209 -42.55 -30.79 54.48
CA GLU A 209 -41.77 -29.66 54.97
C GLU A 209 -40.32 -30.12 55.15
N ASN A 210 -39.43 -29.56 54.32
CA ASN A 210 -38.00 -29.86 54.34
C ASN A 210 -37.67 -31.35 54.29
N PRO A 211 -37.95 -32.03 53.16
CA PRO A 211 -37.61 -33.45 53.08
C PRO A 211 -36.22 -33.69 52.50
N LYS A 212 -35.81 -34.94 52.45
CA LYS A 212 -34.58 -35.35 51.78
C LYS A 212 -34.94 -36.11 50.51
N HIS A 213 -34.35 -35.70 49.39
CA HIS A 213 -34.60 -36.34 48.11
C HIS A 213 -33.62 -37.50 47.94
N ILE A 214 -34.11 -38.72 48.04
CA ILE A 214 -33.29 -39.92 47.99
C ILE A 214 -33.67 -40.71 46.74
N GLU A 215 -32.68 -41.04 45.93
CA GLU A 215 -32.87 -41.78 44.69
C GLU A 215 -32.12 -43.09 44.73
N VAL A 216 -32.79 -44.18 44.40
CA VAL A 216 -32.19 -45.51 44.39
C VAL A 216 -31.99 -45.94 42.95
N GLN A 217 -30.76 -46.31 42.61
CA GLN A 217 -30.41 -46.79 41.28
C GLN A 217 -30.72 -48.27 41.17
N ILE A 218 -31.48 -48.65 40.14
CA ILE A 218 -31.93 -50.01 39.94
C ILE A 218 -31.39 -50.52 38.62
N LEU A 219 -30.82 -51.73 38.64
CA LEU A 219 -30.40 -52.43 37.43
C LEU A 219 -31.15 -53.74 37.33
N GLY A 220 -31.79 -53.98 36.19
CA GLY A 220 -32.52 -55.22 35.96
C GLY A 220 -32.31 -55.76 34.56
N ASP A 221 -32.26 -57.08 34.44
CA ASP A 221 -32.06 -57.74 33.15
C ASP A 221 -33.37 -58.37 32.68
N ARG A 222 -33.30 -59.04 31.53
CA ARG A 222 -34.47 -59.73 30.98
C ARG A 222 -34.73 -61.08 31.65
N HIS A 223 -33.80 -61.55 32.49
CA HIS A 223 -33.97 -62.81 33.20
C HIS A 223 -34.68 -62.65 34.54
N GLY A 224 -35.11 -61.45 34.89
CA GLY A 224 -35.84 -61.22 36.11
C GLY A 224 -35.00 -60.92 37.33
N ASN A 225 -33.68 -60.76 37.17
CA ASN A 225 -32.83 -60.40 38.29
C ASN A 225 -32.86 -58.89 38.49
N ILE A 226 -33.21 -58.46 39.71
CA ILE A 226 -33.28 -57.05 40.06
C ILE A 226 -32.30 -56.79 41.20
N ILE A 227 -31.41 -55.83 41.01
CA ILE A 227 -30.49 -55.40 42.04
C ILE A 227 -30.51 -53.88 42.12
N HIS A 228 -30.51 -53.35 43.34
CA HIS A 228 -30.23 -51.94 43.54
C HIS A 228 -28.72 -51.78 43.72
N LEU A 229 -28.17 -50.74 43.11
CA LEU A 229 -26.74 -50.50 43.31
C LEU A 229 -26.51 -49.90 44.69
N HIS A 230 -27.01 -48.69 44.92
CA HIS A 230 -27.16 -48.06 46.23
C HIS A 230 -28.06 -46.84 46.03
N GLU A 231 -28.19 -46.03 47.06
CA GLU A 231 -29.00 -44.82 46.98
C GLU A 231 -28.12 -43.58 46.90
N ARG A 232 -28.73 -42.49 46.43
CA ARG A 232 -28.08 -41.19 46.36
C ARG A 232 -28.91 -40.17 47.10
N ASP A 233 -28.24 -39.13 47.60
CA ASP A 233 -28.90 -38.01 48.26
C ASP A 233 -28.78 -36.79 47.36
N CYS A 234 -29.88 -36.41 46.74
CA CYS A 234 -29.94 -35.26 45.84
C CYS A 234 -30.76 -34.14 46.46
N SER A 235 -30.64 -33.94 47.77
CA SER A 235 -31.43 -32.96 48.47
C SER A 235 -30.98 -31.53 48.20
N VAL A 236 -29.73 -31.34 47.78
CA VAL A 236 -29.22 -29.99 47.52
C VAL A 236 -29.84 -29.49 46.23
N GLN A 237 -30.89 -28.68 46.35
CA GLN A 237 -31.69 -28.28 45.20
C GLN A 237 -31.97 -26.78 45.26
N ARG A 238 -32.09 -26.18 44.08
CA ARG A 238 -32.48 -24.77 43.93
C ARG A 238 -33.69 -24.72 43.01
N ARG A 239 -34.80 -24.18 43.52
CA ARG A 239 -36.09 -24.14 42.82
C ARG A 239 -36.50 -25.53 42.35
N ASN A 240 -36.30 -26.52 43.23
CA ASN A 240 -36.60 -27.93 42.98
C ASN A 240 -35.87 -28.45 41.74
N GLN A 241 -34.65 -27.98 41.53
CA GLN A 241 -33.76 -28.47 40.49
C GLN A 241 -32.45 -28.90 41.13
N LYS A 242 -31.98 -30.09 40.77
CA LYS A 242 -30.84 -30.69 41.43
C LYS A 242 -29.56 -29.90 41.13
N VAL A 243 -28.84 -29.56 42.19
CA VAL A 243 -27.60 -28.79 42.08
C VAL A 243 -26.38 -29.65 42.37
N ILE A 244 -26.32 -30.25 43.55
CA ILE A 244 -25.20 -31.08 43.97
C ILE A 244 -25.76 -32.38 44.51
N GLU A 245 -25.32 -33.50 43.94
CA GLU A 245 -25.77 -34.83 44.33
C GLU A 245 -24.63 -35.56 45.02
N ILE A 246 -24.94 -36.19 46.15
CA ILE A 246 -23.95 -36.98 46.88
C ILE A 246 -24.45 -38.41 46.97
N ALA A 247 -23.50 -39.34 47.10
CA ALA A 247 -23.81 -40.75 47.19
C ALA A 247 -22.76 -41.40 48.09
N PRO A 248 -23.17 -42.19 49.09
CA PRO A 248 -24.55 -42.50 49.48
C PRO A 248 -25.13 -41.40 50.36
N ALA A 249 -26.33 -41.61 50.92
CA ALA A 249 -26.91 -40.62 51.82
C ALA A 249 -26.20 -40.68 53.17
N VAL A 250 -25.14 -39.87 53.33
CA VAL A 250 -24.31 -39.95 54.53
C VAL A 250 -25.06 -39.43 55.75
N GLY A 251 -26.09 -38.60 55.55
CA GLY A 251 -26.87 -38.12 56.67
C GLY A 251 -27.74 -39.21 57.28
N LEU A 252 -28.22 -40.14 56.45
CA LEU A 252 -29.14 -41.16 56.92
C LEU A 252 -28.40 -42.38 57.45
N SER A 253 -29.06 -43.10 58.37
CA SER A 253 -28.50 -44.32 58.90
C SER A 253 -28.50 -45.41 57.83
N PRO A 254 -27.53 -46.34 57.88
CA PRO A 254 -27.45 -47.38 56.85
C PRO A 254 -28.65 -48.30 56.79
N ASP A 255 -29.30 -48.59 57.93
CA ASP A 255 -30.45 -49.47 57.92
C ASP A 255 -31.65 -48.81 57.24
N PHE A 256 -31.83 -47.51 57.44
CA PHE A 256 -32.93 -46.80 56.80
C PHE A 256 -32.71 -46.71 55.29
N ARG A 257 -31.46 -46.46 54.87
CA ARG A 257 -31.14 -46.46 53.45
C ARG A 257 -31.34 -47.84 52.84
N ASN A 258 -31.00 -48.89 53.59
CA ASN A 258 -31.24 -50.25 53.13
C ASN A 258 -32.73 -50.53 52.98
N GLU A 259 -33.55 -50.01 53.89
CA GLU A 259 -35.00 -50.16 53.78
C GLU A 259 -35.54 -49.43 52.55
N ILE A 260 -35.02 -48.23 52.28
CA ILE A 260 -35.45 -47.48 51.09
C ILE A 260 -35.06 -48.24 49.82
N CYS A 261 -33.84 -48.77 49.79
CA CYS A 261 -33.39 -49.54 48.63
C CYS A 261 -34.21 -50.81 48.43
N GLU A 262 -34.58 -51.47 49.54
CA GLU A 262 -35.43 -52.65 49.43
C GLU A 262 -36.84 -52.30 48.94
N ALA A 263 -37.35 -51.14 49.34
CA ALA A 263 -38.65 -50.70 48.81
C ALA A 263 -38.58 -50.45 47.31
N ALA A 264 -37.51 -49.81 46.85
CA ALA A 264 -37.33 -49.59 45.41
C ALA A 264 -37.18 -50.90 44.65
N VAL A 265 -36.44 -51.86 45.25
CA VAL A 265 -36.28 -53.19 44.66
C VAL A 265 -37.63 -53.90 44.57
N LYS A 266 -38.45 -53.78 45.62
CA LYS A 266 -39.77 -54.40 45.61
C LYS A 266 -40.65 -53.81 44.52
N LEU A 267 -40.63 -52.49 44.35
CA LEU A 267 -41.40 -51.85 43.28
C LEU A 267 -40.94 -52.31 41.91
N CYS A 268 -39.62 -52.32 41.68
CA CYS A 268 -39.11 -52.68 40.36
C CYS A 268 -39.29 -54.17 40.07
N LYS A 269 -39.29 -55.01 41.10
CA LYS A 269 -39.58 -56.43 40.90
C LYS A 269 -41.07 -56.64 40.66
N ASN A 270 -41.92 -55.84 41.27
CA ASN A 270 -43.35 -55.92 41.00
C ASN A 270 -43.67 -55.53 39.57
N VAL A 271 -43.03 -54.48 39.06
CA VAL A 271 -43.27 -54.08 37.67
C VAL A 271 -42.45 -54.87 36.67
N GLY A 272 -41.55 -55.73 37.13
CA GLY A 272 -40.69 -56.50 36.23
C GLY A 272 -39.71 -55.65 35.46
N TYR A 273 -39.06 -54.69 36.13
CA TYR A 273 -38.26 -53.68 35.45
C TYR A 273 -37.00 -54.27 34.84
N VAL A 274 -36.63 -53.76 33.67
CA VAL A 274 -35.39 -54.14 32.99
C VAL A 274 -34.58 -52.88 32.73
N ASN A 275 -33.30 -53.10 32.40
CA ASN A 275 -32.29 -52.06 32.13
C ASN A 275 -32.10 -51.22 33.39
N ALA A 276 -31.68 -49.96 33.24
CA ALA A 276 -31.39 -49.09 34.38
C ALA A 276 -32.52 -48.13 34.65
N GLY A 277 -32.79 -47.89 35.93
CA GLY A 277 -33.81 -46.94 36.32
C GLY A 277 -33.54 -46.40 37.70
N THR A 278 -34.18 -45.29 38.00
CA THR A 278 -33.98 -44.57 39.25
C THR A 278 -35.32 -44.35 39.93
N VAL A 279 -35.45 -44.79 41.17
CA VAL A 279 -36.66 -44.60 41.96
C VAL A 279 -36.38 -43.50 42.98
N GLU A 280 -37.11 -42.40 42.89
CA GLU A 280 -36.90 -41.24 43.74
C GLU A 280 -37.83 -41.29 44.95
N PHE A 281 -37.35 -40.76 46.07
CA PHE A 281 -38.09 -40.77 47.32
C PHE A 281 -37.95 -39.43 48.02
N LEU A 282 -38.94 -39.12 48.86
CA LEU A 282 -38.88 -38.00 49.78
C LEU A 282 -38.85 -38.53 51.20
N VAL A 283 -37.89 -38.06 51.99
CA VAL A 283 -37.58 -38.62 53.30
C VAL A 283 -37.79 -37.56 54.36
N LYS A 284 -38.59 -37.87 55.38
CA LYS A 284 -38.84 -36.93 56.47
C LYS A 284 -39.19 -37.74 57.72
N ASP A 285 -38.31 -37.68 58.72
CA ASP A 285 -38.49 -38.30 60.04
C ASP A 285 -38.75 -39.81 59.92
N ASP A 286 -37.80 -40.50 59.31
CA ASP A 286 -37.78 -41.96 59.16
C ASP A 286 -38.98 -42.50 58.38
N LYS A 287 -39.60 -41.67 57.55
CA LYS A 287 -40.66 -42.09 56.63
C LYS A 287 -40.27 -41.68 55.22
N PHE A 288 -40.35 -42.61 54.28
CA PHE A 288 -40.03 -42.35 52.89
C PHE A 288 -41.28 -42.53 52.04
N TYR A 289 -41.43 -41.68 51.03
CA TYR A 289 -42.58 -41.72 50.14
C TYR A 289 -42.11 -41.75 48.70
N PHE A 290 -42.69 -42.67 47.91
CA PHE A 290 -42.42 -42.72 46.49
C PHE A 290 -42.93 -41.46 45.80
N ILE A 291 -42.13 -40.92 44.88
CA ILE A 291 -42.58 -39.75 44.13
C ILE A 291 -42.47 -39.96 42.62
N GLU A 292 -41.52 -40.78 42.18
CA GLU A 292 -41.24 -40.89 40.75
C GLU A 292 -40.33 -42.08 40.47
N VAL A 293 -40.41 -42.57 39.24
CA VAL A 293 -39.42 -43.48 38.67
C VAL A 293 -38.92 -42.86 37.37
N ASN A 294 -37.60 -42.74 37.24
CA ASN A 294 -37.01 -42.30 35.99
C ASN A 294 -36.63 -43.52 35.17
N PRO A 295 -37.30 -43.79 34.04
CA PRO A 295 -37.02 -45.01 33.27
C PRO A 295 -35.88 -44.81 32.26
N ARG A 296 -34.72 -44.41 32.78
CA ARG A 296 -33.56 -44.10 31.96
C ARG A 296 -32.34 -44.04 32.86
N VAL A 297 -31.16 -43.94 32.25
CA VAL A 297 -29.97 -43.58 32.99
C VAL A 297 -30.08 -42.11 33.42
N GLN A 298 -29.46 -41.78 34.54
CA GLN A 298 -29.57 -40.44 35.09
C GLN A 298 -28.24 -39.71 34.99
N VAL A 299 -28.30 -38.40 35.21
CA VAL A 299 -27.12 -37.55 35.11
C VAL A 299 -26.13 -37.87 36.23
N GLU A 300 -26.65 -38.15 37.43
CA GLU A 300 -25.82 -38.43 38.60
C GLU A 300 -25.58 -39.93 38.79
N HIS A 301 -25.58 -40.72 37.71
CA HIS A 301 -25.21 -42.13 37.82
C HIS A 301 -23.72 -42.30 38.09
N THR A 302 -22.92 -41.26 37.85
CA THR A 302 -21.47 -41.35 37.99
C THR A 302 -21.05 -41.59 39.43
N ILE A 303 -21.70 -40.93 40.39
CA ILE A 303 -21.32 -41.12 41.79
C ILE A 303 -21.74 -42.51 42.27
N THR A 304 -22.84 -43.04 41.76
CA THR A 304 -23.22 -44.43 42.06
C THR A 304 -22.18 -45.39 41.49
N GLU A 305 -21.71 -45.12 40.28
CA GLU A 305 -20.63 -45.93 39.69
C GLU A 305 -19.37 -45.86 40.54
N LEU A 306 -19.05 -44.69 41.07
CA LEU A 306 -17.84 -44.53 41.87
C LEU A 306 -17.95 -45.27 43.20
N ILE A 307 -19.08 -45.10 43.90
CA ILE A 307 -19.23 -45.76 45.20
C ILE A 307 -19.57 -47.24 45.08
N THR A 308 -19.88 -47.72 43.89
CA THR A 308 -20.21 -49.13 43.67
C THR A 308 -19.15 -49.89 42.90
N GLY A 309 -18.51 -49.24 41.92
CA GLY A 309 -17.59 -49.93 41.03
C GLY A 309 -18.25 -50.57 39.84
N VAL A 310 -19.56 -50.44 39.68
CA VAL A 310 -20.31 -51.07 38.60
C VAL A 310 -20.51 -50.03 37.51
N ASP A 311 -20.08 -50.35 36.29
CA ASP A 311 -20.27 -49.47 35.15
C ASP A 311 -21.73 -49.54 34.72
N ILE A 312 -22.46 -48.44 34.92
CA ILE A 312 -23.90 -48.45 34.68
C ILE A 312 -24.22 -48.48 33.19
N VAL A 313 -23.50 -47.71 32.38
CA VAL A 313 -23.78 -47.66 30.95
C VAL A 313 -23.37 -48.95 30.26
N GLN A 314 -22.24 -49.53 30.66
CA GLN A 314 -21.83 -50.83 30.14
C GLN A 314 -22.84 -51.91 30.49
N ALA A 315 -23.34 -51.90 31.73
CA ALA A 315 -24.38 -52.83 32.13
C ALA A 315 -25.67 -52.58 31.37
N GLN A 316 -25.97 -51.32 31.07
CA GLN A 316 -27.16 -51.00 30.26
C GLN A 316 -27.07 -51.63 28.88
N ILE A 317 -25.92 -51.49 28.24
CA ILE A 317 -25.72 -52.06 26.91
C ILE A 317 -25.76 -53.58 26.96
N LEU A 318 -25.14 -54.18 27.99
CA LEU A 318 -25.13 -55.64 28.10
C LEU A 318 -26.51 -56.19 28.42
N ILE A 319 -27.32 -55.48 29.20
CA ILE A 319 -28.70 -55.88 29.44
C ILE A 319 -29.51 -55.77 28.15
N ALA A 320 -29.27 -54.70 27.37
CA ALA A 320 -29.90 -54.57 26.07
C ALA A 320 -29.49 -55.68 25.11
N GLN A 321 -28.31 -56.28 25.32
CA GLN A 321 -27.91 -57.47 24.57
C GLN A 321 -28.58 -58.73 25.08
N GLY A 322 -29.30 -58.66 26.19
CA GLY A 322 -29.93 -59.83 26.77
C GLY A 322 -29.06 -60.66 27.70
N LYS A 323 -27.91 -60.14 28.11
CA LYS A 323 -27.01 -60.89 28.97
C LYS A 323 -27.55 -60.96 30.39
N ASP A 324 -27.13 -62.02 31.10
CA ASP A 324 -27.52 -62.20 32.48
C ASP A 324 -26.80 -61.20 33.39
N LEU A 325 -27.51 -60.75 34.43
CA LEU A 325 -26.95 -59.72 35.32
C LEU A 325 -25.77 -60.25 36.12
N HIS A 326 -25.87 -61.48 36.64
CA HIS A 326 -24.84 -62.02 37.51
C HIS A 326 -23.92 -63.01 36.84
N ARG A 327 -24.29 -63.54 35.67
CA ARG A 327 -23.46 -64.53 34.99
C ARG A 327 -22.58 -63.91 33.92
N GLU A 328 -23.18 -63.21 32.95
CA GLU A 328 -22.41 -62.66 31.84
C GLU A 328 -21.76 -61.33 32.22
N ILE A 329 -22.55 -60.40 32.76
CA ILE A 329 -22.00 -59.11 33.15
C ILE A 329 -21.05 -59.26 34.34
N GLY A 330 -21.36 -60.15 35.26
CA GLY A 330 -20.49 -60.43 36.38
C GLY A 330 -20.74 -59.59 37.61
N LEU A 331 -21.89 -58.93 37.71
CA LEU A 331 -22.21 -58.19 38.91
C LEU A 331 -22.47 -59.16 40.06
N PRO A 332 -22.04 -58.82 41.28
CA PRO A 332 -22.20 -59.75 42.40
C PRO A 332 -23.63 -59.83 42.90
N ALA A 333 -23.85 -60.61 43.96
CA ALA A 333 -25.14 -60.67 44.60
C ALA A 333 -25.44 -59.34 45.31
N GLN A 334 -26.71 -59.18 45.71
CA GLN A 334 -27.16 -57.91 46.28
C GLN A 334 -26.45 -57.60 47.59
N SER A 335 -26.25 -58.60 48.44
CA SER A 335 -25.51 -58.39 49.67
C SER A 335 -24.03 -58.13 49.43
N GLU A 336 -23.50 -58.56 48.28
CA GLU A 336 -22.09 -58.38 47.95
C GLU A 336 -21.82 -57.12 47.14
N ILE A 337 -22.83 -56.27 46.94
CA ILE A 337 -22.63 -54.99 46.27
C ILE A 337 -21.84 -54.09 47.21
N PRO A 338 -20.66 -53.61 46.82
CA PRO A 338 -19.80 -52.91 47.77
C PRO A 338 -20.07 -51.41 47.85
N LEU A 339 -19.84 -50.87 49.04
CA LEU A 339 -19.84 -49.43 49.28
C LEU A 339 -18.38 -48.99 49.30
N LEU A 340 -17.91 -48.45 48.18
CA LEU A 340 -16.50 -48.11 48.04
C LEU A 340 -16.11 -46.82 48.77
N GLY A 341 -17.08 -46.06 49.26
CA GLY A 341 -16.81 -44.83 49.97
C GLY A 341 -17.97 -43.87 49.77
N SER A 342 -17.62 -42.60 49.57
CA SER A 342 -18.59 -41.55 49.31
C SER A 342 -18.15 -40.75 48.10
N ALA A 343 -19.13 -40.15 47.41
CA ALA A 343 -18.85 -39.38 46.21
C ALA A 343 -19.80 -38.20 46.13
N ILE A 344 -19.32 -37.11 45.50
CA ILE A 344 -20.06 -35.88 45.33
C ILE A 344 -20.00 -35.49 43.87
N GLN A 345 -21.15 -35.19 43.27
CA GLN A 345 -21.22 -34.70 41.90
C GLN A 345 -21.59 -33.23 41.89
N CYS A 346 -20.80 -32.43 41.18
CA CYS A 346 -21.12 -31.03 40.92
C CYS A 346 -21.29 -30.83 39.42
N ARG A 347 -22.40 -30.22 39.03
CA ARG A 347 -22.65 -29.89 37.63
C ARG A 347 -22.26 -28.43 37.40
N ILE A 348 -21.21 -28.21 36.64
CA ILE A 348 -20.73 -26.87 36.34
C ILE A 348 -21.46 -26.39 35.08
N THR A 349 -22.29 -25.37 35.25
CA THR A 349 -23.14 -24.85 34.18
C THR A 349 -22.76 -23.41 33.87
N THR A 350 -23.43 -22.84 32.87
CA THR A 350 -23.23 -21.45 32.49
C THR A 350 -24.16 -20.50 33.22
N GLU A 351 -24.93 -21.00 34.19
CA GLU A 351 -25.83 -20.16 34.95
C GLU A 351 -25.05 -19.18 35.82
N ASP A 352 -25.41 -17.90 35.73
CA ASP A 352 -24.71 -16.87 36.48
C ASP A 352 -25.46 -16.61 37.78
N PRO A 353 -24.92 -17.02 38.93
CA PRO A 353 -25.64 -16.81 40.20
C PRO A 353 -25.79 -15.34 40.58
N GLN A 354 -24.93 -14.47 40.06
CA GLN A 354 -25.13 -13.04 40.27
C GLN A 354 -26.28 -12.50 39.43
N ASN A 355 -26.62 -13.20 38.34
CA ASN A 355 -27.69 -12.79 37.44
C ASN A 355 -28.94 -13.65 37.60
N GLY A 356 -29.18 -14.14 38.82
CA GLY A 356 -30.34 -14.98 39.06
C GLY A 356 -30.31 -16.31 38.35
N PHE A 357 -29.13 -16.90 38.19
CA PHE A 357 -28.91 -18.19 37.53
C PHE A 357 -29.44 -18.21 36.10
N LEU A 358 -29.40 -17.07 35.43
CA LEU A 358 -29.68 -17.04 34.00
C LEU A 358 -28.49 -17.59 33.24
N PRO A 359 -28.71 -18.47 32.26
CA PRO A 359 -27.58 -19.08 31.56
C PRO A 359 -26.84 -18.09 30.68
N ASP A 360 -25.51 -18.07 30.80
CA ASP A 360 -24.67 -17.19 30.01
C ASP A 360 -24.26 -17.86 28.71
N THR A 361 -24.00 -17.03 27.70
CA THR A 361 -23.52 -17.50 26.41
C THR A 361 -22.26 -16.73 26.06
N GLY A 362 -21.55 -17.22 25.04
CA GLY A 362 -20.34 -16.58 24.57
C GLY A 362 -19.28 -17.61 24.26
N LYS A 363 -18.05 -17.13 24.10
CA LYS A 363 -16.92 -17.96 23.73
C LYS A 363 -16.07 -18.25 24.97
N ILE A 364 -15.73 -19.53 25.15
CA ILE A 364 -14.81 -19.93 26.22
C ILE A 364 -13.40 -19.69 25.71
N ASP A 365 -12.74 -18.65 26.21
CA ASP A 365 -11.38 -18.35 25.79
C ASP A 365 -10.33 -19.06 26.63
N THR A 366 -10.72 -19.74 27.70
CA THR A 366 -9.78 -20.42 28.57
C THR A 366 -10.50 -21.56 29.29
N TYR A 367 -9.94 -22.76 29.19
CA TYR A 367 -10.45 -23.90 29.92
C TYR A 367 -9.28 -24.66 30.54
N ARG A 368 -9.35 -24.88 31.85
CA ARG A 368 -8.36 -25.67 32.56
C ARG A 368 -9.07 -26.65 33.48
N SER A 369 -8.86 -27.94 33.23
CA SER A 369 -9.55 -28.92 34.05
C SER A 369 -8.59 -29.54 35.06
N PRO A 370 -9.05 -29.80 36.28
CA PRO A 370 -8.20 -30.43 37.29
C PRO A 370 -8.13 -31.94 37.09
N GLY A 371 -7.28 -32.57 37.89
CA GLY A 371 -7.13 -34.01 37.86
C GLY A 371 -6.64 -34.54 39.20
N GLY A 372 -6.02 -35.70 39.17
CA GLY A 372 -5.42 -36.26 40.38
C GLY A 372 -6.27 -37.35 40.99
N PHE A 373 -5.92 -37.68 42.24
CA PHE A 373 -6.56 -38.77 42.94
C PHE A 373 -7.98 -38.40 43.36
N GLY A 374 -8.90 -39.33 43.13
CA GLY A 374 -10.27 -39.14 43.58
C GLY A 374 -11.09 -38.19 42.75
N ILE A 375 -10.68 -37.90 41.51
CA ILE A 375 -11.37 -36.95 40.65
C ILE A 375 -11.84 -37.67 39.40
N ARG A 376 -13.11 -37.50 39.05
CA ARG A 376 -13.67 -38.02 37.82
C ARG A 376 -14.27 -36.87 37.02
N LEU A 377 -13.92 -36.80 35.74
CA LEU A 377 -14.39 -35.74 34.85
C LEU A 377 -15.25 -36.33 33.75
N ASP A 378 -16.45 -35.78 33.57
CA ASP A 378 -17.33 -36.10 32.45
C ASP A 378 -17.65 -34.78 31.77
N VAL A 379 -16.78 -34.35 30.86
CA VAL A 379 -16.90 -33.04 30.23
C VAL A 379 -17.93 -33.13 29.11
N GLY A 380 -18.59 -32.00 28.85
CA GLY A 380 -19.49 -31.88 27.72
C GLY A 380 -18.85 -31.09 26.60
N ASN A 381 -19.29 -29.85 26.43
CA ASN A 381 -18.72 -28.93 25.46
C ASN A 381 -18.19 -27.72 26.22
N ALA A 382 -16.95 -27.81 26.70
CA ALA A 382 -16.38 -26.77 27.53
C ALA A 382 -14.94 -26.42 27.18
N TYR A 383 -14.43 -26.89 26.03
CA TYR A 383 -13.04 -26.65 25.67
C TYR A 383 -12.81 -25.18 25.32
N ALA A 384 -11.54 -24.81 25.29
CA ALA A 384 -11.17 -23.45 24.93
C ALA A 384 -11.45 -23.19 23.46
N GLY A 385 -12.12 -22.08 23.18
CA GLY A 385 -12.55 -21.74 21.83
C GLY A 385 -13.97 -22.13 21.51
N TYR A 386 -14.62 -22.92 22.36
CA TYR A 386 -16.01 -23.31 22.13
C TYR A 386 -16.94 -22.13 22.38
N GLU A 387 -17.91 -21.97 21.49
CA GLU A 387 -18.92 -20.92 21.60
C GLU A 387 -20.17 -21.52 22.22
N VAL A 388 -20.54 -21.06 23.41
CA VAL A 388 -21.72 -21.57 24.09
C VAL A 388 -22.97 -20.98 23.45
N THR A 389 -23.82 -21.83 22.93
CA THR A 389 -25.04 -21.43 22.26
C THR A 389 -26.21 -21.42 23.23
N PRO A 390 -27.21 -20.58 23.02
CA PRO A 390 -28.41 -20.61 23.86
C PRO A 390 -29.37 -21.75 23.54
N TYR A 391 -29.04 -22.58 22.55
CA TYR A 391 -29.96 -23.62 22.09
C TYR A 391 -30.01 -24.79 23.07
N PHE A 392 -28.86 -25.22 23.56
CA PHE A 392 -28.74 -26.49 24.27
C PHE A 392 -28.69 -26.27 25.77
N ASP A 393 -28.40 -27.35 26.51
CA ASP A 393 -28.36 -27.28 27.96
C ASP A 393 -27.16 -26.45 28.43
N SER A 394 -27.30 -25.88 29.62
CA SER A 394 -26.29 -24.99 30.18
C SER A 394 -25.08 -25.71 30.73
N LEU A 395 -25.11 -27.05 30.79
CA LEU A 395 -24.04 -27.81 31.44
C LEU A 395 -22.75 -27.72 30.64
N LEU A 396 -21.65 -27.42 31.33
CA LEU A 396 -20.32 -27.40 30.75
C LEU A 396 -19.56 -28.69 31.01
N VAL A 397 -19.43 -29.07 32.28
CA VAL A 397 -18.65 -30.25 32.66
C VAL A 397 -19.17 -30.81 33.98
N LYS A 398 -19.42 -32.12 34.01
CA LYS A 398 -19.70 -32.81 35.26
C LYS A 398 -18.40 -33.26 35.88
N VAL A 399 -18.23 -33.00 37.17
CA VAL A 399 -17.04 -33.41 37.90
C VAL A 399 -17.49 -34.13 39.18
N CYS A 400 -16.86 -35.26 39.47
CA CYS A 400 -17.19 -36.06 40.63
C CYS A 400 -15.95 -36.28 41.46
N THR A 401 -16.07 -36.08 42.77
CA THR A 401 -14.98 -36.34 43.71
C THR A 401 -15.38 -37.48 44.62
N PHE A 402 -14.56 -38.52 44.67
CA PHE A 402 -14.84 -39.71 45.46
C PHE A 402 -13.68 -39.98 46.41
N ALA A 403 -14.01 -40.40 47.62
CA ALA A 403 -13.01 -40.68 48.65
C ALA A 403 -13.60 -41.66 49.65
N ASN A 404 -12.74 -42.12 50.57
CA ASN A 404 -13.18 -43.04 51.60
C ASN A 404 -14.12 -42.37 52.60
N GLU A 405 -13.85 -41.11 52.94
CA GLU A 405 -14.64 -40.37 53.91
C GLU A 405 -15.26 -39.16 53.21
N PHE A 406 -16.43 -38.75 53.68
CA PHE A 406 -17.19 -37.69 53.04
C PHE A 406 -16.48 -36.34 53.10
N SER A 407 -15.83 -36.04 54.23
CA SER A 407 -15.12 -34.77 54.36
C SER A 407 -13.93 -34.68 53.42
N ASP A 408 -13.28 -35.82 53.15
CA ASP A 408 -12.22 -35.84 52.15
C ASP A 408 -12.76 -35.53 50.76
N SER A 409 -13.97 -36.04 50.45
CA SER A 409 -14.62 -35.71 49.19
C SER A 409 -14.96 -34.22 49.12
N VAL A 410 -15.38 -33.64 50.25
CA VAL A 410 -15.68 -32.21 50.30
C VAL A 410 -14.42 -31.39 50.04
N ARG A 411 -13.31 -31.77 50.67
CA ARG A 411 -12.05 -31.05 50.47
C ARG A 411 -11.56 -31.19 49.03
N LYS A 412 -11.68 -32.39 48.45
CA LYS A 412 -11.30 -32.59 47.06
C LYS A 412 -12.17 -31.77 46.13
N MET A 413 -13.46 -31.67 46.44
CA MET A 413 -14.36 -30.91 45.58
C MET A 413 -14.07 -29.41 45.68
N ASP A 414 -13.69 -28.94 46.86
CA ASP A 414 -13.27 -27.54 47.01
C ASP A 414 -12.01 -27.27 46.21
N ARG A 415 -11.04 -28.20 46.27
CA ARG A 415 -9.82 -28.07 45.47
C ARG A 415 -10.14 -28.06 43.98
N VAL A 416 -11.09 -28.89 43.56
CA VAL A 416 -11.46 -28.96 42.14
C VAL A 416 -12.13 -27.67 41.69
N LEU A 417 -13.09 -27.17 42.49
CA LEU A 417 -13.82 -25.96 42.12
C LEU A 417 -12.91 -24.74 42.13
N HIS A 418 -11.87 -24.74 42.96
CA HIS A 418 -10.90 -23.65 42.88
C HIS A 418 -9.90 -23.85 41.75
N GLU A 419 -9.58 -25.10 41.40
CA GLU A 419 -8.64 -25.37 40.31
C GLU A 419 -9.29 -25.20 38.95
N PHE A 420 -10.61 -25.39 38.85
CA PHE A 420 -11.32 -25.20 37.60
C PHE A 420 -11.20 -23.75 37.14
N ARG A 421 -10.90 -23.58 35.85
CA ARG A 421 -10.77 -22.25 35.26
C ARG A 421 -11.52 -22.23 33.94
N ILE A 422 -12.68 -21.57 33.93
CA ILE A 422 -13.45 -21.35 32.71
C ILE A 422 -13.67 -19.85 32.60
N ARG A 423 -13.10 -19.24 31.56
CA ARG A 423 -13.17 -17.80 31.36
C ARG A 423 -13.81 -17.50 30.02
N GLY A 424 -14.63 -16.45 29.98
CA GLY A 424 -15.35 -16.09 28.78
C GLY A 424 -16.85 -16.15 29.01
N VAL A 425 -17.30 -17.13 29.78
CA VAL A 425 -18.69 -17.25 30.19
C VAL A 425 -18.73 -17.35 31.72
N LYS A 426 -19.84 -16.92 32.29
CA LYS A 426 -20.03 -17.06 33.72
C LYS A 426 -20.36 -18.51 34.07
N THR A 427 -20.06 -18.88 35.32
CA THR A 427 -20.30 -20.22 35.80
C THR A 427 -20.97 -20.16 37.18
N ASN A 428 -21.54 -21.28 37.58
CA ASN A 428 -22.09 -21.46 38.91
C ASN A 428 -21.04 -21.91 39.92
N ILE A 429 -19.76 -21.84 39.55
CA ILE A 429 -18.69 -22.30 40.46
C ILE A 429 -18.65 -21.54 41.77
N PRO A 430 -18.78 -20.19 41.85
CA PRO A 430 -18.88 -19.55 43.17
C PRO A 430 -20.06 -20.03 44.00
N PHE A 431 -21.20 -20.30 43.36
CA PHE A 431 -22.35 -20.84 44.08
C PHE A 431 -22.06 -22.23 44.63
N LEU A 432 -21.40 -23.08 43.83
CA LEU A 432 -21.04 -24.42 44.29
C LEU A 432 -20.03 -24.36 45.43
N ILE A 433 -19.09 -23.41 45.35
CA ILE A 433 -18.11 -23.22 46.43
C ILE A 433 -18.82 -22.81 47.72
N ASN A 434 -19.77 -21.88 47.63
CA ASN A 434 -20.53 -21.45 48.80
C ASN A 434 -21.37 -22.59 49.37
N VAL A 435 -21.98 -23.41 48.51
CA VAL A 435 -22.83 -24.49 48.98
C VAL A 435 -22.01 -25.57 49.68
N ILE A 436 -20.90 -25.99 49.06
CA ILE A 436 -20.07 -27.02 49.69
C ILE A 436 -19.23 -26.49 50.84
N ALA A 437 -19.14 -25.16 51.00
CA ALA A 437 -18.52 -24.61 52.19
C ALA A 437 -19.47 -24.54 53.38
N ASN A 438 -20.76 -24.81 53.16
CA ASN A 438 -21.75 -24.72 54.22
C ASN A 438 -21.67 -25.92 55.14
N GLU A 439 -21.97 -25.68 56.43
CA GLU A 439 -21.85 -26.73 57.44
C GLU A 439 -22.97 -27.76 57.34
N ASN A 440 -24.14 -27.37 56.84
CA ASN A 440 -25.24 -28.32 56.69
C ASN A 440 -24.93 -29.36 55.62
N PHE A 441 -24.37 -28.94 54.50
CA PHE A 441 -24.02 -29.87 53.43
C PHE A 441 -22.91 -30.82 53.85
N THR A 442 -21.89 -30.30 54.55
CA THR A 442 -20.79 -31.16 54.99
C THR A 442 -21.23 -32.13 56.07
N SER A 443 -22.18 -31.72 56.92
CA SER A 443 -22.78 -32.66 57.87
C SER A 443 -23.70 -33.65 57.17
N GLY A 444 -24.20 -33.31 55.98
CA GLY A 444 -25.05 -34.21 55.23
C GLY A 444 -26.51 -34.15 55.60
N GLN A 445 -26.92 -33.20 56.45
CA GLN A 445 -28.31 -33.03 56.83
C GLN A 445 -29.03 -32.00 55.98
N ALA A 446 -28.59 -31.80 54.74
CA ALA A 446 -29.23 -30.84 53.85
C ALA A 446 -30.57 -31.35 53.38
N THR A 447 -31.54 -30.45 53.25
CA THR A 447 -32.87 -30.73 52.76
C THR A 447 -33.08 -30.03 51.43
N THR A 448 -34.27 -30.23 50.85
CA THR A 448 -34.61 -29.59 49.58
C THR A 448 -34.86 -28.09 49.71
N THR A 449 -35.07 -27.61 50.93
CA THR A 449 -35.27 -26.19 51.19
C THR A 449 -34.03 -25.52 51.77
N PHE A 450 -32.88 -26.19 51.71
CA PHE A 450 -31.67 -25.65 52.34
C PHE A 450 -31.14 -24.44 51.60
N ILE A 451 -31.11 -24.50 50.25
CA ILE A 451 -30.58 -23.38 49.48
C ILE A 451 -31.52 -22.18 49.55
N ASP A 452 -32.83 -22.42 49.43
CA ASP A 452 -33.81 -21.34 49.41
C ASP A 452 -33.97 -20.65 50.77
N ASN A 453 -33.45 -21.24 51.85
CA ASN A 453 -33.55 -20.64 53.18
C ASN A 453 -32.18 -20.27 53.74
N THR A 454 -31.16 -20.16 52.89
CA THR A 454 -29.82 -19.76 53.30
C THR A 454 -29.36 -18.62 52.41
N PRO A 455 -29.67 -17.38 52.78
CA PRO A 455 -29.25 -16.22 51.97
C PRO A 455 -27.74 -16.01 51.92
N SER A 456 -26.98 -16.58 52.86
CA SER A 456 -25.53 -16.41 52.86
C SER A 456 -24.85 -17.16 51.72
N LEU A 457 -25.56 -18.10 51.08
CA LEU A 457 -24.97 -18.81 49.95
C LEU A 457 -24.78 -17.94 48.73
N PHE A 458 -25.47 -16.80 48.66
CA PHE A 458 -25.41 -15.91 47.50
C PHE A 458 -24.44 -14.76 47.70
N ASN A 459 -23.67 -14.77 48.78
CA ASN A 459 -22.60 -13.79 48.97
C ASN A 459 -21.33 -14.33 48.34
N PHE A 460 -20.84 -13.65 47.31
CA PHE A 460 -19.71 -14.11 46.53
C PHE A 460 -18.54 -13.16 46.69
N PRO A 461 -17.34 -13.67 46.98
CA PRO A 461 -16.17 -12.79 47.07
C PRO A 461 -15.78 -12.24 45.71
N ARG A 462 -15.16 -11.07 45.73
CA ARG A 462 -14.71 -10.44 44.50
C ARG A 462 -13.49 -11.18 43.96
N LEU A 463 -13.52 -11.52 42.68
CA LEU A 463 -12.43 -12.22 42.02
C LEU A 463 -11.66 -11.21 41.17
N ARG A 464 -10.33 -11.21 41.33
CA ARG A 464 -9.51 -10.19 40.68
C ARG A 464 -9.45 -10.38 39.18
N ASP A 465 -9.19 -11.62 38.72
CA ASP A 465 -9.12 -11.98 37.30
C ASP A 465 -8.09 -11.10 36.57
N ARG A 466 -6.87 -11.07 37.10
CA ARG A 466 -5.89 -10.09 36.65
C ARG A 466 -5.31 -10.43 35.28
N GLY A 467 -5.27 -11.71 34.91
CA GLY A 467 -4.79 -12.06 33.59
C GLY A 467 -5.69 -11.56 32.47
N THR A 468 -7.01 -11.71 32.65
CA THR A 468 -7.96 -11.22 31.66
C THR A 468 -7.93 -9.71 31.54
N LYS A 469 -7.86 -9.00 32.67
CA LYS A 469 -7.79 -7.55 32.65
C LYS A 469 -6.52 -7.05 31.99
N THR A 470 -5.38 -7.69 32.30
CA THR A 470 -4.11 -7.30 31.71
C THR A 470 -4.11 -7.54 30.20
N LEU A 471 -4.63 -8.68 29.77
CA LEU A 471 -4.71 -8.96 28.33
C LEU A 471 -5.66 -7.99 27.63
N HIS A 472 -6.77 -7.63 28.29
CA HIS A 472 -7.70 -6.66 27.72
C HIS A 472 -7.06 -5.29 27.55
N TYR A 473 -6.32 -4.83 28.57
CA TYR A 473 -5.66 -3.53 28.47
C TYR A 473 -4.53 -3.56 27.43
N LEU A 474 -3.81 -4.68 27.35
CA LEU A 474 -2.74 -4.80 26.36
C LEU A 474 -3.29 -4.78 24.94
N SER A 475 -4.40 -5.48 24.71
CA SER A 475 -5.04 -5.45 23.39
C SER A 475 -5.57 -4.05 23.08
N MET A 476 -6.13 -3.38 24.09
CA MET A 476 -6.63 -2.01 23.94
C MET A 476 -5.53 -1.08 23.46
N ILE A 477 -4.40 -1.07 24.16
CA ILE A 477 -3.32 -0.15 23.81
C ILE A 477 -2.64 -0.58 22.51
N THR A 478 -2.53 -1.90 22.27
CA THR A 478 -1.88 -2.39 21.06
C THR A 478 -2.67 -2.02 19.81
N VAL A 479 -3.98 -2.15 19.85
CA VAL A 479 -4.80 -1.90 18.66
C VAL A 479 -5.14 -0.43 18.52
N ASN A 480 -5.70 0.19 19.57
CA ASN A 480 -6.26 1.53 19.42
C ASN A 480 -5.37 2.62 20.00
N GLY A 481 -4.21 2.27 20.54
CA GLY A 481 -3.24 3.26 20.98
C GLY A 481 -3.59 3.87 22.32
N PHE A 482 -2.59 4.51 22.91
CA PHE A 482 -2.81 5.23 24.16
C PHE A 482 -3.55 6.53 23.87
N PRO A 483 -4.52 6.91 24.70
CA PRO A 483 -5.25 8.16 24.46
C PRO A 483 -4.37 9.39 24.65
N GLY A 484 -4.50 10.34 23.74
CA GLY A 484 -3.83 11.61 23.84
C GLY A 484 -2.44 11.68 23.25
N ILE A 485 -1.86 10.55 22.82
CA ILE A 485 -0.53 10.53 22.23
C ILE A 485 -0.63 9.89 20.85
N GLU A 486 0.40 10.11 20.03
CA GLU A 486 0.43 9.54 18.70
C GLU A 486 0.76 8.05 18.78
N ASN A 487 0.00 7.24 18.05
CA ASN A 487 0.19 5.79 18.08
C ASN A 487 1.44 5.43 17.31
N THR A 488 2.56 5.32 18.00
CA THR A 488 3.84 4.95 17.42
C THR A 488 4.13 3.49 17.75
N GLU A 489 5.15 2.94 17.07
CA GLU A 489 5.61 1.60 17.39
C GLU A 489 6.32 1.60 18.74
N LYS A 490 6.33 0.45 19.39
CA LYS A 490 6.98 0.33 20.70
C LYS A 490 8.47 0.14 20.49
N ARG A 491 9.25 1.19 20.78
CA ARG A 491 10.68 1.12 20.63
C ARG A 491 11.29 0.17 21.65
N HIS A 492 12.35 -0.52 21.25
CA HIS A 492 13.07 -1.38 22.17
C HIS A 492 13.89 -0.52 23.13
N PHE A 493 13.80 -0.85 24.42
CA PHE A 493 14.53 -0.13 25.46
C PHE A 493 15.34 -1.12 26.27
N GLU A 494 16.61 -0.80 26.49
CA GLU A 494 17.40 -1.57 27.44
C GLU A 494 16.98 -1.21 28.86
N GLU A 495 17.39 -2.05 29.80
CA GLU A 495 17.07 -1.80 31.20
C GLU A 495 17.81 -0.57 31.69
N PRO A 496 17.16 0.29 32.49
CA PRO A 496 17.84 1.48 33.02
C PRO A 496 18.99 1.09 33.95
N ARG A 497 20.02 1.92 33.94
CA ARG A 497 21.24 1.62 34.69
C ARG A 497 21.00 1.77 36.19
N GLN A 498 21.12 0.68 36.91
CA GLN A 498 21.02 0.74 38.36
C GLN A 498 22.29 1.39 38.94
N PRO A 499 22.15 2.23 39.95
CA PRO A 499 23.30 2.98 40.46
C PRO A 499 24.24 2.11 41.29
N LEU A 500 25.49 2.53 41.33
CA LEU A 500 26.52 1.92 42.17
C LEU A 500 26.81 2.90 43.30
N LEU A 501 26.20 2.66 44.46
CA LEU A 501 26.21 3.61 45.56
C LEU A 501 27.25 3.24 46.60
N ASN A 502 27.53 4.19 47.50
CA ASN A 502 28.39 4.00 48.66
C ASN A 502 27.56 4.40 49.88
N LEU A 503 26.96 3.41 50.52
CA LEU A 503 25.97 3.68 51.55
C LEU A 503 26.63 4.20 52.83
N GLU A 504 25.98 5.18 53.45
CA GLU A 504 26.45 5.78 54.70
C GLU A 504 25.25 6.04 55.59
N LYS A 505 25.25 5.46 56.78
CA LYS A 505 24.20 5.74 57.75
C LYS A 505 24.38 7.16 58.29
N LYS A 506 23.31 7.95 58.29
CA LYS A 506 23.43 9.38 58.52
C LYS A 506 22.44 9.96 59.54
N LYS A 507 21.46 9.19 60.02
CA LYS A 507 20.46 9.65 60.98
C LYS A 507 19.69 10.86 60.43
N THR A 508 18.91 10.57 59.39
CA THR A 508 18.19 11.59 58.65
C THR A 508 17.10 12.24 59.51
N ALA A 509 16.49 13.30 58.94
CA ALA A 509 15.46 14.04 59.65
C ALA A 509 14.18 13.25 59.85
N LYS A 510 13.96 12.20 59.04
CA LYS A 510 12.82 11.32 59.26
C LYS A 510 12.94 10.59 60.58
N ASN A 511 14.15 10.16 60.93
CA ASN A 511 14.38 9.51 62.22
C ASN A 511 14.13 10.47 63.38
N ILE A 512 14.56 11.73 63.22
CA ILE A 512 14.34 12.74 64.26
C ILE A 512 12.85 13.03 64.42
N LEU A 513 12.12 13.10 63.31
CA LEU A 513 10.66 13.31 63.37
C LEU A 513 9.97 12.12 64.03
N ASP A 514 10.40 10.90 63.71
CA ASP A 514 9.77 9.72 64.28
C ASP A 514 10.04 9.58 65.77
N GLU A 515 11.27 9.88 66.20
CA GLU A 515 11.61 9.69 67.60
C GLU A 515 11.27 10.89 68.47
N GLN A 516 11.54 12.11 68.01
CA GLN A 516 11.37 13.30 68.82
C GLN A 516 10.15 14.12 68.42
N GLY A 517 10.07 14.54 67.17
CA GLY A 517 8.95 15.33 66.70
C GLY A 517 9.39 16.43 65.77
N ALA A 518 8.45 17.32 65.45
CA ALA A 518 8.70 18.37 64.47
C ALA A 518 9.61 19.46 65.02
N ASP A 519 9.50 19.77 66.32
CA ASP A 519 10.32 20.82 66.90
C ASP A 519 11.81 20.46 66.88
N ALA A 520 12.14 19.20 67.15
CA ALA A 520 13.54 18.78 67.05
C ALA A 520 14.01 18.74 65.60
N VAL A 521 13.09 18.49 64.66
CA VAL A 521 13.44 18.59 63.25
C VAL A 521 13.80 20.03 62.89
N VAL A 522 13.02 20.99 63.40
CA VAL A 522 13.30 22.40 63.18
C VAL A 522 14.64 22.79 63.80
N ASP A 523 14.90 22.29 65.01
CA ASP A 523 16.18 22.56 65.68
C ASP A 523 17.35 21.95 64.92
N TYR A 524 17.16 20.76 64.35
CA TYR A 524 18.20 20.13 63.54
C TYR A 524 18.46 20.92 62.25
N VAL A 525 17.39 21.46 61.66
CA VAL A 525 17.57 22.34 60.50
C VAL A 525 18.29 23.62 60.91
N LYS A 526 17.94 24.17 62.08
CA LYS A 526 18.57 25.40 62.56
C LYS A 526 20.05 25.19 62.86
N ASN A 527 20.41 24.03 63.42
CA ASN A 527 21.79 23.74 63.80
C ASN A 527 22.59 23.12 62.66
N THR A 528 22.17 23.30 61.42
CA THR A 528 22.89 22.80 60.25
C THR A 528 23.51 23.98 59.52
N LYS A 529 24.84 24.00 59.43
CA LYS A 529 25.51 25.07 58.69
C LYS A 529 25.38 24.87 57.18
N GLU A 530 25.38 23.64 56.71
CA GLU A 530 25.19 23.36 55.29
C GLU A 530 23.74 23.62 54.90
N VAL A 531 23.55 23.92 53.62
CA VAL A 531 22.20 24.13 53.09
C VAL A 531 21.60 22.78 52.73
N LEU A 532 20.41 22.52 53.23
CA LEU A 532 19.73 21.25 53.01
C LEU A 532 19.06 21.24 51.63
N LEU A 533 18.88 20.04 51.09
CA LEU A 533 18.30 19.86 49.77
C LEU A 533 17.02 19.04 49.87
N THR A 534 15.99 19.48 49.15
CA THR A 534 14.75 18.74 49.01
C THR A 534 14.62 18.28 47.57
N ASP A 535 14.49 16.98 47.37
CA ASP A 535 14.40 16.42 46.03
C ASP A 535 12.98 16.56 45.50
N THR A 536 12.83 17.30 44.41
CA THR A 536 11.54 17.48 43.75
C THR A 536 11.40 16.62 42.50
N THR A 537 12.21 15.56 42.39
CA THR A 537 12.16 14.69 41.23
C THR A 537 10.83 13.94 41.13
N LEU A 538 10.34 13.44 42.26
CA LEU A 538 9.16 12.59 42.25
C LEU A 538 7.86 13.35 42.05
N ARG A 539 7.84 14.67 42.29
CA ARG A 539 6.65 15.46 41.99
C ARG A 539 6.92 16.54 40.95
N ASP A 540 7.79 17.50 41.26
CA ASP A 540 7.77 18.78 40.55
C ASP A 540 8.61 18.75 39.28
N ALA A 541 9.71 18.00 39.28
CA ALA A 541 10.57 17.92 38.11
C ALA A 541 9.84 17.29 36.93
N HIS A 542 9.06 16.25 37.18
CA HIS A 542 8.28 15.64 36.12
C HIS A 542 6.92 16.30 35.93
N GLN A 543 6.43 17.07 36.92
CA GLN A 543 5.26 17.90 36.65
C GLN A 543 5.58 19.00 35.64
N SER A 544 6.75 19.62 35.77
CA SER A 544 7.11 20.71 34.87
C SER A 544 7.50 20.21 33.49
N LEU A 545 8.21 19.08 33.42
CA LEU A 545 8.78 18.61 32.17
C LEU A 545 7.94 17.55 31.46
N LEU A 546 7.48 16.53 32.19
CA LEU A 546 6.81 15.38 31.59
C LEU A 546 5.30 15.45 31.71
N ALA A 547 4.75 16.63 32.01
CA ALA A 547 3.31 16.85 32.22
C ALA A 547 2.76 15.90 33.28
N THR A 548 3.50 15.81 34.40
CA THR A 548 3.34 14.91 35.54
C THR A 548 2.86 13.51 35.18
N ARG A 549 3.41 12.94 34.10
CA ARG A 549 3.03 11.61 33.65
C ARG A 549 3.92 10.51 34.20
N LEU A 550 4.90 10.84 35.04
CA LEU A 550 5.81 9.84 35.59
C LEU A 550 5.05 8.87 36.49
N ARG A 551 5.34 7.59 36.32
CA ARG A 551 4.57 6.52 36.93
C ARG A 551 5.29 5.94 38.15
N LEU A 552 4.50 5.24 38.99
CA LEU A 552 5.06 4.60 40.17
C LEU A 552 6.01 3.46 39.80
N GLN A 553 5.78 2.83 38.66
CA GLN A 553 6.63 1.72 38.24
C GLN A 553 8.06 2.16 37.94
N ASP A 554 8.23 3.40 37.49
CA ASP A 554 9.57 3.95 37.32
C ASP A 554 10.12 4.52 38.62
N MET A 555 9.24 5.02 39.50
CA MET A 555 9.69 5.54 40.79
C MET A 555 10.25 4.44 41.68
N LYS A 556 9.60 3.27 41.68
CA LYS A 556 9.92 2.22 42.63
C LYS A 556 11.20 1.46 42.29
N GLY A 557 11.70 1.60 41.06
CA GLY A 557 12.98 1.00 40.73
C GLY A 557 14.17 1.76 41.28
N ILE A 558 13.93 2.97 41.79
CA ILE A 558 15.00 3.84 42.28
C ILE A 558 14.67 4.44 43.64
N ALA A 559 13.48 4.19 44.19
CA ALA A 559 13.11 4.76 45.48
C ALA A 559 14.05 4.29 46.60
N GLN A 560 14.37 2.99 46.62
CA GLN A 560 15.28 2.48 47.63
C GLN A 560 16.68 3.05 47.46
N ALA A 561 17.13 3.22 46.21
CA ALA A 561 18.44 3.79 45.96
C ALA A 561 18.51 5.25 46.37
N ILE A 562 17.41 6.00 46.18
CA ILE A 562 17.38 7.39 46.62
C ILE A 562 17.37 7.46 48.15
N ASP A 563 16.60 6.58 48.79
CA ASP A 563 16.52 6.57 50.24
C ASP A 563 17.87 6.20 50.89
N GLN A 564 18.57 5.23 50.31
CA GLN A 564 19.80 4.75 50.93
C GLN A 564 21.02 5.56 50.51
N GLY A 565 21.17 5.85 49.21
CA GLY A 565 22.34 6.55 48.72
C GLY A 565 22.32 8.05 48.97
N LEU A 566 21.16 8.62 49.26
CA LEU A 566 21.04 10.05 49.59
C LEU A 566 20.32 10.21 50.92
N PRO A 567 20.99 9.91 52.04
CA PRO A 567 20.37 10.15 53.34
C PRO A 567 20.46 11.59 53.82
N GLU A 568 21.26 12.42 53.16
CA GLU A 568 21.41 13.82 53.55
C GLU A 568 20.26 14.69 53.08
N LEU A 569 19.34 14.15 52.29
CA LEU A 569 18.19 14.93 51.83
C LEU A 569 17.28 15.27 53.00
N PHE A 570 16.83 16.52 53.03
CA PHE A 570 15.88 16.95 54.05
C PHE A 570 14.54 16.24 53.88
N SER A 571 14.01 16.27 52.66
CA SER A 571 12.74 15.61 52.35
C SER A 571 12.71 15.33 50.86
N ALA A 572 11.77 14.47 50.47
CA ALA A 572 11.53 14.16 49.06
C ALA A 572 10.12 14.59 48.71
N GLU A 573 10.01 15.54 47.78
CA GLU A 573 8.71 16.01 47.33
C GLU A 573 8.15 15.01 46.33
N MET A 574 7.14 14.25 46.77
CA MET A 574 6.61 13.16 45.97
C MET A 574 5.10 13.20 45.79
N TRP A 575 4.40 14.12 46.45
CA TRP A 575 2.95 14.12 46.46
C TRP A 575 2.44 15.54 46.31
N GLY A 576 1.12 15.67 46.18
CA GLY A 576 0.50 16.96 46.02
C GLY A 576 0.59 17.49 44.61
N GLY A 577 0.11 18.72 44.45
CA GLY A 577 0.14 19.35 43.14
C GLY A 577 -0.86 18.70 42.19
N ALA A 578 -0.48 18.62 40.92
CA ALA A 578 -1.31 18.00 39.90
C ALA A 578 -1.14 16.49 39.83
N THR A 579 -0.22 15.92 40.62
CA THR A 579 0.01 14.48 40.58
C THR A 579 -1.21 13.70 41.05
N PHE A 580 -1.89 14.20 42.10
CA PHE A 580 -3.05 13.52 42.67
C PHE A 580 -4.15 13.35 41.64
N ASP A 581 -4.47 14.42 40.91
CA ASP A 581 -5.51 14.33 39.90
C ASP A 581 -5.02 13.58 38.66
N VAL A 582 -3.78 13.83 38.24
CA VAL A 582 -3.31 13.33 36.96
C VAL A 582 -3.10 11.82 37.01
N ALA A 583 -2.63 11.28 38.15
CA ALA A 583 -2.46 9.84 38.27
C ALA A 583 -3.78 9.11 38.07
N TYR A 584 -4.83 9.56 38.76
CA TYR A 584 -6.17 9.00 38.59
C TYR A 584 -6.68 9.16 37.16
N ARG A 585 -6.51 10.36 36.59
CA ARG A 585 -7.17 10.67 35.33
C ARG A 585 -6.49 10.00 34.14
N PHE A 586 -5.16 9.99 34.11
CA PHE A 586 -4.39 9.48 32.98
C PHE A 586 -3.60 8.23 33.30
N LEU A 587 -2.93 8.17 34.45
CA LEU A 587 -2.09 7.01 34.74
C LEU A 587 -2.88 5.83 35.24
N ASN A 588 -4.14 6.05 35.63
CA ASN A 588 -5.05 5.02 36.14
C ASN A 588 -4.44 4.27 37.32
N GLU A 589 -3.75 5.01 38.18
CA GLU A 589 -3.18 4.47 39.40
C GLU A 589 -3.56 5.37 40.56
N SER A 590 -3.73 4.77 41.72
CA SER A 590 -4.11 5.54 42.88
C SER A 590 -2.89 6.26 43.46
N PRO A 591 -2.97 7.57 43.68
CA PRO A 591 -1.89 8.27 44.40
C PRO A 591 -1.69 7.75 45.81
N TRP A 592 -2.75 7.24 46.45
CA TRP A 592 -2.60 6.60 47.75
C TRP A 592 -1.76 5.33 47.65
N TYR A 593 -1.97 4.54 46.60
CA TYR A 593 -1.16 3.35 46.38
C TYR A 593 0.29 3.72 46.11
N ARG A 594 0.52 4.79 45.34
CA ARG A 594 1.87 5.28 45.11
C ARG A 594 2.53 5.72 46.41
N LEU A 595 1.78 6.44 47.25
CA LEU A 595 2.30 6.90 48.54
C LEU A 595 2.64 5.71 49.44
N ARG A 596 1.79 4.69 49.47
CA ARG A 596 2.05 3.52 50.31
C ARG A 596 3.26 2.74 49.83
N LYS A 597 3.37 2.52 48.51
CA LYS A 597 4.52 1.78 47.98
C LYS A 597 5.82 2.55 48.17
N LEU A 598 5.80 3.88 47.96
CA LEU A 598 6.99 4.68 48.16
C LEU A 598 7.37 4.74 49.63
N ARG A 599 6.38 4.80 50.53
CA ARG A 599 6.67 4.83 51.96
C ARG A 599 7.26 3.51 52.42
N LYS A 600 6.80 2.40 51.85
CA LYS A 600 7.43 1.11 52.14
C LYS A 600 8.86 1.06 51.60
N LEU A 601 9.08 1.64 50.42
CA LEU A 601 10.41 1.60 49.82
C LEU A 601 11.34 2.69 50.33
N MET A 602 10.82 3.72 50.99
CA MET A 602 11.62 4.86 51.45
C MET A 602 11.33 5.15 52.91
N PRO A 603 11.84 4.32 53.83
CA PRO A 603 11.49 4.49 55.25
C PRO A 603 12.26 5.58 55.95
N ASN A 604 13.43 5.99 55.45
CA ASN A 604 14.32 6.88 56.18
C ASN A 604 14.36 8.30 55.63
N THR A 605 13.52 8.63 54.65
CA THR A 605 13.49 9.99 54.11
C THR A 605 12.08 10.56 54.27
N MET A 606 12.02 11.85 54.57
CA MET A 606 10.76 12.53 54.81
C MET A 606 10.02 12.77 53.51
N PHE A 607 8.70 12.64 53.56
CA PHE A 607 7.84 12.81 52.39
C PHE A 607 7.13 14.14 52.46
N GLN A 608 7.24 14.93 51.39
CA GLN A 608 6.67 16.26 51.33
C GLN A 608 5.61 16.32 50.24
N MET A 609 4.46 16.88 50.56
CA MET A 609 3.38 17.08 49.61
C MET A 609 3.12 18.57 49.44
N LEU A 610 2.49 18.92 48.33
CA LEU A 610 2.09 20.29 48.04
C LEU A 610 0.61 20.44 48.38
N PHE A 611 0.32 21.27 49.38
CA PHE A 611 -1.04 21.47 49.87
C PHE A 611 -1.51 22.87 49.51
N ARG A 612 -2.67 22.96 48.86
CA ARG A 612 -3.22 24.24 48.42
C ARG A 612 -4.15 24.86 49.45
N GLY A 613 -3.96 24.53 50.72
CA GLY A 613 -4.73 25.18 51.77
C GLY A 613 -6.17 24.70 51.80
N SER A 614 -7.08 25.60 51.45
CA SER A 614 -8.50 25.24 51.44
C SER A 614 -8.85 24.36 50.25
N ASN A 615 -8.02 24.40 49.21
CA ASN A 615 -8.29 23.59 48.02
C ASN A 615 -7.79 22.16 48.19
N ALA A 616 -6.84 21.94 49.10
CA ALA A 616 -6.17 20.65 49.37
C ALA A 616 -5.52 20.19 48.06
N VAL A 617 -5.82 18.99 47.55
CA VAL A 617 -5.33 18.58 46.25
C VAL A 617 -6.32 18.88 45.14
N GLY A 618 -7.52 19.36 45.47
CA GLY A 618 -8.54 19.65 44.49
C GLY A 618 -8.37 21.03 43.87
N TYR A 619 -9.38 21.41 43.10
CA TYR A 619 -9.34 22.68 42.37
C TYR A 619 -10.40 23.65 42.84
N GLN A 620 -11.50 23.16 43.41
CA GLN A 620 -12.54 23.99 44.00
C GLN A 620 -12.24 24.16 45.49
N ASN A 621 -13.21 24.67 46.24
CA ASN A 621 -13.07 24.84 47.68
C ASN A 621 -13.90 23.80 48.42
N TYR A 622 -13.42 23.42 49.59
CA TYR A 622 -14.01 22.36 50.40
C TYR A 622 -14.19 22.83 51.84
N PRO A 623 -15.13 22.24 52.58
CA PRO A 623 -15.29 22.60 53.99
C PRO A 623 -14.10 22.17 54.82
N ASP A 624 -14.04 22.72 56.04
CA ASP A 624 -12.87 22.55 56.90
C ASP A 624 -12.70 21.11 57.37
N ASN A 625 -13.80 20.39 57.59
CA ASN A 625 -13.70 19.00 58.05
C ASN A 625 -13.13 18.10 56.97
N VAL A 626 -13.43 18.36 55.71
CA VAL A 626 -12.85 17.60 54.61
C VAL A 626 -11.35 17.81 54.53
N ILE A 627 -10.91 19.07 54.70
CA ILE A 627 -9.48 19.39 54.69
C ILE A 627 -8.77 18.73 55.86
N GLU A 628 -9.39 18.78 57.04
CA GLU A 628 -8.81 18.16 58.22
C GLU A 628 -8.71 16.64 58.07
N GLU A 629 -9.74 16.02 57.49
CA GLU A 629 -9.72 14.57 57.28
C GLU A 629 -8.66 14.17 56.26
N PHE A 630 -8.52 14.94 55.18
CA PHE A 630 -7.48 14.65 54.20
C PHE A 630 -6.09 14.82 54.80
N ILE A 631 -5.90 15.85 55.63
CA ILE A 631 -4.62 16.05 56.30
C ILE A 631 -4.32 14.89 57.24
N ARG A 632 -5.33 14.45 58.00
CA ARG A 632 -5.14 13.34 58.93
C ARG A 632 -4.80 12.03 58.20
N VAL A 633 -5.51 11.73 57.12
CA VAL A 633 -5.27 10.50 56.38
C VAL A 633 -3.91 10.54 55.67
N ALA A 634 -3.55 11.70 55.10
CA ALA A 634 -2.25 11.83 54.44
C ALA A 634 -1.10 11.72 55.43
N ALA A 635 -1.27 12.30 56.64
CA ALA A 635 -0.26 12.16 57.68
C ALA A 635 -0.16 10.73 58.17
N HIS A 636 -1.29 10.03 58.26
CA HIS A 636 -1.28 8.64 58.68
C HIS A 636 -0.62 7.75 57.65
N GLU A 637 -0.82 8.02 56.37
CA GLU A 637 -0.29 7.17 55.32
C GLU A 637 1.16 7.47 54.95
N GLY A 638 1.75 8.55 55.49
CA GLY A 638 3.17 8.74 55.33
C GLY A 638 3.68 10.11 54.95
N ILE A 639 2.79 11.08 54.77
CA ILE A 639 3.22 12.44 54.46
C ILE A 639 3.74 13.10 55.73
N ASP A 640 4.96 13.62 55.66
CA ASP A 640 5.64 14.22 56.81
C ASP A 640 5.70 15.73 56.77
N VAL A 641 5.86 16.32 55.59
CA VAL A 641 5.92 17.77 55.42
C VAL A 641 4.76 18.20 54.54
N PHE A 642 3.99 19.17 55.00
CA PHE A 642 2.87 19.72 54.25
C PHE A 642 3.24 21.16 53.85
N ARG A 643 3.55 21.35 52.58
CA ARG A 643 3.80 22.70 52.05
C ARG A 643 2.44 23.33 51.79
N ILE A 644 1.98 24.15 52.71
CA ILE A 644 0.65 24.74 52.66
C ILE A 644 0.78 26.15 52.09
N PHE A 645 0.10 26.41 50.98
CA PHE A 645 0.10 27.72 50.35
C PHE A 645 -1.31 28.07 49.91
N ASP A 646 -1.55 29.36 49.76
CA ASP A 646 -2.76 29.87 49.14
C ASP A 646 -2.38 30.62 47.86
N SER A 647 -3.30 30.60 46.89
CA SER A 647 -3.02 31.23 45.61
C SER A 647 -2.91 32.74 45.71
N LEU A 648 -3.72 33.36 46.57
CA LEU A 648 -3.67 34.80 46.77
C LEU A 648 -2.91 35.20 48.02
N ASN A 649 -2.16 34.26 48.61
CA ASN A 649 -1.38 34.47 49.84
C ASN A 649 -2.27 34.94 50.99
N TRP A 650 -3.46 34.36 51.10
CA TRP A 650 -4.42 34.74 52.14
C TRP A 650 -4.24 33.80 53.33
N LEU A 651 -3.75 34.37 54.43
CA LEU A 651 -3.49 33.59 55.65
C LEU A 651 -4.72 32.88 56.25
N PRO A 652 -5.94 33.46 56.28
CA PRO A 652 -7.09 32.67 56.78
C PRO A 652 -7.35 31.38 56.02
N GLN A 653 -7.05 31.34 54.72
CA GLN A 653 -7.22 30.10 53.97
C GLN A 653 -6.13 29.08 54.28
N MET A 654 -5.08 29.46 55.02
CA MET A 654 -4.05 28.52 55.42
C MET A 654 -4.07 28.19 56.91
N GLU A 655 -4.81 28.95 57.72
CA GLU A 655 -4.81 28.75 59.17
C GLU A 655 -5.26 27.34 59.56
N LYS A 656 -6.39 26.90 58.99
CA LYS A 656 -6.96 25.60 59.37
C LYS A 656 -6.06 24.46 58.93
N SER A 657 -5.47 24.56 57.74
CA SER A 657 -4.57 23.52 57.26
C SER A 657 -3.31 23.43 58.13
N ILE A 658 -2.74 24.59 58.49
CA ILE A 658 -1.55 24.60 59.36
C ILE A 658 -1.89 24.01 60.73
N GLN A 659 -3.05 24.37 61.28
CA GLN A 659 -3.46 23.84 62.58
C GLN A 659 -3.70 22.34 62.53
N ALA A 660 -4.29 21.85 61.45
CA ALA A 660 -4.54 20.41 61.31
C ALA A 660 -3.24 19.63 61.18
N VAL A 661 -2.28 20.16 60.42
CA VAL A 661 -0.99 19.50 60.28
C VAL A 661 -0.24 19.51 61.61
N ARG A 662 -0.37 20.60 62.38
CA ARG A 662 0.20 20.63 63.73
C ARG A 662 -0.45 19.59 64.64
N ASP A 663 -1.77 19.45 64.54
CA ASP A 663 -2.48 18.49 65.39
C ASP A 663 -2.16 17.05 65.02
N ASN A 664 -1.81 16.80 63.76
CA ASN A 664 -1.44 15.45 63.35
C ASN A 664 0.03 15.11 63.64
N GLY A 665 0.79 16.03 64.22
CA GLY A 665 2.15 15.74 64.61
C GLY A 665 3.17 15.78 63.50
N LYS A 666 2.84 16.41 62.37
CA LYS A 666 3.75 16.54 61.25
C LYS A 666 4.27 17.97 61.15
N ILE A 667 5.05 18.23 60.11
CA ILE A 667 5.69 19.53 59.90
C ILE A 667 4.82 20.35 58.97
N ALA A 668 4.43 21.54 59.41
CA ALA A 668 3.65 22.46 58.61
C ALA A 668 4.57 23.50 57.98
N GLU A 669 4.46 23.66 56.67
CA GLU A 669 5.29 24.61 55.93
C GLU A 669 4.39 25.72 55.39
N ALA A 670 4.33 26.83 56.12
CA ALA A 670 3.65 28.00 55.62
C ALA A 670 4.43 28.60 54.47
N THR A 671 3.74 28.94 53.38
CA THR A 671 4.40 29.28 52.13
C THR A 671 3.94 30.64 51.63
N ILE A 672 4.90 31.47 51.25
CA ILE A 672 4.63 32.74 50.59
C ILE A 672 4.89 32.57 49.11
N CYS A 673 3.88 32.81 48.28
CA CYS A 673 4.03 32.74 46.83
C CYS A 673 4.70 34.03 46.36
N TYR A 674 5.95 33.95 45.93
CA TYR A 674 6.66 35.13 45.46
C TYR A 674 6.14 35.55 44.10
N THR A 675 6.04 36.86 43.90
CA THR A 675 5.62 37.42 42.63
C THR A 675 6.20 38.83 42.51
N GLY A 676 6.22 39.32 41.27
CA GLY A 676 6.73 40.66 41.01
C GLY A 676 8.23 40.78 41.16
N ASP A 677 8.69 41.90 41.71
CA ASP A 677 10.12 42.14 41.89
C ASP A 677 10.29 43.11 43.05
N ILE A 678 10.96 42.66 44.12
CA ILE A 678 11.13 43.50 45.30
C ILE A 678 12.19 44.57 45.09
N LEU A 679 13.05 44.42 44.08
CA LEU A 679 14.04 45.44 43.75
C LEU A 679 13.57 46.37 42.64
N ASP A 680 12.33 46.23 42.19
CA ASP A 680 11.77 47.15 41.20
C ASP A 680 10.89 48.16 41.91
N PRO A 681 11.29 49.44 41.97
CA PRO A 681 10.45 50.43 42.66
C PRO A 681 9.17 50.78 41.92
N SER A 682 9.08 50.46 40.63
CA SER A 682 7.88 50.79 39.86
C SER A 682 6.72 49.85 40.15
N ARG A 683 6.96 48.74 40.86
CA ARG A 683 5.91 47.78 41.23
C ARG A 683 5.97 47.60 42.74
N PRO A 684 5.38 48.53 43.49
CA PRO A 684 5.48 48.49 44.96
C PRO A 684 4.38 47.70 45.65
N LYS A 685 3.51 47.02 44.90
CA LYS A 685 2.44 46.25 45.52
C LYS A 685 2.98 45.07 46.33
N TYR A 686 3.97 44.36 45.79
CA TYR A 686 4.64 43.27 46.50
C TYR A 686 6.08 43.70 46.71
N ASN A 687 6.33 44.44 47.78
CA ASN A 687 7.66 44.90 48.15
C ASN A 687 8.16 44.06 49.33
N ILE A 688 9.32 44.45 49.87
CA ILE A 688 9.92 43.70 50.95
C ILE A 688 9.11 43.82 52.24
N GLN A 689 8.38 44.92 52.41
CA GLN A 689 7.59 45.10 53.62
C GLN A 689 6.37 44.20 53.63
N TYR A 690 5.76 43.99 52.46
CA TYR A 690 4.63 43.07 52.35
C TYR A 690 5.05 41.63 52.69
N TYR A 691 6.21 41.21 52.18
CA TYR A 691 6.68 39.85 52.47
C TYR A 691 7.11 39.72 53.93
N LYS A 692 7.70 40.78 54.50
CA LYS A 692 8.05 40.75 55.93
C LYS A 692 6.81 40.65 56.80
N ASP A 693 5.76 41.42 56.48
CA ASP A 693 4.52 41.37 57.25
C ASP A 693 3.85 40.01 57.11
N LEU A 694 3.84 39.45 55.90
CA LEU A 694 3.23 38.14 55.70
C LEU A 694 4.02 37.05 56.41
N ALA A 695 5.35 37.17 56.46
CA ALA A 695 6.15 36.24 57.23
C ALA A 695 5.86 36.35 58.71
N LYS A 696 5.64 37.57 59.21
CA LYS A 696 5.25 37.75 60.61
C LYS A 696 3.89 37.12 60.89
N GLU A 697 2.92 37.27 59.97
CA GLU A 697 1.62 36.64 60.17
C GLU A 697 1.72 35.12 60.12
N LEU A 698 2.59 34.58 59.26
CA LEU A 698 2.75 33.12 59.20
C LEU A 698 3.48 32.60 60.44
N GLU A 699 4.41 33.38 60.99
CA GLU A 699 5.07 32.98 62.23
C GLU A 699 4.15 33.14 63.43
N ALA A 700 3.10 33.98 63.31
CA ALA A 700 2.10 34.06 64.36
C ALA A 700 1.38 32.74 64.53
N THR A 701 1.06 32.07 63.43
CA THR A 701 0.60 30.69 63.52
C THR A 701 1.78 29.77 63.85
N GLY A 702 1.45 28.56 64.28
CA GLY A 702 2.48 27.64 64.76
C GLY A 702 3.21 26.87 63.67
N ALA A 703 3.36 27.47 62.49
CA ALA A 703 4.04 26.82 61.39
C ALA A 703 5.51 26.61 61.72
N HIS A 704 6.04 25.45 61.30
CA HIS A 704 7.38 25.06 61.70
C HIS A 704 8.44 25.67 60.79
N ILE A 705 8.21 25.69 59.49
CA ILE A 705 9.18 26.17 58.51
C ILE A 705 8.47 27.15 57.58
N LEU A 706 9.06 28.33 57.39
CA LEU A 706 8.56 29.29 56.41
C LEU A 706 9.09 28.90 55.04
N ALA A 707 8.19 28.82 54.06
CA ALA A 707 8.53 28.37 52.72
C ALA A 707 8.46 29.54 51.75
N VAL A 708 9.53 29.74 50.98
CA VAL A 708 9.56 30.77 49.95
C VAL A 708 9.95 30.15 48.61
N ASP A 710 8.32 30.22 44.59
CA ASP A 710 8.59 30.90 43.34
C ASP A 710 8.21 29.98 42.18
N MET A 711 6.92 29.98 41.85
CA MET A 711 6.37 29.04 40.88
C MET A 711 6.84 29.31 39.46
N ALA A 712 7.18 30.55 39.13
CA ALA A 712 7.57 30.92 37.77
C ALA A 712 9.05 31.27 37.64
N GLY A 713 9.85 31.08 38.68
CA GLY A 713 11.24 31.46 38.65
C GLY A 713 11.47 32.94 38.56
N LEU A 714 10.64 33.74 39.25
CA LEU A 714 10.72 35.19 39.18
C LEU A 714 11.76 35.78 40.11
N LEU A 715 12.29 35.01 41.06
CA LEU A 715 13.20 35.54 42.06
C LEU A 715 14.58 35.71 41.46
N LYS A 716 14.98 36.96 41.22
CA LYS A 716 16.29 37.25 40.69
C LYS A 716 17.35 37.04 41.77
N PRO A 717 18.61 36.77 41.37
CA PRO A 717 19.66 36.47 42.38
C PRO A 717 19.92 37.59 43.37
N GLN A 718 19.86 38.85 42.94
CA GLN A 718 20.02 39.94 43.89
C GLN A 718 18.78 40.11 44.75
N ALA A 719 17.59 39.86 44.19
CA ALA A 719 16.38 39.86 44.98
C ALA A 719 16.34 38.67 45.93
N ALA A 720 16.95 37.55 45.55
CA ALA A 720 16.99 36.38 46.42
C ALA A 720 17.80 36.66 47.69
N TYR A 721 18.94 37.31 47.55
CA TYR A 721 19.75 37.66 48.72
C TYR A 721 19.02 38.64 49.63
N ARG A 722 18.35 39.64 49.03
CA ARG A 722 17.67 40.65 49.83
C ARG A 722 16.45 40.07 50.55
N LEU A 723 15.67 39.23 49.86
CA LEU A 723 14.45 38.70 50.46
C LEU A 723 14.75 37.75 51.61
N ILE A 724 15.69 36.82 51.41
CA ILE A 724 15.97 35.82 52.43
C ILE A 724 16.63 36.46 53.65
N SER A 725 17.51 37.43 53.43
CA SER A 725 18.18 38.10 54.54
C SER A 725 17.18 38.93 55.36
N GLU A 726 16.24 39.59 54.69
CA GLU A 726 15.22 40.36 55.41
C GLU A 726 14.28 39.45 56.18
N LEU A 727 13.92 38.30 55.60
CA LEU A 727 13.04 37.36 56.31
C LEU A 727 13.79 36.66 57.44
N LYS A 728 15.12 36.55 57.32
CA LYS A 728 15.89 35.90 58.36
C LYS A 728 15.89 36.70 59.66
N ASP A 729 15.99 38.02 59.57
CA ASP A 729 15.91 38.85 60.76
C ASP A 729 14.47 39.02 61.23
N THR A 730 13.52 38.96 60.30
CA THR A 730 12.12 39.20 60.66
C THR A 730 11.55 38.06 61.50
N VAL A 731 11.75 36.83 61.06
CA VAL A 731 11.20 35.66 61.74
C VAL A 731 12.33 34.71 62.11
N ASP A 732 12.07 33.86 63.10
CA ASP A 732 13.01 32.84 63.52
C ASP A 732 12.74 31.49 62.87
N LEU A 733 11.73 31.40 62.01
CA LEU A 733 11.43 30.16 61.33
C LEU A 733 12.53 29.83 60.31
N PRO A 734 12.86 28.55 60.12
CA PRO A 734 13.74 28.18 59.01
C PRO A 734 13.10 28.50 57.68
N ILE A 735 13.95 28.84 56.70
CA ILE A 735 13.49 29.30 55.40
C ILE A 735 13.70 28.19 54.39
N HIS A 736 12.62 27.81 53.70
CA HIS A 736 12.67 26.84 52.61
C HIS A 736 12.41 27.59 51.30
N LEU A 737 13.34 27.48 50.36
CA LEU A 737 13.23 28.18 49.09
C LEU A 737 12.94 27.18 47.98
N HIS A 738 11.92 27.49 47.17
CA HIS A 738 11.57 26.69 46.00
C HIS A 738 11.45 27.62 44.81
N THR A 739 12.24 27.37 43.77
CA THR A 739 12.21 28.19 42.57
C THR A 739 12.33 27.30 41.35
N HIS A 740 12.07 27.88 40.19
CA HIS A 740 12.21 27.21 38.91
C HIS A 740 13.33 27.84 38.10
N ASP A 741 13.94 27.05 37.22
CA ASP A 741 15.05 27.48 36.38
C ASP A 741 14.58 27.96 35.01
N THR A 742 13.38 28.54 34.93
CA THR A 742 12.83 28.96 33.64
C THR A 742 13.67 30.06 33.00
N SER A 743 14.10 31.04 33.80
CA SER A 743 14.94 32.11 33.30
C SER A 743 16.39 31.71 33.17
N GLY A 744 16.78 30.52 33.61
CA GLY A 744 18.16 30.11 33.59
C GLY A 744 18.99 30.64 34.74
N ASN A 745 18.36 31.28 35.73
CA ASN A 745 19.06 31.86 36.86
C ASN A 745 18.75 31.14 38.18
N GLY A 746 18.28 29.90 38.11
CA GLY A 746 17.88 29.19 39.32
C GLY A 746 19.04 28.84 40.22
N ILE A 747 20.18 28.48 39.64
CA ILE A 747 21.34 28.07 40.44
C ILE A 747 21.91 29.25 41.21
N ILE A 748 22.11 30.38 40.51
CA ILE A 748 22.68 31.56 41.16
C ILE A 748 21.69 32.17 42.16
N THR A 749 20.39 32.04 41.91
CA THR A 749 19.39 32.44 42.91
C THR A 749 19.52 31.60 44.17
N TYR A 750 19.72 30.29 44.02
CA TYR A 750 19.99 29.44 45.16
C TYR A 750 21.32 29.78 45.82
N SER A 751 22.33 30.10 45.01
CA SER A 751 23.62 30.52 45.57
C SER A 751 23.51 31.86 46.27
N GLY A 752 22.69 32.77 45.74
CA GLY A 752 22.48 34.03 46.43
C GLY A 752 21.75 33.88 47.75
N ALA A 753 20.75 32.99 47.78
CA ALA A 753 20.00 32.77 49.02
C ALA A 753 20.81 31.96 50.03
N THR A 754 21.74 31.14 49.57
CA THR A 754 22.62 30.41 50.48
C THR A 754 23.52 31.37 51.25
N GLN A 755 24.03 32.41 50.56
CA GLN A 755 24.81 33.44 51.24
C GLN A 755 23.94 34.27 52.18
N ALA A 756 22.65 34.41 51.88
CA ALA A 756 21.73 35.10 52.76
C ALA A 756 21.33 34.25 53.97
N GLY A 757 21.65 32.97 53.97
CA GLY A 757 21.38 32.10 55.10
C GLY A 757 20.16 31.22 54.97
N VAL A 758 19.74 30.87 53.76
CA VAL A 758 18.58 30.01 53.60
C VAL A 758 18.92 28.60 54.08
N ASP A 759 17.91 27.87 54.52
CA ASP A 759 18.10 26.58 55.16
C ASP A 759 17.93 25.40 54.20
N ILE A 760 16.79 25.33 53.53
CA ILE A 760 16.50 24.24 52.60
C ILE A 760 16.15 24.85 51.24
N ILE A 761 16.66 24.23 50.17
CA ILE A 761 16.32 24.64 48.83
C ILE A 761 15.81 23.42 48.06
N ASP A 762 14.91 23.68 47.11
CA ASP A 762 14.26 22.62 46.34
C ASP A 762 15.03 22.37 45.06
N VAL A 763 15.58 21.16 44.93
CA VAL A 763 16.38 20.79 43.77
C VAL A 763 15.81 19.52 43.15
N ALA A 764 16.21 19.26 41.92
CA ALA A 764 15.82 18.07 41.18
C ALA A 764 17.07 17.37 40.67
N THR A 765 16.91 16.11 40.30
CA THR A 765 18.01 15.39 39.66
C THR A 765 18.29 16.00 38.29
N ALA A 766 19.55 15.86 37.85
CA ALA A 766 20.02 16.60 36.68
C ALA A 766 19.31 16.20 35.40
N SER A 767 18.94 14.93 35.27
CA SER A 767 18.24 14.46 34.07
C SER A 767 16.84 15.04 33.94
N LEU A 768 16.22 15.45 35.06
CA LEU A 768 14.92 16.08 35.03
C LEU A 768 14.99 17.51 35.56
N ALA A 769 16.13 18.18 35.36
CA ALA A 769 16.34 19.54 35.80
C ALA A 769 16.42 20.48 34.59
N GLY A 770 16.46 21.77 34.88
CA GLY A 770 16.51 22.77 33.85
C GLY A 770 15.14 22.96 33.20
N GLY A 771 15.10 23.90 32.26
CA GLY A 771 13.85 24.25 31.62
C GLY A 771 12.88 24.84 32.63
N THR A 772 11.66 24.34 32.65
CA THR A 772 10.67 24.79 33.61
C THR A 772 10.78 24.09 34.95
N SER A 773 11.72 23.16 35.11
CA SER A 773 11.85 22.38 36.33
C SER A 773 12.81 23.07 37.30
N GLN A 774 13.13 22.37 38.40
CA GLN A 774 14.01 22.90 39.42
C GLN A 774 15.46 22.86 38.96
N PRO A 775 16.33 23.65 39.59
CA PRO A 775 17.77 23.52 39.33
C PRO A 775 18.31 22.18 39.78
N SER A 776 19.42 21.78 39.17
CA SER A 776 19.95 20.44 39.34
C SER A 776 20.55 20.25 40.74
N MET A 777 20.25 19.10 41.35
CA MET A 777 20.83 18.74 42.64
C MET A 777 22.33 18.52 42.53
N GLN A 778 22.77 17.89 41.44
CA GLN A 778 24.20 17.64 41.26
C GLN A 778 24.95 18.94 40.99
N SER A 779 24.33 19.87 40.26
CA SER A 779 25.00 21.11 39.90
C SER A 779 25.00 22.15 41.01
N ILE A 780 24.05 22.07 41.95
CA ILE A 780 24.09 22.99 43.09
C ILE A 780 25.16 22.60 44.09
N TYR A 781 25.62 21.35 44.07
CA TYR A 781 26.74 20.96 44.92
C TYR A 781 28.03 21.62 44.47
N TYR A 782 28.32 21.56 43.17
CA TYR A 782 29.58 22.11 42.66
C TYR A 782 29.55 23.64 42.60
N ALA A 783 28.36 24.24 42.63
CA ALA A 783 28.28 25.70 42.71
C ALA A 783 28.68 26.21 44.09
N LEU A 784 28.57 25.38 45.12
CA LEU A 784 28.94 25.75 46.48
C LEU A 784 29.96 24.77 47.06
N GLU A 785 30.81 24.20 46.21
CA GLU A 785 31.72 23.15 46.66
C GLU A 785 32.83 23.69 47.56
N HIS A 786 33.26 24.94 47.35
CA HIS A 786 34.32 25.51 48.16
C HIS A 786 33.92 26.86 48.74
N GLY A 787 32.62 27.12 48.87
CA GLY A 787 32.14 28.33 49.49
C GLY A 787 32.02 28.18 50.99
N PRO A 788 31.52 29.22 51.66
CA PRO A 788 31.31 29.13 53.11
C PRO A 788 30.29 28.08 53.51
N ARG A 789 29.27 27.83 52.69
CA ARG A 789 28.22 26.86 52.99
C ARG A 789 28.17 25.84 51.87
N HIS A 790 28.48 24.58 52.19
CA HIS A 790 28.36 23.51 51.22
C HIS A 790 26.93 22.99 51.19
N ALA A 791 26.64 22.18 50.18
CA ALA A 791 25.35 21.50 50.08
C ALA A 791 25.49 20.09 50.65
N SER A 792 24.59 19.76 51.58
CA SER A 792 24.63 18.48 52.28
C SER A 792 24.01 17.42 51.37
N ILE A 793 24.87 16.75 50.58
CA ILE A 793 24.43 15.69 49.69
C ILE A 793 25.65 14.84 49.35
N ASN A 794 25.41 13.59 48.95
CA ASN A 794 26.44 12.74 48.38
C ASN A 794 26.33 12.89 46.86
N VAL A 795 27.21 13.69 46.29
CA VAL A 795 27.09 14.03 44.87
C VAL A 795 27.49 12.84 43.99
N LYS A 796 28.33 11.95 44.52
CA LYS A 796 28.71 10.77 43.75
C LYS A 796 27.55 9.79 43.65
N ASN A 797 26.81 9.63 44.74
CA ASN A 797 25.61 8.79 44.70
C ASN A 797 24.51 9.44 43.88
N ALA A 798 24.40 10.76 43.95
CA ALA A 798 23.38 11.47 43.19
C ALA A 798 23.65 11.41 41.69
N GLU A 799 24.93 11.41 41.30
CA GLU A 799 25.28 11.26 39.89
C GLU A 799 24.96 9.85 39.39
N GLN A 800 25.15 8.85 40.25
CA GLN A 800 24.80 7.48 39.88
C GLN A 800 23.29 7.30 39.77
N ILE A 801 22.54 7.96 40.66
CA ILE A 801 21.08 7.88 40.62
C ILE A 801 20.55 8.56 39.37
N ASP A 802 21.19 9.65 38.95
CA ASP A 802 20.76 10.40 37.77
C ASP A 802 20.88 9.59 36.49
N HIS A 803 21.73 8.57 36.46
CA HIS A 803 21.82 7.70 35.29
C HIS A 803 20.54 6.91 35.09
N TYR A 804 19.88 6.52 36.18
CA TYR A 804 18.58 5.86 36.08
C TYR A 804 17.53 6.82 35.51
N TRP A 805 17.51 8.06 36.00
CA TRP A 805 16.51 9.02 35.56
C TRP A 805 16.73 9.45 34.12
N GLU A 806 17.98 9.41 33.64
CA GLU A 806 18.24 9.68 32.23
C GLU A 806 17.63 8.62 31.34
N ASP A 807 17.71 7.34 31.76
CA ASP A 807 17.20 6.26 30.94
C ASP A 807 15.69 6.20 30.93
N VAL A 808 15.05 6.39 32.09
CA VAL A 808 13.59 6.30 32.17
C VAL A 808 12.90 7.54 31.63
N ARG A 809 13.63 8.64 31.41
CA ARG A 809 13.04 9.79 30.74
C ARG A 809 12.74 9.49 29.28
N LYS A 810 13.52 8.60 28.67
CA LYS A 810 13.30 8.19 27.29
C LYS A 810 11.98 7.47 27.09
N TYR A 811 11.41 6.88 28.15
CA TYR A 811 10.09 6.27 28.05
C TYR A 811 9.01 7.31 27.80
N TYR A 812 9.19 8.53 28.31
CA TYR A 812 8.17 9.57 28.26
C TYR A 812 8.40 10.55 27.13
N ALA A 813 8.94 10.07 25.99
CA ALA A 813 9.10 10.91 24.82
C ALA A 813 7.81 11.53 24.29
N PRO A 814 6.64 10.85 24.22
CA PRO A 814 5.42 11.56 23.79
C PRO A 814 4.98 12.68 24.72
N PHE A 815 5.41 12.70 25.97
CA PHE A 815 5.02 13.75 26.91
C PHE A 815 6.08 14.83 27.06
N GLU A 816 7.12 14.82 26.23
CA GLU A 816 8.18 15.82 26.33
C GLU A 816 7.69 17.16 25.80
N ALA A 817 8.10 18.24 26.46
CA ALA A 817 7.70 19.58 26.04
C ALA A 817 8.36 19.98 24.74
N GLY A 818 9.62 19.59 24.54
CA GLY A 818 10.35 19.88 23.33
C GLY A 818 11.70 20.46 23.66
N ILE A 819 12.29 21.15 22.68
CA ILE A 819 13.58 21.81 22.88
C ILE A 819 13.37 23.01 23.80
N THR A 820 14.04 23.00 24.95
CA THR A 820 13.88 24.02 25.97
C THR A 820 15.17 24.80 26.11
N SER A 821 15.03 26.11 26.25
CA SER A 821 16.12 27.06 26.39
C SER A 821 15.81 27.97 27.57
N PRO A 822 16.82 28.64 28.13
CA PRO A 822 16.53 29.66 29.15
C PRO A 822 15.62 30.76 28.60
N GLN A 823 14.67 31.18 29.43
CA GLN A 823 13.56 32.03 28.98
C GLN A 823 13.42 33.20 29.95
N THR A 824 14.05 34.32 29.62
CA THR A 824 13.94 35.51 30.45
C THR A 824 12.66 36.30 30.20
N GLU A 825 11.85 35.88 29.22
CA GLU A 825 10.53 36.48 29.03
C GLU A 825 9.56 36.11 30.14
N VAL A 826 9.92 35.15 31.01
CA VAL A 826 9.07 34.80 32.14
C VAL A 826 9.02 35.95 33.16
N TYR A 827 9.98 36.86 33.09
CA TYR A 827 9.92 38.04 33.95
C TYR A 827 8.80 38.97 33.52
N MET A 828 8.43 38.94 32.24
CA MET A 828 7.31 39.77 31.77
C MET A 828 5.97 39.09 32.05
N HIS A 829 5.72 37.93 31.43
CA HIS A 829 4.36 37.39 31.47
C HIS A 829 4.07 36.67 32.77
N GLU A 830 5.12 36.17 33.45
CA GLU A 830 5.03 35.57 34.80
C GLU A 830 4.11 34.35 34.83
N MET A 831 4.02 33.62 33.72
CA MET A 831 3.24 32.40 33.69
C MET A 831 4.06 31.25 34.24
N PRO A 832 3.54 30.47 35.18
CA PRO A 832 4.29 29.32 35.70
C PRO A 832 4.47 28.23 34.64
N GLY A 833 5.31 27.25 34.99
CA GLY A 833 5.62 26.18 34.05
C GLY A 833 4.41 25.33 33.68
N GLY A 834 3.55 25.05 34.66
CA GLY A 834 2.31 24.35 34.37
C GLY A 834 1.37 25.18 33.53
N GLN A 835 1.28 26.49 33.82
CA GLN A 835 0.41 27.36 33.04
C GLN A 835 0.95 27.58 31.64
N TYR A 836 2.26 27.49 31.45
CA TYR A 836 2.84 27.73 30.13
C TYR A 836 2.50 26.60 29.15
N THR A 837 2.63 25.35 29.59
CA THR A 837 2.40 24.22 28.69
C THR A 837 0.91 24.01 28.44
N ASN A 838 0.08 24.15 29.47
CA ASN A 838 -1.33 23.87 29.34
C ASN A 838 -2.04 24.91 28.47
N LEU A 839 -1.64 26.18 28.59
CA LEU A 839 -2.25 27.22 27.76
C LEU A 839 -1.76 27.10 26.32
N LYS A 840 -0.49 26.73 26.13
CA LYS A 840 0.01 26.51 24.77
C LYS A 840 -0.65 25.30 24.13
N SER A 841 -0.95 24.27 24.93
CA SER A 841 -1.64 23.10 24.42
C SER A 841 -3.06 23.42 24.00
N GLN A 842 -3.76 24.25 24.78
CA GLN A 842 -5.13 24.62 24.47
C GLN A 842 -5.24 25.80 23.52
N ALA A 843 -4.14 26.48 23.23
CA ALA A 843 -4.17 27.55 22.21
C ALA A 843 -4.28 26.96 20.82
N ALA A 844 -3.56 25.86 20.56
CA ALA A 844 -3.70 25.19 19.27
C ALA A 844 -5.03 24.47 19.14
N ALA A 845 -5.57 23.97 20.26
CA ALA A 845 -6.88 23.32 20.24
C ALA A 845 -8.01 24.29 19.94
N VAL A 846 -7.84 25.58 20.25
CA VAL A 846 -8.83 26.59 19.94
C VAL A 846 -8.51 27.34 18.65
N GLY A 847 -7.34 27.10 18.07
CA GLY A 847 -6.99 27.69 16.80
C GLY A 847 -6.21 28.98 16.87
N LEU A 848 -5.72 29.37 18.04
CA LEU A 848 -4.99 30.62 18.23
C LEU A 848 -3.52 30.38 18.56
N GLY A 849 -3.00 29.19 18.26
CA GLY A 849 -1.64 28.86 18.67
C GLY A 849 -0.58 29.60 17.89
N HIS A 850 -0.89 30.01 16.66
CA HIS A 850 0.05 30.80 15.89
C HIS A 850 0.16 32.22 16.42
N ARG A 851 -0.83 32.68 17.18
CA ARG A 851 -0.80 33.97 17.84
C ARG A 851 -0.45 33.85 19.32
N PHE A 852 0.43 32.91 19.66
CA PHE A 852 0.80 32.69 21.06
C PHE A 852 1.62 33.84 21.60
N ASP A 853 2.29 34.59 20.72
CA ASP A 853 3.18 35.66 21.16
C ASP A 853 2.44 36.78 21.87
N GLU A 854 1.39 37.32 21.25
CA GLU A 854 0.70 38.43 21.89
C GLU A 854 -0.27 37.97 22.96
N ILE A 855 -0.52 36.66 23.06
CA ILE A 855 -1.24 36.12 24.21
C ILE A 855 -0.44 36.37 25.49
N LYS A 856 0.88 36.16 25.42
CA LYS A 856 1.74 36.35 26.60
C LYS A 856 1.85 37.81 27.01
N GLN A 857 1.92 38.76 26.05
CA GLN A 857 1.82 40.15 26.44
C GLN A 857 0.40 40.52 26.85
N MET A 858 -0.60 39.77 26.38
CA MET A 858 -1.95 40.01 26.88
C MET A 858 -2.10 39.46 28.30
N TYR A 859 -1.46 38.31 28.57
CA TYR A 859 -1.41 37.76 29.92
C TYR A 859 -0.77 38.76 30.90
N ARG A 860 0.23 39.50 30.44
CA ARG A 860 0.83 40.54 31.27
C ARG A 860 -0.17 41.67 31.54
N LYS A 861 -0.93 42.06 30.53
CA LYS A 861 -1.93 43.11 30.72
C LYS A 861 -3.14 42.62 31.51
N VAL A 862 -3.58 41.39 31.26
CA VAL A 862 -4.76 40.85 31.94
C VAL A 862 -4.52 40.76 33.45
N ASN A 863 -3.33 40.27 33.84
CA ASN A 863 -2.98 40.27 35.26
C ASN A 863 -2.86 41.69 35.79
N MET A 864 -2.32 42.61 34.99
CA MET A 864 -2.21 44.00 35.41
C MET A 864 -3.57 44.65 35.59
N MET A 865 -4.50 44.37 34.68
CA MET A 865 -5.85 44.91 34.78
C MET A 865 -6.75 44.09 35.70
N PHE A 866 -6.26 42.96 36.22
CA PHE A 866 -6.90 42.27 37.34
C PHE A 866 -6.46 42.82 38.68
N GLY A 867 -5.53 43.77 38.70
CA GLY A 867 -4.98 44.28 39.94
C GLY A 867 -3.65 43.70 40.35
N ASP A 868 -2.90 43.11 39.42
CA ASP A 868 -1.60 42.48 39.68
C ASP A 868 -1.71 41.39 40.74
N ILE A 869 -2.47 40.34 40.40
CA ILE A 869 -2.73 39.26 41.34
C ILE A 869 -1.60 38.23 41.28
N ILE A 870 -1.54 37.37 42.29
CA ILE A 870 -0.53 36.32 42.33
C ILE A 870 -0.99 35.15 41.46
N LYS A 871 -0.13 34.73 40.52
CA LYS A 871 -0.50 33.76 39.50
C LYS A 871 0.11 32.40 39.84
N VAL A 872 -0.69 31.55 40.49
CA VAL A 872 -0.34 30.17 40.78
C VAL A 872 -1.65 29.40 40.80
N THR A 873 -1.56 28.06 40.84
CA THR A 873 -2.75 27.21 40.71
C THR A 873 -3.69 27.41 41.89
N PRO A 874 -5.00 27.63 41.66
CA PRO A 874 -5.67 27.80 40.36
C PRO A 874 -5.88 29.26 39.94
N SER A 875 -5.28 30.22 40.64
CA SER A 875 -5.46 31.63 40.27
C SER A 875 -4.74 31.96 38.97
N SER A 876 -3.70 31.21 38.61
CA SER A 876 -3.03 31.42 37.34
C SER A 876 -3.90 31.00 36.17
N LYS A 877 -4.77 30.02 36.38
CA LYS A 877 -5.72 29.61 35.34
C LYS A 877 -6.73 30.72 35.05
N VAL A 878 -7.10 31.48 36.08
CA VAL A 878 -8.04 32.59 35.91
C VAL A 878 -7.45 33.64 34.98
N VAL A 879 -6.17 33.98 35.18
CA VAL A 879 -5.48 34.83 34.21
C VAL A 879 -5.30 34.08 32.88
N GLY A 880 -5.10 32.77 32.96
CA GLY A 880 -4.91 31.99 31.74
C GLY A 880 -6.16 31.92 30.87
N ASP A 881 -7.32 31.69 31.50
CA ASP A 881 -8.56 31.64 30.73
C ASP A 881 -8.97 33.03 30.25
N MET A 882 -8.77 34.06 31.08
CA MET A 882 -9.20 35.40 30.71
C MET A 882 -8.36 35.96 29.57
N ALA A 883 -7.04 35.70 29.57
CA ALA A 883 -6.20 36.12 28.46
C ALA A 883 -6.55 35.37 27.18
N LEU A 884 -6.86 34.07 27.30
CA LEU A 884 -7.30 33.32 26.13
C LEU A 884 -8.70 33.76 25.69
N PHE A 885 -9.49 34.31 26.60
CA PHE A 885 -10.84 34.75 26.25
C PHE A 885 -10.80 36.01 25.39
N MET A 886 -9.89 36.93 25.70
CA MET A 886 -9.95 38.24 25.05
C MET A 886 -9.27 38.28 23.68
N ILE A 887 -8.48 37.27 23.32
CA ILE A 887 -8.01 37.20 21.94
C ILE A 887 -8.90 36.31 21.10
N GLN A 888 -9.66 35.41 21.73
CA GLN A 888 -10.59 34.58 20.99
C GLN A 888 -11.76 35.40 20.49
N ASN A 889 -12.24 36.33 21.32
CA ASN A 889 -13.31 37.25 20.93
C ASN A 889 -12.79 38.62 20.55
N ASP A 890 -11.47 38.76 20.36
CA ASP A 890 -10.81 40.02 19.95
C ASP A 890 -11.13 41.17 20.91
N LEU A 891 -11.19 40.88 22.20
CA LEU A 891 -11.43 41.89 23.22
C LEU A 891 -10.12 42.59 23.60
N THR A 892 -10.25 43.79 24.16
CA THR A 892 -9.10 44.53 24.66
C THR A 892 -9.45 45.18 25.99
N GLU A 893 -8.45 45.79 26.62
CA GLU A 893 -8.55 46.24 28.01
C GLU A 893 -9.62 47.32 28.18
N GLU A 894 -9.65 48.30 27.29
CA GLU A 894 -10.68 49.35 27.40
C GLU A 894 -12.03 48.84 26.94
N ASP A 895 -12.04 47.79 26.12
CA ASP A 895 -13.29 47.32 25.52
C ASP A 895 -14.14 46.58 26.55
N VAL A 896 -13.50 45.76 27.39
CA VAL A 896 -14.23 45.01 28.41
C VAL A 896 -14.76 45.95 29.49
N TYR A 897 -14.15 47.13 29.63
CA TYR A 897 -14.60 48.09 30.63
C TYR A 897 -15.91 48.75 30.21
N ALA A 898 -16.25 48.68 28.92
CA ALA A 898 -17.46 49.32 28.41
C ALA A 898 -18.49 48.33 27.88
N ARG A 899 -18.12 47.49 26.92
CA ARG A 899 -19.07 46.59 26.27
C ARG A 899 -19.06 45.21 26.92
N GLY A 900 -18.19 44.99 27.91
CA GLY A 900 -17.93 43.65 28.43
C GLY A 900 -19.10 43.02 29.17
N ASN A 901 -20.17 43.78 29.41
CA ASN A 901 -21.36 43.20 30.03
C ASN A 901 -22.06 42.21 29.11
N GLU A 902 -21.85 42.35 27.78
CA GLU A 902 -22.56 41.50 26.84
C GLU A 902 -21.96 40.09 26.77
N LEU A 903 -20.64 39.96 26.89
CA LEU A 903 -20.00 38.67 26.73
C LEU A 903 -20.27 37.76 27.92
N ASN A 904 -20.22 36.46 27.67
CA ASN A 904 -20.29 35.46 28.72
C ASN A 904 -18.87 35.09 29.14
N PHE A 905 -18.43 35.64 30.27
CA PHE A 905 -17.08 35.40 30.76
C PHE A 905 -16.93 33.93 31.19
N PRO A 906 -15.71 33.39 31.14
CA PRO A 906 -15.51 31.99 31.54
C PRO A 906 -15.75 31.79 33.03
N GLU A 907 -15.98 30.52 33.39
CA GLU A 907 -16.37 30.17 34.74
C GLU A 907 -15.27 30.49 35.75
N SER A 908 -14.01 30.29 35.37
CA SER A 908 -12.90 30.60 36.26
C SER A 908 -12.75 32.11 36.45
N VAL A 909 -13.05 32.90 35.41
CA VAL A 909 -12.89 34.35 35.51
C VAL A 909 -13.94 34.95 36.42
N VAL A 910 -15.20 34.51 36.32
CA VAL A 910 -16.24 35.05 37.16
C VAL A 910 -16.08 34.59 38.61
N SER A 911 -15.72 33.31 38.81
CA SER A 911 -15.68 32.75 40.16
C SER A 911 -14.59 33.37 41.01
N PHE A 912 -13.47 33.75 40.39
CA PHE A 912 -12.42 34.47 41.11
C PHE A 912 -12.94 35.81 41.61
N PHE A 913 -13.80 36.46 40.82
CA PHE A 913 -14.38 37.73 41.25
C PHE A 913 -15.57 37.53 42.19
N ARG A 914 -16.17 36.33 42.20
CA ARG A 914 -17.16 36.03 43.24
C ARG A 914 -16.52 35.88 44.61
N GLY A 915 -15.24 35.54 44.67
CA GLY A 915 -14.55 35.37 45.93
C GLY A 915 -14.43 33.96 46.45
N ASP A 916 -14.74 32.95 45.62
CA ASP A 916 -14.60 31.57 46.06
C ASP A 916 -13.17 31.05 45.98
N LEU A 917 -12.25 31.84 45.42
CA LEU A 917 -10.83 31.54 45.46
C LEU A 917 -10.10 32.32 46.53
N GLY A 918 -10.82 33.01 47.41
CA GLY A 918 -10.23 33.86 48.41
C GLY A 918 -10.21 35.31 47.99
N GLN A 919 -9.68 36.15 48.88
CA GLN A 919 -9.59 37.58 48.64
C GLN A 919 -8.17 37.94 48.23
N PRO A 920 -7.97 38.54 47.06
CA PRO A 920 -6.61 38.93 46.65
C PRO A 920 -6.08 40.07 47.50
N VAL A 921 -4.75 40.18 47.52
CA VAL A 921 -4.09 41.25 48.25
C VAL A 921 -4.38 42.58 47.55
N GLY A 922 -4.81 43.57 48.33
CA GLY A 922 -5.22 44.84 47.78
C GLY A 922 -6.64 44.91 47.29
N GLY A 923 -7.39 43.80 47.34
CA GLY A 923 -8.77 43.79 46.97
C GLY A 923 -8.99 43.79 45.46
N PHE A 924 -10.25 43.61 45.08
CA PHE A 924 -10.66 43.66 43.69
C PHE A 924 -10.62 45.09 43.19
N PRO A 925 -10.56 45.30 41.87
CA PRO A 925 -10.65 46.68 41.34
C PRO A 925 -11.95 47.39 41.65
N GLU A 926 -13.04 46.64 41.88
CA GLU A 926 -14.38 47.04 42.30
C GLU A 926 -15.15 47.74 41.18
N LYS A 927 -14.52 48.02 40.04
CA LYS A 927 -15.19 48.51 38.84
C LYS A 927 -15.27 47.43 37.77
N LEU A 928 -14.15 46.72 37.55
CA LEU A 928 -14.16 45.55 36.69
C LEU A 928 -15.00 44.43 37.29
N GLN A 929 -15.04 44.37 38.62
CA GLN A 929 -15.73 43.27 39.31
C GLN A 929 -17.22 43.27 39.01
N LYS A 930 -17.85 44.46 39.02
CA LYS A 930 -19.28 44.53 38.73
C LYS A 930 -19.60 44.16 37.29
N ILE A 931 -18.67 44.44 36.37
CA ILE A 931 -18.85 44.03 34.99
C ILE A 931 -18.71 42.52 34.84
N ILE A 932 -17.75 41.92 35.55
CA ILE A 932 -17.49 40.49 35.40
C ILE A 932 -18.62 39.68 36.01
N VAL A 933 -19.01 39.97 37.25
CA VAL A 933 -20.16 39.33 37.85
C VAL A 933 -21.27 40.37 38.02
N LYS A 934 -22.36 40.20 37.29
CA LYS A 934 -23.39 41.23 37.23
C LYS A 934 -24.68 40.82 37.92
N ASP A 935 -25.02 39.52 37.88
CA ASP A 935 -26.24 39.03 38.49
C ASP A 935 -26.00 37.88 39.47
N LYS A 936 -24.75 37.56 39.77
CA LYS A 936 -24.41 36.55 40.75
C LYS A 936 -23.91 37.20 42.02
N ALA A 937 -23.99 36.47 43.12
CA ALA A 937 -23.64 36.99 44.44
C ALA A 937 -22.16 36.79 44.72
N VAL A 938 -21.51 37.84 45.21
CA VAL A 938 -20.12 37.78 45.60
C VAL A 938 -20.04 37.54 47.11
N ILE A 939 -18.88 37.06 47.55
CA ILE A 939 -18.64 36.81 48.96
C ILE A 939 -17.37 37.56 49.38
N THR A 940 -17.21 37.71 50.69
CA THR A 940 -16.09 38.46 51.26
C THR A 940 -15.27 37.62 52.21
N ASP A 941 -15.89 36.78 53.03
CA ASP A 941 -15.18 35.96 54.00
C ASP A 941 -14.59 34.73 53.31
N ARG A 942 -14.15 33.77 54.10
CA ARG A 942 -13.58 32.54 53.55
C ARG A 942 -14.65 31.74 52.81
N PRO A 943 -14.31 31.18 51.64
CA PRO A 943 -15.29 30.35 50.92
C PRO A 943 -15.63 29.05 51.62
N GLY A 944 -14.79 28.59 52.55
CA GLY A 944 -15.09 27.35 53.26
C GLY A 944 -16.24 27.50 54.24
N LEU A 945 -16.50 28.71 54.71
CA LEU A 945 -17.65 28.95 55.56
C LEU A 945 -18.95 28.75 54.78
N HIS A 946 -18.97 29.17 53.52
CA HIS A 946 -20.15 29.02 52.66
C HIS A 946 -20.22 27.66 51.98
N ALA A 947 -19.23 26.79 52.21
CA ALA A 947 -19.24 25.47 51.61
C ALA A 947 -20.32 24.59 52.23
N GLU A 948 -20.87 23.69 51.42
CA GLU A 948 -21.89 22.78 51.89
C GLU A 948 -21.29 21.76 52.86
N LYS A 949 -22.09 21.36 53.85
CA LYS A 949 -21.63 20.41 54.84
C LYS A 949 -21.51 19.01 54.23
N VAL A 950 -20.42 18.32 54.57
CA VAL A 950 -20.14 16.99 54.06
C VAL A 950 -20.08 16.04 55.25
N ASP A 951 -20.89 14.99 55.21
CA ASP A 951 -20.88 13.95 56.23
C ASP A 951 -20.16 12.73 55.67
N PHE A 952 -19.16 12.24 56.41
CA PHE A 952 -18.32 11.16 55.90
C PHE A 952 -19.06 9.82 55.93
N GLU A 953 -19.89 9.58 56.95
CA GLU A 953 -20.65 8.34 57.00
C GLU A 953 -21.73 8.30 55.92
N THR A 954 -22.29 9.46 55.56
CA THR A 954 -23.27 9.51 54.48
C THR A 954 -22.63 9.20 53.13
N VAL A 955 -21.44 9.76 52.88
CA VAL A 955 -20.80 9.56 51.59
C VAL A 955 -20.07 8.22 51.52
N LYS A 956 -19.71 7.62 52.66
CA LYS A 956 -19.07 6.30 52.64
C LYS A 956 -20.05 5.22 52.21
N ALA A 957 -21.28 5.27 52.72
CA ALA A 957 -22.30 4.33 52.29
C ALA A 957 -22.69 4.55 50.84
N ASP A 958 -22.72 5.82 50.40
CA ASP A 958 -23.01 6.12 49.00
C ASP A 958 -21.89 5.64 48.08
N LEU A 959 -20.64 5.77 48.52
CA LEU A 959 -19.51 5.28 47.72
C LEU A 959 -19.49 3.76 47.66
N GLU A 960 -19.95 3.10 48.72
CA GLU A 960 -19.99 1.63 48.73
C GLU A 960 -20.94 1.09 47.68
N GLN A 961 -22.00 1.83 47.36
CA GLN A 961 -22.92 1.40 46.31
C GLN A 961 -22.28 1.54 44.93
N LYS A 962 -21.47 2.59 44.74
CA LYS A 962 -20.91 2.87 43.42
C LYS A 962 -19.78 1.89 43.09
N ILE A 963 -18.90 1.60 44.04
CA ILE A 963 -17.72 0.79 43.78
C ILE A 963 -17.92 -0.69 44.14
N GLY A 964 -18.99 -1.03 44.83
CA GLY A 964 -19.29 -2.42 45.11
C GLY A 964 -18.53 -3.04 46.25
N TYR A 965 -17.78 -2.26 47.03
CA TYR A 965 -17.09 -2.78 48.19
C TYR A 965 -16.90 -1.65 49.19
N GLU A 966 -16.54 -2.03 50.42
CA GLU A 966 -16.37 -1.06 51.48
C GLU A 966 -15.11 -0.23 51.23
N PRO A 967 -15.21 1.09 51.09
CA PRO A 967 -14.03 1.90 50.82
C PRO A 967 -13.29 2.30 52.08
N GLY A 968 -11.98 2.47 51.93
CA GLY A 968 -11.15 2.93 53.02
C GLY A 968 -11.33 4.42 53.26
N ASP A 969 -10.64 4.90 54.31
CA ASP A 969 -10.71 6.32 54.63
C ASP A 969 -10.05 7.17 53.55
N HIS A 970 -9.01 6.65 52.90
CA HIS A 970 -8.37 7.39 51.82
C HIS A 970 -9.24 7.46 50.58
N GLU A 971 -10.06 6.44 50.33
CA GLU A 971 -10.94 6.45 49.17
C GLU A 971 -12.13 7.37 49.36
N VAL A 972 -12.53 7.64 50.60
CA VAL A 972 -13.67 8.50 50.86
C VAL A 972 -13.35 9.95 50.51
N ILE A 973 -12.21 10.45 51.00
CA ILE A 973 -11.82 11.83 50.74
C ILE A 973 -11.45 12.02 49.28
N SER A 974 -10.89 10.97 48.65
CA SER A 974 -10.61 11.04 47.21
C SER A 974 -11.91 11.16 46.41
N TYR A 975 -12.96 10.48 46.86
CA TYR A 975 -14.26 10.64 46.21
C TYR A 975 -14.87 12.00 46.48
N ILE A 976 -14.63 12.57 47.66
CA ILE A 976 -15.13 13.91 47.95
C ILE A 976 -14.42 14.95 47.10
N MET A 977 -13.09 14.85 47.00
CA MET A 977 -12.32 15.84 46.24
C MET A 977 -12.54 15.71 44.74
N TYR A 978 -12.52 14.47 44.22
CA TYR A 978 -12.67 14.21 42.79
C TYR A 978 -13.75 13.17 42.59
N PRO A 979 -15.02 13.58 42.56
CA PRO A 979 -16.12 12.60 42.44
C PRO A 979 -16.14 11.83 41.12
N GLN A 980 -16.17 12.56 40.01
CA GLN A 980 -16.24 11.89 38.70
C GLN A 980 -14.93 11.20 38.37
N VAL A 981 -13.80 11.79 38.78
CA VAL A 981 -12.48 11.24 38.43
C VAL A 981 -12.24 9.92 39.16
N PHE A 982 -12.64 9.83 40.43
CA PHE A 982 -12.48 8.60 41.18
C PHE A 982 -13.36 7.48 40.64
N LEU A 983 -14.60 7.81 40.26
CA LEU A 983 -15.50 6.80 39.72
C LEU A 983 -15.06 6.32 38.35
N ASP A 984 -14.49 7.21 37.53
CA ASP A 984 -13.93 6.78 36.25
C ASP A 984 -12.68 5.93 36.46
N TYR A 985 -11.89 6.24 37.48
CA TYR A 985 -10.75 5.39 37.82
C TYR A 985 -11.21 4.02 38.31
N GLN A 986 -12.27 4.00 39.14
CA GLN A 986 -12.81 2.73 39.62
C GLN A 986 -13.42 1.92 38.49
N LYS A 987 -13.99 2.59 37.49
CA LYS A 987 -14.51 1.89 36.32
C LYS A 987 -13.39 1.24 35.52
N MET A 988 -12.25 1.93 35.39
CA MET A 988 -11.11 1.38 34.67
C MET A 988 -10.40 0.29 35.46
N GLN A 989 -10.44 0.37 36.79
CA GLN A 989 -9.89 -0.71 37.61
C GLN A 989 -10.67 -2.00 37.44
N ARG A 990 -11.99 -1.90 37.32
CA ARG A 990 -12.81 -3.08 37.11
C ARG A 990 -12.69 -3.63 35.70
N GLU A 991 -12.19 -2.83 34.76
CA GLU A 991 -12.07 -3.25 33.36
C GLU A 991 -10.65 -3.63 32.98
N PHE A 992 -9.66 -2.80 33.32
CA PHE A 992 -8.29 -3.04 32.93
C PHE A 992 -7.40 -3.54 34.07
N GLY A 993 -7.86 -3.46 35.32
CA GLY A 993 -7.07 -3.93 36.43
C GLY A 993 -5.96 -2.96 36.81
N ALA A 994 -5.00 -3.48 37.57
CA ALA A 994 -3.88 -2.69 38.06
C ALA A 994 -2.86 -2.51 36.94
N VAL A 995 -3.10 -1.50 36.10
CA VAL A 995 -2.19 -1.20 35.00
C VAL A 995 -0.92 -0.50 35.45
N THR A 996 -0.84 -0.12 36.72
CA THR A 996 0.37 0.52 37.24
C THR A 996 1.54 -0.46 37.35
N LEU A 997 1.28 -1.76 37.32
CA LEU A 997 2.33 -2.76 37.41
C LEU A 997 3.07 -2.98 36.09
N LEU A 998 2.51 -2.51 34.98
CA LEU A 998 3.18 -2.60 33.70
C LEU A 998 4.33 -1.60 33.62
N ASP A 999 5.35 -1.96 32.84
CA ASP A 999 6.42 -1.00 32.57
C ASP A 999 5.92 0.07 31.60
N THR A 1000 6.59 1.22 31.63
CA THR A 1000 6.13 2.39 30.89
C THR A 1000 6.07 2.21 29.37
N PRO A 1001 7.07 1.60 28.68
CA PRO A 1001 6.85 1.33 27.25
C PRO A 1001 5.70 0.39 26.97
N THR A 1002 5.47 -0.59 27.84
CA THR A 1002 4.31 -1.46 27.71
C THR A 1002 3.03 -0.70 28.02
N PHE A 1003 3.05 0.15 29.05
CA PHE A 1003 1.88 0.91 29.45
C PHE A 1003 1.46 1.90 28.36
N LEU A 1004 2.43 2.52 27.70
CA LEU A 1004 2.13 3.56 26.72
C LEU A 1004 1.93 3.03 25.30
N HIS A 1005 2.58 1.94 24.93
CA HIS A 1005 2.58 1.48 23.55
C HIS A 1005 2.05 0.08 23.36
N GLY A 1006 1.68 -0.62 24.43
CA GLY A 1006 1.14 -1.96 24.30
C GLY A 1006 2.21 -3.00 24.05
N MET A 1007 1.95 -3.91 23.10
CA MET A 1007 2.88 -4.99 22.80
C MET A 1007 3.21 -5.00 21.31
N ARG A 1008 4.42 -5.46 21.01
CA ARG A 1008 4.83 -5.71 19.64
C ARG A 1008 4.53 -7.15 19.26
N LEU A 1009 4.63 -7.44 17.96
CA LEU A 1009 4.50 -8.80 17.49
C LEU A 1009 5.69 -9.63 17.95
N ASN A 1010 5.42 -10.86 18.40
CA ASN A 1010 6.41 -11.81 18.91
C ASN A 1010 7.20 -11.25 20.07
N GLU A 1011 6.59 -10.42 20.91
CA GLU A 1011 7.27 -9.83 22.05
C GLU A 1011 6.85 -10.55 23.34
N LYS A 1012 7.83 -10.87 24.17
CA LYS A 1012 7.59 -11.47 25.48
C LYS A 1012 7.79 -10.43 26.56
N ILE A 1013 6.80 -10.30 27.44
CA ILE A 1013 6.92 -9.45 28.62
C ILE A 1013 6.55 -10.27 29.85
N GLU A 1014 7.04 -9.82 31.00
CA GLU A 1014 6.72 -10.43 32.28
C GLU A 1014 6.12 -9.36 33.18
N VAL A 1015 4.92 -9.63 33.69
CA VAL A 1015 4.20 -8.70 34.54
C VAL A 1015 4.08 -9.34 35.91
N GLN A 1016 4.73 -8.73 36.90
CA GLN A 1016 4.61 -9.19 38.27
C GLN A 1016 3.37 -8.57 38.88
N ILE A 1017 2.31 -9.37 39.04
CA ILE A 1017 1.06 -8.86 39.60
C ILE A 1017 1.00 -9.02 41.11
N GLU A 1018 1.93 -9.75 41.70
CA GLU A 1018 1.90 -10.13 43.11
C GLU A 1018 3.26 -10.72 43.42
N LYS A 1019 3.63 -10.73 44.70
CA LYS A 1019 4.85 -11.39 45.14
C LYS A 1019 4.76 -12.89 44.87
N GLY A 1020 5.63 -13.38 43.99
CA GLY A 1020 5.62 -14.77 43.58
C GLY A 1020 4.69 -15.07 42.42
N LYS A 1021 3.99 -14.10 41.87
CA LYS A 1021 3.10 -14.28 40.73
C LYS A 1021 3.58 -13.39 39.60
N THR A 1022 4.05 -14.00 38.52
CA THR A 1022 4.53 -13.27 37.35
C THR A 1022 3.82 -13.80 36.11
N LEU A 1023 3.16 -12.89 35.39
CA LEU A 1023 2.41 -13.26 34.18
C LEU A 1023 3.35 -13.24 32.99
N SER A 1024 3.47 -14.38 32.31
CA SER A 1024 4.24 -14.48 31.07
C SER A 1024 3.28 -14.25 29.91
N ILE A 1025 3.45 -13.13 29.21
CA ILE A 1025 2.55 -12.72 28.14
C ILE A 1025 3.35 -12.56 26.85
N ARG A 1026 2.91 -13.24 25.79
CA ARG A 1026 3.52 -13.13 24.48
C ARG A 1026 2.42 -12.90 23.45
N LEU A 1027 2.61 -11.92 22.58
CA LEU A 1027 1.67 -11.63 21.50
C LEU A 1027 2.16 -12.34 20.25
N ASP A 1028 1.45 -13.40 19.86
CA ASP A 1028 1.89 -14.21 18.73
C ASP A 1028 1.36 -13.72 17.39
N GLU A 1029 0.13 -13.20 17.36
CA GLU A 1029 -0.47 -12.79 16.10
C GLU A 1029 -1.61 -11.82 16.38
N ILE A 1030 -1.73 -10.79 15.55
CA ILE A 1030 -2.84 -9.84 15.58
C ILE A 1030 -3.73 -10.13 14.38
N GLY A 1031 -4.98 -10.50 14.65
CA GLY A 1031 -5.89 -10.82 13.57
C GLY A 1031 -6.41 -9.60 12.85
N GLU A 1032 -6.85 -9.83 11.61
CA GLU A 1032 -7.46 -8.77 10.83
C GLU A 1032 -8.84 -8.43 11.41
N PRO A 1033 -9.27 -7.17 11.30
CA PRO A 1033 -10.59 -6.80 11.81
C PRO A 1033 -11.70 -7.44 11.01
N ASP A 1034 -12.76 -7.84 11.71
CA ASP A 1034 -13.89 -8.48 11.07
C ASP A 1034 -14.87 -7.41 10.57
N LEU A 1035 -16.07 -7.84 10.16
CA LEU A 1035 -17.06 -6.89 9.67
C LEU A 1035 -17.70 -6.08 10.79
N ALA A 1036 -17.58 -6.53 12.04
CA ALA A 1036 -18.06 -5.78 13.18
C ALA A 1036 -17.01 -4.86 13.78
N GLY A 1037 -15.81 -4.82 13.21
CA GLY A 1037 -14.75 -3.96 13.68
C GLY A 1037 -13.90 -4.51 14.80
N ASN A 1038 -14.09 -5.78 15.16
CA ASN A 1038 -13.32 -6.39 16.24
C ASN A 1038 -12.12 -7.14 15.69
N ARG A 1039 -11.04 -7.13 16.45
CA ARG A 1039 -9.83 -7.87 16.11
C ARG A 1039 -9.56 -8.92 17.18
N VAL A 1040 -9.02 -10.05 16.76
CA VAL A 1040 -8.65 -11.13 17.66
C VAL A 1040 -7.14 -11.12 17.82
N LEU A 1041 -6.67 -10.95 19.05
CA LEU A 1041 -5.24 -10.97 19.36
C LEU A 1041 -4.89 -12.32 19.94
N PHE A 1042 -3.90 -12.97 19.34
CA PHE A 1042 -3.51 -14.32 19.72
C PHE A 1042 -2.42 -14.20 20.78
N PHE A 1043 -2.83 -14.12 22.03
CA PHE A 1043 -1.91 -14.02 23.15
C PHE A 1043 -1.51 -15.40 23.64
N ASN A 1044 -0.31 -15.48 24.21
CA ASN A 1044 0.15 -16.69 24.90
C ASN A 1044 0.38 -16.30 26.35
N LEU A 1045 -0.64 -16.48 27.19
CA LEU A 1045 -0.58 -16.15 28.60
C LEU A 1045 -0.25 -17.40 29.40
N ASN A 1046 0.89 -17.37 30.09
CA ASN A 1046 1.35 -18.45 30.96
C ASN A 1046 1.49 -19.77 30.21
N GLY A 1047 1.99 -19.69 28.98
CA GLY A 1047 2.21 -20.85 28.15
C GLY A 1047 1.01 -21.27 27.32
N GLN A 1048 -0.19 -20.82 27.66
CA GLN A 1048 -1.42 -21.25 27.02
C GLN A 1048 -1.90 -20.20 26.03
N ARG A 1049 -2.40 -20.66 24.89
CA ARG A 1049 -3.00 -19.77 23.91
C ARG A 1049 -4.29 -19.19 24.46
N ARG A 1050 -4.46 -17.87 24.31
CA ARG A 1050 -5.69 -17.20 24.73
C ARG A 1050 -6.02 -16.13 23.71
N GLU A 1051 -7.19 -16.27 23.06
CA GLU A 1051 -7.64 -15.33 22.05
C GLU A 1051 -8.44 -14.23 22.72
N VAL A 1052 -8.01 -12.98 22.54
CA VAL A 1052 -8.66 -11.82 23.12
C VAL A 1052 -9.31 -11.02 22.00
N VAL A 1053 -10.58 -10.71 22.14
CA VAL A 1053 -11.33 -9.94 21.15
C VAL A 1053 -11.38 -8.49 21.60
N ILE A 1054 -10.84 -7.60 20.78
CA ILE A 1054 -10.81 -6.17 21.06
C ILE A 1054 -11.35 -5.42 19.85
N ASN A 1055 -12.07 -4.33 20.11
CA ASN A 1055 -12.69 -3.55 19.06
C ASN A 1055 -11.70 -2.52 18.54
N ASP A 1056 -11.47 -2.53 17.23
CA ASP A 1056 -10.67 -1.50 16.57
C ASP A 1056 -11.55 -0.27 16.38
N GLN A 1057 -11.20 0.83 17.04
CA GLN A 1057 -12.01 2.04 16.95
C GLN A 1057 -11.83 2.76 15.62
N SER A 1058 -10.72 2.54 14.92
CA SER A 1058 -10.56 3.09 13.59
C SER A 1058 -11.56 2.49 12.61
N VAL A 1059 -11.82 1.20 12.73
CA VAL A 1059 -12.81 0.52 11.91
C VAL A 1059 -14.18 0.68 12.54
N GLN A 1060 -15.22 0.76 11.70
CA GLN A 1060 -16.59 0.82 12.17
C GLN A 1060 -17.33 -0.43 11.71
N ALA A 1061 -18.37 -0.80 12.46
CA ALA A 1061 -19.14 -1.98 12.13
C ALA A 1061 -19.96 -1.75 10.87
N GLN A 1062 -19.91 -2.71 9.95
CA GLN A 1062 -20.58 -2.54 8.66
C GLN A 1062 -22.08 -2.80 8.81
N VAL A 1063 -22.44 -3.69 9.74
CA VAL A 1063 -23.82 -3.81 10.24
C VAL A 1063 -23.98 -2.89 11.43
N VAL A 1064 -24.95 -1.97 11.34
CA VAL A 1064 -25.37 -1.27 12.54
C VAL A 1064 -26.13 -2.24 13.43
N ALA A 1065 -25.69 -2.34 14.69
CA ALA A 1065 -26.26 -3.31 15.61
C ALA A 1065 -27.71 -2.97 15.91
N LYS A 1066 -28.48 -3.99 16.30
CA LYS A 1066 -29.91 -3.83 16.57
C LYS A 1066 -30.12 -2.85 17.70
N ARG A 1067 -31.14 -1.99 17.55
CA ARG A 1067 -31.35 -0.87 18.46
C ARG A 1067 -31.70 -1.36 19.86
N LYS A 1068 -30.74 -1.23 20.77
CA LYS A 1068 -30.91 -1.73 22.12
C LYS A 1068 -31.81 -0.81 22.93
N ALA A 1069 -32.29 -1.31 24.06
CA ALA A 1069 -32.97 -0.48 25.03
C ALA A 1069 -31.92 0.24 25.86
N GLU A 1070 -32.19 1.51 26.18
CA GLU A 1070 -31.26 2.28 26.99
C GLU A 1070 -31.23 1.73 28.42
N THR A 1071 -30.05 1.80 29.04
CA THR A 1071 -29.88 1.23 30.37
C THR A 1071 -30.59 2.09 31.40
N GLY A 1072 -31.39 1.44 32.24
CA GLY A 1072 -32.19 2.14 33.23
C GLY A 1072 -33.25 3.06 32.63
N ASN A 1073 -33.92 2.60 31.58
CA ASN A 1073 -34.88 3.43 30.86
C ASN A 1073 -36.28 2.84 30.97
N PRO A 1074 -37.12 3.35 31.88
CA PRO A 1074 -38.50 2.87 31.96
C PRO A 1074 -39.41 3.45 30.89
N ASN A 1075 -38.93 4.38 30.05
CA ASN A 1075 -39.76 4.89 28.97
C ASN A 1075 -39.95 3.86 27.87
N GLN A 1076 -38.88 3.13 27.52
CA GLN A 1076 -38.97 2.01 26.59
C GLN A 1076 -38.17 0.85 27.15
N ILE A 1077 -38.83 -0.28 27.37
CA ILE A 1077 -38.23 -1.46 27.96
C ILE A 1077 -38.38 -2.64 27.00
N GLY A 1078 -37.27 -3.28 26.68
CA GLY A 1078 -37.28 -4.49 25.89
C GLY A 1078 -37.02 -5.70 26.77
N ALA A 1079 -35.78 -6.22 26.72
CA ALA A 1079 -35.36 -7.29 27.62
C ALA A 1079 -33.87 -7.15 27.88
N THR A 1080 -33.49 -7.20 29.15
CA THR A 1080 -32.09 -7.32 29.55
C THR A 1080 -31.68 -8.77 29.75
N MET A 1081 -32.35 -9.70 29.08
CA MET A 1081 -32.17 -11.13 29.28
C MET A 1081 -32.01 -11.76 27.91
N PRO A 1082 -31.02 -12.65 27.72
CA PRO A 1082 -30.73 -13.18 26.39
C PRO A 1082 -31.51 -14.43 26.05
N GLY A 1083 -32.13 -14.42 24.87
CA GLY A 1083 -32.89 -15.56 24.40
C GLY A 1083 -33.28 -15.45 22.94
N SER A 1084 -34.41 -16.05 22.57
CA SER A 1084 -34.93 -15.95 21.21
C SER A 1084 -36.45 -16.07 21.26
N VAL A 1085 -37.13 -15.23 20.50
CA VAL A 1085 -38.59 -15.21 20.45
C VAL A 1085 -39.05 -16.22 19.40
N LEU A 1086 -39.99 -17.07 19.77
CA LEU A 1086 -40.49 -18.08 18.84
C LEU A 1086 -41.92 -17.81 18.36
N GLU A 1087 -42.61 -16.82 18.93
CA GLU A 1087 -43.92 -16.44 18.42
C GLU A 1087 -44.22 -15.00 18.80
N ILE A 1088 -44.74 -14.24 17.83
CA ILE A 1088 -45.20 -12.86 18.06
C ILE A 1088 -46.70 -12.93 18.30
N LEU A 1089 -47.09 -12.90 19.59
CA LEU A 1089 -48.50 -12.98 19.92
C LEU A 1089 -49.24 -11.69 19.60
N VAL A 1090 -48.66 -10.55 19.99
CA VAL A 1090 -49.36 -9.26 19.98
C VAL A 1090 -48.90 -8.44 18.79
N LYS A 1091 -49.86 -7.86 18.07
CA LYS A 1091 -49.60 -7.09 16.87
C LYS A 1091 -49.56 -5.61 17.19
N ALA A 1092 -49.45 -4.78 16.15
CA ALA A 1092 -49.36 -3.34 16.31
C ALA A 1092 -50.72 -2.76 16.67
N GLY A 1093 -50.71 -1.71 17.50
CA GLY A 1093 -51.92 -1.01 17.87
C GLY A 1093 -52.73 -1.70 18.96
N ASP A 1094 -52.12 -1.89 20.13
CA ASP A 1094 -52.77 -2.55 21.25
C ASP A 1094 -52.38 -1.83 22.53
N LYS A 1095 -53.27 -0.96 23.01
CA LYS A 1095 -53.05 -0.25 24.28
C LYS A 1095 -53.68 -1.07 25.40
N VAL A 1096 -52.83 -1.65 26.25
CA VAL A 1096 -53.26 -2.56 27.29
C VAL A 1096 -52.60 -2.17 28.61
N GLN A 1097 -52.88 -2.95 29.65
CA GLN A 1097 -52.37 -2.74 30.99
C GLN A 1097 -51.22 -3.72 31.27
N LYS A 1098 -50.73 -3.69 32.51
CA LYS A 1098 -49.65 -4.59 32.91
C LYS A 1098 -50.22 -5.84 33.57
N GLY A 1099 -49.47 -6.94 33.48
CA GLY A 1099 -49.83 -8.18 34.12
C GLY A 1099 -50.07 -9.37 33.20
N GLN A 1100 -49.96 -9.20 31.88
CA GLN A 1100 -50.19 -10.28 30.94
C GLN A 1100 -49.00 -10.38 30.00
N ALA A 1101 -48.75 -11.61 29.54
CA ALA A 1101 -47.60 -11.88 28.69
C ALA A 1101 -47.86 -11.37 27.27
N LEU A 1102 -46.88 -10.65 26.71
CA LEU A 1102 -46.96 -10.18 25.32
C LEU A 1102 -46.13 -11.10 24.43
N MET A 1103 -44.84 -11.26 24.75
CA MET A 1103 -43.91 -12.01 23.94
C MET A 1103 -43.57 -13.32 24.63
N VAL A 1104 -43.13 -14.30 23.84
CA VAL A 1104 -42.73 -15.60 24.34
C VAL A 1104 -41.29 -15.86 23.87
N THR A 1105 -40.44 -16.30 24.80
CA THR A 1105 -39.00 -16.36 24.55
C THR A 1105 -38.35 -17.40 25.45
N GLU A 1106 -37.64 -18.36 24.85
CA GLU A 1106 -37.04 -19.45 25.59
C GLU A 1106 -35.53 -19.47 25.36
N ALA A 1107 -34.81 -20.03 26.34
CA ALA A 1107 -33.37 -20.23 26.26
C ALA A 1107 -32.97 -21.30 27.28
N MET A 1108 -32.04 -22.17 26.86
CA MET A 1108 -31.57 -23.32 27.64
C MET A 1108 -32.73 -24.20 28.10
N LYS A 1109 -33.61 -24.56 27.14
CA LYS A 1109 -34.84 -25.33 27.31
C LYS A 1109 -35.84 -24.65 28.23
N MET A 1110 -35.57 -23.43 28.68
CA MET A 1110 -36.36 -22.76 29.70
C MET A 1110 -37.00 -21.52 29.09
N GLU A 1111 -38.31 -21.43 29.19
CA GLU A 1111 -39.06 -20.31 28.64
C GLU A 1111 -39.29 -19.27 29.74
N THR A 1112 -38.94 -18.02 29.44
CA THR A 1112 -39.19 -16.89 30.33
C THR A 1112 -39.90 -15.79 29.54
N THR A 1113 -41.22 -15.90 29.45
CA THR A 1113 -42.01 -14.92 28.72
C THR A 1113 -42.07 -13.61 29.48
N ILE A 1114 -42.09 -12.51 28.72
CA ILE A 1114 -42.11 -11.18 29.30
C ILE A 1114 -43.55 -10.71 29.40
N GLU A 1115 -43.89 -10.04 30.49
CA GLU A 1115 -45.17 -9.39 30.65
C GLU A 1115 -45.00 -7.89 30.38
N ALA A 1116 -46.05 -7.12 30.65
CA ALA A 1116 -45.95 -5.69 30.43
C ALA A 1116 -45.31 -5.00 31.62
N PRO A 1117 -44.14 -4.40 31.47
CA PRO A 1117 -43.53 -3.67 32.59
C PRO A 1117 -44.31 -2.43 32.99
N PHE A 1118 -44.95 -1.76 32.03
CA PHE A 1118 -45.78 -0.59 32.27
C PHE A 1118 -47.19 -0.87 31.75
N ASP A 1119 -48.03 0.17 31.78
CA ASP A 1119 -49.39 0.12 31.24
C ASP A 1119 -49.41 1.03 30.01
N GLY A 1120 -49.41 0.43 28.83
CA GLY A 1120 -49.42 1.24 27.62
C GLY A 1120 -49.69 0.51 26.33
N GLU A 1121 -49.09 1.01 25.25
CA GLU A 1121 -49.43 0.61 23.90
C GLU A 1121 -48.22 0.00 23.20
N ILE A 1122 -48.50 -0.89 22.24
CA ILE A 1122 -47.48 -1.42 21.34
C ILE A 1122 -47.33 -0.39 20.22
N VAL A 1123 -46.24 0.35 20.25
CA VAL A 1123 -46.05 1.43 19.29
C VAL A 1123 -45.39 0.92 18.02
N ASP A 1124 -44.28 0.19 18.16
CA ASP A 1124 -43.57 -0.36 17.01
C ASP A 1124 -42.83 -1.61 17.47
N LEU A 1125 -43.31 -2.78 17.05
CA LEU A 1125 -42.60 -4.01 17.34
C LEU A 1125 -41.31 -4.06 16.53
N HIS A 1126 -40.26 -4.62 17.14
CA HIS A 1126 -38.95 -4.65 16.53
C HIS A 1126 -38.49 -6.06 16.17
N VAL A 1127 -39.30 -7.09 16.46
CA VAL A 1127 -38.88 -8.46 16.28
C VAL A 1127 -39.97 -9.23 15.54
N VAL A 1128 -39.54 -10.28 14.85
CA VAL A 1128 -40.45 -11.17 14.13
C VAL A 1128 -40.32 -12.57 14.71
N LYS A 1129 -41.09 -13.51 14.18
CA LYS A 1129 -41.10 -14.87 14.70
C LYS A 1129 -39.80 -15.58 14.34
N GLY A 1130 -39.11 -16.13 15.34
CA GLY A 1130 -37.92 -16.91 15.13
C GLY A 1130 -36.62 -16.15 15.04
N GLU A 1131 -36.64 -14.82 15.11
CA GLU A 1131 -35.40 -14.06 15.01
C GLU A 1131 -34.63 -14.14 16.32
N ALA A 1132 -33.31 -14.00 16.21
CA ALA A 1132 -32.43 -14.16 17.36
C ALA A 1132 -32.34 -12.87 18.17
N ILE A 1133 -32.35 -13.01 19.50
CA ILE A 1133 -32.27 -11.89 20.42
C ILE A 1133 -30.98 -12.04 21.22
N GLN A 1134 -30.54 -10.93 21.81
CA GLN A 1134 -29.35 -10.89 22.63
C GLN A 1134 -29.68 -10.05 23.86
N THR A 1135 -28.86 -10.17 24.90
CA THR A 1135 -29.16 -9.47 26.13
C THR A 1135 -28.97 -7.96 25.95
N GLN A 1136 -29.70 -7.19 26.76
CA GLN A 1136 -29.68 -5.72 26.74
C GLN A 1136 -30.11 -5.21 25.36
N ASP A 1137 -31.31 -5.61 24.93
CA ASP A 1137 -31.88 -5.23 23.65
C ASP A 1137 -33.32 -4.77 23.81
N LEU A 1138 -33.74 -3.88 22.91
CA LEU A 1138 -35.14 -3.48 22.81
C LEU A 1138 -35.82 -4.31 21.73
N LEU A 1139 -37.01 -4.83 22.03
CA LEU A 1139 -37.72 -5.64 21.06
C LEU A 1139 -39.18 -5.20 20.89
N ILE A 1140 -39.77 -4.61 21.93
CA ILE A 1140 -41.16 -4.21 21.90
C ILE A 1140 -41.26 -2.80 22.49
N GLU A 1141 -42.04 -1.94 21.84
CA GLU A 1141 -42.19 -0.56 22.25
C GLU A 1141 -43.33 -0.42 23.24
N ILE A 1142 -43.13 0.46 24.22
CA ILE A 1142 -44.08 0.70 25.29
C ILE A 1142 -44.21 2.21 25.50
N ASN A 1143 -45.43 2.71 25.49
CA ASN A 1143 -45.69 4.13 25.75
C ASN A 1143 -46.99 4.31 26.51
N HIS B 6 26.51 60.45 -19.58
CA HIS B 6 25.85 60.77 -18.32
C HIS B 6 24.78 59.73 -17.98
N MET B 7 24.08 59.25 -19.01
CA MET B 7 23.04 58.25 -18.84
C MET B 7 23.63 56.86 -19.06
N LYS B 8 23.49 56.00 -18.05
CA LYS B 8 23.98 54.63 -18.14
C LYS B 8 23.00 53.58 -17.67
N LYS B 9 21.95 53.96 -16.94
CA LYS B 9 20.92 53.02 -16.47
C LYS B 9 19.56 53.65 -16.70
N LEU B 10 18.61 52.82 -17.16
CA LEU B 10 17.26 53.28 -17.45
C LEU B 10 16.24 52.34 -16.85
N LEU B 11 15.22 52.91 -16.23
CA LEU B 11 14.08 52.16 -15.73
C LEU B 11 12.92 52.31 -16.69
N VAL B 12 12.14 51.24 -16.85
CA VAL B 12 10.93 51.27 -17.68
C VAL B 12 9.73 51.18 -16.75
N ALA B 13 8.90 52.22 -16.75
CA ALA B 13 7.70 52.27 -15.93
C ALA B 13 6.50 51.75 -16.72
N ASN B 14 6.65 50.53 -17.22
CA ASN B 14 5.62 49.88 -18.02
C ASN B 14 5.79 48.37 -17.90
N ARG B 15 5.11 47.63 -18.78
CA ARG B 15 5.10 46.18 -18.71
C ARG B 15 4.90 45.62 -20.11
N GLY B 16 5.03 44.30 -20.21
CA GLY B 16 4.65 43.62 -21.43
C GLY B 16 5.61 43.86 -22.58
N GLU B 17 5.04 44.02 -23.77
CA GLU B 17 5.83 44.08 -25.00
C GLU B 17 6.65 45.36 -25.09
N ILE B 18 6.07 46.49 -24.71
CA ILE B 18 6.76 47.78 -24.84
C ILE B 18 7.96 47.85 -23.91
N ALA B 19 7.86 47.25 -22.72
CA ALA B 19 9.01 47.20 -21.82
C ALA B 19 10.16 46.41 -22.44
N VAL B 20 9.84 45.29 -23.09
CA VAL B 20 10.86 44.49 -23.77
C VAL B 20 11.46 45.28 -24.94
N ARG B 21 10.64 46.05 -25.64
CA ARG B 21 11.12 46.87 -26.75
C ARG B 21 12.12 47.92 -26.27
N VAL B 22 11.78 48.61 -25.18
CA VAL B 22 12.71 49.61 -24.63
C VAL B 22 13.96 48.93 -24.05
N PHE B 23 13.81 47.72 -23.49
CA PHE B 23 14.98 46.98 -23.00
C PHE B 23 15.93 46.63 -24.15
N ARG B 24 15.37 46.20 -25.28
CA ARG B 24 16.21 45.89 -26.45
C ARG B 24 16.90 47.14 -26.99
N ALA B 25 16.17 48.26 -27.04
CA ALA B 25 16.78 49.51 -27.49
C ALA B 25 17.89 49.98 -26.56
N CYS B 26 17.67 49.86 -25.25
CA CYS B 26 18.68 50.27 -24.28
C CYS B 26 19.90 49.35 -24.31
N ASN B 27 19.69 48.05 -24.50
CA ASN B 27 20.80 47.12 -24.62
C ASN B 27 21.60 47.38 -25.89
N GLU B 28 20.92 47.74 -26.98
CA GLU B 28 21.63 48.14 -28.19
C GLU B 28 22.38 49.46 -27.99
N LEU B 29 21.88 50.32 -27.12
CA LEU B 29 22.54 51.59 -26.81
C LEU B 29 23.55 51.48 -25.68
N GLY B 30 23.77 50.28 -25.15
CA GLY B 30 24.78 50.10 -24.11
C GLY B 30 24.38 50.55 -22.73
N LEU B 31 23.09 50.61 -22.43
CA LEU B 31 22.61 51.03 -21.13
C LEU B 31 22.08 49.84 -20.33
N SER B 32 22.26 49.90 -19.02
CA SER B 32 21.67 48.91 -18.14
C SER B 32 20.18 49.18 -17.99
N THR B 33 19.42 48.12 -17.72
CA THR B 33 17.97 48.18 -17.70
C THR B 33 17.43 47.77 -16.34
N VAL B 34 16.35 48.43 -15.93
CA VAL B 34 15.65 48.13 -14.68
C VAL B 34 14.18 47.93 -15.00
N ALA B 35 13.61 46.81 -14.57
CA ALA B 35 12.21 46.49 -14.77
C ALA B 35 11.43 46.65 -13.47
N VAL B 36 10.15 46.95 -13.61
CA VAL B 36 9.23 46.95 -12.47
C VAL B 36 8.07 46.03 -12.83
N TYR B 37 7.48 45.42 -11.79
CA TYR B 37 6.41 44.46 -12.02
C TYR B 37 5.56 44.36 -10.76
N ALA B 38 4.26 44.19 -10.96
CA ALA B 38 3.36 43.91 -9.85
C ALA B 38 3.44 42.44 -9.47
N ARG B 39 2.78 42.10 -8.36
CA ARG B 39 2.76 40.71 -7.90
C ARG B 39 2.02 39.82 -8.88
N GLU B 40 0.93 40.33 -9.45
CA GLU B 40 0.15 39.55 -10.42
C GLU B 40 0.81 39.48 -11.79
N ASP B 41 1.84 40.29 -12.04
CA ASP B 41 2.63 40.20 -13.26
C ASP B 41 3.98 39.54 -13.02
N GLU B 42 4.07 38.65 -12.04
CA GLU B 42 5.33 38.04 -11.67
C GLU B 42 5.86 37.08 -12.73
N TYR B 43 5.01 36.62 -13.65
CA TYR B 43 5.45 35.73 -14.72
C TYR B 43 5.55 36.43 -16.06
N SER B 44 5.49 37.76 -16.07
CA SER B 44 5.64 38.52 -17.30
C SER B 44 7.06 38.40 -17.83
N VAL B 45 7.18 38.41 -19.16
CA VAL B 45 8.48 38.22 -19.81
C VAL B 45 9.41 39.39 -19.53
N HIS B 46 8.86 40.60 -19.48
CA HIS B 46 9.66 41.81 -19.29
C HIS B 46 10.36 41.86 -17.94
N ARG B 47 9.88 41.12 -16.95
CA ARG B 47 10.56 41.08 -15.66
C ARG B 47 11.93 40.44 -15.78
N PHE B 48 12.04 39.36 -16.54
CA PHE B 48 13.28 38.61 -16.66
C PHE B 48 14.11 39.04 -17.86
N LYS B 49 13.67 40.03 -18.63
CA LYS B 49 14.43 40.55 -19.75
C LYS B 49 15.35 41.71 -19.36
N ALA B 50 15.30 42.17 -18.12
CA ALA B 50 16.10 43.29 -17.67
C ALA B 50 17.16 42.82 -16.68
N ASP B 51 18.16 43.68 -16.47
CA ASP B 51 19.24 43.37 -15.54
C ASP B 51 18.74 43.37 -14.10
N GLU B 52 17.84 44.28 -13.76
CA GLU B 52 17.28 44.37 -12.42
C GLU B 52 15.76 44.45 -12.51
N SER B 53 15.09 43.76 -11.60
CA SER B 53 13.64 43.76 -11.52
C SER B 53 13.21 43.95 -10.07
N TYR B 54 12.19 44.78 -9.85
CA TYR B 54 11.75 45.11 -8.50
C TYR B 54 10.24 45.08 -8.43
N LEU B 55 9.71 44.57 -7.32
CA LEU B 55 8.28 44.56 -7.08
C LEU B 55 7.79 45.97 -6.75
N ILE B 56 6.68 46.37 -7.35
CA ILE B 56 6.09 47.68 -7.13
C ILE B 56 4.62 47.52 -6.78
N GLY B 57 4.11 48.47 -5.99
CA GLY B 57 2.71 48.52 -5.65
C GLY B 57 2.20 47.33 -4.85
N GLN B 58 2.94 46.95 -3.81
CA GLN B 58 2.58 45.79 -3.00
C GLN B 58 1.27 46.04 -2.26
N GLY B 59 0.34 45.11 -2.39
CA GLY B 59 -0.96 45.21 -1.75
C GLY B 59 -2.03 45.89 -2.58
N LYS B 60 -1.69 46.46 -3.72
CA LYS B 60 -2.65 47.16 -4.56
C LYS B 60 -3.17 46.22 -5.66
N LYS B 61 -4.21 46.67 -6.33
CA LYS B 61 -4.64 46.01 -7.57
C LYS B 61 -3.57 46.20 -8.64
N PRO B 62 -3.35 45.20 -9.50
CA PRO B 62 -2.22 45.31 -10.44
C PRO B 62 -2.52 46.14 -11.68
N ILE B 63 -3.18 47.28 -11.49
CA ILE B 63 -3.22 48.32 -12.50
C ILE B 63 -2.79 49.60 -11.81
N ASP B 64 -3.09 49.68 -10.51
CA ASP B 64 -2.65 50.82 -9.72
C ASP B 64 -1.18 50.72 -9.34
N ALA B 65 -0.64 49.49 -9.35
CA ALA B 65 0.79 49.32 -9.07
C ALA B 65 1.64 49.95 -10.16
N TYR B 66 1.25 49.79 -11.42
CA TYR B 66 1.95 50.45 -12.51
C TYR B 66 1.62 51.93 -12.60
N LEU B 67 0.51 52.37 -11.98
CA LEU B 67 0.19 53.78 -11.87
C LEU B 67 0.70 54.39 -10.58
N ASP B 68 1.38 53.62 -9.73
CA ASP B 68 1.94 54.13 -8.48
C ASP B 68 3.18 54.94 -8.80
N ILE B 69 3.03 56.26 -8.80
CA ILE B 69 4.13 57.15 -9.18
C ILE B 69 5.25 57.10 -8.15
N ASP B 70 4.87 57.14 -6.86
CA ASP B 70 5.86 57.20 -5.78
C ASP B 70 6.69 55.92 -5.70
N ASP B 71 6.05 54.76 -5.90
CA ASP B 71 6.78 53.49 -5.84
C ASP B 71 7.76 53.38 -7.00
N ILE B 72 7.35 53.80 -8.20
CA ILE B 72 8.23 53.77 -9.36
C ILE B 72 9.41 54.73 -9.17
N ILE B 73 9.14 55.92 -8.62
CA ILE B 73 10.19 56.88 -8.32
C ILE B 73 11.17 56.32 -7.31
N ARG B 74 10.65 55.69 -6.25
CA ARG B 74 11.50 55.10 -5.21
C ARG B 74 12.36 53.99 -5.77
N VAL B 75 11.79 53.13 -6.62
CA VAL B 75 12.55 52.04 -7.21
C VAL B 75 13.64 52.57 -8.14
N ALA B 76 13.32 53.61 -8.91
CA ALA B 76 14.31 54.22 -9.79
C ALA B 76 15.45 54.87 -9.00
N LEU B 77 15.13 55.47 -7.85
CA LEU B 77 16.18 56.06 -7.03
C LEU B 77 17.03 54.99 -6.34
N GLU B 78 16.39 53.91 -5.87
CA GLU B 78 17.12 52.87 -5.16
C GLU B 78 18.01 52.06 -6.10
N SER B 79 17.55 51.84 -7.33
CA SER B 79 18.35 51.09 -8.31
C SER B 79 19.40 51.95 -9.00
N GLY B 80 19.40 53.25 -8.75
CA GLY B 80 20.34 54.14 -9.42
C GLY B 80 20.09 54.30 -10.90
N ALA B 81 18.83 54.34 -11.32
CA ALA B 81 18.50 54.53 -12.72
C ALA B 81 18.56 56.01 -13.08
N ASP B 82 19.32 56.33 -14.12
CA ASP B 82 19.45 57.73 -14.53
C ASP B 82 18.17 58.26 -15.17
N ALA B 83 17.43 57.42 -15.88
CA ALA B 83 16.27 57.87 -16.64
C ALA B 83 15.10 56.92 -16.44
N ILE B 84 13.93 57.39 -16.84
CA ILE B 84 12.69 56.62 -16.78
C ILE B 84 11.99 56.72 -18.12
N HIS B 85 11.67 55.56 -18.71
CA HIS B 85 10.87 55.50 -19.93
C HIS B 85 9.50 54.92 -19.60
N PRO B 86 8.41 55.66 -19.84
CA PRO B 86 7.09 55.16 -19.47
C PRO B 86 6.39 54.31 -20.52
N GLY B 87 6.93 54.21 -21.73
CA GLY B 87 6.28 53.41 -22.77
C GLY B 87 5.04 54.11 -23.29
N TYR B 88 3.98 53.32 -23.52
CA TYR B 88 2.68 53.86 -23.85
C TYR B 88 1.66 53.32 -22.87
N GLY B 89 0.62 54.12 -22.62
CA GLY B 89 -0.35 53.79 -21.59
C GLY B 89 0.23 54.02 -20.21
N LEU B 90 -0.63 53.75 -19.21
CA LEU B 90 -0.30 53.88 -17.78
C LEU B 90 0.10 55.32 -17.52
N LEU B 91 1.35 55.61 -17.14
CA LEU B 91 1.80 56.95 -16.83
C LEU B 91 2.55 57.62 -17.97
N SER B 92 2.34 57.17 -19.22
CA SER B 92 3.07 57.74 -20.34
C SER B 92 2.68 59.19 -20.59
N GLU B 93 1.38 59.50 -20.51
CA GLU B 93 0.90 60.86 -20.70
C GLU B 93 0.51 61.52 -19.38
N ASN B 94 0.87 60.93 -18.25
CA ASN B 94 0.55 61.49 -16.94
C ASN B 94 1.54 62.61 -16.63
N LEU B 95 1.00 63.82 -16.45
CA LEU B 95 1.88 64.98 -16.20
C LEU B 95 2.47 64.93 -14.80
N GLU B 96 1.73 64.42 -13.82
CA GLU B 96 2.24 64.36 -12.45
C GLU B 96 3.45 63.44 -12.36
N PHE B 97 3.42 62.33 -13.10
CA PHE B 97 4.57 61.44 -13.17
C PHE B 97 5.78 62.14 -13.78
N ALA B 98 5.56 62.93 -14.83
CA ALA B 98 6.65 63.67 -15.45
C ALA B 98 7.22 64.72 -14.51
N THR B 99 6.36 65.42 -13.77
CA THR B 99 6.82 66.41 -12.80
C THR B 99 7.68 65.76 -11.72
N LYS B 100 7.22 64.62 -11.19
CA LYS B 100 7.99 63.97 -10.13
C LYS B 100 9.28 63.35 -10.65
N VAL B 101 9.28 62.84 -11.88
CA VAL B 101 10.49 62.28 -12.46
C VAL B 101 11.54 63.37 -12.69
N ARG B 102 11.12 64.50 -13.26
CA ARG B 102 12.08 65.57 -13.52
C ARG B 102 12.48 66.29 -12.24
N ALA B 103 11.61 66.31 -11.23
CA ALA B 103 11.96 66.95 -9.96
C ALA B 103 12.89 66.07 -9.14
N ALA B 104 12.79 64.74 -9.27
CA ALA B 104 13.67 63.85 -8.53
C ALA B 104 15.09 63.82 -9.08
N GLY B 105 15.34 64.43 -10.23
CA GLY B 105 16.64 64.39 -10.86
C GLY B 105 16.80 63.34 -11.93
N LEU B 106 15.73 62.68 -12.33
CA LEU B 106 15.77 61.62 -13.33
C LEU B 106 15.31 62.15 -14.68
N VAL B 107 15.98 61.70 -15.74
CA VAL B 107 15.60 62.10 -17.09
C VAL B 107 14.30 61.41 -17.48
N PHE B 108 13.35 62.17 -17.99
CA PHE B 108 12.09 61.62 -18.47
C PHE B 108 12.17 61.44 -19.98
N VAL B 109 12.00 60.21 -20.44
CA VAL B 109 12.00 59.93 -21.87
C VAL B 109 10.63 60.29 -22.42
N GLY B 110 10.48 61.54 -22.86
CA GLY B 110 9.23 62.04 -23.35
C GLY B 110 9.35 63.50 -23.70
N PRO B 111 8.24 64.12 -24.11
CA PRO B 111 8.26 65.55 -24.42
C PRO B 111 8.27 66.37 -23.13
N GLU B 112 8.35 67.69 -23.31
CA GLU B 112 8.37 68.59 -22.17
C GLU B 112 7.01 68.62 -21.48
N LEU B 113 7.02 69.16 -20.26
CA LEU B 113 5.81 69.23 -19.45
C LEU B 113 4.77 70.17 -20.08
N HIS B 114 5.24 71.21 -20.78
CA HIS B 114 4.36 72.10 -21.52
C HIS B 114 3.62 71.33 -22.62
N HIS B 115 4.34 70.45 -23.33
CA HIS B 115 3.67 69.57 -24.29
C HIS B 115 2.70 68.63 -23.58
N LEU B 116 3.06 68.20 -22.37
CA LEU B 116 2.21 67.28 -21.62
C LEU B 116 0.85 67.90 -21.29
N ASP B 117 0.81 69.16 -20.83
CA ASP B 117 -0.54 69.67 -20.53
C ASP B 117 -1.22 70.26 -21.76
N ILE B 118 -0.47 70.67 -22.81
CA ILE B 118 -1.22 71.16 -23.97
C ILE B 118 -1.76 70.01 -24.79
N PHE B 119 -1.23 68.79 -24.62
CA PHE B 119 -1.76 67.64 -25.34
C PHE B 119 -2.41 66.61 -24.43
N GLY B 120 -2.51 66.89 -23.13
CA GLY B 120 -3.25 66.00 -22.24
C GLY B 120 -4.75 66.10 -22.38
N ASP B 121 -5.25 67.22 -22.91
CA ASP B 121 -6.66 67.40 -23.20
C ASP B 121 -6.81 67.94 -24.61
N LYS B 122 -7.92 67.58 -25.25
CA LYS B 122 -8.12 67.92 -26.65
C LYS B 122 -8.51 69.38 -26.88
N ILE B 123 -9.00 70.07 -25.85
CA ILE B 123 -9.37 71.48 -26.02
C ILE B 123 -8.14 72.34 -26.21
N LYS B 124 -7.12 72.16 -25.36
CA LYS B 124 -5.89 72.94 -25.52
C LYS B 124 -5.09 72.46 -26.73
N ALA B 125 -5.20 71.17 -27.08
CA ALA B 125 -4.57 70.67 -28.29
C ALA B 125 -5.19 71.31 -29.53
N LYS B 126 -6.52 71.42 -29.57
CA LYS B 126 -7.19 72.11 -30.67
C LYS B 126 -6.86 73.59 -30.70
N ALA B 127 -6.70 74.20 -29.52
CA ALA B 127 -6.28 75.60 -29.46
C ALA B 127 -4.90 75.79 -30.07
N ALA B 128 -3.95 74.92 -29.71
CA ALA B 128 -2.61 75.00 -30.28
C ALA B 128 -2.63 74.70 -31.77
N ALA B 129 -3.53 73.81 -32.21
CA ALA B 129 -3.66 73.50 -33.63
C ALA B 129 -4.18 74.70 -34.41
N ASP B 130 -5.16 75.42 -33.88
CA ASP B 130 -5.68 76.56 -34.63
C ASP B 130 -4.73 77.75 -34.59
N GLU B 131 -3.99 77.93 -33.49
CA GLU B 131 -3.00 79.00 -33.51
C GLU B 131 -1.72 78.58 -34.22
N ALA B 132 -1.59 77.32 -34.60
CA ALA B 132 -0.52 76.85 -35.49
C ALA B 132 -0.95 76.83 -36.95
N LYS B 133 -2.15 77.34 -37.25
CA LYS B 133 -2.74 77.38 -38.59
C LYS B 133 -2.86 75.99 -39.21
N VAL B 134 -3.08 74.98 -38.38
CA VAL B 134 -3.36 73.63 -38.86
C VAL B 134 -4.87 73.49 -38.98
N PRO B 135 -5.39 73.06 -40.14
CA PRO B 135 -6.85 72.96 -40.32
C PRO B 135 -7.46 71.89 -39.43
N GLY B 136 -8.21 72.32 -38.42
CA GLY B 136 -8.85 71.42 -37.50
C GLY B 136 -10.25 71.05 -37.96
N ILE B 137 -10.96 70.37 -37.07
CA ILE B 137 -12.34 69.96 -37.30
C ILE B 137 -13.26 71.00 -36.67
N PRO B 138 -14.25 71.53 -37.38
CA PRO B 138 -15.20 72.47 -36.76
C PRO B 138 -15.96 71.83 -35.61
N GLY B 139 -16.18 72.62 -34.57
CA GLY B 139 -16.82 72.12 -33.37
C GLY B 139 -16.92 73.22 -32.33
N THR B 140 -17.43 72.84 -31.17
CA THR B 140 -17.53 73.78 -30.06
C THR B 140 -16.15 74.16 -29.53
N ASN B 141 -16.03 75.38 -29.04
CA ASN B 141 -14.78 75.91 -28.52
C ASN B 141 -14.77 75.77 -27.01
N GLY B 142 -13.92 74.87 -26.51
CA GLY B 142 -13.74 74.74 -25.08
C GLY B 142 -14.88 74.00 -24.40
N ALA B 143 -14.98 74.24 -23.09
CA ALA B 143 -15.94 73.55 -22.24
C ALA B 143 -17.35 74.06 -22.52
N VAL B 144 -18.17 73.23 -23.17
CA VAL B 144 -19.58 73.53 -23.36
C VAL B 144 -20.41 72.53 -22.57
N ASP B 145 -21.59 72.95 -22.15
CA ASP B 145 -22.51 72.11 -21.40
C ASP B 145 -23.50 71.45 -22.34
N ILE B 146 -24.56 70.88 -21.76
CA ILE B 146 -25.58 70.18 -22.54
C ILE B 146 -26.33 71.17 -23.44
N ASP B 147 -26.62 72.36 -22.93
CA ASP B 147 -27.28 73.37 -23.74
C ASP B 147 -26.38 73.85 -24.88
N GLY B 148 -25.08 73.97 -24.62
CA GLY B 148 -24.15 74.28 -25.69
C GLY B 148 -24.06 73.17 -26.72
N ALA B 149 -24.17 71.92 -26.28
CA ALA B 149 -24.21 70.79 -27.20
C ALA B 149 -25.43 70.87 -28.11
N LEU B 150 -26.60 71.18 -27.53
CA LEU B 150 -27.80 71.35 -28.33
C LEU B 150 -27.70 72.54 -29.27
N GLU B 151 -27.05 73.61 -28.80
CA GLU B 151 -26.86 74.82 -29.61
C GLU B 151 -26.02 74.51 -30.85
N PHE B 152 -24.88 73.83 -30.65
CA PHE B 152 -24.02 73.43 -31.76
C PHE B 152 -24.71 72.43 -32.67
N ALA B 153 -25.54 71.54 -32.11
CA ALA B 153 -26.29 70.60 -32.93
C ALA B 153 -27.34 71.31 -33.78
N LYS B 154 -27.89 72.42 -33.26
CA LYS B 154 -28.89 73.15 -34.02
C LYS B 154 -28.28 73.95 -35.16
N THR B 155 -27.33 74.85 -34.86
CA THR B 155 -26.83 75.74 -35.91
C THR B 155 -25.95 75.02 -36.91
N TYR B 156 -25.01 74.20 -36.45
CA TYR B 156 -24.10 73.54 -37.37
C TYR B 156 -24.71 72.31 -38.03
N GLY B 157 -25.81 71.80 -37.51
CA GLY B 157 -26.51 70.70 -38.14
C GLY B 157 -26.18 69.35 -37.54
N TYR B 158 -26.46 68.32 -38.32
CA TYR B 158 -26.29 66.93 -37.93
C TYR B 158 -25.53 66.19 -39.03
N PRO B 159 -24.79 65.11 -38.68
CA PRO B 159 -24.59 64.49 -37.37
C PRO B 159 -23.43 65.08 -36.56
N VAL B 160 -23.48 64.92 -35.24
CA VAL B 160 -22.42 65.40 -34.35
C VAL B 160 -21.85 64.21 -33.59
N MET B 161 -20.70 64.44 -32.97
CA MET B 161 -20.00 63.42 -32.20
C MET B 161 -19.68 63.97 -30.81
N ILE B 162 -20.06 63.22 -29.78
CA ILE B 162 -19.77 63.58 -28.40
C ILE B 162 -18.40 63.06 -28.03
N LYS B 163 -17.53 63.93 -27.53
CA LYS B 163 -16.16 63.57 -27.16
C LYS B 163 -15.75 64.32 -25.90
N ALA B 164 -15.24 63.60 -24.92
CA ALA B 164 -14.68 64.22 -23.73
C ALA B 164 -13.25 64.69 -24.00
N ALA B 165 -12.77 65.59 -23.14
CA ALA B 165 -11.43 66.12 -23.31
C ALA B 165 -10.36 65.11 -22.89
N LEU B 166 -10.61 64.37 -21.82
CA LEU B 166 -9.61 63.48 -21.25
C LEU B 166 -9.88 62.04 -21.68
N GLY B 167 -8.89 61.43 -22.33
CA GLY B 167 -8.98 60.03 -22.68
C GLY B 167 -9.58 59.83 -24.06
N GLY B 168 -10.50 58.88 -24.17
CA GLY B 168 -11.12 58.49 -25.42
C GLY B 168 -11.06 57.00 -25.59
N GLY B 169 -11.10 56.55 -26.85
CA GLY B 169 -11.02 55.13 -27.15
C GLY B 169 -12.18 54.33 -26.61
N GLY B 170 -13.40 54.84 -26.79
CA GLY B 170 -14.57 54.25 -26.20
C GLY B 170 -14.88 54.75 -24.80
N ARG B 171 -14.02 55.58 -24.21
CA ARG B 171 -14.28 56.19 -22.91
C ARG B 171 -14.72 57.62 -23.15
N GLY B 172 -16.01 57.89 -22.93
CA GLY B 172 -16.56 59.22 -23.15
C GLY B 172 -16.57 59.65 -24.60
N MET B 173 -16.91 58.74 -25.52
CA MET B 173 -16.99 59.07 -26.95
C MET B 173 -18.24 58.39 -27.51
N ARG B 174 -19.32 59.15 -27.62
CA ARG B 174 -20.59 58.66 -28.13
C ARG B 174 -20.94 59.41 -29.41
N VAL B 175 -22.07 59.05 -30.01
CA VAL B 175 -22.49 59.63 -31.28
C VAL B 175 -23.93 60.13 -31.12
N ALA B 176 -24.31 61.03 -32.03
CA ALA B 176 -25.66 61.61 -31.99
C ALA B 176 -26.07 61.93 -33.43
N ARG B 177 -27.13 61.27 -33.89
CA ARG B 177 -27.65 61.48 -35.24
C ARG B 177 -29.10 61.94 -35.25
N ASN B 178 -29.79 61.84 -34.10
CA ASN B 178 -31.19 62.24 -33.99
C ASN B 178 -31.40 62.96 -32.66
N ASP B 179 -32.52 63.69 -32.58
CA ASP B 179 -32.78 64.53 -31.42
C ASP B 179 -33.06 63.68 -30.19
N ALA B 180 -32.83 64.27 -29.01
CA ALA B 180 -32.92 63.66 -27.69
C ALA B 180 -31.96 62.49 -27.50
N GLU B 181 -30.90 62.41 -28.31
CA GLU B 181 -29.84 61.44 -28.12
C GLU B 181 -28.65 62.08 -27.40
N MET B 182 -28.45 63.38 -27.63
CA MET B 182 -27.30 64.08 -27.06
C MET B 182 -27.39 64.19 -25.54
N HIS B 183 -28.61 64.22 -24.99
CA HIS B 183 -28.75 64.31 -23.53
C HIS B 183 -28.20 63.09 -22.83
N ASP B 184 -28.65 61.89 -23.24
CA ASP B 184 -28.14 60.69 -22.61
C ASP B 184 -26.71 60.37 -23.04
N GLY B 185 -26.31 60.78 -24.25
CA GLY B 185 -24.91 60.67 -24.62
C GLY B 185 -24.01 61.53 -23.75
N TYR B 186 -24.45 62.75 -23.45
CA TYR B 186 -23.73 63.63 -22.54
C TYR B 186 -23.66 63.04 -21.14
N ALA B 187 -24.77 62.47 -20.66
CA ALA B 187 -24.79 61.87 -19.33
C ALA B 187 -23.83 60.68 -19.26
N ARG B 188 -23.82 59.82 -20.30
CA ARG B 188 -22.94 58.67 -20.31
C ARG B 188 -21.48 59.09 -20.41
N ALA B 189 -21.18 60.08 -21.27
CA ALA B 189 -19.81 60.55 -21.40
C ALA B 189 -19.30 61.20 -20.12
N LYS B 190 -20.14 61.99 -19.46
CA LYS B 190 -19.75 62.61 -18.21
C LYS B 190 -19.57 61.57 -17.10
N SER B 191 -20.42 60.53 -17.09
CA SER B 191 -20.26 59.47 -16.11
C SER B 191 -18.98 58.69 -16.33
N GLU B 192 -18.63 58.42 -17.59
CA GLU B 192 -17.38 57.73 -17.88
C GLU B 192 -16.17 58.61 -17.57
N ALA B 193 -16.33 59.93 -17.72
CA ALA B 193 -15.23 60.84 -17.39
C ALA B 193 -15.02 60.90 -15.87
N ILE B 194 -16.09 61.01 -15.11
CA ILE B 194 -15.95 61.10 -13.65
C ILE B 194 -15.61 59.75 -13.06
N GLY B 195 -15.85 58.67 -13.80
CA GLY B 195 -15.38 57.37 -13.34
C GLY B 195 -13.86 57.26 -13.33
N ALA B 196 -13.20 57.89 -14.31
CA ALA B 196 -11.77 57.76 -14.48
C ALA B 196 -10.99 58.97 -13.97
N PHE B 197 -11.25 60.16 -14.48
CA PHE B 197 -10.43 61.33 -14.20
C PHE B 197 -11.19 62.44 -13.47
N GLY B 198 -12.36 62.15 -12.92
CA GLY B 198 -13.17 63.19 -12.32
C GLY B 198 -13.88 64.01 -13.37
N SER B 199 -14.31 65.21 -12.96
CA SER B 199 -15.11 66.07 -13.82
C SER B 199 -14.30 66.53 -15.03
N GLY B 200 -14.65 66.01 -16.21
CA GLY B 200 -13.98 66.35 -17.44
C GLY B 200 -14.90 66.96 -18.46
N GLU B 201 -14.51 68.09 -19.01
CA GLU B 201 -15.34 68.79 -19.99
C GLU B 201 -15.41 68.02 -21.30
N ILE B 202 -16.54 68.14 -21.98
CA ILE B 202 -16.73 67.54 -23.29
C ILE B 202 -16.85 68.64 -24.33
N TYR B 203 -16.32 68.37 -25.52
CA TYR B 203 -16.46 69.25 -26.67
C TYR B 203 -17.15 68.47 -27.78
N VAL B 204 -18.19 69.04 -28.36
CA VAL B 204 -18.98 68.35 -29.37
C VAL B 204 -18.37 68.61 -30.73
N GLU B 205 -18.19 67.54 -31.49
CA GLU B 205 -17.47 67.58 -32.76
C GLU B 205 -18.44 67.35 -33.91
N LYS B 206 -18.18 68.02 -35.04
CA LYS B 206 -18.91 67.77 -36.26
C LYS B 206 -18.49 66.41 -36.82
N TYR B 207 -19.39 65.43 -36.74
CA TYR B 207 -19.04 64.07 -37.12
C TYR B 207 -18.86 63.99 -38.64
N ILE B 208 -17.99 63.09 -39.07
CA ILE B 208 -17.63 62.93 -40.47
C ILE B 208 -18.09 61.57 -40.96
N GLU B 209 -18.78 61.56 -42.11
CA GLU B 209 -19.23 60.31 -42.72
C GLU B 209 -18.07 59.64 -43.44
N ASN B 210 -17.76 58.41 -43.02
CA ASN B 210 -16.70 57.59 -43.57
C ASN B 210 -15.33 58.29 -43.62
N PRO B 211 -14.72 58.59 -42.47
CA PRO B 211 -13.40 59.23 -42.50
C PRO B 211 -12.27 58.21 -42.51
N LYS B 212 -11.11 58.69 -42.98
CA LYS B 212 -9.88 57.92 -42.89
C LYS B 212 -9.00 58.48 -41.78
N HIS B 213 -8.49 57.59 -40.94
CA HIS B 213 -7.67 57.96 -39.80
C HIS B 213 -6.20 57.89 -40.21
N ILE B 214 -5.51 59.02 -40.16
CA ILE B 214 -4.10 59.12 -40.53
C ILE B 214 -3.32 59.62 -39.34
N GLU B 215 -2.28 58.86 -38.96
CA GLU B 215 -1.36 59.25 -37.91
C GLU B 215 -0.03 59.64 -38.52
N VAL B 216 0.54 60.75 -38.04
CA VAL B 216 1.85 61.22 -38.47
C VAL B 216 2.81 61.11 -37.30
N GLN B 217 3.92 60.41 -37.50
CA GLN B 217 4.91 60.22 -36.45
C GLN B 217 5.93 61.35 -36.53
N ILE B 218 6.21 61.96 -35.37
CA ILE B 218 7.05 63.16 -35.29
C ILE B 218 8.22 62.87 -34.36
N LEU B 219 9.43 63.19 -34.82
CA LEU B 219 10.65 63.06 -34.04
C LEU B 219 11.31 64.43 -33.96
N GLY B 220 11.48 64.93 -32.74
CA GLY B 220 12.10 66.23 -32.53
C GLY B 220 13.04 66.20 -31.32
N ASP B 221 14.14 66.93 -31.43
CA ASP B 221 15.14 66.99 -30.37
C ASP B 221 15.10 68.35 -29.66
N ARG B 222 15.99 68.49 -28.66
CA ARG B 222 16.03 69.72 -27.88
C ARG B 222 16.70 70.85 -28.64
N HIS B 223 17.39 70.54 -29.74
CA HIS B 223 18.00 71.58 -30.56
C HIS B 223 17.02 72.26 -31.49
N GLY B 224 15.77 71.79 -31.54
CA GLY B 224 14.76 72.39 -32.40
C GLY B 224 14.58 71.72 -33.74
N ASN B 225 15.42 70.74 -34.08
CA ASN B 225 15.23 70.00 -35.33
C ASN B 225 14.04 69.06 -35.20
N ILE B 226 13.02 69.28 -36.01
CA ILE B 226 11.80 68.47 -35.97
C ILE B 226 11.61 67.85 -37.35
N ILE B 227 11.56 66.53 -37.40
CA ILE B 227 11.34 65.78 -38.64
C ILE B 227 10.19 64.82 -38.41
N HIS B 228 9.39 64.62 -39.46
CA HIS B 228 8.44 63.51 -39.49
C HIS B 228 9.13 62.34 -40.19
N LEU B 229 9.01 61.16 -39.60
CA LEU B 229 9.47 59.96 -40.31
C LEU B 229 8.60 59.76 -41.55
N HIS B 230 7.33 59.43 -41.33
CA HIS B 230 6.29 59.38 -42.36
C HIS B 230 4.95 59.26 -41.64
N GLU B 231 3.89 59.01 -42.41
CA GLU B 231 2.56 58.83 -41.86
C GLU B 231 2.15 57.37 -41.96
N ARG B 232 1.12 57.01 -41.18
CA ARG B 232 0.57 55.67 -41.20
C ARG B 232 -0.95 55.74 -41.13
N ASP B 233 -1.61 54.80 -41.78
CA ASP B 233 -3.06 54.77 -41.87
C ASP B 233 -3.60 53.77 -40.86
N CYS B 234 -4.42 54.26 -39.93
CA CYS B 234 -5.02 53.44 -38.88
C CYS B 234 -6.54 53.50 -38.96
N SER B 235 -7.08 53.54 -40.18
CA SER B 235 -8.52 53.68 -40.35
C SER B 235 -9.28 52.38 -40.09
N VAL B 236 -8.61 51.23 -40.13
CA VAL B 236 -9.29 49.97 -39.89
C VAL B 236 -9.61 49.88 -38.41
N GLN B 237 -10.87 50.14 -38.06
CA GLN B 237 -11.26 50.32 -36.67
C GLN B 237 -12.53 49.54 -36.38
N ARG B 238 -12.63 49.05 -35.15
CA ARG B 238 -13.82 48.34 -34.66
C ARG B 238 -14.27 49.03 -33.38
N ARG B 239 -15.50 49.56 -33.40
CA ARG B 239 -16.03 50.41 -32.32
C ARG B 239 -15.09 51.55 -32.00
N ASN B 240 -14.52 52.15 -33.05
CA ASN B 240 -13.55 53.24 -32.99
C ASN B 240 -12.28 52.84 -32.22
N GLN B 241 -11.91 51.57 -32.27
CA GLN B 241 -10.65 51.07 -31.74
C GLN B 241 -9.87 50.42 -32.88
N LYS B 242 -8.61 50.81 -33.03
CA LYS B 242 -7.81 50.32 -34.13
C LYS B 242 -7.43 48.86 -33.94
N VAL B 243 -7.53 48.07 -35.01
CA VAL B 243 -7.17 46.66 -34.99
C VAL B 243 -6.02 46.34 -35.93
N ILE B 244 -5.99 46.94 -37.12
CA ILE B 244 -4.93 46.74 -38.09
C ILE B 244 -4.47 48.10 -38.57
N GLU B 245 -3.17 48.36 -38.48
CA GLU B 245 -2.57 49.61 -38.94
C GLU B 245 -1.62 49.32 -40.10
N ILE B 246 -1.66 50.18 -41.12
CA ILE B 246 -0.78 50.04 -42.27
C ILE B 246 0.04 51.32 -42.41
N ALA B 247 1.17 51.20 -43.10
CA ALA B 247 2.07 52.31 -43.30
C ALA B 247 2.86 52.02 -44.57
N PRO B 248 2.92 52.96 -45.52
CA PRO B 248 2.24 54.27 -45.53
C PRO B 248 0.80 54.16 -45.97
N ALA B 249 0.07 55.27 -46.07
CA ALA B 249 -1.31 55.22 -46.51
C ALA B 249 -1.37 54.99 -48.02
N VAL B 250 -1.43 53.73 -48.43
CA VAL B 250 -1.37 53.38 -49.84
C VAL B 250 -2.62 53.83 -50.60
N GLY B 251 -3.73 54.09 -49.89
CA GLY B 251 -4.91 54.60 -50.53
C GLY B 251 -4.94 56.09 -50.76
N LEU B 252 -3.89 56.80 -50.39
CA LEU B 252 -3.79 58.24 -50.57
C LEU B 252 -2.65 58.58 -51.52
N SER B 253 -2.83 59.66 -52.27
CA SER B 253 -1.81 60.11 -53.19
C SER B 253 -0.59 60.64 -52.41
N PRO B 254 0.63 60.45 -52.95
CA PRO B 254 1.83 60.86 -52.20
C PRO B 254 1.92 62.34 -51.87
N ASP B 255 1.42 63.21 -52.75
CA ASP B 255 1.50 64.65 -52.48
C ASP B 255 0.57 65.04 -51.33
N PHE B 256 -0.61 64.41 -51.25
CA PHE B 256 -1.51 64.67 -50.14
C PHE B 256 -0.91 64.20 -48.82
N ARG B 257 -0.27 63.04 -48.81
CA ARG B 257 0.37 62.54 -47.61
C ARG B 257 1.53 63.43 -47.19
N ASN B 258 2.29 63.94 -48.17
CA ASN B 258 3.36 64.89 -47.89
C ASN B 258 2.81 66.17 -47.29
N GLU B 259 1.66 66.64 -47.79
CA GLU B 259 1.04 67.84 -47.25
C GLU B 259 0.56 67.63 -45.82
N ILE B 260 -0.02 66.45 -45.52
CA ILE B 260 -0.44 66.14 -44.16
C ILE B 260 0.76 66.08 -43.22
N CYS B 261 1.84 65.44 -43.66
CA CYS B 261 3.05 65.35 -42.87
C CYS B 261 3.66 66.72 -42.62
N GLU B 262 3.64 67.60 -43.63
CA GLU B 262 4.15 68.96 -43.45
C GLU B 262 3.29 69.77 -42.50
N ALA B 263 1.97 69.55 -42.52
CA ALA B 263 1.09 70.21 -41.56
C ALA B 263 1.40 69.77 -40.13
N ALA B 264 1.60 68.46 -39.93
CA ALA B 264 1.97 67.97 -38.60
C ALA B 264 3.33 68.49 -38.17
N VAL B 265 4.27 68.59 -39.12
CA VAL B 265 5.59 69.15 -38.83
C VAL B 265 5.47 70.61 -38.41
N LYS B 266 4.64 71.38 -39.10
CA LYS B 266 4.50 72.79 -38.76
C LYS B 266 3.81 72.97 -37.40
N LEU B 267 2.89 72.07 -37.06
CA LEU B 267 2.26 72.14 -35.74
C LEU B 267 3.27 71.84 -34.64
N CYS B 268 4.03 70.75 -34.81
CA CYS B 268 5.00 70.38 -33.78
C CYS B 268 6.14 71.40 -33.69
N LYS B 269 6.49 72.02 -34.81
CA LYS B 269 7.47 73.10 -34.79
C LYS B 269 6.92 74.32 -34.08
N ASN B 270 5.62 74.59 -34.23
CA ASN B 270 5.00 75.71 -33.53
C ASN B 270 5.02 75.50 -32.02
N VAL B 271 4.70 74.29 -31.56
CA VAL B 271 4.70 74.05 -30.12
C VAL B 271 6.09 73.73 -29.59
N GLY B 272 7.12 73.70 -30.45
CA GLY B 272 8.47 73.40 -30.02
C GLY B 272 8.64 72.00 -29.49
N TYR B 273 8.09 71.01 -30.20
CA TYR B 273 8.00 69.66 -29.70
C TYR B 273 9.35 68.97 -29.63
N VAL B 274 9.51 68.09 -28.63
CA VAL B 274 10.70 67.28 -28.47
C VAL B 274 10.29 65.83 -28.25
N ASN B 275 11.26 64.93 -28.44
CA ASN B 275 11.13 63.48 -28.33
C ASN B 275 10.16 62.99 -29.42
N ALA B 276 9.48 61.88 -29.16
CA ALA B 276 8.60 61.24 -30.14
C ALA B 276 7.15 61.57 -29.85
N GLY B 277 6.40 61.83 -30.91
CA GLY B 277 4.99 62.14 -30.78
C GLY B 277 4.25 61.81 -32.06
N THR B 278 2.93 61.69 -31.92
CA THR B 278 2.08 61.28 -33.03
C THR B 278 0.92 62.25 -33.16
N VAL B 279 0.73 62.77 -34.37
CA VAL B 279 -0.38 63.68 -34.68
C VAL B 279 -1.44 62.90 -35.44
N GLU B 280 -2.64 62.83 -34.89
CA GLU B 280 -3.74 62.10 -35.50
C GLU B 280 -4.61 63.03 -36.33
N PHE B 281 -5.10 62.52 -37.45
CA PHE B 281 -5.94 63.27 -38.38
C PHE B 281 -7.13 62.44 -38.80
N LEU B 282 -8.19 63.13 -39.20
CA LEU B 282 -9.31 62.53 -39.93
C LEU B 282 -9.30 63.08 -41.34
N VAL B 283 -9.43 62.19 -42.32
CA VAL B 283 -9.18 62.53 -43.72
C VAL B 283 -10.40 62.18 -44.55
N LYS B 284 -10.87 63.14 -45.35
CA LYS B 284 -11.96 62.90 -46.29
C LYS B 284 -11.78 63.83 -47.49
N ASP B 285 -11.78 63.24 -48.68
CA ASP B 285 -11.72 63.89 -50.00
C ASP B 285 -10.78 65.10 -50.05
N ASP B 286 -9.50 64.81 -49.79
CA ASP B 286 -8.40 65.78 -49.86
C ASP B 286 -8.57 66.94 -48.88
N LYS B 287 -9.15 66.66 -47.71
CA LYS B 287 -9.26 67.64 -46.64
C LYS B 287 -9.05 66.92 -45.31
N PHE B 288 -8.01 67.29 -44.59
CA PHE B 288 -7.66 66.67 -43.33
C PHE B 288 -8.00 67.59 -42.17
N TYR B 289 -8.30 66.99 -41.02
CA TYR B 289 -8.71 67.72 -39.83
C TYR B 289 -7.96 67.18 -38.62
N PHE B 290 -7.39 68.09 -37.83
CA PHE B 290 -6.68 67.70 -36.63
C PHE B 290 -7.65 67.15 -35.59
N ILE B 291 -7.21 66.15 -34.84
CA ILE B 291 -7.99 65.56 -33.77
C ILE B 291 -7.27 65.63 -32.43
N GLU B 292 -6.10 65.00 -32.33
CA GLU B 292 -5.32 65.04 -31.10
C GLU B 292 -3.87 64.71 -31.41
N VAL B 293 -3.00 65.02 -30.46
CA VAL B 293 -1.58 64.67 -30.52
C VAL B 293 -1.29 63.69 -29.40
N ASN B 294 -0.68 62.56 -29.75
CA ASN B 294 -0.22 61.61 -28.76
C ASN B 294 1.19 61.98 -28.33
N PRO B 295 1.39 62.40 -27.08
CA PRO B 295 2.71 62.85 -26.60
C PRO B 295 3.60 61.71 -26.11
N ARG B 296 3.72 60.67 -26.91
CA ARG B 296 4.45 59.45 -26.57
C ARG B 296 4.67 58.66 -27.84
N VAL B 297 5.17 57.44 -27.70
CA VAL B 297 5.24 56.50 -28.82
C VAL B 297 3.95 55.70 -28.85
N GLN B 298 3.54 55.32 -30.05
CA GLN B 298 2.32 54.55 -30.23
C GLN B 298 2.65 53.06 -30.21
N VAL B 299 1.59 52.25 -30.10
CA VAL B 299 1.73 50.81 -30.25
C VAL B 299 2.16 50.46 -31.66
N GLU B 300 1.75 51.26 -32.65
CA GLU B 300 1.99 51.00 -34.06
C GLU B 300 3.16 51.82 -34.62
N HIS B 301 4.14 52.15 -33.79
CA HIS B 301 5.35 52.78 -34.28
C HIS B 301 6.24 51.84 -35.06
N THR B 302 5.99 50.53 -34.96
CA THR B 302 6.86 49.53 -35.58
C THR B 302 6.79 49.58 -37.10
N ILE B 303 5.59 49.82 -37.66
CA ILE B 303 5.49 49.92 -39.12
C ILE B 303 6.19 51.17 -39.63
N THR B 304 6.15 52.26 -38.87
CA THR B 304 6.91 53.46 -39.22
C THR B 304 8.41 53.17 -39.19
N GLU B 305 8.86 52.42 -38.18
CA GLU B 305 10.26 52.00 -38.11
C GLU B 305 10.64 51.14 -39.31
N LEU B 306 9.74 50.26 -39.74
CA LEU B 306 10.04 49.36 -40.85
C LEU B 306 10.08 50.10 -42.18
N ILE B 307 9.15 51.03 -42.41
CA ILE B 307 9.12 51.73 -43.69
C ILE B 307 10.11 52.88 -43.75
N THR B 308 10.64 53.34 -42.61
CA THR B 308 11.63 54.40 -42.62
C THR B 308 13.04 53.93 -42.30
N GLY B 309 13.19 52.79 -41.62
CA GLY B 309 14.50 52.34 -41.19
C GLY B 309 15.02 53.00 -39.95
N VAL B 310 14.23 53.84 -39.30
CA VAL B 310 14.67 54.63 -38.16
C VAL B 310 14.16 53.96 -36.89
N ASP B 311 15.08 53.62 -35.99
CA ASP B 311 14.72 53.10 -34.67
C ASP B 311 14.14 54.22 -33.83
N ILE B 312 12.81 54.19 -33.62
CA ILE B 312 12.14 55.28 -32.92
C ILE B 312 12.50 55.28 -31.43
N VAL B 313 12.53 54.11 -30.81
CA VAL B 313 12.79 54.03 -29.37
C VAL B 313 14.24 54.40 -29.06
N GLN B 314 15.19 53.93 -29.87
CA GLN B 314 16.59 54.32 -29.71
C GLN B 314 16.76 55.82 -29.90
N ALA B 315 16.09 56.37 -30.91
CA ALA B 315 16.17 57.81 -31.17
C ALA B 315 15.60 58.61 -30.01
N GLN B 316 14.49 58.16 -29.42
CA GLN B 316 13.91 58.92 -28.32
C GLN B 316 14.73 58.78 -27.04
N ILE B 317 15.42 57.65 -26.84
CA ILE B 317 16.36 57.55 -25.72
C ILE B 317 17.50 58.53 -25.91
N LEU B 318 18.05 58.59 -27.12
CA LEU B 318 19.18 59.49 -27.35
C LEU B 318 18.74 60.96 -27.38
N ILE B 319 17.47 61.24 -27.70
CA ILE B 319 16.94 62.58 -27.59
C ILE B 319 16.79 62.97 -26.12
N ALA B 320 16.35 62.02 -25.29
CA ALA B 320 16.37 62.23 -23.85
C ALA B 320 17.79 62.38 -23.31
N GLN B 321 18.79 61.89 -24.04
CA GLN B 321 20.18 62.20 -23.74
C GLN B 321 20.62 63.56 -24.28
N GLY B 322 19.71 64.30 -24.91
CA GLY B 322 20.02 65.63 -25.43
C GLY B 322 20.98 65.66 -26.60
N LYS B 323 20.82 64.77 -27.56
CA LYS B 323 21.66 64.73 -28.75
C LYS B 323 20.92 65.34 -29.94
N ASP B 324 21.70 65.79 -30.92
CA ASP B 324 21.16 66.41 -32.13
C ASP B 324 20.72 65.31 -33.10
N LEU B 325 19.58 65.56 -33.77
CA LEU B 325 18.94 64.54 -34.60
C LEU B 325 19.81 64.14 -35.79
N HIS B 326 20.56 65.08 -36.36
CA HIS B 326 21.29 64.81 -37.59
C HIS B 326 22.77 64.56 -37.39
N ARG B 327 23.45 65.36 -36.56
CA ARG B 327 24.88 65.15 -36.35
C ARG B 327 25.13 63.93 -35.46
N GLU B 328 24.35 63.78 -34.39
CA GLU B 328 24.65 62.79 -33.37
C GLU B 328 23.93 61.46 -33.61
N ILE B 329 22.62 61.50 -33.87
CA ILE B 329 21.89 60.26 -34.10
C ILE B 329 22.29 59.65 -35.44
N GLY B 330 22.47 60.49 -36.45
CA GLY B 330 22.69 60.02 -37.80
C GLY B 330 21.47 60.02 -38.69
N LEU B 331 20.35 60.52 -38.19
CA LEU B 331 19.14 60.61 -39.01
C LEU B 331 19.33 61.66 -40.09
N PRO B 332 19.01 61.35 -41.34
CA PRO B 332 19.25 62.31 -42.42
C PRO B 332 18.25 63.45 -42.44
N ALA B 333 18.30 64.27 -43.50
CA ALA B 333 17.37 65.37 -43.66
C ALA B 333 15.95 64.85 -43.92
N GLN B 334 14.99 65.79 -43.88
CA GLN B 334 13.58 65.41 -44.02
C GLN B 334 13.30 64.83 -45.40
N SER B 335 13.89 65.40 -46.45
CA SER B 335 13.72 64.86 -47.78
C SER B 335 14.47 63.56 -47.98
N GLU B 336 15.54 63.32 -47.22
CA GLU B 336 16.36 62.12 -47.37
C GLU B 336 15.83 60.93 -46.59
N ILE B 337 14.74 61.09 -45.85
CA ILE B 337 14.10 59.98 -45.15
C ILE B 337 13.45 59.09 -46.20
N PRO B 338 13.83 57.81 -46.27
CA PRO B 338 13.37 56.96 -47.37
C PRO B 338 12.00 56.35 -47.07
N LEU B 339 11.48 55.65 -48.07
CA LEU B 339 10.22 54.90 -47.96
C LEU B 339 10.50 53.47 -48.39
N LEU B 340 10.78 52.60 -47.41
CA LEU B 340 11.19 51.23 -47.68
C LEU B 340 9.94 50.35 -47.79
N GLY B 341 9.25 50.50 -48.92
CA GLY B 341 8.08 49.67 -49.17
C GLY B 341 6.92 50.05 -48.28
N SER B 342 6.18 49.03 -47.82
CA SER B 342 5.03 49.23 -46.96
C SER B 342 5.02 48.16 -45.88
N ALA B 343 4.29 48.44 -44.80
CA ALA B 343 4.23 47.53 -43.67
C ALA B 343 2.83 47.52 -43.08
N ILE B 344 2.46 46.38 -42.49
CA ILE B 344 1.15 46.18 -41.88
C ILE B 344 1.37 45.62 -40.47
N GLN B 345 0.71 46.22 -39.48
CA GLN B 345 0.77 45.74 -38.11
C GLN B 345 -0.57 45.14 -37.72
N CYS B 346 -0.55 43.90 -37.25
CA CYS B 346 -1.73 43.24 -36.68
C CYS B 346 -1.44 42.88 -35.23
N ARG B 347 -2.32 43.31 -34.33
CA ARG B 347 -2.20 43.00 -32.90
C ARG B 347 -3.03 41.76 -32.61
N ILE B 348 -2.37 40.70 -32.19
CA ILE B 348 -3.05 39.47 -31.81
C ILE B 348 -3.34 39.54 -30.31
N THR B 349 -4.63 39.59 -29.98
CA THR B 349 -5.08 39.73 -28.61
C THR B 349 -5.91 38.51 -28.22
N THR B 350 -6.39 38.50 -26.98
CA THR B 350 -7.24 37.43 -26.48
C THR B 350 -8.73 37.74 -26.65
N GLU B 351 -9.07 38.77 -27.43
CA GLU B 351 -10.47 39.08 -27.69
C GLU B 351 -11.06 38.01 -28.58
N ASP B 352 -12.12 37.35 -28.10
CA ASP B 352 -12.76 36.29 -28.85
C ASP B 352 -13.85 36.89 -29.73
N PRO B 353 -13.68 36.92 -31.05
CA PRO B 353 -14.71 37.54 -31.92
C PRO B 353 -16.01 36.77 -31.95
N GLN B 354 -16.01 35.48 -31.57
CA GLN B 354 -17.25 34.73 -31.48
C GLN B 354 -18.04 35.04 -30.21
N ASN B 355 -17.48 35.83 -29.30
CA ASN B 355 -18.13 36.19 -28.05
C ASN B 355 -18.06 37.69 -27.84
N GLY B 356 -18.32 38.46 -28.89
CA GLY B 356 -18.38 39.91 -28.78
C GLY B 356 -17.08 40.59 -28.47
N PHE B 357 -15.95 39.97 -28.83
CA PHE B 357 -14.60 40.50 -28.61
C PHE B 357 -14.29 40.71 -27.13
N LEU B 358 -14.91 39.93 -26.26
CA LEU B 358 -14.51 39.93 -24.86
C LEU B 358 -13.17 39.23 -24.71
N PRO B 359 -12.26 39.77 -23.90
CA PRO B 359 -10.92 39.15 -23.77
C PRO B 359 -10.99 37.84 -23.00
N ASP B 360 -10.46 36.78 -23.62
CA ASP B 360 -10.43 35.47 -22.99
C ASP B 360 -9.27 35.38 -22.01
N THR B 361 -9.46 34.57 -20.97
CA THR B 361 -8.43 34.27 -20.00
C THR B 361 -8.21 32.76 -19.96
N GLY B 362 -7.14 32.36 -19.28
CA GLY B 362 -6.79 30.96 -19.12
C GLY B 362 -5.34 30.70 -19.42
N LYS B 363 -4.99 29.42 -19.42
CA LYS B 363 -3.62 29.00 -19.68
C LYS B 363 -3.40 28.78 -21.17
N ILE B 364 -2.26 29.23 -21.66
CA ILE B 364 -1.84 28.99 -23.04
C ILE B 364 -1.02 27.70 -23.04
N ASP B 365 -1.51 26.69 -23.74
CA ASP B 365 -0.81 25.41 -23.82
C ASP B 365 -0.01 25.23 -25.09
N THR B 366 -0.22 26.10 -26.08
CA THR B 366 0.51 26.01 -27.35
C THR B 366 0.84 27.41 -27.84
N TYR B 367 2.08 27.61 -28.26
CA TYR B 367 2.48 28.86 -28.90
C TYR B 367 3.54 28.57 -29.93
N ARG B 368 3.22 28.85 -31.19
CA ARG B 368 4.18 28.74 -32.29
C ARG B 368 4.19 30.06 -33.05
N SER B 369 5.36 30.63 -33.23
CA SER B 369 5.49 31.90 -33.92
C SER B 369 6.20 31.71 -35.27
N PRO B 370 5.80 32.46 -36.29
CA PRO B 370 6.47 32.33 -37.59
C PRO B 370 7.72 33.18 -37.68
N GLY B 371 8.32 33.20 -38.86
CA GLY B 371 9.52 34.00 -39.10
C GLY B 371 9.78 34.13 -40.59
N GLY B 372 11.04 34.32 -40.95
CA GLY B 372 11.41 34.44 -42.34
C GLY B 372 11.46 35.88 -42.80
N PHE B 373 11.43 36.03 -44.13
CA PHE B 373 11.61 37.34 -44.75
C PHE B 373 10.41 38.24 -44.51
N GLY B 374 10.67 39.47 -44.09
CA GLY B 374 9.63 40.47 -43.98
C GLY B 374 8.70 40.32 -42.81
N ILE B 375 9.14 39.69 -41.72
CA ILE B 375 8.31 39.47 -40.55
C ILE B 375 8.99 40.10 -39.35
N ARG B 376 8.23 40.89 -38.58
CA ARG B 376 8.69 41.48 -37.34
C ARG B 376 7.76 41.07 -36.21
N LEU B 377 8.34 40.55 -35.13
CA LEU B 377 7.57 40.09 -33.97
C LEU B 377 7.95 40.93 -32.76
N ASP B 378 6.95 41.46 -32.07
CA ASP B 378 7.11 42.13 -30.78
C ASP B 378 6.16 41.44 -29.81
N VAL B 379 6.62 40.37 -29.19
CA VAL B 379 5.78 39.53 -28.35
C VAL B 379 5.66 40.16 -26.97
N GLY B 380 4.48 40.01 -26.37
CA GLY B 380 4.27 40.35 -24.98
C GLY B 380 4.44 39.14 -24.10
N ASN B 381 3.35 38.73 -23.44
CA ASN B 381 3.35 37.51 -22.62
C ASN B 381 2.42 36.52 -23.29
N ALA B 382 2.99 35.68 -24.17
CA ALA B 382 2.17 34.73 -24.92
C ALA B 382 2.83 33.36 -25.04
N TYR B 383 3.83 33.05 -24.22
CA TYR B 383 4.55 31.78 -24.33
C TYR B 383 3.67 30.63 -23.85
N ALA B 384 4.13 29.41 -24.16
CA ALA B 384 3.42 28.21 -23.72
C ALA B 384 3.55 28.06 -22.22
N GLY B 385 2.40 27.81 -21.57
CA GLY B 385 2.35 27.74 -20.13
C GLY B 385 1.97 29.03 -19.44
N TYR B 386 1.89 30.14 -20.17
CA TYR B 386 1.50 31.41 -19.56
C TYR B 386 0.00 31.42 -19.26
N GLU B 387 -0.34 31.80 -18.03
CA GLU B 387 -1.73 31.93 -17.62
C GLU B 387 -2.16 33.38 -17.86
N VAL B 388 -3.14 33.56 -18.75
CA VAL B 388 -3.62 34.89 -19.08
C VAL B 388 -4.55 35.36 -17.97
N THR B 389 -4.25 36.51 -17.41
CA THR B 389 -5.01 37.13 -16.34
C THR B 389 -5.94 38.21 -16.89
N PRO B 390 -7.08 38.44 -16.26
CA PRO B 390 -7.96 39.54 -16.70
C PRO B 390 -7.52 40.91 -16.21
N TYR B 391 -6.39 41.01 -15.52
CA TYR B 391 -5.96 42.28 -14.95
C TYR B 391 -5.44 43.22 -16.02
N PHE B 392 -4.63 42.71 -16.94
CA PHE B 392 -3.91 43.55 -17.88
C PHE B 392 -4.59 43.55 -19.24
N ASP B 393 -3.94 44.14 -20.23
CA ASP B 393 -4.50 44.25 -21.56
C ASP B 393 -4.53 42.89 -22.24
N SER B 394 -5.43 42.76 -23.22
CA SER B 394 -5.65 41.51 -23.92
C SER B 394 -4.55 41.16 -24.90
N LEU B 395 -3.60 42.06 -25.14
CA LEU B 395 -2.60 41.86 -26.19
C LEU B 395 -1.67 40.71 -25.85
N LEU B 396 -1.48 39.80 -26.81
CA LEU B 396 -0.52 38.71 -26.69
C LEU B 396 0.78 39.05 -27.40
N VAL B 397 0.70 39.31 -28.71
CA VAL B 397 1.87 39.62 -29.52
C VAL B 397 1.41 40.44 -30.72
N LYS B 398 2.07 41.57 -30.97
CA LYS B 398 1.85 42.31 -32.20
C LYS B 398 2.88 41.88 -33.23
N VAL B 399 2.42 41.59 -34.43
CA VAL B 399 3.28 41.10 -35.50
C VAL B 399 3.16 42.04 -36.69
N CYS B 400 4.29 42.42 -37.26
CA CYS B 400 4.34 43.33 -38.39
C CYS B 400 4.97 42.64 -39.58
N THR B 401 4.32 42.76 -40.74
CA THR B 401 4.84 42.25 -41.99
C THR B 401 5.14 43.41 -42.93
N PHE B 402 6.32 43.39 -43.53
CA PHE B 402 6.77 44.48 -44.39
C PHE B 402 7.31 43.91 -45.69
N ALA B 403 7.07 44.64 -46.78
CA ALA B 403 7.51 44.23 -48.10
C ALA B 403 7.57 45.45 -49.00
N ASN B 404 8.16 45.26 -50.18
CA ASN B 404 8.26 46.35 -51.16
C ASN B 404 6.89 46.75 -51.68
N GLU B 405 6.02 45.77 -51.94
CA GLU B 405 4.66 46.03 -52.43
C GLU B 405 3.67 45.78 -51.31
N PHE B 406 2.53 46.48 -51.37
CA PHE B 406 1.51 46.31 -50.35
C PHE B 406 0.80 44.97 -50.47
N SER B 407 0.65 44.44 -51.69
CA SER B 407 0.04 43.13 -51.86
C SER B 407 0.92 42.03 -51.28
N ASP B 408 2.24 42.17 -51.42
CA ASP B 408 3.15 41.21 -50.81
C ASP B 408 3.09 41.29 -49.28
N SER B 409 2.91 42.50 -48.73
CA SER B 409 2.71 42.64 -47.29
C SER B 409 1.42 41.98 -46.85
N VAL B 410 0.36 42.11 -47.65
CA VAL B 410 -0.93 41.50 -47.31
C VAL B 410 -0.82 39.98 -47.31
N ARG B 411 -0.17 39.42 -48.34
CA ARG B 411 -0.05 37.97 -48.40
C ARG B 411 0.91 37.42 -47.34
N LYS B 412 1.94 38.20 -46.98
CA LYS B 412 2.82 37.79 -45.88
C LYS B 412 2.06 37.83 -44.54
N MET B 413 1.20 38.83 -44.34
CA MET B 413 0.40 38.89 -43.14
C MET B 413 -0.59 37.73 -43.07
N ASP B 414 -1.19 37.36 -44.21
CA ASP B 414 -2.08 36.22 -44.26
C ASP B 414 -1.34 34.92 -43.93
N ARG B 415 -0.13 34.76 -44.47
CA ARG B 415 0.70 33.60 -44.14
C ARG B 415 1.04 33.57 -42.66
N VAL B 416 1.33 34.74 -42.08
CA VAL B 416 1.67 34.82 -40.66
C VAL B 416 0.48 34.43 -39.80
N LEU B 417 -0.70 34.96 -40.13
CA LEU B 417 -1.88 34.68 -39.32
C LEU B 417 -2.34 33.24 -39.44
N HIS B 418 -2.11 32.61 -40.60
CA HIS B 418 -2.41 31.19 -40.70
C HIS B 418 -1.34 30.33 -40.05
N GLU B 419 -0.08 30.78 -40.04
CA GLU B 419 0.98 30.02 -39.39
C GLU B 419 0.90 30.12 -37.88
N PHE B 420 0.32 31.21 -37.37
CA PHE B 420 0.28 31.45 -35.94
C PHE B 420 -0.59 30.42 -35.24
N ARG B 421 -0.16 29.95 -34.07
CA ARG B 421 -0.93 28.98 -33.32
C ARG B 421 -0.88 29.33 -31.85
N ILE B 422 -2.02 29.73 -31.29
CA ILE B 422 -2.20 29.93 -29.85
C ILE B 422 -3.41 29.11 -29.44
N ARG B 423 -3.19 28.10 -28.60
CA ARG B 423 -4.26 27.24 -28.12
C ARG B 423 -4.35 27.34 -26.60
N GLY B 424 -5.57 27.36 -26.10
CA GLY B 424 -5.81 27.52 -24.68
C GLY B 424 -6.67 28.74 -24.39
N VAL B 425 -6.45 29.82 -25.14
CA VAL B 425 -7.28 31.00 -25.09
C VAL B 425 -7.70 31.34 -26.52
N LYS B 426 -8.88 31.93 -26.64
CA LYS B 426 -9.37 32.35 -27.94
C LYS B 426 -8.76 33.69 -28.34
N THR B 427 -8.37 33.80 -29.60
CA THR B 427 -7.73 34.99 -30.12
C THR B 427 -8.61 35.62 -31.19
N ASN B 428 -8.23 36.84 -31.59
CA ASN B 428 -8.90 37.55 -32.68
C ASN B 428 -8.30 37.22 -34.04
N ILE B 429 -7.52 36.14 -34.12
CA ILE B 429 -6.87 35.78 -35.39
C ILE B 429 -7.85 35.50 -36.52
N PRO B 430 -8.97 34.76 -36.34
CA PRO B 430 -9.95 34.66 -37.46
C PRO B 430 -10.51 35.98 -37.92
N PHE B 431 -10.77 36.92 -37.00
CA PHE B 431 -11.24 38.24 -37.40
C PHE B 431 -10.19 38.99 -38.20
N LEU B 432 -8.92 38.89 -37.77
CA LEU B 432 -7.83 39.51 -38.53
C LEU B 432 -7.70 38.89 -39.91
N ILE B 433 -7.87 37.57 -40.01
CA ILE B 433 -7.82 36.88 -41.30
C ILE B 433 -8.93 37.38 -42.21
N ASN B 434 -10.13 37.55 -41.66
CA ASN B 434 -11.25 38.07 -42.45
C ASN B 434 -10.99 39.49 -42.92
N VAL B 435 -10.40 40.32 -42.06
CA VAL B 435 -10.12 41.71 -42.45
C VAL B 435 -9.02 41.76 -43.51
N ILE B 436 -7.99 40.91 -43.38
CA ILE B 436 -6.92 40.84 -44.37
C ILE B 436 -7.47 40.39 -45.73
N ALA B 437 -8.38 39.41 -45.71
CA ALA B 437 -8.91 38.87 -46.96
C ALA B 437 -9.86 39.83 -47.67
N ASN B 438 -10.31 40.90 -47.00
CA ASN B 438 -11.28 41.80 -47.59
C ASN B 438 -10.68 42.61 -48.73
N GLU B 439 -11.52 42.92 -49.73
CA GLU B 439 -11.06 43.63 -50.91
C GLU B 439 -10.87 45.12 -50.66
N ASN B 440 -11.60 45.69 -49.70
CA ASN B 440 -11.42 47.10 -49.36
C ASN B 440 -10.06 47.33 -48.71
N PHE B 441 -9.67 46.44 -47.79
CA PHE B 441 -8.39 46.59 -47.11
C PHE B 441 -7.23 46.39 -48.06
N THR B 442 -7.31 45.41 -48.95
CA THR B 442 -6.22 45.16 -49.89
C THR B 442 -6.06 46.32 -50.87
N SER B 443 -7.17 46.91 -51.31
CA SER B 443 -7.10 48.13 -52.10
C SER B 443 -6.61 49.33 -51.29
N GLY B 444 -6.76 49.28 -49.97
CA GLY B 444 -6.25 50.33 -49.12
C GLY B 444 -7.16 51.51 -48.91
N GLN B 445 -8.38 51.47 -49.43
CA GLN B 445 -9.35 52.54 -49.25
C GLN B 445 -10.27 52.30 -48.07
N ALA B 446 -9.82 51.57 -47.06
CA ALA B 446 -10.65 51.28 -45.90
C ALA B 446 -10.85 52.55 -45.07
N THR B 447 -12.06 52.72 -44.58
CA THR B 447 -12.45 53.87 -43.78
C THR B 447 -12.65 53.45 -42.33
N THR B 448 -13.01 54.42 -41.49
CA THR B 448 -13.26 54.16 -40.07
C THR B 448 -14.50 53.30 -39.86
N THR B 449 -15.44 53.32 -40.79
CA THR B 449 -16.67 52.55 -40.69
C THR B 449 -16.63 51.30 -41.57
N PHE B 450 -15.45 50.89 -42.02
CA PHE B 450 -15.34 49.73 -42.92
C PHE B 450 -15.76 48.44 -42.23
N ILE B 451 -15.35 48.26 -40.98
CA ILE B 451 -15.68 47.02 -40.26
C ILE B 451 -17.16 46.98 -39.91
N ASP B 452 -17.72 48.10 -39.45
CA ASP B 452 -19.11 48.14 -39.02
C ASP B 452 -20.09 48.02 -40.18
N ASN B 453 -19.67 48.40 -41.40
CA ASN B 453 -20.52 48.29 -42.57
C ASN B 453 -20.34 46.98 -43.33
N THR B 454 -19.49 46.09 -42.82
CA THR B 454 -19.23 44.80 -43.47
C THR B 454 -19.59 43.66 -42.54
N PRO B 455 -20.73 42.99 -42.75
CA PRO B 455 -21.07 41.84 -41.91
C PRO B 455 -20.30 40.58 -42.25
N SER B 456 -19.69 40.50 -43.42
CA SER B 456 -18.96 39.31 -43.83
C SER B 456 -17.66 39.11 -43.06
N LEU B 457 -17.17 40.13 -42.36
CA LEU B 457 -15.97 40.00 -41.54
C LEU B 457 -16.20 39.18 -40.28
N PHE B 458 -17.44 38.88 -39.93
CA PHE B 458 -17.77 38.19 -38.70
C PHE B 458 -18.23 36.76 -38.95
N ASN B 459 -18.09 36.25 -40.17
CA ASN B 459 -18.33 34.86 -40.48
C ASN B 459 -17.01 34.11 -40.43
N PHE B 460 -16.91 33.12 -39.54
CA PHE B 460 -15.67 32.43 -39.29
C PHE B 460 -15.79 30.96 -39.67
N PRO B 461 -14.87 30.43 -40.47
CA PRO B 461 -14.92 29.01 -40.82
C PRO B 461 -14.66 28.13 -39.61
N ARG B 462 -15.27 26.95 -39.63
CA ARG B 462 -15.08 26.00 -38.54
C ARG B 462 -13.67 25.45 -38.55
N LEU B 463 -13.01 25.51 -37.41
CA LEU B 463 -11.64 25.00 -37.26
C LEU B 463 -11.69 23.71 -36.47
N ARG B 464 -11.18 22.63 -37.07
CA ARG B 464 -11.13 21.33 -36.41
C ARG B 464 -9.73 21.12 -35.83
N ASP B 465 -9.53 21.66 -34.63
CA ASP B 465 -8.24 21.49 -33.97
C ASP B 465 -8.12 20.05 -33.48
N ARG B 466 -7.70 19.16 -34.38
CA ARG B 466 -7.75 17.73 -34.13
C ARG B 466 -6.69 17.26 -33.14
N GLY B 467 -5.58 17.98 -33.00
CA GLY B 467 -4.59 17.63 -31.99
C GLY B 467 -5.12 17.83 -30.58
N THR B 468 -5.82 18.95 -30.35
CA THR B 468 -6.39 19.23 -29.04
C THR B 468 -7.47 18.22 -28.69
N LYS B 469 -8.34 17.90 -29.65
CA LYS B 469 -9.41 16.94 -29.41
C LYS B 469 -8.86 15.55 -29.14
N THR B 470 -7.86 15.13 -29.91
CA THR B 470 -7.25 13.81 -29.71
C THR B 470 -6.55 13.72 -28.36
N LEU B 471 -5.83 14.77 -27.97
CA LEU B 471 -5.18 14.77 -26.66
C LEU B 471 -6.21 14.76 -25.54
N HIS B 472 -7.32 15.48 -25.71
CA HIS B 472 -8.38 15.48 -24.71
C HIS B 472 -9.00 14.10 -24.56
N TYR B 473 -9.26 13.41 -25.67
CA TYR B 473 -9.83 12.07 -25.60
C TYR B 473 -8.84 11.08 -25.00
N LEU B 474 -7.56 11.18 -25.37
CA LEU B 474 -6.56 10.28 -24.82
C LEU B 474 -6.39 10.48 -23.32
N SER B 475 -6.42 11.73 -22.86
CA SER B 475 -6.38 12.00 -21.43
C SER B 475 -7.61 11.47 -20.71
N MET B 476 -8.80 11.66 -21.32
CA MET B 476 -10.04 11.15 -20.75
C MET B 476 -9.99 9.64 -20.57
N ILE B 477 -9.58 8.90 -21.60
CA ILE B 477 -9.55 7.45 -21.50
C ILE B 477 -8.41 6.98 -20.61
N THR B 478 -7.27 7.67 -20.62
CA THR B 478 -6.13 7.28 -19.78
C THR B 478 -6.46 7.44 -18.30
N VAL B 479 -7.13 8.52 -17.93
CA VAL B 479 -7.38 8.79 -16.52
C VAL B 479 -8.68 8.14 -16.04
N ASN B 480 -9.79 8.40 -16.70
CA ASN B 480 -11.09 7.96 -16.22
C ASN B 480 -11.53 6.63 -16.81
N GLY B 481 -10.78 6.07 -17.74
CA GLY B 481 -11.11 4.78 -18.31
C GLY B 481 -12.22 4.87 -19.34
N PHE B 482 -12.35 3.79 -20.11
CA PHE B 482 -13.42 3.69 -21.08
C PHE B 482 -14.74 3.38 -20.37
N PRO B 483 -15.82 4.09 -20.68
CA PRO B 483 -17.10 3.84 -20.01
C PRO B 483 -17.67 2.47 -20.40
N GLY B 484 -18.14 1.73 -19.39
CA GLY B 484 -18.77 0.46 -19.60
C GLY B 484 -17.89 -0.76 -19.41
N ILE B 485 -16.57 -0.58 -19.43
CA ILE B 485 -15.62 -1.69 -19.26
C ILE B 485 -14.70 -1.37 -18.09
N GLU B 486 -13.99 -2.39 -17.64
CA GLU B 486 -13.06 -2.25 -16.54
C GLU B 486 -11.82 -1.45 -16.97
N ASN B 487 -11.37 -0.57 -16.09
CA ASN B 487 -10.16 0.19 -16.37
C ASN B 487 -8.93 -0.71 -16.22
N THR B 488 -8.51 -1.30 -17.34
CA THR B 488 -7.45 -2.29 -17.36
C THR B 488 -6.25 -1.70 -18.08
N GLU B 489 -5.05 -1.99 -17.56
CA GLU B 489 -3.82 -1.50 -18.15
C GLU B 489 -3.67 -1.97 -19.59
N LYS B 490 -3.16 -1.09 -20.43
CA LYS B 490 -3.10 -1.31 -21.88
C LYS B 490 -2.07 -2.38 -22.20
N ARG B 491 -2.52 -3.51 -22.70
CA ARG B 491 -1.59 -4.55 -23.14
C ARG B 491 -0.89 -4.12 -24.42
N HIS B 492 0.30 -4.68 -24.63
CA HIS B 492 1.02 -4.46 -25.87
C HIS B 492 0.63 -5.55 -26.87
N PHE B 493 0.29 -5.13 -28.08
CA PHE B 493 -0.12 -6.05 -29.13
C PHE B 493 0.84 -5.92 -30.31
N GLU B 494 1.10 -7.06 -30.95
CA GLU B 494 1.81 -7.03 -32.22
C GLU B 494 0.87 -6.54 -33.31
N GLU B 495 1.46 -6.18 -34.45
CA GLU B 495 0.65 -5.81 -35.61
C GLU B 495 -0.12 -7.04 -36.11
N PRO B 496 -1.37 -6.85 -36.53
CA PRO B 496 -2.11 -7.99 -37.08
C PRO B 496 -1.48 -8.53 -38.36
N ARG B 497 -1.54 -9.84 -38.52
CA ARG B 497 -0.87 -10.50 -39.64
C ARG B 497 -1.59 -10.18 -40.95
N GLN B 498 -0.88 -9.55 -41.86
CA GLN B 498 -1.44 -9.27 -43.17
C GLN B 498 -1.49 -10.55 -44.01
N PRO B 499 -2.53 -10.75 -44.80
CA PRO B 499 -2.67 -12.01 -45.53
C PRO B 499 -1.78 -12.07 -46.77
N LEU B 500 -1.39 -13.29 -47.12
CA LEU B 500 -0.67 -13.58 -48.35
C LEU B 500 -1.70 -14.09 -49.36
N LEU B 501 -2.07 -13.24 -50.30
CA LEU B 501 -3.19 -13.51 -51.19
C LEU B 501 -2.71 -13.99 -52.56
N ASN B 502 -3.51 -14.85 -53.17
CA ASN B 502 -3.32 -15.29 -54.55
C ASN B 502 -4.49 -14.69 -55.34
N LEU B 503 -4.28 -13.52 -55.93
CA LEU B 503 -5.36 -12.78 -56.56
C LEU B 503 -5.78 -13.44 -57.85
N GLU B 504 -7.09 -13.66 -58.00
CA GLU B 504 -7.67 -14.19 -59.23
C GLU B 504 -8.78 -13.24 -59.65
N LYS B 505 -8.59 -12.57 -60.79
CA LYS B 505 -9.57 -11.62 -61.27
C LYS B 505 -10.84 -12.33 -61.72
N LYS B 506 -11.99 -11.80 -61.29
CA LYS B 506 -13.28 -12.42 -61.58
C LYS B 506 -14.33 -11.33 -61.74
N LYS B 507 -15.41 -11.68 -62.43
CA LYS B 507 -16.55 -10.79 -62.59
C LYS B 507 -17.53 -11.08 -61.45
N THR B 508 -17.51 -10.22 -60.44
CA THR B 508 -18.33 -10.42 -59.26
C THR B 508 -19.76 -9.96 -59.51
N ALA B 509 -20.61 -10.13 -58.49
CA ALA B 509 -21.99 -9.70 -58.60
C ALA B 509 -22.13 -8.19 -58.56
N LYS B 510 -21.18 -7.48 -57.95
CA LYS B 510 -21.20 -6.02 -57.97
C LYS B 510 -20.99 -5.48 -59.37
N ASN B 511 -20.11 -6.12 -60.16
CA ASN B 511 -19.91 -5.71 -61.54
C ASN B 511 -21.17 -5.95 -62.37
N ILE B 512 -21.88 -7.04 -62.10
CA ILE B 512 -23.12 -7.31 -62.82
C ILE B 512 -24.20 -6.31 -62.41
N LEU B 513 -24.26 -5.95 -61.13
CA LEU B 513 -25.24 -4.96 -60.67
C LEU B 513 -24.91 -3.56 -61.19
N ASP B 514 -23.63 -3.29 -61.48
CA ASP B 514 -23.27 -1.98 -62.01
C ASP B 514 -23.52 -1.91 -63.51
N GLU B 515 -23.05 -2.90 -64.26
CA GLU B 515 -23.22 -2.90 -65.71
C GLU B 515 -24.67 -3.17 -66.10
N GLN B 516 -25.28 -4.18 -65.50
CA GLN B 516 -26.64 -4.58 -65.80
C GLN B 516 -27.52 -4.36 -64.56
N GLY B 517 -28.77 -4.82 -64.65
CA GLY B 517 -29.71 -4.62 -63.57
C GLY B 517 -29.59 -5.64 -62.46
N ALA B 518 -30.50 -5.53 -61.49
CA ALA B 518 -30.57 -6.50 -60.41
C ALA B 518 -31.08 -7.85 -60.91
N ASP B 519 -31.93 -7.85 -61.94
CA ASP B 519 -32.43 -9.10 -62.49
C ASP B 519 -31.31 -9.91 -63.12
N ALA B 520 -30.29 -9.25 -63.67
CA ALA B 520 -29.13 -9.98 -64.18
C ALA B 520 -28.34 -10.61 -63.04
N VAL B 521 -28.26 -9.95 -61.89
CA VAL B 521 -27.64 -10.55 -60.71
C VAL B 521 -28.43 -11.77 -60.25
N VAL B 522 -29.76 -11.68 -60.28
CA VAL B 522 -30.61 -12.80 -59.91
C VAL B 522 -30.41 -13.97 -60.88
N ASP B 523 -30.30 -13.67 -62.17
CA ASP B 523 -30.03 -14.72 -63.16
C ASP B 523 -28.64 -15.32 -62.98
N TYR B 524 -27.66 -14.51 -62.55
CA TYR B 524 -26.32 -15.02 -62.27
C TYR B 524 -26.34 -15.96 -61.07
N VAL B 525 -27.18 -15.66 -60.07
CA VAL B 525 -27.30 -16.53 -58.90
C VAL B 525 -27.94 -17.85 -59.29
N LYS B 526 -28.98 -17.81 -60.14
CA LYS B 526 -29.67 -19.02 -60.55
C LYS B 526 -28.78 -19.93 -61.40
N ASN B 527 -27.91 -19.36 -62.22
CA ASN B 527 -27.06 -20.15 -63.10
C ASN B 527 -25.79 -20.65 -62.42
N THR B 528 -25.59 -20.33 -61.15
CA THR B 528 -24.44 -20.81 -60.40
C THR B 528 -24.80 -22.13 -59.72
N LYS B 529 -24.13 -23.20 -60.13
CA LYS B 529 -24.38 -24.51 -59.50
C LYS B 529 -23.82 -24.56 -58.09
N GLU B 530 -22.67 -23.94 -57.87
CA GLU B 530 -22.09 -23.86 -56.54
C GLU B 530 -22.92 -22.96 -55.64
N VAL B 531 -22.87 -23.23 -54.34
CA VAL B 531 -23.56 -22.38 -53.38
C VAL B 531 -22.73 -21.12 -53.13
N LEU B 532 -23.39 -19.98 -53.12
CA LEU B 532 -22.72 -18.70 -52.91
C LEU B 532 -22.65 -18.39 -51.42
N LEU B 533 -21.64 -17.60 -51.05
CA LEU B 533 -21.40 -17.25 -49.66
C LEU B 533 -21.56 -15.76 -49.47
N THR B 534 -22.28 -15.37 -48.42
CA THR B 534 -22.37 -13.98 -48.00
C THR B 534 -21.62 -13.84 -46.68
N ASP B 535 -20.63 -12.94 -46.65
CA ASP B 535 -19.79 -12.78 -45.48
C ASP B 535 -20.49 -11.89 -44.46
N THR B 536 -20.73 -12.42 -43.26
CA THR B 536 -21.34 -11.68 -42.17
C THR B 536 -20.34 -11.26 -41.11
N THR B 537 -19.05 -11.25 -41.46
CA THR B 537 -18.02 -10.84 -40.51
C THR B 537 -18.18 -9.39 -40.11
N LEU B 538 -18.48 -8.51 -41.07
CA LEU B 538 -18.47 -7.08 -40.80
C LEU B 538 -19.69 -6.59 -40.03
N ARG B 539 -20.81 -7.32 -40.03
CA ARG B 539 -21.92 -6.96 -39.15
C ARG B 539 -22.26 -8.04 -38.14
N ASP B 540 -22.67 -9.23 -38.58
CA ASP B 540 -23.39 -10.14 -37.71
C ASP B 540 -22.46 -10.95 -36.81
N ALA B 541 -21.27 -11.30 -37.31
CA ALA B 541 -20.33 -12.09 -36.53
C ALA B 541 -19.88 -11.35 -35.28
N HIS B 542 -19.58 -10.06 -35.42
CA HIS B 542 -19.19 -9.28 -34.25
C HIS B 542 -20.40 -8.71 -33.52
N GLN B 543 -21.58 -8.67 -34.15
CA GLN B 543 -22.78 -8.36 -33.39
C GLN B 543 -23.11 -9.46 -32.40
N SER B 544 -22.96 -10.72 -32.80
CA SER B 544 -23.25 -11.83 -31.90
C SER B 544 -22.17 -12.01 -30.84
N LEU B 545 -20.90 -11.85 -31.22
CA LEU B 545 -19.81 -12.20 -30.32
C LEU B 545 -19.23 -10.99 -29.58
N LEU B 546 -19.05 -9.87 -30.24
CA LEU B 546 -18.33 -8.73 -29.68
C LEU B 546 -19.26 -7.59 -29.28
N ALA B 547 -20.56 -7.87 -29.14
CA ALA B 547 -21.59 -6.86 -28.81
C ALA B 547 -21.57 -5.69 -29.79
N THR B 548 -21.46 -6.03 -31.09
CA THR B 548 -21.25 -5.18 -32.26
C THR B 548 -20.34 -3.99 -32.00
N ARG B 549 -19.23 -4.21 -31.29
CA ARG B 549 -18.29 -3.15 -30.96
C ARG B 549 -17.12 -3.06 -31.93
N LEU B 550 -17.10 -3.87 -32.98
CA LEU B 550 -16.00 -3.85 -33.93
C LEU B 550 -15.97 -2.52 -34.68
N ARG B 551 -14.79 -1.92 -34.73
CA ARG B 551 -14.61 -0.57 -35.23
C ARG B 551 -14.20 -0.57 -36.69
N LEU B 552 -14.42 0.58 -37.34
CA LEU B 552 -14.04 0.75 -38.74
C LEU B 552 -12.54 0.68 -38.93
N GLN B 553 -11.77 1.09 -37.92
CA GLN B 553 -10.32 1.08 -38.01
C GLN B 553 -9.77 -0.34 -38.16
N ASP B 554 -10.46 -1.33 -37.61
CA ASP B 554 -10.05 -2.71 -37.79
C ASP B 554 -10.53 -3.31 -39.10
N MET B 555 -11.68 -2.90 -39.61
CA MET B 555 -12.11 -3.36 -40.93
C MET B 555 -11.31 -2.69 -42.05
N LYS B 556 -10.68 -1.54 -41.78
CA LYS B 556 -9.96 -0.83 -42.82
C LYS B 556 -8.69 -1.57 -43.24
N GLY B 557 -8.04 -2.27 -42.31
CA GLY B 557 -6.81 -2.96 -42.65
C GLY B 557 -7.01 -4.23 -43.45
N ILE B 558 -8.24 -4.69 -43.59
CA ILE B 558 -8.52 -5.97 -44.24
C ILE B 558 -9.65 -5.88 -45.28
N ALA B 559 -10.28 -4.71 -45.44
CA ALA B 559 -11.37 -4.60 -46.41
C ALA B 559 -10.88 -4.81 -47.84
N GLN B 560 -9.73 -4.22 -48.17
CA GLN B 560 -9.15 -4.41 -49.50
C GLN B 560 -8.77 -5.86 -49.74
N ALA B 561 -8.22 -6.51 -48.71
CA ALA B 561 -7.85 -7.92 -48.83
C ALA B 561 -9.07 -8.81 -48.98
N ILE B 562 -10.17 -8.48 -48.30
CA ILE B 562 -11.40 -9.26 -48.47
C ILE B 562 -11.98 -9.06 -49.87
N ASP B 563 -11.95 -7.81 -50.36
CA ASP B 563 -12.50 -7.53 -51.69
C ASP B 563 -11.67 -8.19 -52.80
N GLN B 564 -10.35 -8.20 -52.66
CA GLN B 564 -9.51 -8.74 -53.72
C GLN B 564 -9.35 -10.26 -53.59
N GLY B 565 -9.01 -10.74 -52.40
CA GLY B 565 -8.75 -12.15 -52.20
C GLY B 565 -9.98 -13.04 -52.21
N LEU B 566 -11.16 -12.47 -51.98
CA LEU B 566 -12.42 -13.22 -52.02
C LEU B 566 -13.40 -12.55 -52.97
N PRO B 567 -13.17 -12.66 -54.29
CA PRO B 567 -14.16 -12.10 -55.23
C PRO B 567 -15.35 -13.02 -55.42
N GLU B 568 -15.27 -14.27 -54.95
CA GLU B 568 -16.36 -15.22 -55.15
C GLU B 568 -17.51 -14.97 -54.20
N LEU B 569 -17.34 -14.06 -53.24
CA LEU B 569 -18.40 -13.74 -52.29
C LEU B 569 -19.56 -13.08 -53.01
N PHE B 570 -20.78 -13.57 -52.73
CA PHE B 570 -21.98 -12.94 -53.28
C PHE B 570 -22.17 -11.55 -52.70
N SER B 571 -22.00 -11.40 -51.40
CA SER B 571 -22.23 -10.12 -50.73
C SER B 571 -21.45 -10.11 -49.42
N ALA B 572 -21.32 -8.92 -48.86
CA ALA B 572 -20.68 -8.72 -47.55
C ALA B 572 -21.64 -7.91 -46.68
N GLU B 573 -22.23 -8.57 -45.68
CA GLU B 573 -23.13 -7.86 -44.78
C GLU B 573 -22.32 -7.00 -43.83
N MET B 574 -22.37 -5.68 -44.05
CA MET B 574 -21.55 -4.75 -43.28
C MET B 574 -22.35 -3.62 -42.66
N TRP B 575 -23.67 -3.60 -42.79
CA TRP B 575 -24.49 -2.50 -42.31
C TRP B 575 -25.82 -3.03 -41.80
N GLY B 576 -26.59 -2.15 -41.19
CA GLY B 576 -27.87 -2.52 -40.64
C GLY B 576 -27.74 -3.23 -39.31
N GLY B 577 -28.88 -3.70 -38.82
CA GLY B 577 -28.89 -4.35 -37.52
C GLY B 577 -28.65 -3.36 -36.40
N ALA B 578 -27.87 -3.79 -35.40
CA ALA B 578 -27.53 -2.95 -34.27
C ALA B 578 -26.29 -2.11 -34.50
N THR B 579 -25.61 -2.30 -35.64
CA THR B 579 -24.37 -1.56 -35.90
C THR B 579 -24.62 -0.07 -36.04
N PHE B 580 -25.74 0.30 -36.68
CA PHE B 580 -26.09 1.71 -36.89
C PHE B 580 -26.22 2.46 -35.58
N ASP B 581 -26.99 1.91 -34.64
CA ASP B 581 -27.18 2.57 -33.35
C ASP B 581 -25.93 2.48 -32.50
N VAL B 582 -25.27 1.31 -32.49
CA VAL B 582 -24.18 1.07 -31.57
C VAL B 582 -22.94 1.87 -31.94
N ALA B 583 -22.67 2.06 -33.23
CA ALA B 583 -21.54 2.90 -33.64
C ALA B 583 -21.68 4.33 -33.13
N TYR B 584 -22.86 4.92 -33.37
CA TYR B 584 -23.15 6.27 -32.88
C TYR B 584 -23.08 6.35 -31.36
N ARG B 585 -23.63 5.34 -30.67
CA ARG B 585 -23.79 5.44 -29.22
C ARG B 585 -22.47 5.17 -28.49
N PHE B 586 -21.80 4.07 -28.82
CA PHE B 586 -20.61 3.65 -28.10
C PHE B 586 -19.31 3.87 -28.87
N LEU B 587 -19.30 3.63 -30.18
CA LEU B 587 -18.05 3.76 -30.91
C LEU B 587 -17.74 5.18 -31.32
N ASN B 588 -18.72 6.08 -31.22
CA ASN B 588 -18.60 7.50 -31.54
C ASN B 588 -18.11 7.71 -32.98
N GLU B 589 -18.57 6.83 -33.87
CA GLU B 589 -18.28 6.95 -35.29
C GLU B 589 -19.59 6.85 -36.06
N SER B 590 -19.64 7.55 -37.18
CA SER B 590 -20.85 7.53 -37.99
C SER B 590 -20.91 6.24 -38.79
N PRO B 591 -22.04 5.53 -38.78
CA PRO B 591 -22.20 4.39 -39.70
C PRO B 591 -22.12 4.79 -41.16
N TRP B 592 -22.54 6.02 -41.49
CA TRP B 592 -22.41 6.51 -42.86
C TRP B 592 -20.94 6.68 -43.26
N TYR B 593 -20.11 7.16 -42.32
CA TYR B 593 -18.69 7.27 -42.59
C TYR B 593 -18.04 5.91 -42.78
N ARG B 594 -18.44 4.92 -41.97
CA ARG B 594 -17.95 3.56 -42.14
C ARG B 594 -18.39 2.99 -43.49
N LEU B 595 -19.63 3.23 -43.88
CA LEU B 595 -20.12 2.78 -45.17
C LEU B 595 -19.35 3.43 -46.32
N ARG B 596 -19.06 4.73 -46.21
CA ARG B 596 -18.30 5.43 -47.24
C ARG B 596 -16.89 4.87 -47.37
N LYS B 597 -16.20 4.72 -46.23
CA LYS B 597 -14.82 4.24 -46.27
C LYS B 597 -14.74 2.80 -46.77
N LEU B 598 -15.68 1.96 -46.34
CA LEU B 598 -15.69 0.57 -46.81
C LEU B 598 -16.06 0.50 -48.28
N ARG B 599 -16.93 1.40 -48.76
CA ARG B 599 -17.28 1.41 -50.17
C ARG B 599 -16.10 1.81 -51.04
N LYS B 600 -15.31 2.79 -50.59
CA LYS B 600 -14.08 3.11 -51.31
C LYS B 600 -13.07 1.98 -51.22
N LEU B 601 -13.01 1.29 -50.09
CA LEU B 601 -12.03 0.21 -49.94
C LEU B 601 -12.46 -1.07 -50.65
N MET B 602 -13.77 -1.24 -50.86
CA MET B 602 -14.32 -2.48 -51.41
C MET B 602 -15.21 -2.15 -52.61
N PRO B 603 -14.60 -1.85 -53.77
CA PRO B 603 -15.40 -1.46 -54.92
C PRO B 603 -16.02 -2.63 -55.69
N ASN B 604 -15.57 -3.86 -55.47
CA ASN B 604 -15.97 -4.99 -56.30
C ASN B 604 -16.78 -6.02 -55.55
N THR B 605 -17.32 -5.70 -54.38
CA THR B 605 -18.21 -6.60 -53.66
C THR B 605 -19.51 -5.89 -53.30
N MET B 606 -20.59 -6.65 -53.25
CA MET B 606 -21.89 -6.09 -52.94
C MET B 606 -22.06 -5.90 -51.44
N PHE B 607 -22.60 -4.76 -51.05
CA PHE B 607 -22.81 -4.43 -49.66
C PHE B 607 -24.24 -4.77 -49.27
N GLN B 608 -24.39 -5.53 -48.18
CA GLN B 608 -25.69 -5.96 -47.70
C GLN B 608 -25.96 -5.32 -46.34
N MET B 609 -27.17 -4.83 -46.16
CA MET B 609 -27.61 -4.32 -44.87
C MET B 609 -28.83 -5.09 -44.41
N LEU B 610 -29.02 -5.14 -43.09
CA LEU B 610 -30.20 -5.76 -42.50
C LEU B 610 -31.25 -4.68 -42.28
N PHE B 611 -32.28 -4.70 -43.11
CA PHE B 611 -33.35 -3.70 -43.09
C PHE B 611 -34.55 -4.28 -42.37
N ARG B 612 -35.05 -3.59 -41.34
CA ARG B 612 -36.13 -4.13 -40.52
C ARG B 612 -37.50 -3.71 -41.02
N GLY B 613 -37.63 -3.30 -42.28
CA GLY B 613 -38.93 -3.08 -42.88
C GLY B 613 -39.58 -1.75 -42.56
N SER B 614 -40.59 -1.78 -41.68
CA SER B 614 -41.30 -0.55 -41.31
C SER B 614 -40.40 0.43 -40.58
N ASN B 615 -39.48 -0.07 -39.75
CA ASN B 615 -38.40 0.72 -39.20
C ASN B 615 -37.12 0.30 -39.92
N ALA B 616 -36.30 1.27 -40.33
CA ALA B 616 -35.12 0.92 -41.11
C ALA B 616 -34.04 0.32 -40.22
N VAL B 617 -33.53 1.10 -39.26
CA VAL B 617 -32.53 0.62 -38.32
C VAL B 617 -32.98 1.01 -36.91
N GLY B 618 -34.06 1.78 -36.84
CA GLY B 618 -34.62 2.17 -35.56
C GLY B 618 -35.41 1.05 -34.93
N TYR B 619 -35.94 1.34 -33.75
CA TYR B 619 -36.67 0.35 -32.96
C TYR B 619 -38.18 0.62 -32.92
N GLN B 620 -38.62 1.80 -33.36
CA GLN B 620 -40.03 2.15 -33.40
C GLN B 620 -40.40 2.51 -34.83
N ASN B 621 -41.71 2.56 -35.10
CA ASN B 621 -42.17 2.71 -36.48
C ASN B 621 -42.02 4.15 -36.97
N TYR B 622 -41.61 4.28 -38.23
CA TYR B 622 -41.34 5.55 -38.87
C TYR B 622 -42.30 5.75 -40.04
N PRO B 623 -42.53 6.99 -40.48
CA PRO B 623 -43.36 7.22 -41.67
C PRO B 623 -42.75 6.63 -42.94
N ASP B 624 -43.61 6.43 -43.94
CA ASP B 624 -43.20 5.78 -45.18
C ASP B 624 -42.20 6.61 -45.96
N ASN B 625 -42.34 7.94 -45.94
CA ASN B 625 -41.39 8.79 -46.64
C ASN B 625 -40.01 8.76 -45.97
N VAL B 626 -39.97 8.58 -44.64
CA VAL B 626 -38.70 8.45 -43.93
C VAL B 626 -37.98 7.18 -44.36
N ILE B 627 -38.71 6.07 -44.46
CA ILE B 627 -38.13 4.81 -44.89
C ILE B 627 -37.68 4.89 -46.34
N GLU B 628 -38.48 5.53 -47.20
CA GLU B 628 -38.10 5.70 -48.60
C GLU B 628 -36.85 6.55 -48.75
N GLU B 629 -36.74 7.63 -47.97
CA GLU B 629 -35.56 8.48 -48.02
C GLU B 629 -34.33 7.75 -47.49
N PHE B 630 -34.50 6.95 -46.42
CA PHE B 630 -33.38 6.17 -45.89
C PHE B 630 -32.89 5.17 -46.93
N ILE B 631 -33.82 4.51 -47.63
CA ILE B 631 -33.45 3.56 -48.67
C ILE B 631 -32.73 4.27 -49.81
N ARG B 632 -33.21 5.46 -50.19
CA ARG B 632 -32.58 6.22 -51.27
C ARG B 632 -31.16 6.63 -50.90
N VAL B 633 -30.97 7.13 -49.68
CA VAL B 633 -29.65 7.60 -49.26
C VAL B 633 -28.69 6.42 -49.08
N ALA B 634 -29.18 5.30 -48.52
CA ALA B 634 -28.34 4.13 -48.34
C ALA B 634 -27.94 3.52 -49.69
N ALA B 635 -28.86 3.51 -50.66
CA ALA B 635 -28.53 3.03 -51.99
C ALA B 635 -27.56 3.97 -52.69
N HIS B 636 -27.69 5.27 -52.45
CA HIS B 636 -26.76 6.23 -53.05
C HIS B 636 -25.36 6.08 -52.47
N GLU B 637 -25.25 5.84 -51.16
CA GLU B 637 -23.95 5.76 -50.52
C GLU B 637 -23.29 4.39 -50.67
N GLY B 638 -24.01 3.40 -51.20
CA GLY B 638 -23.33 2.18 -51.61
C GLY B 638 -23.90 0.86 -51.12
N ILE B 639 -25.08 0.87 -50.51
CA ILE B 639 -25.72 -0.38 -50.11
C ILE B 639 -26.34 -1.01 -51.35
N ASP B 640 -25.96 -2.25 -51.63
CA ASP B 640 -26.39 -2.95 -52.84
C ASP B 640 -27.53 -3.94 -52.59
N VAL B 641 -27.50 -4.65 -51.47
CA VAL B 641 -28.53 -5.62 -51.12
C VAL B 641 -29.21 -5.16 -49.84
N PHE B 642 -30.53 -5.14 -49.85
CA PHE B 642 -31.32 -4.79 -48.68
C PHE B 642 -32.05 -6.04 -48.22
N ARG B 643 -31.58 -6.62 -47.12
CA ARG B 643 -32.28 -7.75 -46.51
C ARG B 643 -33.42 -7.17 -45.69
N ILE B 644 -34.61 -7.14 -46.29
CA ILE B 644 -35.79 -6.56 -45.64
C ILE B 644 -36.53 -7.68 -44.92
N PHE B 645 -36.63 -7.56 -43.59
CA PHE B 645 -37.36 -8.52 -42.78
C PHE B 645 -38.38 -7.79 -41.93
N ASP B 646 -39.49 -8.47 -41.65
CA ASP B 646 -40.46 -7.96 -40.70
C ASP B 646 -40.31 -8.71 -39.38
N SER B 647 -40.51 -7.98 -38.29
CA SER B 647 -40.36 -8.55 -36.95
C SER B 647 -41.40 -9.64 -36.68
N LEU B 648 -42.59 -9.52 -37.26
CA LEU B 648 -43.65 -10.51 -37.06
C LEU B 648 -44.05 -11.19 -38.37
N ASN B 649 -43.20 -11.10 -39.40
CA ASN B 649 -43.42 -11.66 -40.73
C ASN B 649 -44.70 -11.14 -41.37
N TRP B 650 -45.01 -9.86 -41.15
CA TRP B 650 -46.18 -9.21 -41.74
C TRP B 650 -45.75 -8.53 -43.03
N LEU B 651 -46.33 -8.96 -44.14
CA LEU B 651 -46.02 -8.39 -45.45
C LEU B 651 -46.26 -6.88 -45.60
N PRO B 652 -47.35 -6.28 -45.06
CA PRO B 652 -47.51 -4.82 -45.22
C PRO B 652 -46.36 -3.97 -44.68
N GLN B 653 -45.69 -4.41 -43.60
CA GLN B 653 -44.53 -3.69 -43.12
C GLN B 653 -43.34 -3.79 -44.07
N MET B 654 -43.39 -4.72 -45.03
CA MET B 654 -42.29 -4.98 -45.93
C MET B 654 -42.52 -4.47 -47.35
N GLU B 655 -43.77 -4.26 -47.75
CA GLU B 655 -44.09 -3.95 -49.14
C GLU B 655 -43.47 -2.63 -49.59
N LYS B 656 -43.61 -1.59 -48.77
CA LYS B 656 -43.11 -0.27 -49.14
C LYS B 656 -41.59 -0.24 -49.22
N SER B 657 -40.93 -0.92 -48.28
CA SER B 657 -39.48 -1.01 -48.30
C SER B 657 -38.99 -1.77 -49.54
N ILE B 658 -39.66 -2.87 -49.88
CA ILE B 658 -39.28 -3.64 -51.06
C ILE B 658 -39.46 -2.79 -52.32
N GLN B 659 -40.56 -2.05 -52.39
CA GLN B 659 -40.81 -1.19 -53.55
C GLN B 659 -39.78 -0.08 -53.67
N ALA B 660 -39.39 0.52 -52.54
CA ALA B 660 -38.39 1.59 -52.59
C ALA B 660 -37.02 1.06 -52.99
N VAL B 661 -36.66 -0.13 -52.52
CA VAL B 661 -35.40 -0.76 -52.94
C VAL B 661 -35.43 -1.08 -54.44
N ARG B 662 -36.60 -1.50 -54.94
CA ARG B 662 -36.75 -1.69 -56.38
C ARG B 662 -36.58 -0.37 -57.14
N ASP B 663 -37.15 0.72 -56.60
CA ASP B 663 -37.07 2.00 -57.27
C ASP B 663 -35.65 2.54 -57.32
N ASN B 664 -34.85 2.27 -56.28
CA ASN B 664 -33.48 2.76 -56.26
C ASN B 664 -32.51 1.86 -57.01
N GLY B 665 -32.99 0.87 -57.75
CA GLY B 665 -32.14 0.06 -58.60
C GLY B 665 -31.26 -0.93 -57.88
N LYS B 666 -31.61 -1.32 -56.66
CA LYS B 666 -30.84 -2.26 -55.88
C LYS B 666 -31.57 -3.60 -55.79
N ILE B 667 -31.02 -4.51 -55.00
CA ILE B 667 -31.56 -5.85 -54.83
C ILE B 667 -32.37 -5.89 -53.54
N ALA B 668 -33.62 -6.29 -53.65
CA ALA B 668 -34.51 -6.43 -52.50
C ALA B 668 -34.53 -7.89 -52.06
N GLU B 669 -34.34 -8.11 -50.77
CA GLU B 669 -34.32 -9.46 -50.20
C GLU B 669 -35.46 -9.55 -49.18
N ALA B 670 -36.62 -10.01 -49.64
CA ALA B 670 -37.70 -10.30 -48.72
C ALA B 670 -37.33 -11.50 -47.86
N THR B 671 -37.58 -11.38 -46.56
CA THR B 671 -37.05 -12.32 -45.59
C THR B 671 -38.18 -12.92 -44.77
N ILE B 672 -38.17 -14.24 -44.63
CA ILE B 672 -39.05 -14.95 -43.72
C ILE B 672 -38.26 -15.27 -42.46
N CYS B 673 -38.77 -14.84 -41.31
CA CYS B 673 -38.18 -15.22 -40.04
C CYS B 673 -38.70 -16.59 -39.62
N TYR B 674 -37.79 -17.47 -39.21
CA TYR B 674 -38.12 -18.86 -38.92
C TYR B 674 -38.26 -19.05 -37.41
N THR B 675 -39.36 -19.67 -37.00
CA THR B 675 -39.59 -20.03 -35.61
C THR B 675 -40.23 -21.41 -35.56
N GLY B 676 -40.19 -22.01 -34.37
CA GLY B 676 -40.81 -23.31 -34.19
C GLY B 676 -40.04 -24.42 -34.88
N ASP B 677 -40.77 -25.44 -35.31
CA ASP B 677 -40.18 -26.60 -35.98
C ASP B 677 -41.19 -27.13 -36.98
N ILE B 678 -40.84 -27.10 -38.26
CA ILE B 678 -41.75 -27.57 -39.30
C ILE B 678 -41.90 -29.08 -39.29
N LEU B 679 -40.93 -29.80 -38.73
CA LEU B 679 -40.98 -31.25 -38.69
C LEU B 679 -41.58 -31.78 -37.39
N ASP B 680 -42.04 -30.88 -36.52
CA ASP B 680 -42.69 -31.27 -35.27
C ASP B 680 -44.17 -30.97 -35.37
N PRO B 681 -45.05 -31.98 -35.28
CA PRO B 681 -46.49 -31.72 -35.43
C PRO B 681 -47.14 -31.08 -34.22
N SER B 682 -46.47 -31.06 -33.07
CA SER B 682 -47.06 -30.47 -31.86
C SER B 682 -47.10 -28.95 -31.89
N ARG B 683 -46.46 -28.31 -32.87
CA ARG B 683 -46.46 -26.87 -33.03
C ARG B 683 -46.96 -26.57 -34.44
N PRO B 684 -48.27 -26.56 -34.65
CA PRO B 684 -48.80 -26.46 -36.02
C PRO B 684 -48.97 -25.05 -36.56
N LYS B 685 -48.67 -24.01 -35.78
CA LYS B 685 -48.86 -22.65 -36.27
C LYS B 685 -47.87 -22.32 -37.38
N TYR B 686 -46.59 -22.56 -37.15
CA TYR B 686 -45.56 -22.32 -38.16
C TYR B 686 -45.17 -23.63 -38.83
N ASN B 687 -46.13 -24.20 -39.54
CA ASN B 687 -45.90 -25.43 -40.29
C ASN B 687 -45.33 -25.08 -41.67
N ILE B 688 -45.19 -26.09 -42.53
CA ILE B 688 -44.59 -25.89 -43.84
C ILE B 688 -45.49 -25.04 -44.73
N GLN B 689 -46.81 -25.21 -44.60
CA GLN B 689 -47.74 -24.48 -45.45
C GLN B 689 -47.75 -23.00 -45.14
N TYR B 690 -47.53 -22.62 -43.88
CA TYR B 690 -47.43 -21.21 -43.53
C TYR B 690 -46.25 -20.56 -44.23
N TYR B 691 -45.09 -21.22 -44.22
CA TYR B 691 -43.91 -20.69 -44.91
C TYR B 691 -44.10 -20.69 -46.42
N LYS B 692 -44.81 -21.69 -46.96
CA LYS B 692 -45.10 -21.72 -48.38
C LYS B 692 -45.98 -20.55 -48.80
N ASP B 693 -47.04 -20.28 -48.03
CA ASP B 693 -47.93 -19.17 -48.33
C ASP B 693 -47.21 -17.83 -48.17
N LEU B 694 -46.36 -17.73 -47.15
CA LEU B 694 -45.59 -16.49 -46.95
C LEU B 694 -44.60 -16.27 -48.09
N ALA B 695 -43.98 -17.34 -48.59
CA ALA B 695 -43.09 -17.23 -49.74
C ALA B 695 -43.85 -16.82 -50.99
N LYS B 696 -45.06 -17.34 -51.16
CA LYS B 696 -45.89 -16.91 -52.29
C LYS B 696 -46.25 -15.43 -52.20
N GLU B 697 -46.59 -14.96 -50.99
CA GLU B 697 -46.89 -13.55 -50.80
C GLU B 697 -45.68 -12.67 -51.06
N LEU B 698 -44.49 -13.13 -50.64
CA LEU B 698 -43.28 -12.35 -50.88
C LEU B 698 -42.89 -12.34 -52.35
N GLU B 699 -43.14 -13.45 -53.05
CA GLU B 699 -42.91 -13.47 -54.50
C GLU B 699 -43.95 -12.68 -55.25
N ALA B 700 -45.12 -12.43 -54.65
CA ALA B 700 -46.10 -11.54 -55.27
C ALA B 700 -45.56 -10.12 -55.39
N THR B 701 -44.83 -9.66 -54.38
CA THR B 701 -44.09 -8.42 -54.49
C THR B 701 -42.89 -8.61 -55.41
N GLY B 702 -42.26 -7.50 -55.78
CA GLY B 702 -41.15 -7.57 -56.72
C GLY B 702 -39.81 -7.91 -56.11
N ALA B 703 -39.82 -8.69 -55.03
CA ALA B 703 -38.59 -9.06 -54.35
C ALA B 703 -37.71 -9.92 -55.25
N HIS B 704 -36.40 -9.67 -55.18
CA HIS B 704 -35.47 -10.34 -56.06
C HIS B 704 -35.05 -11.71 -55.52
N ILE B 705 -34.74 -11.78 -54.22
CA ILE B 705 -34.25 -12.99 -53.60
C ILE B 705 -35.04 -13.24 -52.32
N LEU B 706 -35.53 -14.47 -52.16
CA LEU B 706 -36.19 -14.87 -50.93
C LEU B 706 -35.13 -15.22 -49.90
N ALA B 707 -35.27 -14.66 -48.69
CA ALA B 707 -34.30 -14.85 -47.63
C ALA B 707 -34.90 -15.66 -46.50
N VAL B 708 -34.20 -16.72 -46.10
CA VAL B 708 -34.59 -17.50 -44.93
C VAL B 708 -33.41 -17.61 -43.98
N ASP B 710 -33.06 -17.18 -39.83
CA ASP B 710 -33.04 -18.03 -38.65
C ASP B 710 -32.21 -17.34 -37.57
N MET B 711 -32.85 -16.43 -36.84
CA MET B 711 -32.14 -15.55 -35.92
C MET B 711 -31.61 -16.30 -34.70
N ALA B 712 -32.30 -17.35 -34.27
CA ALA B 712 -31.91 -18.09 -33.07
C ALA B 712 -31.25 -19.43 -33.38
N GLY B 713 -31.01 -19.74 -34.65
CA GLY B 713 -30.44 -21.02 -35.00
C GLY B 713 -31.37 -22.20 -34.75
N LEU B 714 -32.67 -22.01 -35.01
CA LEU B 714 -33.66 -23.04 -34.74
C LEU B 714 -33.84 -24.03 -35.88
N LEU B 715 -33.25 -23.77 -37.04
CA LEU B 715 -33.48 -24.61 -38.22
C LEU B 715 -32.62 -25.87 -38.11
N LYS B 716 -33.25 -26.99 -37.79
CA LYS B 716 -32.56 -28.27 -37.76
C LYS B 716 -32.23 -28.70 -39.18
N PRO B 717 -31.15 -29.47 -39.37
CA PRO B 717 -30.74 -29.86 -40.73
C PRO B 717 -31.75 -30.67 -41.50
N GLN B 718 -32.51 -31.54 -40.83
CA GLN B 718 -33.59 -32.24 -41.51
C GLN B 718 -34.71 -31.28 -41.87
N ALA B 719 -35.01 -30.33 -40.98
CA ALA B 719 -35.97 -29.27 -41.30
C ALA B 719 -35.42 -28.33 -42.37
N ALA B 720 -34.10 -28.13 -42.40
CA ALA B 720 -33.50 -27.26 -43.40
C ALA B 720 -33.66 -27.83 -44.80
N TYR B 721 -33.45 -29.13 -44.96
CA TYR B 721 -33.65 -29.76 -46.26
C TYR B 721 -35.11 -29.73 -46.67
N ARG B 722 -36.01 -29.96 -45.72
CA ARG B 722 -37.44 -30.00 -46.03
C ARG B 722 -37.96 -28.61 -46.39
N LEU B 723 -37.58 -27.59 -45.62
CA LEU B 723 -38.11 -26.25 -45.84
C LEU B 723 -37.62 -25.66 -47.16
N ILE B 724 -36.32 -25.81 -47.46
CA ILE B 724 -35.76 -25.21 -48.67
C ILE B 724 -36.32 -25.89 -49.91
N SER B 725 -36.48 -27.21 -49.88
CA SER B 725 -37.03 -27.92 -51.03
C SER B 725 -38.50 -27.57 -51.25
N GLU B 726 -39.26 -27.38 -50.17
CA GLU B 726 -40.66 -26.99 -50.34
C GLU B 726 -40.80 -25.53 -50.74
N LEU B 727 -39.78 -24.71 -50.49
CA LEU B 727 -39.80 -23.34 -51.01
C LEU B 727 -39.23 -23.26 -52.42
N LYS B 728 -38.37 -24.21 -52.80
CA LYS B 728 -37.77 -24.16 -54.13
C LYS B 728 -38.77 -24.50 -55.22
N ASP B 729 -39.72 -25.39 -54.95
CA ASP B 729 -40.76 -25.69 -55.92
C ASP B 729 -41.98 -24.79 -55.79
N THR B 730 -42.03 -23.96 -54.76
CA THR B 730 -43.14 -23.02 -54.61
C THR B 730 -42.86 -21.72 -55.37
N VAL B 731 -41.71 -21.11 -55.13
CA VAL B 731 -41.31 -19.88 -55.81
C VAL B 731 -40.05 -20.16 -56.61
N ASP B 732 -39.78 -19.30 -57.58
CA ASP B 732 -38.57 -19.39 -58.38
C ASP B 732 -37.52 -18.36 -57.99
N LEU B 733 -37.75 -17.62 -56.91
CA LEU B 733 -36.72 -16.72 -56.41
C LEU B 733 -35.56 -17.53 -55.83
N PRO B 734 -34.33 -17.03 -55.95
CA PRO B 734 -33.21 -17.66 -55.23
C PRO B 734 -33.42 -17.60 -53.73
N ILE B 735 -32.96 -18.63 -53.04
CA ILE B 735 -33.14 -18.75 -51.60
C ILE B 735 -31.83 -18.40 -50.91
N HIS B 736 -31.89 -17.41 -50.01
CA HIS B 736 -30.76 -17.02 -49.19
C HIS B 736 -31.02 -17.50 -47.77
N LEU B 737 -30.14 -18.33 -47.24
CA LEU B 737 -30.29 -18.88 -45.90
C LEU B 737 -29.31 -18.23 -44.94
N HIS B 738 -29.82 -17.75 -43.81
CA HIS B 738 -29.01 -17.17 -42.76
C HIS B 738 -29.36 -17.86 -41.46
N THR B 739 -28.34 -18.35 -40.74
CA THR B 739 -28.58 -19.07 -39.50
C THR B 739 -27.39 -18.87 -38.56
N HIS B 740 -27.62 -19.21 -37.30
CA HIS B 740 -26.58 -19.21 -36.27
C HIS B 740 -26.37 -20.64 -35.80
N ASP B 741 -25.16 -20.94 -35.34
CA ASP B 741 -24.81 -22.27 -34.84
C ASP B 741 -24.75 -22.32 -33.32
N THR B 742 -25.69 -21.64 -32.66
CA THR B 742 -25.79 -21.68 -31.21
C THR B 742 -26.00 -23.10 -30.71
N SER B 743 -26.78 -23.89 -31.43
CA SER B 743 -26.97 -25.29 -31.10
C SER B 743 -25.81 -26.18 -31.55
N GLY B 744 -24.84 -25.62 -32.27
CA GLY B 744 -23.76 -26.41 -32.82
C GLY B 744 -24.10 -27.15 -34.09
N ASN B 745 -25.19 -26.79 -34.76
CA ASN B 745 -25.65 -27.49 -35.95
C ASN B 745 -25.73 -26.57 -37.17
N GLY B 746 -24.97 -25.48 -37.17
CA GLY B 746 -25.04 -24.54 -38.28
C GLY B 746 -24.47 -25.11 -39.57
N ILE B 747 -23.38 -25.86 -39.49
CA ILE B 747 -22.73 -26.40 -40.67
C ILE B 747 -23.62 -27.46 -41.33
N ILE B 748 -24.17 -28.37 -40.52
CA ILE B 748 -25.01 -29.43 -41.07
C ILE B 748 -26.33 -28.88 -41.59
N THR B 749 -26.83 -27.79 -41.00
CA THR B 749 -28.02 -27.12 -41.52
C THR B 749 -27.76 -26.54 -42.91
N TYR B 750 -26.60 -25.90 -43.08
CA TYR B 750 -26.24 -25.36 -44.39
C TYR B 750 -26.02 -26.46 -45.41
N SER B 751 -25.41 -27.57 -44.99
CA SER B 751 -25.20 -28.69 -45.90
C SER B 751 -26.52 -29.36 -46.27
N GLY B 752 -27.47 -29.40 -45.34
CA GLY B 752 -28.80 -29.90 -45.67
C GLY B 752 -29.53 -29.03 -46.66
N ALA B 753 -29.38 -27.71 -46.53
CA ALA B 753 -30.01 -26.80 -47.47
C ALA B 753 -29.29 -26.78 -48.82
N THR B 754 -27.98 -27.05 -48.81
CA THR B 754 -27.24 -27.15 -50.06
C THR B 754 -27.72 -28.33 -50.89
N GLN B 755 -28.03 -29.45 -50.24
CA GLN B 755 -28.61 -30.60 -50.94
C GLN B 755 -30.00 -30.28 -51.44
N ALA B 756 -30.77 -29.48 -50.70
CA ALA B 756 -32.09 -29.08 -51.13
C ALA B 756 -32.07 -28.04 -52.24
N GLY B 757 -30.92 -27.41 -52.49
CA GLY B 757 -30.80 -26.45 -53.55
C GLY B 757 -30.79 -25.00 -53.13
N VAL B 758 -30.29 -24.68 -51.95
CA VAL B 758 -30.19 -23.28 -51.54
C VAL B 758 -29.12 -22.59 -52.39
N ASP B 759 -29.26 -21.29 -52.55
CA ASP B 759 -28.40 -20.53 -53.46
C ASP B 759 -27.30 -19.77 -52.73
N ILE B 760 -27.65 -19.01 -51.71
CA ILE B 760 -26.68 -18.24 -50.93
C ILE B 760 -26.86 -18.61 -49.46
N ILE B 761 -25.73 -18.73 -48.75
CA ILE B 761 -25.75 -18.96 -47.31
C ILE B 761 -24.89 -17.90 -46.63
N ASP B 762 -25.24 -17.59 -45.39
CA ASP B 762 -24.59 -16.54 -44.63
C ASP B 762 -23.52 -17.15 -43.73
N VAL B 763 -22.25 -16.83 -44.02
CA VAL B 763 -21.14 -17.40 -43.28
C VAL B 763 -20.29 -16.26 -42.72
N ALA B 764 -19.50 -16.59 -41.71
CA ALA B 764 -18.56 -15.67 -41.09
C ALA B 764 -17.16 -16.25 -41.19
N THR B 765 -16.16 -15.39 -40.95
CA THR B 765 -14.79 -15.86 -40.91
C THR B 765 -14.59 -16.73 -39.67
N ALA B 766 -13.59 -17.61 -39.74
CA ALA B 766 -13.43 -18.67 -38.74
C ALA B 766 -13.12 -18.11 -37.37
N SER B 767 -12.35 -17.02 -37.30
CA SER B 767 -12.01 -16.42 -36.02
C SER B 767 -13.19 -15.76 -35.34
N LEU B 768 -14.23 -15.39 -36.09
CA LEU B 768 -15.44 -14.79 -35.54
C LEU B 768 -16.65 -15.66 -35.80
N ALA B 769 -16.45 -16.97 -35.88
CA ALA B 769 -17.52 -17.94 -36.11
C ALA B 769 -17.77 -18.75 -34.84
N GLY B 770 -18.81 -19.57 -34.88
CA GLY B 770 -19.17 -20.41 -33.77
C GLY B 770 -19.94 -19.66 -32.71
N GLY B 771 -20.48 -20.42 -31.76
CA GLY B 771 -21.30 -19.84 -30.72
C GLY B 771 -22.57 -19.24 -31.30
N THR B 772 -22.88 -18.01 -30.91
CA THR B 772 -24.06 -17.31 -31.41
C THR B 772 -23.85 -16.68 -32.77
N SER B 773 -22.64 -16.77 -33.33
CA SER B 773 -22.32 -16.18 -34.63
C SER B 773 -22.75 -17.13 -35.74
N GLN B 774 -22.29 -16.85 -36.97
CA GLN B 774 -22.57 -17.69 -38.10
C GLN B 774 -21.58 -18.85 -38.18
N PRO B 775 -21.95 -19.93 -38.85
CA PRO B 775 -20.97 -21.00 -39.14
C PRO B 775 -19.85 -20.49 -40.04
N SER B 776 -18.69 -21.13 -39.91
CA SER B 776 -17.47 -20.61 -40.52
C SER B 776 -17.48 -20.74 -42.04
N MET B 777 -16.96 -19.70 -42.70
CA MET B 777 -16.77 -19.73 -44.15
C MET B 777 -15.72 -20.76 -44.55
N GLN B 778 -14.64 -20.85 -43.75
CA GLN B 778 -13.57 -21.78 -44.08
C GLN B 778 -14.01 -23.23 -43.85
N SER B 779 -14.84 -23.47 -42.85
CA SER B 779 -15.27 -24.83 -42.56
C SER B 779 -16.44 -25.30 -43.42
N ILE B 780 -17.23 -24.38 -43.97
CA ILE B 780 -18.29 -24.79 -44.89
C ILE B 780 -17.73 -25.17 -46.25
N TYR B 781 -16.52 -24.72 -46.59
CA TYR B 781 -15.89 -25.16 -47.83
C TYR B 781 -15.49 -26.62 -47.74
N TYR B 782 -14.81 -27.01 -46.66
CA TYR B 782 -14.34 -28.38 -46.52
C TYR B 782 -15.48 -29.34 -46.23
N ALA B 783 -16.57 -28.84 -45.64
CA ALA B 783 -17.76 -29.65 -45.44
C ALA B 783 -18.41 -30.02 -46.78
N LEU B 784 -18.42 -29.08 -47.72
CA LEU B 784 -19.02 -29.29 -49.03
C LEU B 784 -18.01 -29.71 -50.09
N GLU B 785 -16.74 -29.90 -49.72
CA GLU B 785 -15.74 -30.34 -50.66
C GLU B 785 -16.00 -31.78 -51.08
N HIS B 786 -15.76 -32.05 -52.38
CA HIS B 786 -16.01 -33.34 -53.01
C HIS B 786 -17.47 -33.78 -52.89
N GLY B 787 -18.38 -32.81 -52.89
CA GLY B 787 -19.79 -33.10 -52.87
C GLY B 787 -20.44 -32.74 -54.20
N PRO B 788 -21.77 -32.88 -54.28
CA PRO B 788 -22.47 -32.46 -55.50
C PRO B 788 -22.33 -30.97 -55.79
N ARG B 789 -22.31 -30.14 -54.76
CA ARG B 789 -22.15 -28.70 -54.90
C ARG B 789 -21.04 -28.22 -54.00
N HIS B 790 -20.11 -27.45 -54.56
CA HIS B 790 -19.03 -26.85 -53.78
C HIS B 790 -19.45 -25.46 -53.31
N ALA B 791 -18.61 -24.88 -52.45
CA ALA B 791 -18.79 -23.51 -51.98
C ALA B 791 -17.88 -22.60 -52.78
N SER B 792 -18.47 -21.58 -53.40
CA SER B 792 -17.71 -20.66 -54.25
C SER B 792 -16.92 -19.71 -53.36
N ILE B 793 -15.68 -20.08 -53.06
CA ILE B 793 -14.80 -19.27 -52.23
C ILE B 793 -13.37 -19.73 -52.47
N ASN B 794 -12.40 -18.85 -52.18
CA ASN B 794 -10.99 -19.20 -52.16
C ASN B 794 -10.64 -19.44 -50.69
N VAL B 795 -10.56 -20.71 -50.30
CA VAL B 795 -10.40 -21.03 -48.88
C VAL B 795 -8.97 -20.76 -48.42
N LYS B 796 -8.01 -20.76 -49.35
CA LYS B 796 -6.64 -20.42 -48.98
C LYS B 796 -6.51 -18.92 -48.72
N ASN B 797 -7.22 -18.11 -49.50
CA ASN B 797 -7.26 -16.68 -49.24
C ASN B 797 -8.09 -16.37 -48.00
N ALA B 798 -9.14 -17.16 -47.77
CA ALA B 798 -9.98 -16.95 -46.60
C ALA B 798 -9.25 -17.32 -45.31
N GLU B 799 -8.41 -18.35 -45.36
CA GLU B 799 -7.62 -18.71 -44.20
C GLU B 799 -6.53 -17.69 -43.91
N GLN B 800 -6.00 -17.05 -44.96
CA GLN B 800 -5.03 -15.99 -44.75
C GLN B 800 -5.67 -14.75 -44.17
N ILE B 801 -6.91 -14.45 -44.59
CA ILE B 801 -7.64 -13.31 -44.04
C ILE B 801 -7.99 -13.55 -42.58
N ASP B 802 -8.32 -14.81 -42.24
CA ASP B 802 -8.72 -15.16 -40.88
C ASP B 802 -7.61 -14.96 -39.85
N HIS B 803 -6.34 -14.92 -40.29
CA HIS B 803 -5.25 -14.61 -39.37
C HIS B 803 -5.36 -13.17 -38.86
N TYR B 804 -5.81 -12.25 -39.71
CA TYR B 804 -6.01 -10.87 -39.29
C TYR B 804 -7.13 -10.77 -38.25
N TRP B 805 -8.24 -11.45 -38.50
CA TRP B 805 -9.37 -11.38 -37.59
C TRP B 805 -9.08 -12.07 -36.26
N GLU B 806 -8.21 -13.08 -36.28
CA GLU B 806 -7.74 -13.68 -35.03
C GLU B 806 -6.95 -12.68 -34.20
N ASP B 807 -6.11 -11.88 -34.85
CA ASP B 807 -5.31 -10.90 -34.13
C ASP B 807 -6.15 -9.72 -33.67
N VAL B 808 -7.11 -9.30 -34.51
CA VAL B 808 -7.94 -8.14 -34.18
C VAL B 808 -8.90 -8.45 -33.04
N ARG B 809 -9.36 -9.71 -32.94
CA ARG B 809 -10.28 -10.09 -31.88
C ARG B 809 -9.65 -9.97 -30.49
N LYS B 810 -8.33 -10.03 -30.41
CA LYS B 810 -7.65 -9.84 -29.13
C LYS B 810 -7.82 -8.41 -28.61
N TYR B 811 -8.08 -7.44 -29.49
CA TYR B 811 -8.33 -6.07 -29.04
C TYR B 811 -9.66 -5.94 -28.31
N TYR B 812 -10.61 -6.83 -28.56
CA TYR B 812 -11.95 -6.73 -28.02
C TYR B 812 -12.20 -7.70 -26.89
N ALA B 813 -11.17 -7.95 -26.08
CA ALA B 813 -11.33 -8.76 -24.87
C ALA B 813 -12.38 -8.26 -23.88
N PRO B 814 -12.56 -6.96 -23.60
CA PRO B 814 -13.65 -6.57 -22.67
C PRO B 814 -15.05 -6.87 -23.18
N PHE B 815 -15.24 -7.06 -24.49
CA PHE B 815 -16.56 -7.31 -25.04
C PHE B 815 -16.80 -8.78 -25.37
N GLU B 816 -15.91 -9.66 -24.94
CA GLU B 816 -16.10 -11.08 -25.19
C GLU B 816 -17.23 -11.64 -24.35
N ALA B 817 -18.03 -12.52 -24.95
CA ALA B 817 -19.16 -13.12 -24.25
C ALA B 817 -18.70 -14.05 -23.13
N GLY B 818 -17.65 -14.83 -23.38
CA GLY B 818 -17.12 -15.73 -22.39
C GLY B 818 -16.87 -17.10 -23.01
N ILE B 819 -16.82 -18.11 -22.14
CA ILE B 819 -16.63 -19.48 -22.61
C ILE B 819 -17.91 -19.92 -23.31
N THR B 820 -17.80 -20.22 -24.60
CA THR B 820 -18.94 -20.56 -25.44
C THR B 820 -18.88 -22.02 -25.83
N SER B 821 -20.01 -22.70 -25.68
CA SER B 821 -20.18 -24.11 -26.01
C SER B 821 -21.44 -24.23 -26.87
N PRO B 822 -21.56 -25.31 -27.65
CA PRO B 822 -22.83 -25.55 -28.35
C PRO B 822 -23.97 -25.72 -27.35
N GLN B 823 -25.07 -25.03 -27.61
CA GLN B 823 -26.18 -24.94 -26.65
C GLN B 823 -27.46 -25.31 -27.37
N THR B 824 -27.90 -26.56 -27.19
CA THR B 824 -29.16 -27.02 -27.76
C THR B 824 -30.37 -26.57 -26.95
N GLU B 825 -30.16 -25.87 -25.83
CA GLU B 825 -31.25 -25.25 -25.10
C GLU B 825 -31.83 -24.05 -25.85
N VAL B 826 -31.18 -23.60 -26.93
CA VAL B 826 -31.77 -22.57 -27.77
C VAL B 826 -32.99 -23.11 -28.51
N TYR B 827 -33.07 -24.43 -28.66
CA TYR B 827 -34.31 -25.04 -29.14
C TYR B 827 -35.42 -24.93 -28.11
N MET B 828 -35.04 -24.80 -26.83
CA MET B 828 -36.03 -24.78 -25.76
C MET B 828 -36.61 -23.37 -25.57
N HIS B 829 -35.77 -22.35 -25.51
CA HIS B 829 -36.27 -21.02 -25.21
C HIS B 829 -36.35 -20.09 -26.43
N GLU B 830 -35.67 -20.45 -27.52
CA GLU B 830 -35.72 -19.72 -28.80
C GLU B 830 -35.25 -18.27 -28.66
N MET B 831 -34.32 -18.03 -27.75
CA MET B 831 -33.76 -16.69 -27.58
C MET B 831 -32.72 -16.46 -28.66
N PRO B 832 -32.81 -15.38 -29.44
CA PRO B 832 -31.73 -15.05 -30.36
C PRO B 832 -30.47 -14.64 -29.60
N GLY B 833 -29.33 -14.80 -30.29
CA GLY B 833 -28.05 -14.61 -29.63
C GLY B 833 -27.81 -13.18 -29.16
N GLY B 834 -28.31 -12.21 -29.92
CA GLY B 834 -28.24 -10.84 -29.46
C GLY B 834 -29.08 -10.59 -28.21
N GLN B 835 -30.23 -11.24 -28.12
CA GLN B 835 -31.06 -11.12 -26.94
C GLN B 835 -30.49 -11.89 -25.76
N TYR B 836 -29.73 -12.96 -26.03
CA TYR B 836 -29.15 -13.75 -24.95
C TYR B 836 -28.10 -12.95 -24.18
N THR B 837 -27.19 -12.29 -24.90
CA THR B 837 -26.15 -11.49 -24.25
C THR B 837 -26.74 -10.26 -23.58
N ASN B 838 -27.75 -9.64 -24.20
CA ASN B 838 -28.32 -8.42 -23.65
C ASN B 838 -29.13 -8.69 -22.39
N LEU B 839 -30.02 -9.69 -22.44
CA LEU B 839 -30.93 -9.95 -21.32
C LEU B 839 -30.17 -10.48 -20.11
N LYS B 840 -29.14 -11.29 -20.34
CA LYS B 840 -28.34 -11.79 -19.22
C LYS B 840 -27.57 -10.66 -18.54
N SER B 841 -27.23 -9.61 -19.29
CA SER B 841 -26.56 -8.46 -18.69
C SER B 841 -27.50 -7.70 -17.76
N GLN B 842 -28.76 -7.54 -18.14
CA GLN B 842 -29.71 -6.83 -17.29
C GLN B 842 -30.10 -7.64 -16.06
N ALA B 843 -30.20 -8.96 -16.19
CA ALA B 843 -30.60 -9.79 -15.04
C ALA B 843 -29.56 -9.74 -13.94
N ALA B 844 -28.28 -9.80 -14.29
CA ALA B 844 -27.23 -9.65 -13.29
C ALA B 844 -27.14 -8.22 -12.78
N ALA B 845 -27.54 -7.24 -13.61
CA ALA B 845 -27.50 -5.85 -13.18
C ALA B 845 -28.54 -5.57 -12.11
N VAL B 846 -29.80 -5.97 -12.34
CA VAL B 846 -30.83 -5.84 -11.32
C VAL B 846 -30.62 -6.79 -10.15
N GLY B 847 -30.10 -7.98 -10.39
CA GLY B 847 -29.87 -8.96 -9.35
C GLY B 847 -30.56 -10.28 -9.53
N LEU B 848 -30.79 -10.71 -10.77
CA LEU B 848 -31.43 -11.99 -11.06
C LEU B 848 -30.53 -12.92 -11.86
N GLY B 849 -29.22 -12.62 -11.93
CA GLY B 849 -28.30 -13.43 -12.71
C GLY B 849 -28.15 -14.85 -12.22
N HIS B 850 -28.29 -15.07 -10.91
CA HIS B 850 -28.19 -16.44 -10.39
C HIS B 850 -29.43 -17.25 -10.73
N ARG B 851 -30.57 -16.61 -10.94
CA ARG B 851 -31.79 -17.28 -11.39
C ARG B 851 -32.04 -17.07 -12.87
N PHE B 852 -30.99 -16.87 -13.66
CA PHE B 852 -31.14 -16.69 -15.10
C PHE B 852 -31.66 -17.95 -15.78
N ASP B 853 -31.44 -19.13 -15.19
CA ASP B 853 -32.02 -20.35 -15.74
C ASP B 853 -33.54 -20.32 -15.65
N GLU B 854 -34.08 -19.84 -14.53
CA GLU B 854 -35.53 -19.74 -14.40
C GLU B 854 -36.11 -18.65 -15.29
N ILE B 855 -35.32 -17.62 -15.59
CA ILE B 855 -35.74 -16.63 -16.59
C ILE B 855 -35.87 -17.28 -17.97
N LYS B 856 -34.90 -18.13 -18.32
CA LYS B 856 -34.96 -18.85 -19.59
C LYS B 856 -36.10 -19.85 -19.63
N GLN B 857 -36.44 -20.44 -18.47
CA GLN B 857 -37.57 -21.36 -18.42
C GLN B 857 -38.88 -20.63 -18.67
N MET B 858 -39.03 -19.43 -18.11
CA MET B 858 -40.26 -18.68 -18.29
C MET B 858 -40.25 -17.80 -19.55
N TYR B 859 -39.11 -17.72 -20.23
CA TYR B 859 -39.11 -17.06 -21.55
C TYR B 859 -39.94 -17.86 -22.54
N ARG B 860 -39.99 -19.19 -22.36
CA ARG B 860 -40.90 -20.01 -23.17
C ARG B 860 -42.35 -19.74 -22.83
N LYS B 861 -42.67 -19.63 -21.54
CA LYS B 861 -44.08 -19.55 -21.15
C LYS B 861 -44.69 -18.20 -21.50
N VAL B 862 -43.91 -17.11 -21.45
CA VAL B 862 -44.45 -15.83 -21.91
C VAL B 862 -44.64 -15.86 -23.43
N ASN B 863 -43.74 -16.54 -24.15
CA ASN B 863 -43.90 -16.71 -25.59
C ASN B 863 -45.13 -17.54 -25.91
N MET B 864 -45.40 -18.56 -25.10
CA MET B 864 -46.66 -19.30 -25.23
C MET B 864 -47.84 -18.46 -24.77
N MET B 865 -47.63 -17.61 -23.76
CA MET B 865 -48.67 -16.68 -23.32
C MET B 865 -49.00 -15.68 -24.43
N PHE B 866 -47.99 -15.18 -25.13
CA PHE B 866 -48.21 -14.22 -26.20
C PHE B 866 -48.85 -14.85 -27.43
N GLY B 867 -48.89 -16.17 -27.52
CA GLY B 867 -49.46 -16.86 -28.65
C GLY B 867 -48.46 -17.43 -29.62
N ASP B 868 -47.25 -17.77 -29.16
CA ASP B 868 -46.16 -18.30 -29.98
C ASP B 868 -45.82 -17.35 -31.13
N ILE B 869 -45.34 -16.17 -30.73
CA ILE B 869 -44.99 -15.14 -31.69
C ILE B 869 -43.58 -15.37 -32.21
N ILE B 870 -43.27 -14.73 -33.33
CA ILE B 870 -41.94 -14.80 -33.92
C ILE B 870 -41.02 -13.87 -33.13
N LYS B 871 -39.93 -14.42 -32.60
CA LYS B 871 -39.07 -13.70 -31.67
C LYS B 871 -37.79 -13.28 -32.38
N VAL B 872 -37.86 -12.12 -33.04
CA VAL B 872 -36.72 -11.43 -33.62
C VAL B 872 -36.88 -9.97 -33.22
N THR B 873 -35.80 -9.19 -33.38
CA THR B 873 -35.82 -7.79 -33.01
C THR B 873 -36.82 -7.01 -33.88
N PRO B 874 -37.67 -6.17 -33.27
CA PRO B 874 -37.81 -5.91 -31.83
C PRO B 874 -38.85 -6.75 -31.10
N SER B 875 -39.50 -7.74 -31.72
CA SER B 875 -40.45 -8.57 -30.97
C SER B 875 -39.75 -9.44 -29.94
N SER B 876 -38.49 -9.78 -30.16
CA SER B 876 -37.69 -10.41 -29.11
C SER B 876 -37.01 -9.37 -28.24
N LYS B 877 -37.78 -8.36 -27.84
CA LYS B 877 -37.43 -7.48 -26.74
C LYS B 877 -38.65 -7.35 -25.84
N VAL B 878 -39.84 -7.38 -26.46
CA VAL B 878 -41.06 -7.30 -25.67
C VAL B 878 -41.32 -8.64 -24.98
N VAL B 879 -40.77 -9.72 -25.50
CA VAL B 879 -40.74 -10.98 -24.75
C VAL B 879 -39.71 -10.89 -23.64
N GLY B 880 -38.54 -10.33 -23.95
CA GLY B 880 -37.45 -10.31 -22.98
C GLY B 880 -37.63 -9.29 -21.88
N ASP B 881 -38.24 -8.14 -22.19
CA ASP B 881 -38.41 -7.10 -21.19
C ASP B 881 -39.36 -7.52 -20.09
N MET B 882 -40.47 -8.17 -20.45
CA MET B 882 -41.37 -8.68 -19.42
C MET B 882 -40.93 -10.04 -18.89
N ALA B 883 -40.01 -10.71 -19.58
CA ALA B 883 -39.28 -11.80 -18.94
C ALA B 883 -38.41 -11.26 -17.81
N LEU B 884 -37.76 -10.12 -18.04
CA LEU B 884 -37.05 -9.45 -16.96
C LEU B 884 -38.01 -8.90 -15.93
N PHE B 885 -39.21 -8.47 -16.35
CA PHE B 885 -40.12 -7.80 -15.44
C PHE B 885 -40.87 -8.79 -14.55
N MET B 886 -41.47 -9.84 -15.14
CA MET B 886 -42.32 -10.75 -14.39
C MET B 886 -41.54 -11.55 -13.35
N ILE B 887 -40.22 -11.72 -13.54
CA ILE B 887 -39.41 -12.48 -12.59
C ILE B 887 -39.28 -11.75 -11.24
N GLN B 888 -39.65 -10.47 -11.16
CA GLN B 888 -39.75 -9.76 -9.90
C GLN B 888 -41.19 -9.25 -9.75
N ASN B 889 -41.73 -9.37 -8.53
CA ASN B 889 -43.07 -8.92 -8.12
C ASN B 889 -44.20 -9.64 -8.84
N ASP B 890 -43.93 -10.70 -9.59
CA ASP B 890 -44.97 -11.48 -10.26
C ASP B 890 -44.58 -12.94 -10.16
N LEU B 891 -45.57 -13.82 -10.23
CA LEU B 891 -45.36 -15.24 -9.95
C LEU B 891 -45.59 -16.13 -11.17
N THR B 892 -46.75 -16.08 -11.80
CA THR B 892 -47.08 -17.02 -12.86
C THR B 892 -47.98 -16.34 -13.87
N GLU B 893 -48.43 -17.12 -14.86
CA GLU B 893 -49.31 -16.58 -15.89
C GLU B 893 -50.72 -16.38 -15.38
N GLU B 894 -51.15 -17.21 -14.42
CA GLU B 894 -52.48 -17.04 -13.84
C GLU B 894 -52.53 -15.81 -12.93
N ASP B 895 -51.38 -15.43 -12.38
CA ASP B 895 -51.28 -14.15 -11.68
C ASP B 895 -51.49 -13.00 -12.66
N VAL B 896 -50.96 -13.14 -13.87
CA VAL B 896 -51.19 -12.14 -14.92
C VAL B 896 -52.65 -12.15 -15.36
N TYR B 897 -53.25 -13.34 -15.44
CA TYR B 897 -54.65 -13.46 -15.84
C TYR B 897 -55.58 -12.82 -14.82
N ALA B 898 -55.26 -12.95 -13.53
CA ALA B 898 -56.16 -12.48 -12.47
C ALA B 898 -55.82 -11.07 -11.98
N ARG B 899 -54.62 -10.85 -11.47
CA ARG B 899 -54.25 -9.60 -10.84
C ARG B 899 -53.46 -8.70 -11.79
N GLY B 900 -53.36 -9.08 -13.07
CA GLY B 900 -52.53 -8.35 -14.00
C GLY B 900 -53.10 -6.99 -14.38
N ASN B 901 -54.38 -6.77 -14.11
CA ASN B 901 -54.96 -5.46 -14.34
C ASN B 901 -54.52 -4.45 -13.29
N GLU B 902 -53.88 -4.91 -12.22
CA GLU B 902 -53.51 -4.03 -11.11
C GLU B 902 -52.06 -3.57 -11.15
N LEU B 903 -51.26 -3.98 -12.12
CA LEU B 903 -49.91 -3.47 -12.25
C LEU B 903 -49.81 -2.54 -13.45
N ASN B 904 -48.60 -2.01 -13.65
CA ASN B 904 -48.23 -1.31 -14.87
C ASN B 904 -47.26 -2.20 -15.63
N PHE B 905 -47.71 -2.76 -16.75
CA PHE B 905 -46.89 -3.64 -17.56
C PHE B 905 -45.83 -2.82 -18.29
N PRO B 906 -44.73 -3.47 -18.73
CA PRO B 906 -43.65 -2.72 -19.37
C PRO B 906 -44.07 -2.02 -20.65
N GLU B 907 -43.36 -0.93 -20.95
CA GLU B 907 -43.73 -0.05 -22.04
C GLU B 907 -43.59 -0.74 -23.40
N SER B 908 -42.60 -1.63 -23.54
CA SER B 908 -42.44 -2.35 -24.80
C SER B 908 -43.56 -3.36 -25.00
N VAL B 909 -44.06 -3.95 -23.92
CA VAL B 909 -45.13 -4.94 -24.02
C VAL B 909 -46.44 -4.27 -24.41
N VAL B 910 -46.76 -3.15 -23.79
CA VAL B 910 -48.02 -2.47 -24.09
C VAL B 910 -47.96 -1.84 -25.49
N SER B 911 -46.77 -1.44 -25.94
CA SER B 911 -46.63 -0.92 -27.29
C SER B 911 -46.79 -2.04 -28.32
N PHE B 912 -46.28 -3.24 -28.00
CA PHE B 912 -46.47 -4.38 -28.89
C PHE B 912 -47.93 -4.80 -28.94
N PHE B 913 -48.61 -4.79 -27.79
CA PHE B 913 -50.01 -5.24 -27.75
C PHE B 913 -50.97 -4.18 -28.24
N ARG B 914 -50.55 -2.91 -28.31
CA ARG B 914 -51.34 -1.91 -29.03
C ARG B 914 -51.34 -2.20 -30.52
N GLY B 915 -50.22 -2.68 -31.05
CA GLY B 915 -50.11 -2.96 -32.46
C GLY B 915 -49.07 -2.11 -33.16
N ASP B 916 -48.18 -1.49 -32.37
CA ASP B 916 -47.15 -0.63 -32.93
C ASP B 916 -46.02 -1.41 -33.59
N LEU B 917 -45.93 -2.72 -33.37
CA LEU B 917 -44.95 -3.55 -34.05
C LEU B 917 -45.56 -4.37 -35.18
N GLY B 918 -46.84 -4.18 -35.48
CA GLY B 918 -47.52 -4.92 -36.53
C GLY B 918 -48.47 -5.95 -35.94
N GLN B 919 -49.08 -6.71 -36.85
CA GLN B 919 -50.04 -7.73 -36.47
C GLN B 919 -49.37 -9.10 -36.50
N PRO B 920 -49.35 -9.83 -35.39
CA PRO B 920 -48.72 -11.15 -35.39
C PRO B 920 -49.54 -12.17 -36.17
N VAL B 921 -48.93 -13.34 -36.36
CA VAL B 921 -49.58 -14.41 -37.11
C VAL B 921 -50.70 -15.01 -36.28
N GLY B 922 -51.90 -15.08 -36.86
CA GLY B 922 -53.05 -15.59 -36.16
C GLY B 922 -53.83 -14.50 -35.45
N GLY B 923 -53.18 -13.82 -34.52
CA GLY B 923 -53.81 -12.71 -33.82
C GLY B 923 -53.36 -12.65 -32.38
N PHE B 924 -53.71 -11.55 -31.74
CA PHE B 924 -53.38 -11.35 -30.34
C PHE B 924 -54.25 -12.25 -29.46
N PRO B 925 -53.75 -12.61 -28.27
CA PRO B 925 -54.64 -13.19 -27.25
C PRO B 925 -55.59 -12.13 -26.73
N GLU B 926 -56.87 -12.27 -27.07
CA GLU B 926 -57.82 -11.18 -26.88
C GLU B 926 -58.15 -10.96 -25.41
N LYS B 927 -58.03 -12.01 -24.58
CA LYS B 927 -58.22 -11.82 -23.15
C LYS B 927 -57.01 -11.13 -22.54
N LEU B 928 -55.81 -11.48 -22.99
CA LEU B 928 -54.61 -10.83 -22.50
C LEU B 928 -54.49 -9.40 -23.01
N GLN B 929 -54.98 -9.15 -24.23
CA GLN B 929 -54.79 -7.84 -24.85
C GLN B 929 -55.54 -6.74 -24.09
N LYS B 930 -56.80 -7.02 -23.71
CA LYS B 930 -57.57 -6.02 -22.97
C LYS B 930 -57.03 -5.83 -21.56
N ILE B 931 -56.41 -6.88 -21.00
CA ILE B 931 -55.79 -6.76 -19.69
C ILE B 931 -54.53 -5.91 -19.77
N ILE B 932 -53.72 -6.09 -20.82
CA ILE B 932 -52.40 -5.46 -20.88
C ILE B 932 -52.52 -3.96 -21.12
N VAL B 933 -53.24 -3.55 -22.15
CA VAL B 933 -53.54 -2.13 -22.37
C VAL B 933 -54.94 -1.86 -21.82
N LYS B 934 -55.02 -0.98 -20.82
CA LYS B 934 -56.29 -0.74 -20.14
C LYS B 934 -57.13 0.26 -20.90
N ASP B 935 -56.61 1.48 -21.07
CA ASP B 935 -57.33 2.56 -21.73
C ASP B 935 -56.49 3.18 -22.84
N LYS B 936 -55.72 2.37 -23.55
CA LYS B 936 -54.85 2.84 -24.62
C LYS B 936 -55.45 2.51 -25.98
N ALA B 937 -55.15 3.34 -26.96
CA ALA B 937 -55.63 3.11 -28.32
C ALA B 937 -54.93 1.92 -28.94
N VAL B 938 -55.71 1.01 -29.50
CA VAL B 938 -55.21 -0.22 -30.08
C VAL B 938 -55.47 -0.18 -31.58
N ILE B 939 -54.42 -0.16 -32.37
CA ILE B 939 -54.55 -0.16 -33.82
C ILE B 939 -54.55 -1.59 -34.33
N THR B 940 -55.01 -1.77 -35.57
CA THR B 940 -55.05 -3.09 -36.18
C THR B 940 -54.53 -3.06 -37.61
N ASP B 941 -53.78 -2.04 -37.97
CA ASP B 941 -53.20 -1.90 -39.31
C ASP B 941 -51.75 -1.45 -39.18
N ARG B 942 -51.17 -0.98 -40.28
CA ARG B 942 -49.78 -0.52 -40.26
C ARG B 942 -49.63 0.68 -39.34
N PRO B 943 -48.66 0.64 -38.41
CA PRO B 943 -48.38 1.85 -37.61
C PRO B 943 -47.81 3.00 -38.41
N GLY B 944 -47.25 2.74 -39.59
CA GLY B 944 -46.78 3.81 -40.45
C GLY B 944 -47.90 4.63 -41.06
N LEU B 945 -49.10 4.06 -41.17
CA LEU B 945 -50.25 4.84 -41.59
C LEU B 945 -50.67 5.84 -40.52
N HIS B 946 -50.38 5.54 -39.25
CA HIS B 946 -50.72 6.42 -38.14
C HIS B 946 -49.53 7.23 -37.65
N ALA B 947 -48.41 7.22 -38.38
CA ALA B 947 -47.23 7.96 -37.99
C ALA B 947 -47.35 9.42 -38.42
N GLU B 948 -46.92 10.32 -37.54
CA GLU B 948 -46.98 11.74 -37.84
C GLU B 948 -45.99 12.11 -38.95
N LYS B 949 -46.45 12.96 -39.87
CA LYS B 949 -45.68 13.29 -41.06
C LYS B 949 -44.39 14.02 -40.70
N VAL B 950 -43.33 13.70 -41.43
CA VAL B 950 -42.01 14.29 -41.23
C VAL B 950 -41.65 15.08 -42.47
N ASP B 951 -41.29 16.34 -42.29
CA ASP B 951 -40.86 17.21 -43.38
C ASP B 951 -39.33 17.29 -43.36
N PHE B 952 -38.71 16.94 -44.48
CA PHE B 952 -37.25 16.83 -44.52
C PHE B 952 -36.57 18.19 -44.57
N GLU B 953 -37.30 19.25 -44.91
CA GLU B 953 -36.72 20.59 -44.89
C GLU B 953 -36.98 21.32 -43.58
N THR B 954 -38.11 21.03 -42.93
CA THR B 954 -38.34 21.56 -41.60
C THR B 954 -37.35 20.99 -40.60
N VAL B 955 -37.10 19.68 -40.67
CA VAL B 955 -36.18 19.05 -39.74
C VAL B 955 -34.72 19.32 -40.08
N LYS B 956 -34.41 19.67 -41.34
CA LYS B 956 -33.04 20.02 -41.68
C LYS B 956 -32.66 21.39 -41.11
N ALA B 957 -33.58 22.34 -41.16
CA ALA B 957 -33.33 23.64 -40.55
C ALA B 957 -33.25 23.54 -39.03
N ASP B 958 -34.03 22.64 -38.43
CA ASP B 958 -33.91 22.39 -36.99
C ASP B 958 -32.59 21.73 -36.66
N LEU B 959 -32.13 20.81 -37.51
CA LEU B 959 -30.87 20.12 -37.26
C LEU B 959 -29.67 21.04 -37.46
N GLU B 960 -29.79 21.96 -38.43
CA GLU B 960 -28.70 22.89 -38.71
C GLU B 960 -28.42 23.81 -37.53
N GLN B 961 -29.46 24.22 -36.81
CA GLN B 961 -29.25 25.04 -35.63
C GLN B 961 -28.58 24.27 -34.50
N LYS B 962 -28.91 22.97 -34.36
CA LYS B 962 -28.37 22.19 -33.26
C LYS B 962 -26.92 21.77 -33.47
N ILE B 963 -26.52 21.49 -34.71
CA ILE B 963 -25.17 21.01 -34.98
C ILE B 963 -24.23 22.08 -35.52
N GLY B 964 -24.74 23.26 -35.86
CA GLY B 964 -23.89 24.37 -36.25
C GLY B 964 -23.44 24.37 -37.69
N TYR B 965 -23.94 23.47 -38.52
CA TYR B 965 -23.60 23.49 -39.94
C TYR B 965 -24.73 22.84 -40.72
N GLU B 966 -24.71 23.03 -42.03
CA GLU B 966 -25.74 22.46 -42.89
C GLU B 966 -25.55 20.95 -42.98
N PRO B 967 -26.54 20.15 -42.59
CA PRO B 967 -26.36 18.70 -42.59
C PRO B 967 -26.61 18.09 -43.96
N GLY B 968 -25.96 16.96 -44.21
CA GLY B 968 -26.22 16.19 -45.40
C GLY B 968 -27.50 15.40 -45.29
N ASP B 969 -27.85 14.71 -46.38
CA ASP B 969 -29.04 13.87 -46.39
C ASP B 969 -28.88 12.70 -45.43
N HIS B 970 -27.67 12.18 -45.30
CA HIS B 970 -27.44 11.09 -44.36
C HIS B 970 -27.54 11.56 -42.91
N GLU B 971 -27.11 12.79 -42.63
CA GLU B 971 -27.21 13.32 -41.27
C GLU B 971 -28.65 13.64 -40.91
N VAL B 972 -29.44 14.12 -41.87
CA VAL B 972 -30.84 14.42 -41.62
C VAL B 972 -31.61 13.13 -41.32
N ILE B 973 -31.39 12.11 -42.15
CA ILE B 973 -32.09 10.84 -41.96
C ILE B 973 -31.56 10.09 -40.74
N SER B 974 -30.34 10.37 -40.29
CA SER B 974 -29.87 9.80 -39.03
C SER B 974 -30.51 10.51 -37.84
N TYR B 975 -30.86 11.79 -38.01
CA TYR B 975 -31.47 12.55 -36.93
C TYR B 975 -32.93 12.15 -36.70
N ILE B 976 -33.60 11.64 -37.74
CA ILE B 976 -34.98 11.20 -37.60
C ILE B 976 -35.08 10.00 -36.67
N MET B 977 -34.26 8.98 -36.93
CA MET B 977 -34.39 7.72 -36.20
C MET B 977 -33.86 7.84 -34.79
N TYR B 978 -32.69 8.43 -34.62
CA TYR B 978 -32.00 8.50 -33.33
C TYR B 978 -31.67 9.95 -33.04
N PRO B 979 -32.67 10.75 -32.66
CA PRO B 979 -32.41 12.19 -32.48
C PRO B 979 -31.51 12.50 -31.30
N GLN B 980 -31.67 11.81 -30.18
CA GLN B 980 -30.80 12.05 -29.04
C GLN B 980 -29.43 11.42 -29.25
N VAL B 981 -29.37 10.26 -29.92
CA VAL B 981 -28.11 9.58 -30.14
C VAL B 981 -27.25 10.35 -31.15
N PHE B 982 -27.88 10.89 -32.20
CA PHE B 982 -27.16 11.67 -33.19
C PHE B 982 -26.63 12.97 -32.59
N LEU B 983 -27.44 13.64 -31.76
CA LEU B 983 -26.98 14.89 -31.14
C LEU B 983 -25.94 14.64 -30.08
N ASP B 984 -26.01 13.49 -29.39
CA ASP B 984 -24.93 13.12 -28.48
C ASP B 984 -23.67 12.74 -29.25
N TYR B 985 -23.81 12.15 -30.43
CA TYR B 985 -22.67 11.90 -31.29
C TYR B 985 -22.06 13.19 -31.79
N GLN B 986 -22.90 14.17 -32.13
CA GLN B 986 -22.41 15.47 -32.59
C GLN B 986 -21.71 16.22 -31.47
N LYS B 987 -22.21 16.09 -30.24
CA LYS B 987 -21.55 16.70 -29.10
C LYS B 987 -20.20 16.05 -28.82
N MET B 988 -20.12 14.73 -28.98
CA MET B 988 -18.85 14.04 -28.80
C MET B 988 -17.89 14.34 -29.94
N GLN B 989 -18.41 14.59 -31.14
CA GLN B 989 -17.56 15.00 -32.26
C GLN B 989 -16.96 16.37 -32.02
N ARG B 990 -17.69 17.25 -31.33
CA ARG B 990 -17.17 18.58 -31.03
C ARG B 990 -16.14 18.56 -29.91
N GLU B 991 -16.22 17.59 -29.00
CA GLU B 991 -15.33 17.56 -27.85
C GLU B 991 -14.10 16.69 -28.09
N PHE B 992 -14.28 15.50 -28.65
CA PHE B 992 -13.18 14.56 -28.83
C PHE B 992 -12.75 14.39 -30.28
N GLY B 993 -13.54 14.87 -31.23
CA GLY B 993 -13.17 14.72 -32.63
C GLY B 993 -13.39 13.29 -33.13
N ALA B 994 -12.77 13.02 -34.28
CA ALA B 994 -12.88 11.72 -34.92
C ALA B 994 -12.00 10.73 -34.19
N VAL B 995 -12.60 10.03 -33.22
CA VAL B 995 -11.90 9.01 -32.45
C VAL B 995 -11.93 7.69 -33.20
N THR B 996 -12.61 7.67 -34.36
CA THR B 996 -12.62 6.48 -35.20
C THR B 996 -11.26 6.22 -35.85
N LEU B 997 -10.43 7.24 -35.94
CA LEU B 997 -9.11 7.07 -36.54
C LEU B 997 -8.11 6.45 -35.59
N LEU B 998 -8.44 6.36 -34.30
CA LEU B 998 -7.53 5.80 -33.32
C LEU B 998 -7.47 4.28 -33.43
N ASP B 999 -6.34 3.72 -33.03
CA ASP B 999 -6.19 2.28 -32.93
C ASP B 999 -7.01 1.76 -31.76
N THR B 1000 -7.52 0.54 -31.91
CA THR B 1000 -8.48 0.00 -30.93
C THR B 1000 -7.91 -0.16 -29.51
N PRO B 1001 -6.67 -0.65 -29.28
CA PRO B 1001 -6.12 -0.54 -27.92
C PRO B 1001 -6.02 0.88 -27.40
N THR B 1002 -5.69 1.84 -28.26
CA THR B 1002 -5.69 3.24 -27.83
C THR B 1002 -7.10 3.77 -27.63
N PHE B 1003 -8.06 3.25 -28.41
CA PHE B 1003 -9.44 3.70 -28.29
C PHE B 1003 -10.06 3.29 -26.96
N LEU B 1004 -9.70 2.10 -26.46
CA LEU B 1004 -10.31 1.55 -25.26
C LEU B 1004 -9.49 1.76 -24.00
N HIS B 1005 -8.17 1.82 -24.09
CA HIS B 1005 -7.33 1.87 -22.91
C HIS B 1005 -6.50 3.15 -22.80
N GLY B 1006 -6.63 4.07 -23.76
CA GLY B 1006 -5.89 5.30 -23.67
C GLY B 1006 -4.42 5.09 -23.97
N MET B 1007 -3.56 5.64 -23.12
CA MET B 1007 -2.12 5.57 -23.32
C MET B 1007 -1.43 5.08 -22.05
N ARG B 1008 -0.34 4.34 -22.25
CA ARG B 1008 0.55 4.02 -21.14
C ARG B 1008 1.56 5.13 -20.95
N LEU B 1009 2.25 5.09 -19.81
CA LEU B 1009 3.38 5.98 -19.58
C LEU B 1009 4.53 5.62 -20.52
N ASN B 1010 5.14 6.64 -21.12
CA ASN B 1010 6.24 6.57 -22.09
C ASN B 1010 5.85 5.87 -23.38
N GLU B 1011 4.55 5.69 -23.64
CA GLU B 1011 4.11 5.07 -24.89
C GLU B 1011 4.09 6.11 -26.00
N LYS B 1012 4.47 5.66 -27.21
CA LYS B 1012 4.52 6.51 -28.39
C LYS B 1012 3.59 5.92 -29.45
N ILE B 1013 2.54 6.66 -29.80
CA ILE B 1013 1.59 6.24 -30.81
C ILE B 1013 1.61 7.24 -31.96
N GLU B 1014 1.07 6.81 -33.10
CA GLU B 1014 0.94 7.65 -34.27
C GLU B 1014 -0.51 7.59 -34.76
N VAL B 1015 -1.13 8.74 -34.93
CA VAL B 1015 -2.51 8.85 -35.37
C VAL B 1015 -2.52 9.57 -36.71
N GLN B 1016 -3.01 8.89 -37.74
CA GLN B 1016 -3.11 9.47 -39.07
C GLN B 1016 -4.49 10.11 -39.21
N ILE B 1017 -4.57 11.41 -38.94
CA ILE B 1017 -5.85 12.10 -38.98
C ILE B 1017 -6.25 12.42 -40.41
N GLU B 1018 -5.28 12.45 -41.32
CA GLU B 1018 -5.54 12.79 -42.71
C GLU B 1018 -4.43 12.22 -43.57
N LYS B 1019 -4.66 12.17 -44.87
CA LYS B 1019 -3.62 11.73 -45.80
C LYS B 1019 -2.47 12.73 -45.82
N GLY B 1020 -1.30 12.26 -45.40
CA GLY B 1020 -0.14 13.12 -45.27
C GLY B 1020 0.01 13.80 -43.93
N LYS B 1021 -0.96 13.66 -43.03
CA LYS B 1021 -0.90 14.23 -41.69
C LYS B 1021 -0.96 13.11 -40.67
N THR B 1022 0.13 12.90 -39.94
CA THR B 1022 0.21 11.87 -38.92
C THR B 1022 0.64 12.53 -37.62
N LEU B 1023 -0.26 12.53 -36.64
CA LEU B 1023 0.08 13.08 -35.33
C LEU B 1023 0.99 12.13 -34.58
N SER B 1024 2.08 12.65 -34.04
CA SER B 1024 3.01 11.89 -33.22
C SER B 1024 2.76 12.27 -31.77
N ILE B 1025 2.16 11.34 -31.01
CA ILE B 1025 1.71 11.59 -29.65
C ILE B 1025 2.46 10.68 -28.70
N ARG B 1026 3.07 11.27 -27.68
CA ARG B 1026 3.77 10.52 -26.65
C ARG B 1026 3.37 11.05 -25.28
N LEU B 1027 3.07 10.14 -24.37
CA LEU B 1027 2.70 10.50 -22.99
C LEU B 1027 3.94 10.40 -22.12
N ASP B 1028 4.43 11.55 -21.65
CA ASP B 1028 5.68 11.58 -20.90
C ASP B 1028 5.46 11.41 -19.40
N GLU B 1029 4.44 12.05 -18.84
CA GLU B 1029 4.22 12.00 -17.40
C GLU B 1029 2.76 12.32 -17.11
N ILE B 1030 2.20 11.63 -16.11
CA ILE B 1030 0.85 11.89 -15.63
C ILE B 1030 0.97 12.56 -14.26
N GLY B 1031 0.39 13.76 -14.14
CA GLY B 1031 0.46 14.48 -12.90
C GLY B 1031 -0.52 13.96 -11.86
N GLU B 1032 -0.19 14.27 -10.61
CA GLU B 1032 -1.07 13.95 -9.49
C GLU B 1032 -2.28 14.88 -9.48
N PRO B 1033 -3.44 14.41 -9.04
CA PRO B 1033 -4.61 15.28 -8.99
C PRO B 1033 -4.46 16.37 -7.93
N ASP B 1034 -4.95 17.56 -8.26
CA ASP B 1034 -4.88 18.69 -7.36
C ASP B 1034 -6.08 18.68 -6.42
N LEU B 1035 -6.29 19.78 -5.69
CA LEU B 1035 -7.47 19.88 -4.83
C LEU B 1035 -8.74 19.99 -5.63
N ALA B 1036 -8.68 20.50 -6.85
CA ALA B 1036 -9.84 20.58 -7.73
C ALA B 1036 -10.14 19.25 -8.42
N GLY B 1037 -9.29 18.24 -8.24
CA GLY B 1037 -9.51 16.94 -8.86
C GLY B 1037 -9.03 16.81 -10.28
N ASN B 1038 -8.22 17.75 -10.76
CA ASN B 1038 -7.74 17.74 -12.14
C ASN B 1038 -6.32 17.19 -12.20
N ARG B 1039 -6.09 16.33 -13.19
CA ARG B 1039 -4.76 15.83 -13.49
C ARG B 1039 -4.20 16.56 -14.71
N VAL B 1040 -2.89 16.80 -14.69
CA VAL B 1040 -2.18 17.39 -15.81
C VAL B 1040 -1.37 16.29 -16.47
N LEU B 1041 -1.65 16.01 -17.74
CA LEU B 1041 -0.94 15.00 -18.50
C LEU B 1041 0.09 15.67 -19.38
N PHE B 1042 1.33 15.21 -19.31
CA PHE B 1042 2.44 15.83 -20.01
C PHE B 1042 2.62 15.09 -21.33
N PHE B 1043 1.94 15.57 -22.36
CA PHE B 1043 2.05 14.97 -23.68
C PHE B 1043 3.20 15.57 -24.46
N ASN B 1044 3.58 14.88 -25.53
CA ASN B 1044 4.58 15.38 -26.48
C ASN B 1044 3.94 15.26 -27.86
N LEU B 1045 3.15 16.27 -28.23
CA LEU B 1045 2.44 16.26 -29.51
C LEU B 1045 3.30 16.91 -30.59
N ASN B 1046 3.64 16.12 -31.61
CA ASN B 1046 4.41 16.57 -32.77
C ASN B 1046 5.76 17.15 -32.37
N GLY B 1047 6.40 16.51 -31.39
CA GLY B 1047 7.69 16.94 -30.91
C GLY B 1047 7.65 17.98 -29.82
N GLN B 1048 6.52 18.67 -29.65
CA GLN B 1048 6.41 19.77 -28.71
C GLN B 1048 5.67 19.33 -27.46
N ARG B 1049 6.14 19.82 -26.31
CA ARG B 1049 5.47 19.56 -25.05
C ARG B 1049 4.12 20.25 -25.01
N ARG B 1050 3.09 19.50 -24.60
CA ARG B 1050 1.76 20.07 -24.41
C ARG B 1050 1.16 19.48 -23.14
N GLU B 1051 0.88 20.34 -22.18
CA GLU B 1051 0.28 19.92 -20.91
C GLU B 1051 -1.23 19.99 -21.02
N VAL B 1052 -1.88 18.84 -20.85
CA VAL B 1052 -3.33 18.73 -20.98
C VAL B 1052 -3.92 18.51 -19.60
N VAL B 1053 -4.88 19.34 -19.23
CA VAL B 1053 -5.55 19.26 -17.94
C VAL B 1053 -6.82 18.45 -18.11
N ILE B 1054 -6.95 17.38 -17.34
CA ILE B 1054 -8.08 16.48 -17.43
C ILE B 1054 -8.63 16.25 -16.03
N ASN B 1055 -9.96 16.16 -15.92
CA ASN B 1055 -10.60 16.00 -14.62
C ASN B 1055 -10.68 14.52 -14.24
N ASP B 1056 -10.16 14.19 -13.07
CA ASP B 1056 -10.23 12.82 -12.56
C ASP B 1056 -11.58 12.62 -11.89
N GLN B 1057 -12.40 11.73 -12.44
CA GLN B 1057 -13.73 11.51 -11.90
C GLN B 1057 -13.72 10.71 -10.61
N SER B 1058 -12.61 10.04 -10.31
CA SER B 1058 -12.50 9.21 -9.12
C SER B 1058 -11.97 9.97 -7.91
N VAL B 1059 -11.79 11.29 -8.02
CA VAL B 1059 -11.25 12.10 -6.93
C VAL B 1059 -12.34 12.93 -6.26
N GLN B 1060 -13.08 13.74 -7.04
CA GLN B 1060 -14.22 14.58 -6.63
C GLN B 1060 -13.94 15.38 -5.35
N ALA B 1061 -12.71 15.89 -5.23
CA ALA B 1061 -12.29 16.54 -3.99
C ALA B 1061 -12.86 17.93 -3.84
N GLN B 1062 -12.80 18.74 -4.91
CA GLN B 1062 -13.10 20.19 -4.91
C GLN B 1062 -12.30 20.95 -3.86
N HIS C 6 1.22 -25.53 62.80
CA HIS C 6 2.58 -24.99 62.74
C HIS C 6 3.15 -25.06 61.33
N MET C 7 2.47 -25.77 60.44
CA MET C 7 2.85 -25.84 59.02
C MET C 7 1.75 -25.16 58.22
N LYS C 8 2.09 -24.06 57.57
CA LYS C 8 1.13 -23.30 56.79
C LYS C 8 1.49 -23.16 55.32
N LYS C 9 2.76 -23.32 54.95
CA LYS C 9 3.20 -23.12 53.58
C LYS C 9 4.23 -24.18 53.23
N LEU C 10 4.08 -24.76 52.03
CA LEU C 10 4.96 -25.82 51.57
C LEU C 10 5.53 -25.47 50.22
N LEU C 11 6.83 -25.69 50.06
CA LEU C 11 7.51 -25.55 48.77
C LEU C 11 7.70 -26.93 48.16
N VAL C 12 7.54 -27.02 46.84
CA VAL C 12 7.84 -28.24 46.11
C VAL C 12 9.13 -28.02 45.34
N ALA C 13 10.16 -28.78 45.69
CA ALA C 13 11.46 -28.70 45.01
C ALA C 13 11.51 -29.70 43.86
N ASN C 14 10.54 -29.56 42.96
CA ASN C 14 10.41 -30.46 41.82
C ASN C 14 9.66 -29.72 40.71
N ARG C 15 9.20 -30.48 39.72
CA ARG C 15 8.61 -29.89 38.52
C ARG C 15 7.62 -30.88 37.91
N GLY C 16 6.82 -30.37 37.00
CA GLY C 16 5.99 -31.25 36.18
C GLY C 16 4.79 -31.79 36.93
N GLU C 17 4.52 -33.09 36.70
CA GLU C 17 3.32 -33.72 37.21
C GLU C 17 3.33 -33.84 38.74
N ILE C 18 4.47 -34.23 39.31
CA ILE C 18 4.54 -34.49 40.74
C ILE C 18 4.38 -33.20 41.54
N ALA C 19 4.87 -32.08 41.00
CA ALA C 19 4.67 -30.79 41.66
C ALA C 19 3.18 -30.44 41.72
N VAL C 20 2.45 -30.67 40.62
CA VAL C 20 1.01 -30.42 40.60
C VAL C 20 0.29 -31.36 41.56
N ARG C 21 0.76 -32.61 41.65
CA ARG C 21 0.17 -33.57 42.58
C ARG C 21 0.31 -33.12 44.03
N VAL C 22 1.50 -32.66 44.40
CA VAL C 22 1.70 -32.18 45.77
C VAL C 22 0.96 -30.87 46.00
N PHE C 23 0.82 -30.03 44.96
CA PHE C 23 0.01 -28.80 45.10
C PHE C 23 -1.44 -29.14 45.39
N ARG C 24 -1.99 -30.12 44.67
CA ARG C 24 -3.37 -30.54 44.90
C ARG C 24 -3.55 -31.12 46.29
N ALA C 25 -2.59 -31.94 46.74
CA ALA C 25 -2.66 -32.49 48.09
C ALA C 25 -2.58 -31.40 49.16
N CYS C 26 -1.69 -30.43 48.96
CA CYS C 26 -1.53 -29.34 49.92
C CYS C 26 -2.77 -28.47 49.99
N ASN C 27 -3.38 -28.17 48.84
CA ASN C 27 -4.57 -27.33 48.84
C ASN C 27 -5.78 -28.08 49.35
N GLU C 28 -5.83 -29.41 49.19
CA GLU C 28 -6.83 -30.19 49.90
C GLU C 28 -6.58 -30.18 51.41
N LEU C 29 -5.32 -30.10 51.81
CA LEU C 29 -4.96 -30.01 53.23
C LEU C 29 -4.94 -28.58 53.74
N GLY C 30 -5.34 -27.61 52.91
CA GLY C 30 -5.36 -26.22 53.33
C GLY C 30 -4.01 -25.59 53.54
N LEU C 31 -3.04 -25.89 52.68
CA LEU C 31 -1.69 -25.36 52.79
C LEU C 31 -1.38 -24.47 51.59
N SER C 32 -0.64 -23.40 51.82
CA SER C 32 -0.15 -22.57 50.73
C SER C 32 0.95 -23.31 49.99
N THR C 33 1.08 -23.01 48.69
CA THR C 33 1.98 -23.74 47.82
C THR C 33 2.99 -22.79 47.18
N VAL C 34 4.25 -23.21 47.17
CA VAL C 34 5.33 -22.46 46.53
C VAL C 34 5.96 -23.35 45.46
N ALA C 35 6.07 -22.82 44.25
CA ALA C 35 6.70 -23.51 43.14
C ALA C 35 8.07 -22.93 42.83
N VAL C 36 8.94 -23.76 42.28
CA VAL C 36 10.22 -23.32 41.76
C VAL C 36 10.32 -23.76 40.31
N TYR C 37 11.03 -22.99 39.50
CA TYR C 37 11.13 -23.31 38.08
C TYR C 37 12.42 -22.71 37.51
N ALA C 38 13.03 -23.44 36.59
CA ALA C 38 14.13 -22.91 35.81
C ALA C 38 13.61 -22.02 34.69
N ARG C 39 14.53 -21.30 34.06
CA ARG C 39 14.16 -20.42 32.95
C ARG C 39 13.64 -21.23 31.76
N GLU C 40 14.24 -22.38 31.50
CA GLU C 40 13.78 -23.24 30.42
C GLU C 40 12.47 -23.94 30.76
N ASP C 41 12.08 -23.94 32.04
CA ASP C 41 10.80 -24.50 32.47
C ASP C 41 9.78 -23.42 32.79
N GLU C 42 9.90 -22.26 32.17
CA GLU C 42 9.02 -21.13 32.48
C GLU C 42 7.60 -21.34 31.98
N TYR C 43 7.39 -22.24 31.01
CA TYR C 43 6.07 -22.54 30.49
C TYR C 43 5.48 -23.81 31.06
N SER C 44 6.10 -24.38 32.09
CA SER C 44 5.56 -25.57 32.74
C SER C 44 4.27 -25.24 33.47
N VAL C 45 3.39 -26.24 33.54
CA VAL C 45 2.08 -26.07 34.16
C VAL C 45 2.22 -25.83 35.66
N HIS C 46 3.16 -26.53 36.30
CA HIS C 46 3.31 -26.48 37.75
C HIS C 46 3.73 -25.10 38.26
N ARG C 47 4.32 -24.27 37.41
CA ARG C 47 4.66 -22.90 37.82
C ARG C 47 3.41 -22.10 38.12
N PHE C 48 2.36 -22.27 37.32
CA PHE C 48 1.13 -21.52 37.46
C PHE C 48 0.07 -22.25 38.26
N LYS C 49 0.39 -23.41 38.82
CA LYS C 49 -0.53 -24.14 39.68
C LYS C 49 -0.32 -23.86 41.15
N ALA C 50 0.64 -23.01 41.50
CA ALA C 50 0.94 -22.69 42.90
C ALA C 50 0.62 -21.24 43.19
N ASP C 51 0.52 -20.94 44.48
CA ASP C 51 0.27 -19.57 44.92
C ASP C 51 1.43 -18.65 44.59
N GLU C 52 2.67 -19.12 44.83
CA GLU C 52 3.87 -18.35 44.56
C GLU C 52 4.84 -19.20 43.75
N SER C 53 5.46 -18.59 42.76
CA SER C 53 6.45 -19.25 41.91
C SER C 53 7.69 -18.38 41.83
N TYR C 54 8.86 -19.01 41.92
CA TYR C 54 10.13 -18.30 41.95
C TYR C 54 11.12 -18.95 41.00
N LEU C 55 11.81 -18.13 40.21
CA LEU C 55 12.85 -18.61 39.32
C LEU C 55 14.08 -19.04 40.12
N ILE C 56 14.63 -20.21 39.77
CA ILE C 56 15.80 -20.74 40.46
C ILE C 56 16.86 -21.11 39.42
N GLY C 57 18.10 -21.15 39.89
CA GLY C 57 19.21 -21.61 39.07
C GLY C 57 19.52 -20.78 37.85
N GLN C 58 19.59 -19.46 38.02
CA GLN C 58 19.84 -18.57 36.89
C GLN C 58 21.26 -18.78 36.36
N GLY C 59 21.34 -18.97 35.04
CA GLY C 59 22.60 -19.24 34.38
C GLY C 59 23.00 -20.71 34.34
N LYS C 60 22.36 -21.56 35.15
CA LYS C 60 22.67 -22.97 35.18
C LYS C 60 21.91 -23.71 34.08
N LYS C 61 22.28 -24.98 33.89
CA LYS C 61 21.42 -25.88 33.15
C LYS C 61 20.14 -26.11 33.94
N PRO C 62 19.00 -26.30 33.25
CA PRO C 62 17.73 -26.47 33.98
C PRO C 62 17.71 -27.68 34.90
N ILE C 63 18.33 -28.78 34.49
CA ILE C 63 18.50 -29.92 35.38
C ILE C 63 19.38 -29.53 36.56
N ASP C 64 20.48 -28.84 36.28
CA ASP C 64 21.34 -28.32 37.35
C ASP C 64 20.62 -27.25 38.17
N ALA C 65 19.70 -26.50 37.55
CA ALA C 65 18.91 -25.52 38.29
C ALA C 65 18.00 -26.20 39.30
N TYR C 66 17.36 -27.31 38.92
CA TYR C 66 16.51 -28.04 39.85
C TYR C 66 17.30 -28.83 40.88
N LEU C 67 18.61 -29.01 40.69
CA LEU C 67 19.46 -29.64 41.68
C LEU C 67 20.17 -28.62 42.57
N ASP C 68 19.88 -27.33 42.42
CA ASP C 68 20.53 -26.29 43.21
C ASP C 68 19.96 -26.31 44.61
N ILE C 69 20.71 -26.89 45.55
CA ILE C 69 20.23 -27.05 46.92
C ILE C 69 20.13 -25.70 47.62
N ASP C 70 21.18 -24.88 47.51
CA ASP C 70 21.22 -23.63 48.25
C ASP C 70 20.21 -22.62 47.71
N ASP C 71 20.01 -22.59 46.39
CA ASP C 71 19.03 -21.67 45.81
C ASP C 71 17.61 -22.07 46.19
N ILE C 72 17.32 -23.37 46.21
CA ILE C 72 16.00 -23.85 46.60
C ILE C 72 15.73 -23.53 48.07
N ILE C 73 16.74 -23.73 48.92
CA ILE C 73 16.58 -23.39 50.34
C ILE C 73 16.42 -21.89 50.52
N ARG C 74 17.14 -21.10 49.72
CA ARG C 74 16.99 -19.65 49.75
C ARG C 74 15.58 -19.22 49.38
N VAL C 75 15.01 -19.84 48.33
CA VAL C 75 13.64 -19.53 47.92
C VAL C 75 12.66 -19.92 49.00
N ALA C 76 12.86 -21.09 49.60
CA ALA C 76 11.94 -21.56 50.66
C ALA C 76 11.99 -20.66 51.89
N LEU C 77 13.18 -20.17 52.24
CA LEU C 77 13.29 -19.27 53.38
C LEU C 77 12.73 -17.89 53.06
N GLU C 78 12.92 -17.43 51.82
CA GLU C 78 12.42 -16.10 51.43
C GLU C 78 10.91 -16.09 51.34
N SER C 79 10.31 -17.18 50.84
CA SER C 79 8.86 -17.24 50.69
C SER C 79 8.15 -17.57 51.99
N GLY C 80 8.86 -17.91 53.05
CA GLY C 80 8.23 -18.30 54.29
C GLY C 80 7.63 -19.68 54.30
N ALA C 81 8.12 -20.58 53.43
CA ALA C 81 7.59 -21.93 53.36
C ALA C 81 8.06 -22.74 54.56
N ASP C 82 7.12 -23.37 55.26
CA ASP C 82 7.46 -24.15 56.44
C ASP C 82 8.11 -25.47 56.07
N ALA C 83 7.73 -26.05 54.94
CA ALA C 83 8.15 -27.39 54.56
C ALA C 83 8.62 -27.43 53.12
N ILE C 84 9.34 -28.49 52.78
CA ILE C 84 9.78 -28.74 51.42
C ILE C 84 9.43 -30.19 51.05
N HIS C 85 8.60 -30.35 50.03
CA HIS C 85 8.35 -31.66 49.45
C HIS C 85 9.25 -31.85 48.24
N PRO C 86 10.14 -32.84 48.21
CA PRO C 86 11.05 -33.01 47.08
C PRO C 86 10.48 -33.74 45.88
N GLY C 87 9.31 -34.36 46.01
CA GLY C 87 8.75 -35.10 44.88
C GLY C 87 9.52 -36.39 44.65
N TYR C 88 9.89 -36.63 43.39
CA TYR C 88 10.75 -37.76 43.05
C TYR C 88 11.69 -37.35 41.93
N GLY C 89 12.83 -38.04 41.86
CA GLY C 89 13.67 -38.03 40.70
C GLY C 89 14.76 -36.98 40.66
N LEU C 90 14.69 -35.94 41.48
CA LEU C 90 15.70 -34.89 41.44
C LEU C 90 16.52 -34.83 42.73
N LEU C 91 15.88 -34.60 43.88
CA LEU C 91 16.59 -34.48 45.15
C LEU C 91 15.88 -35.21 46.28
N SER C 92 14.91 -36.08 45.95
CA SER C 92 14.17 -36.79 46.97
C SER C 92 15.04 -37.78 47.72
N GLU C 93 15.97 -38.43 47.04
CA GLU C 93 16.90 -39.36 47.67
C GLU C 93 18.23 -38.72 48.03
N ASN C 94 18.37 -37.41 47.83
CA ASN C 94 19.63 -36.72 48.11
C ASN C 94 19.75 -36.50 49.61
N LEU C 95 20.86 -36.98 50.18
CA LEU C 95 21.08 -36.82 51.62
C LEU C 95 21.46 -35.40 51.97
N GLU C 96 22.32 -34.78 51.15
CA GLU C 96 22.81 -33.43 51.45
C GLU C 96 21.70 -32.40 51.41
N PHE C 97 20.79 -32.51 50.43
CA PHE C 97 19.66 -31.60 50.34
C PHE C 97 18.75 -31.74 51.55
N ALA C 98 18.47 -32.96 51.97
CA ALA C 98 17.58 -33.19 53.11
C ALA C 98 18.20 -32.68 54.41
N THR C 99 19.50 -32.94 54.62
CA THR C 99 20.11 -32.49 55.87
C THR C 99 20.29 -30.97 55.87
N LYS C 100 20.52 -30.34 54.72
CA LYS C 100 20.58 -28.89 54.68
C LYS C 100 19.20 -28.28 54.91
N VAL C 101 18.15 -28.92 54.40
CA VAL C 101 16.79 -28.44 54.61
C VAL C 101 16.42 -28.54 56.09
N ARG C 102 16.76 -29.66 56.73
CA ARG C 102 16.43 -29.82 58.15
C ARG C 102 17.33 -28.95 59.04
N ALA C 103 18.55 -28.67 58.60
CA ALA C 103 19.40 -27.74 59.35
C ALA C 103 18.92 -26.31 59.21
N ALA C 104 18.30 -25.97 58.08
CA ALA C 104 17.75 -24.63 57.90
C ALA C 104 16.51 -24.38 58.73
N GLY C 105 15.92 -25.42 59.32
CA GLY C 105 14.71 -25.28 60.11
C GLY C 105 13.44 -25.66 59.41
N LEU C 106 13.51 -26.02 58.13
CA LEU C 106 12.33 -26.40 57.37
C LEU C 106 12.06 -27.88 57.50
N VAL C 107 10.78 -28.25 57.38
CA VAL C 107 10.38 -29.64 57.43
C VAL C 107 10.67 -30.29 56.08
N PHE C 108 11.36 -31.42 56.11
CA PHE C 108 11.60 -32.20 54.90
C PHE C 108 10.55 -33.29 54.83
N VAL C 109 9.73 -33.26 53.78
CA VAL C 109 8.66 -34.24 53.62
C VAL C 109 9.29 -35.51 53.04
N GLY C 110 9.73 -36.41 53.93
CA GLY C 110 10.40 -37.61 53.52
C GLY C 110 10.90 -38.37 54.72
N PRO C 111 11.71 -39.39 54.49
CA PRO C 111 12.25 -40.19 55.59
C PRO C 111 13.37 -39.44 56.31
N GLU C 112 13.87 -40.05 57.39
CA GLU C 112 14.97 -39.48 58.13
C GLU C 112 16.26 -39.56 57.32
N LEU C 113 17.26 -38.79 57.77
CA LEU C 113 18.56 -38.81 57.11
C LEU C 113 19.24 -40.16 57.26
N HIS C 114 18.99 -40.86 58.38
CA HIS C 114 19.48 -42.21 58.55
C HIS C 114 18.89 -43.15 57.50
N HIS C 115 17.59 -43.05 57.27
CA HIS C 115 16.97 -43.85 56.21
C HIS C 115 17.49 -43.45 54.85
N LEU C 116 17.71 -42.16 54.63
CA LEU C 116 18.15 -41.67 53.32
C LEU C 116 19.56 -42.15 52.98
N ASP C 117 20.48 -42.13 53.94
CA ASP C 117 21.82 -42.61 53.60
C ASP C 117 22.00 -44.10 53.83
N ILE C 118 21.02 -44.78 54.44
CA ILE C 118 21.07 -46.24 54.48
C ILE C 118 20.51 -46.83 53.18
N PHE C 119 19.42 -46.25 52.66
CA PHE C 119 18.80 -46.75 51.44
C PHE C 119 19.23 -45.98 50.20
N GLY C 120 20.12 -45.00 50.32
CA GLY C 120 20.64 -44.31 49.16
C GLY C 120 21.76 -45.03 48.44
N ASP C 121 22.25 -46.12 49.01
CA ASP C 121 23.22 -46.98 48.37
C ASP C 121 22.83 -48.43 48.65
N LYS C 122 23.18 -49.31 47.71
CA LYS C 122 22.62 -50.66 47.73
C LYS C 122 23.22 -51.56 48.79
N ILE C 123 24.49 -51.37 49.16
CA ILE C 123 25.13 -52.33 50.05
C ILE C 123 24.70 -52.12 51.50
N LYS C 124 24.44 -50.87 51.90
CA LYS C 124 23.88 -50.65 53.23
C LYS C 124 22.42 -51.05 53.28
N ALA C 125 21.71 -50.95 52.16
CA ALA C 125 20.35 -51.48 52.08
C ALA C 125 20.33 -53.00 52.23
N LYS C 126 21.30 -53.69 51.61
CA LYS C 126 21.42 -55.13 51.77
C LYS C 126 21.80 -55.49 53.20
N ALA C 127 22.66 -54.68 53.84
CA ALA C 127 23.01 -54.91 55.23
C ALA C 127 21.79 -54.75 56.14
N ALA C 128 20.96 -53.74 55.88
CA ALA C 128 19.76 -53.55 56.68
C ALA C 128 18.74 -54.65 56.42
N ALA C 129 18.65 -55.13 55.18
CA ALA C 129 17.74 -56.23 54.87
C ALA C 129 18.17 -57.52 55.55
N ASP C 130 19.48 -57.76 55.61
CA ASP C 130 19.97 -58.92 56.36
C ASP C 130 19.78 -58.74 57.85
N GLU C 131 19.88 -57.49 58.34
CA GLU C 131 19.58 -57.19 59.73
C GLU C 131 18.11 -57.47 60.05
N ALA C 132 17.23 -57.25 59.08
CA ALA C 132 15.81 -57.51 59.25
C ALA C 132 15.41 -58.93 58.87
N LYS C 133 16.39 -59.78 58.53
CA LYS C 133 16.18 -61.16 58.07
C LYS C 133 15.29 -61.23 56.83
N VAL C 134 15.38 -60.23 55.97
CA VAL C 134 14.68 -60.21 54.70
C VAL C 134 15.61 -60.77 53.64
N PRO C 135 15.26 -61.87 52.97
CA PRO C 135 16.18 -62.48 52.00
C PRO C 135 16.36 -61.62 50.77
N GLY C 136 17.60 -61.55 50.30
CA GLY C 136 17.94 -60.84 49.09
C GLY C 136 18.55 -61.76 48.04
N ILE C 137 18.93 -61.15 46.93
CA ILE C 137 19.62 -61.88 45.86
C ILE C 137 21.00 -62.29 46.35
N PRO C 138 21.43 -63.54 46.15
CA PRO C 138 22.79 -63.94 46.55
C PRO C 138 23.84 -63.20 45.75
N GLY C 139 24.58 -62.31 46.43
CA GLY C 139 25.57 -61.47 45.79
C GLY C 139 26.83 -61.38 46.63
N THR C 140 27.80 -60.65 46.11
CA THR C 140 29.03 -60.40 46.87
C THR C 140 28.74 -59.54 48.08
N ASN C 141 29.44 -59.81 49.17
CA ASN C 141 29.28 -59.03 50.39
C ASN C 141 29.99 -57.69 50.22
N GLY C 142 29.21 -56.64 49.98
CA GLY C 142 29.77 -55.31 49.81
C GLY C 142 30.37 -55.09 48.43
N ALA C 143 31.03 -53.94 48.30
CA ALA C 143 31.71 -53.61 47.05
C ALA C 143 32.89 -54.56 46.81
N VAL C 144 33.15 -54.82 45.53
CA VAL C 144 34.09 -55.87 45.15
C VAL C 144 34.80 -55.44 43.87
N ASP C 145 36.09 -55.77 43.77
CA ASP C 145 36.87 -55.49 42.58
C ASP C 145 36.52 -56.49 41.48
N ILE C 146 37.21 -56.37 40.35
CA ILE C 146 36.92 -57.20 39.18
C ILE C 146 37.31 -58.66 39.44
N ASP C 147 38.46 -58.89 40.09
CA ASP C 147 38.91 -60.24 40.35
C ASP C 147 37.99 -60.95 41.34
N GLY C 148 37.54 -60.25 42.38
CA GLY C 148 36.57 -60.83 43.30
C GLY C 148 35.23 -61.08 42.65
N ALA C 149 34.84 -60.23 41.70
CA ALA C 149 33.62 -60.47 40.93
C ALA C 149 33.75 -61.72 40.07
N LEU C 150 34.92 -61.94 39.49
CA LEU C 150 35.18 -63.17 38.74
C LEU C 150 35.14 -64.38 39.66
N GLU C 151 35.66 -64.23 40.89
CA GLU C 151 35.58 -65.31 41.88
C GLU C 151 34.12 -65.60 42.24
N PHE C 152 33.30 -64.55 42.35
CA PHE C 152 31.87 -64.73 42.57
C PHE C 152 31.22 -65.47 41.43
N ALA C 153 31.58 -65.11 40.19
CA ALA C 153 30.98 -65.74 39.02
C ALA C 153 31.39 -67.21 38.90
N LYS C 154 32.62 -67.54 39.32
CA LYS C 154 33.05 -68.93 39.29
C LYS C 154 32.42 -69.73 40.42
N THR C 155 32.31 -69.13 41.61
CA THR C 155 31.88 -69.89 42.79
C THR C 155 30.40 -70.22 42.73
N TYR C 156 29.57 -69.24 42.39
CA TYR C 156 28.12 -69.45 42.45
C TYR C 156 27.55 -69.79 41.08
N GLY C 157 28.17 -69.30 40.02
CA GLY C 157 27.79 -69.73 38.69
C GLY C 157 27.15 -68.62 37.87
N TYR C 158 27.48 -68.60 36.58
CA TYR C 158 26.83 -67.71 35.64
C TYR C 158 25.36 -68.14 35.47
N PRO C 159 24.45 -67.19 35.18
CA PRO C 159 24.63 -65.75 34.91
C PRO C 159 24.79 -64.89 36.16
N VAL C 160 25.20 -63.64 35.96
CA VAL C 160 25.50 -62.73 37.05
C VAL C 160 25.31 -61.31 36.53
N MET C 161 24.68 -60.46 37.35
CA MET C 161 24.26 -59.12 36.94
C MET C 161 25.14 -58.09 37.64
N ILE C 162 25.63 -57.13 36.87
CA ILE C 162 26.58 -56.11 37.34
C ILE C 162 25.80 -54.83 37.61
N LYS C 163 25.89 -54.31 38.83
CA LYS C 163 25.16 -53.10 39.22
C LYS C 163 25.97 -52.29 40.23
N ALA C 164 25.97 -50.97 40.06
CA ALA C 164 26.66 -50.10 41.00
C ALA C 164 25.85 -49.92 42.27
N ALA C 165 26.56 -49.74 43.39
CA ALA C 165 25.87 -49.52 44.67
C ALA C 165 25.29 -48.12 44.76
N LEU C 166 26.03 -47.11 44.30
CA LEU C 166 25.54 -45.74 44.32
C LEU C 166 24.62 -45.45 43.15
N GLY C 167 24.62 -46.30 42.11
CA GLY C 167 23.82 -46.07 40.93
C GLY C 167 22.37 -46.45 41.12
N GLY C 168 21.62 -46.40 40.02
CA GLY C 168 20.21 -46.71 40.04
C GLY C 168 19.41 -45.89 39.04
N GLY C 169 18.55 -46.55 38.29
CA GLY C 169 17.76 -45.89 37.26
C GLY C 169 18.07 -46.43 35.88
N GLY C 170 18.54 -47.68 35.83
CA GLY C 170 18.94 -48.29 34.58
C GLY C 170 20.31 -47.91 34.09
N ARG C 171 21.05 -47.08 34.83
CA ARG C 171 22.37 -46.64 34.40
C ARG C 171 23.41 -47.71 34.65
N GLY C 172 23.63 -48.08 35.91
CA GLY C 172 24.52 -49.18 36.21
C GLY C 172 23.78 -50.50 36.22
N MET C 173 23.80 -51.20 35.09
CA MET C 173 23.08 -52.46 34.96
C MET C 173 23.65 -53.21 33.77
N ARG C 174 24.26 -54.37 34.03
CA ARG C 174 24.91 -55.13 32.97
C ARG C 174 24.78 -56.61 33.27
N VAL C 175 24.14 -57.35 32.37
CA VAL C 175 24.06 -58.80 32.50
C VAL C 175 25.33 -59.43 31.95
N ALA C 176 25.91 -60.37 32.70
CA ALA C 176 27.14 -61.04 32.32
C ALA C 176 26.90 -62.55 32.26
N ARG C 177 27.14 -63.13 31.08
CA ARG C 177 27.11 -64.57 30.90
C ARG C 177 28.48 -65.12 30.50
N ASN C 178 29.45 -64.26 30.22
CA ASN C 178 30.77 -64.68 29.79
C ASN C 178 31.81 -63.99 30.66
N ASP C 179 33.01 -64.59 30.72
CA ASP C 179 34.11 -63.98 31.45
C ASP C 179 34.52 -62.66 30.81
N ALA C 180 34.53 -62.60 29.47
CA ALA C 180 34.76 -61.33 28.79
C ALA C 180 33.62 -60.35 29.07
N GLU C 181 32.39 -60.87 29.16
CA GLU C 181 31.25 -60.02 29.48
C GLU C 181 31.36 -59.46 30.90
N MET C 182 31.96 -60.24 31.82
CA MET C 182 32.19 -59.77 33.18
C MET C 182 33.13 -58.56 33.18
N HIS C 183 34.28 -58.68 32.51
CA HIS C 183 35.23 -57.57 32.44
C HIS C 183 34.64 -56.37 31.73
N ASP C 184 33.93 -56.60 30.62
CA ASP C 184 33.34 -55.51 29.85
C ASP C 184 32.29 -54.76 30.68
N GLY C 185 31.35 -55.49 31.26
CA GLY C 185 30.29 -54.86 32.02
C GLY C 185 30.80 -54.16 33.26
N TYR C 186 31.79 -54.75 33.94
CA TYR C 186 32.38 -54.09 35.09
C TYR C 186 33.10 -52.81 34.67
N ALA C 187 33.77 -52.84 33.51
CA ALA C 187 34.46 -51.64 33.02
C ALA C 187 33.47 -50.51 32.72
N ARG C 188 32.40 -50.80 31.97
CA ARG C 188 31.44 -49.75 31.65
C ARG C 188 30.70 -49.26 32.89
N ALA C 189 30.37 -50.18 33.81
CA ALA C 189 29.67 -49.79 35.03
C ALA C 189 30.54 -48.88 35.90
N LYS C 190 31.83 -49.23 36.06
CA LYS C 190 32.74 -48.39 36.83
C LYS C 190 32.95 -47.04 36.16
N SER C 191 33.10 -47.04 34.84
CA SER C 191 33.32 -45.78 34.12
C SER C 191 32.12 -44.86 34.24
N GLU C 192 30.90 -45.40 34.10
CA GLU C 192 29.72 -44.55 34.19
C GLU C 192 29.41 -44.16 35.64
N ALA C 193 29.84 -44.96 36.62
CA ALA C 193 29.61 -44.61 38.01
C ALA C 193 30.58 -43.53 38.48
N ILE C 194 31.85 -43.59 38.04
CA ILE C 194 32.79 -42.55 38.44
C ILE C 194 32.72 -41.32 37.55
N GLY C 195 32.13 -41.43 36.36
CA GLY C 195 31.98 -40.29 35.48
C GLY C 195 30.82 -39.41 35.84
N ALA C 196 29.61 -39.95 35.78
CA ALA C 196 28.39 -39.18 36.02
C ALA C 196 27.95 -39.24 37.48
N PHE C 197 27.87 -40.44 38.04
CA PHE C 197 27.44 -40.59 39.43
C PHE C 197 28.53 -40.21 40.42
N GLY C 198 29.79 -40.23 40.00
CA GLY C 198 30.88 -39.76 40.84
C GLY C 198 31.66 -40.85 41.55
N SER C 199 30.96 -41.85 42.07
CA SER C 199 31.58 -42.90 42.88
C SER C 199 31.27 -44.27 42.30
N GLY C 200 32.30 -45.10 42.15
CA GLY C 200 32.12 -46.45 41.67
C GLY C 200 32.27 -47.50 42.76
N GLU C 201 31.14 -48.04 43.21
CA GLU C 201 31.14 -49.06 44.26
C GLU C 201 30.47 -50.33 43.74
N ILE C 202 30.86 -50.75 42.55
CA ILE C 202 30.13 -51.78 41.81
C ILE C 202 30.29 -53.13 42.49
N TYR C 203 29.16 -53.77 42.79
CA TYR C 203 29.12 -55.17 43.17
C TYR C 203 28.41 -55.94 42.06
N VAL C 204 28.44 -57.27 42.17
CA VAL C 204 27.70 -58.11 41.25
C VAL C 204 26.86 -59.08 42.06
N GLU C 205 25.85 -59.67 41.40
CA GLU C 205 24.92 -60.55 42.09
C GLU C 205 24.30 -61.49 41.06
N LYS C 206 23.65 -62.52 41.58
CA LYS C 206 23.06 -63.57 40.74
C LYS C 206 21.94 -63.02 39.88
N TYR C 207 21.87 -63.50 38.64
CA TYR C 207 20.82 -63.13 37.71
C TYR C 207 19.70 -64.16 37.83
N ILE C 208 18.47 -63.68 37.90
CA ILE C 208 17.29 -64.54 38.01
C ILE C 208 16.59 -64.59 36.66
N GLU C 209 16.28 -65.80 36.21
CA GLU C 209 15.70 -66.00 34.89
C GLU C 209 14.22 -65.66 34.93
N ASN C 210 13.82 -64.61 34.18
CA ASN C 210 12.46 -64.12 34.04
C ASN C 210 11.77 -63.87 35.38
N PRO C 211 12.17 -62.86 36.15
CA PRO C 211 11.53 -62.61 37.44
C PRO C 211 10.38 -61.62 37.32
N LYS C 212 9.61 -61.53 38.40
CA LYS C 212 8.53 -60.56 38.52
C LYS C 212 8.97 -59.45 39.47
N HIS C 213 8.96 -58.22 38.98
CA HIS C 213 9.32 -57.07 39.80
C HIS C 213 8.10 -56.67 40.63
N ILE C 214 8.18 -56.87 41.94
CA ILE C 214 7.10 -56.57 42.86
C ILE C 214 7.54 -55.46 43.80
N GLU C 215 6.76 -54.40 43.86
CA GLU C 215 7.01 -53.27 44.75
C GLU C 215 5.94 -53.24 45.82
N VAL C 216 6.33 -52.91 47.04
CA VAL C 216 5.39 -52.79 48.16
C VAL C 216 5.45 -51.36 48.67
N GLN C 217 4.29 -50.71 48.71
CA GLN C 217 4.18 -49.36 49.24
C GLN C 217 4.13 -49.40 50.76
N ILE C 218 4.95 -48.59 51.41
CA ILE C 218 5.03 -48.54 52.87
C ILE C 218 4.68 -47.13 53.32
N LEU C 219 3.78 -47.03 54.29
CA LEU C 219 3.44 -45.77 54.94
C LEU C 219 3.88 -45.86 56.40
N GLY C 220 5.02 -45.24 56.72
CA GLY C 220 5.53 -45.23 58.08
C GLY C 220 4.98 -44.06 58.87
N ASP C 221 5.32 -44.02 60.15
CA ASP C 221 4.89 -42.96 61.04
C ASP C 221 5.99 -42.66 62.06
N ARG C 222 6.01 -41.42 62.55
CA ARG C 222 6.96 -41.04 63.59
C ARG C 222 6.60 -41.59 64.96
N HIS C 223 5.40 -42.16 65.12
CA HIS C 223 4.99 -42.81 66.36
C HIS C 223 5.23 -44.32 66.31
N GLY C 224 5.99 -44.80 65.31
CA GLY C 224 6.29 -46.20 65.19
C GLY C 224 5.28 -47.03 64.41
N ASN C 225 4.21 -46.42 63.91
CA ASN C 225 3.22 -47.16 63.14
C ASN C 225 3.72 -47.39 61.72
N ILE C 226 3.60 -48.63 61.25
CA ILE C 226 4.01 -49.01 59.91
C ILE C 226 2.87 -49.81 59.28
N ILE C 227 2.42 -49.37 58.11
CA ILE C 227 1.41 -50.09 57.34
C ILE C 227 1.90 -50.23 55.90
N HIS C 228 1.41 -51.25 55.22
CA HIS C 228 1.62 -51.42 53.79
C HIS C 228 0.29 -51.23 53.06
N LEU C 229 0.34 -50.48 51.97
CA LEU C 229 -0.82 -50.34 51.10
C LEU C 229 -0.72 -51.30 49.92
N HIS C 230 -0.61 -52.58 50.28
CA HIS C 230 -0.48 -53.72 49.36
C HIS C 230 0.69 -53.56 48.41
N GLU C 231 0.64 -54.22 47.26
CA GLU C 231 1.80 -54.32 46.38
C GLU C 231 1.42 -53.95 44.95
N ARG C 232 2.44 -53.70 44.15
CA ARG C 232 2.31 -53.42 42.73
C ARG C 232 3.21 -54.35 41.93
N ASP C 233 2.81 -54.64 40.70
CA ASP C 233 3.58 -55.49 39.79
C ASP C 233 4.09 -54.60 38.67
N CYS C 234 5.30 -54.07 38.85
CA CYS C 234 5.99 -53.31 37.81
C CYS C 234 6.93 -54.21 37.01
N SER C 235 6.40 -55.34 36.52
CA SER C 235 7.23 -56.30 35.80
C SER C 235 7.40 -55.94 34.33
N VAL C 236 6.45 -55.21 33.76
CA VAL C 236 6.51 -54.87 32.34
C VAL C 236 7.58 -53.80 32.14
N GLN C 237 8.77 -54.23 31.75
CA GLN C 237 9.93 -53.34 31.67
C GLN C 237 10.61 -53.50 30.32
N ARG C 238 11.19 -52.40 29.84
CA ARG C 238 12.00 -52.38 28.63
C ARG C 238 13.35 -51.77 28.97
N ARG C 239 14.43 -52.53 28.71
CA ARG C 239 15.80 -52.17 29.08
C ARG C 239 15.90 -51.84 30.57
N ASN C 240 15.23 -52.66 31.38
CA ASN C 240 15.18 -52.52 32.84
C ASN C 240 14.66 -51.15 33.27
N GLN C 241 13.69 -50.63 32.52
CA GLN C 241 12.98 -49.40 32.87
C GLN C 241 11.49 -49.67 32.80
N LYS C 242 10.77 -49.27 33.83
CA LYS C 242 9.35 -49.59 33.94
C LYS C 242 8.56 -48.90 32.84
N VAL C 243 7.63 -49.65 32.24
CA VAL C 243 6.75 -49.14 31.19
C VAL C 243 5.31 -49.08 31.67
N ILE C 244 4.75 -50.21 32.07
CA ILE C 244 3.37 -50.30 32.55
C ILE C 244 3.39 -50.98 33.92
N GLU C 245 2.78 -50.34 34.90
CA GLU C 245 2.70 -50.86 36.25
C GLU C 245 1.25 -51.16 36.60
N ILE C 246 1.01 -52.35 37.17
CA ILE C 246 -0.32 -52.74 37.59
C ILE C 246 -0.32 -52.98 39.10
N ALA C 247 -1.49 -52.83 39.70
CA ALA C 247 -1.66 -53.03 41.13
C ALA C 247 -3.06 -53.56 41.36
N PRO C 248 -3.23 -54.62 42.14
CA PRO C 248 -2.19 -55.42 42.82
C PRO C 248 -1.57 -56.43 41.86
N ALA C 249 -0.65 -57.27 42.34
CA ALA C 249 -0.04 -58.28 41.48
C ALA C 249 -1.04 -59.40 41.22
N VAL C 250 -1.90 -59.22 40.22
CA VAL C 250 -2.99 -60.16 39.97
C VAL C 250 -2.48 -61.51 39.47
N GLY C 251 -1.24 -61.58 38.98
CA GLY C 251 -0.68 -62.87 38.62
C GLY C 251 -0.40 -63.75 39.82
N LEU C 252 0.05 -63.15 40.92
CA LEU C 252 0.42 -63.90 42.11
C LEU C 252 -0.80 -64.18 42.99
N SER C 253 -0.70 -65.26 43.76
CA SER C 253 -1.76 -65.62 44.69
C SER C 253 -1.79 -64.64 45.87
N PRO C 254 -2.96 -64.43 46.47
CA PRO C 254 -3.07 -63.43 47.56
C PRO C 254 -2.21 -63.75 48.79
N ASP C 255 -2.01 -65.01 49.13
CA ASP C 255 -1.21 -65.33 50.31
C ASP C 255 0.26 -65.03 50.08
N PHE C 256 0.75 -65.28 48.86
CA PHE C 256 2.13 -64.92 48.52
C PHE C 256 2.32 -63.41 48.54
N ARG C 257 1.35 -62.65 48.02
CA ARG C 257 1.42 -61.20 48.05
C ARG C 257 1.39 -60.67 49.48
N ASN C 258 0.58 -61.30 50.34
CA ASN C 258 0.56 -60.92 51.76
C ASN C 258 1.89 -61.23 52.43
N GLU C 259 2.53 -62.35 52.05
CA GLU C 259 3.86 -62.67 52.57
C GLU C 259 4.90 -61.63 52.16
N ILE C 260 4.86 -61.20 50.90
CA ILE C 260 5.81 -60.19 50.43
C ILE C 260 5.58 -58.85 51.14
N CYS C 261 4.30 -58.46 51.29
CA CYS C 261 3.98 -57.23 51.99
C CYS C 261 4.39 -57.28 53.45
N GLU C 262 4.21 -58.44 54.11
CA GLU C 262 4.63 -58.59 55.49
C GLU C 262 6.15 -58.54 55.63
N ALA C 263 6.87 -59.09 54.65
CA ALA C 263 8.33 -59.00 54.67
C ALA C 263 8.80 -57.55 54.53
N ALA C 264 8.16 -56.79 53.64
CA ALA C 264 8.51 -55.38 53.48
C ALA C 264 8.17 -54.59 54.74
N VAL C 265 7.04 -54.90 55.38
CA VAL C 265 6.67 -54.27 56.64
C VAL C 265 7.70 -54.59 57.72
N LYS C 266 8.15 -55.84 57.76
CA LYS C 266 9.17 -56.25 58.73
C LYS C 266 10.47 -55.49 58.53
N LEU C 267 10.88 -55.32 57.26
CA LEU C 267 12.08 -54.54 56.97
C LEU C 267 11.93 -53.09 57.42
N CYS C 268 10.81 -52.46 57.06
CA CYS C 268 10.64 -51.04 57.36
C CYS C 268 10.42 -50.79 58.84
N LYS C 269 9.88 -51.78 59.57
CA LYS C 269 9.76 -51.67 61.01
C LYS C 269 11.08 -51.92 61.72
N ASN C 270 11.91 -52.82 61.19
CA ASN C 270 13.23 -53.04 61.76
C ASN C 270 14.11 -51.82 61.60
N VAL C 271 14.09 -51.19 60.41
CA VAL C 271 14.82 -49.94 60.25
C VAL C 271 14.10 -48.77 60.90
N GLY C 272 12.80 -48.91 61.16
CA GLY C 272 12.04 -47.85 61.80
C GLY C 272 11.66 -46.75 60.83
N TYR C 273 11.10 -47.13 59.68
CA TYR C 273 10.76 -46.18 58.64
C TYR C 273 9.62 -45.27 59.08
N VAL C 274 9.58 -44.07 58.52
CA VAL C 274 8.80 -42.98 59.12
C VAL C 274 7.87 -42.34 58.10
N ASN C 275 8.12 -42.55 56.82
CA ASN C 275 7.42 -41.79 55.79
C ASN C 275 6.92 -42.76 54.71
N ALA C 276 6.53 -42.20 53.56
CA ALA C 276 6.17 -43.00 52.41
C ALA C 276 7.43 -43.57 51.75
N GLY C 277 7.43 -44.87 51.51
CA GLY C 277 8.57 -45.51 50.87
C GLY C 277 8.14 -46.78 50.17
N THR C 278 8.98 -47.24 49.26
CA THR C 278 8.70 -48.41 48.44
C THR C 278 9.82 -49.43 48.62
N VAL C 279 9.44 -50.68 48.85
CA VAL C 279 10.37 -51.80 48.94
C VAL C 279 10.19 -52.66 47.70
N GLU C 280 11.28 -52.86 46.95
CA GLU C 280 11.25 -53.59 45.70
C GLU C 280 11.67 -55.04 45.90
N PHE C 281 11.01 -55.94 45.18
CA PHE C 281 11.28 -57.36 45.29
C PHE C 281 11.34 -57.97 43.90
N LEU C 282 12.12 -59.04 43.77
CA LEU C 282 12.15 -59.87 42.57
C LEU C 282 11.56 -61.22 42.90
N VAL C 283 10.56 -61.63 42.11
CA VAL C 283 9.74 -62.80 42.43
C VAL C 283 9.91 -63.83 41.32
N LYS C 284 10.24 -65.06 41.71
CA LYS C 284 10.39 -66.16 40.76
C LYS C 284 10.08 -67.46 41.50
N ASP C 285 8.91 -68.03 41.22
CA ASP C 285 8.50 -69.36 41.68
C ASP C 285 8.51 -69.45 43.21
N ASP C 286 7.58 -68.68 43.81
CA ASP C 286 7.29 -68.57 45.24
C ASP C 286 8.49 -68.16 46.09
N LYS C 287 9.56 -67.66 45.47
CA LYS C 287 10.69 -67.10 46.19
C LYS C 287 10.82 -65.62 45.82
N PHE C 288 10.94 -64.77 46.83
CA PHE C 288 11.08 -63.34 46.63
C PHE C 288 12.38 -62.86 47.26
N TYR C 289 13.08 -61.96 46.57
CA TYR C 289 14.36 -61.46 47.00
C TYR C 289 14.36 -59.93 47.02
N PHE C 290 14.92 -59.36 48.09
CA PHE C 290 15.03 -57.92 48.23
C PHE C 290 16.02 -57.36 47.20
N ILE C 291 15.74 -56.14 46.73
CA ILE C 291 16.68 -55.43 45.86
C ILE C 291 17.08 -54.12 46.51
N GLU C 292 16.10 -53.22 46.67
CA GLU C 292 16.37 -51.86 47.09
C GLU C 292 15.13 -51.31 47.77
N VAL C 293 15.31 -50.21 48.50
CA VAL C 293 14.23 -49.44 49.09
C VAL C 293 14.30 -48.03 48.50
N ASN C 294 13.17 -47.57 47.95
CA ASN C 294 13.09 -46.21 47.45
C ASN C 294 12.63 -45.31 48.59
N PRO C 295 13.47 -44.40 49.08
CA PRO C 295 13.10 -43.54 50.21
C PRO C 295 12.35 -42.28 49.79
N ARG C 296 11.29 -42.47 49.02
CA ARG C 296 10.54 -41.35 48.45
C ARG C 296 9.18 -41.87 47.98
N VAL C 297 8.29 -40.92 47.65
CA VAL C 297 7.09 -41.28 46.91
C VAL C 297 7.50 -41.65 45.48
N GLN C 298 6.70 -42.49 44.85
CA GLN C 298 7.04 -43.03 43.54
C GLN C 298 6.05 -42.55 42.48
N VAL C 299 6.45 -42.74 41.23
CA VAL C 299 5.61 -42.34 40.10
C VAL C 299 4.33 -43.16 40.06
N GLU C 300 4.44 -44.47 40.33
CA GLU C 300 3.31 -45.38 40.28
C GLU C 300 2.58 -45.50 41.62
N HIS C 301 2.65 -44.48 42.47
CA HIS C 301 1.86 -44.49 43.70
C HIS C 301 0.37 -44.31 43.41
N THR C 302 0.02 -43.85 42.21
CA THR C 302 -1.37 -43.54 41.87
C THR C 302 -2.24 -44.78 41.87
N ILE C 303 -1.73 -45.91 41.33
CA ILE C 303 -2.52 -47.13 41.30
C ILE C 303 -2.70 -47.69 42.70
N THR C 304 -1.70 -47.54 43.56
CA THR C 304 -1.87 -47.92 44.96
C THR C 304 -2.93 -47.07 45.64
N GLU C 305 -2.94 -45.77 45.35
CA GLU C 305 -4.00 -44.88 45.85
C GLU C 305 -5.37 -45.32 45.36
N LEU C 306 -5.45 -45.74 44.09
CA LEU C 306 -6.73 -46.16 43.52
C LEU C 306 -7.23 -47.45 44.15
N ILE C 307 -6.34 -48.43 44.34
CA ILE C 307 -6.79 -49.72 44.84
C ILE C 307 -6.95 -49.75 46.36
N THR C 308 -6.36 -48.79 47.08
CA THR C 308 -6.52 -48.74 48.52
C THR C 308 -7.37 -47.58 49.01
N GLY C 309 -7.60 -46.57 48.20
CA GLY C 309 -8.37 -45.41 48.63
C GLY C 309 -7.62 -44.46 49.54
N VAL C 310 -6.32 -44.64 49.70
CA VAL C 310 -5.51 -43.86 50.62
C VAL C 310 -4.70 -42.85 49.82
N ASP C 311 -4.87 -41.57 50.13
CA ASP C 311 -4.11 -40.50 49.49
C ASP C 311 -2.70 -40.51 50.05
N ILE C 312 -1.73 -40.96 49.25
CA ILE C 312 -0.36 -41.14 49.73
C ILE C 312 0.32 -39.80 49.99
N VAL C 313 0.16 -38.84 49.08
CA VAL C 313 0.83 -37.55 49.21
C VAL C 313 0.26 -36.76 50.39
N GLN C 314 -1.07 -36.78 50.55
CA GLN C 314 -1.69 -36.18 51.72
C GLN C 314 -1.22 -36.85 53.00
N ALA C 315 -1.11 -38.19 52.97
CA ALA C 315 -0.65 -38.93 54.14
C ALA C 315 0.76 -38.55 54.52
N GLN C 316 1.67 -38.44 53.55
CA GLN C 316 3.06 -38.13 53.88
C GLN C 316 3.23 -36.67 54.28
N ILE C 317 2.40 -35.77 53.77
CA ILE C 317 2.42 -34.39 54.26
C ILE C 317 1.94 -34.33 55.71
N LEU C 318 0.87 -35.06 56.03
CA LEU C 318 0.38 -35.10 57.41
C LEU C 318 1.37 -35.81 58.34
N ILE C 319 2.12 -36.78 57.82
CA ILE C 319 3.16 -37.43 58.61
C ILE C 319 4.29 -36.46 58.89
N ALA C 320 4.70 -35.68 57.87
CA ALA C 320 5.68 -34.63 58.08
C ALA C 320 5.19 -33.56 59.04
N GLN C 321 3.87 -33.41 59.19
CA GLN C 321 3.31 -32.59 60.26
C GLN C 321 3.39 -33.28 61.62
N GLY C 322 3.77 -34.56 61.67
CA GLY C 322 3.86 -35.28 62.93
C GLY C 322 2.58 -35.93 63.40
N LYS C 323 1.62 -36.16 62.49
CA LYS C 323 0.36 -36.78 62.87
C LYS C 323 0.47 -38.30 62.86
N ASP C 324 -0.50 -38.94 63.50
CA ASP C 324 -0.56 -40.39 63.61
C ASP C 324 -1.44 -40.96 62.50
N LEU C 325 -1.08 -42.14 62.00
CA LEU C 325 -1.78 -42.75 60.88
C LEU C 325 -3.22 -43.11 61.23
N HIS C 326 -3.41 -43.76 62.38
CA HIS C 326 -4.70 -44.32 62.74
C HIS C 326 -5.54 -43.42 63.64
N ARG C 327 -5.00 -42.28 64.07
CA ARG C 327 -5.71 -41.40 64.98
C ARG C 327 -5.98 -40.02 64.37
N GLU C 328 -4.95 -39.36 63.85
CA GLU C 328 -5.12 -38.01 63.30
C GLU C 328 -5.37 -38.05 61.80
N ILE C 329 -4.59 -38.85 61.06
CA ILE C 329 -4.83 -38.99 59.63
C ILE C 329 -6.12 -39.77 59.38
N GLY C 330 -6.36 -40.81 60.18
CA GLY C 330 -7.58 -41.59 60.07
C GLY C 330 -7.48 -42.83 59.23
N LEU C 331 -6.28 -43.29 58.89
CA LEU C 331 -6.14 -44.52 58.14
C LEU C 331 -6.57 -45.72 58.99
N PRO C 332 -7.21 -46.73 58.40
CA PRO C 332 -7.61 -47.90 59.18
C PRO C 332 -6.42 -48.79 59.50
N ALA C 333 -6.69 -49.84 60.27
CA ALA C 333 -5.67 -50.79 60.65
C ALA C 333 -5.21 -51.60 59.42
N GLN C 334 -4.12 -52.35 59.62
CA GLN C 334 -3.50 -53.07 58.51
C GLN C 334 -4.42 -54.15 57.95
N SER C 335 -5.13 -54.86 58.83
CA SER C 335 -6.01 -55.94 58.37
C SER C 335 -7.23 -55.40 57.63
N GLU C 336 -7.65 -54.17 57.92
CA GLU C 336 -8.84 -53.59 57.32
C GLU C 336 -8.54 -52.55 56.26
N ILE C 337 -7.32 -52.57 55.71
CA ILE C 337 -6.99 -51.71 54.57
C ILE C 337 -7.63 -52.36 53.34
N PRO C 338 -8.48 -51.65 52.61
CA PRO C 338 -9.25 -52.28 51.53
C PRO C 338 -8.41 -52.53 50.28
N LEU C 339 -8.93 -53.41 49.43
CA LEU C 339 -8.36 -53.73 48.13
C LEU C 339 -9.48 -53.51 47.12
N LEU C 340 -9.56 -52.29 46.58
CA LEU C 340 -10.69 -51.87 45.77
C LEU C 340 -10.40 -52.15 44.30
N GLY C 341 -10.47 -53.43 43.94
CA GLY C 341 -10.25 -53.80 42.56
C GLY C 341 -8.79 -53.75 42.16
N SER C 342 -8.57 -53.52 40.87
CA SER C 342 -7.23 -53.47 40.30
C SER C 342 -7.07 -52.22 39.44
N ALA C 343 -5.84 -51.76 39.31
CA ALA C 343 -5.55 -50.54 38.56
C ALA C 343 -4.30 -50.75 37.72
N ILE C 344 -4.23 -50.00 36.61
CA ILE C 344 -3.13 -50.07 35.64
C ILE C 344 -2.68 -48.64 35.37
N GLN C 345 -1.37 -48.40 35.43
CA GLN C 345 -0.80 -47.11 35.10
C GLN C 345 0.06 -47.22 33.84
N CYS C 346 -0.20 -46.33 32.87
CA CYS C 346 0.65 -46.18 31.70
C CYS C 346 1.15 -44.75 31.65
N ARG C 347 2.46 -44.59 31.51
CA ARG C 347 3.09 -43.27 31.39
C ARG C 347 3.29 -42.98 29.91
N ILE C 348 2.54 -42.01 29.39
CA ILE C 348 2.66 -41.61 28.00
C ILE C 348 3.79 -40.59 27.90
N THR C 349 4.82 -40.95 27.13
CA THR C 349 6.02 -40.14 27.00
C THR C 349 6.21 -39.73 25.54
N THR C 350 7.28 -38.99 25.28
CA THR C 350 7.62 -38.55 23.93
C THR C 350 8.57 -39.51 23.23
N GLU C 351 8.86 -40.67 23.83
CA GLU C 351 9.73 -41.64 23.19
C GLU C 351 9.03 -42.26 21.99
N ASP C 352 9.72 -42.26 20.85
CA ASP C 352 9.16 -42.80 19.62
C ASP C 352 9.59 -44.25 19.47
N PRO C 353 8.69 -45.22 19.62
CA PRO C 353 9.09 -46.64 19.52
C PRO C 353 9.52 -47.05 18.12
N GLN C 354 9.19 -46.27 17.09
CA GLN C 354 9.70 -46.49 15.75
C GLN C 354 11.05 -45.82 15.52
N ASN C 355 11.60 -45.16 16.55
CA ASN C 355 12.89 -44.51 16.46
C ASN C 355 13.80 -44.91 17.61
N GLY C 356 13.68 -46.16 18.06
CA GLY C 356 14.50 -46.63 19.16
C GLY C 356 14.17 -46.02 20.51
N PHE C 357 12.91 -45.60 20.70
CA PHE C 357 12.43 -44.95 21.93
C PHE C 357 13.21 -43.69 22.27
N LEU C 358 13.67 -42.99 21.25
CA LEU C 358 14.31 -41.69 21.46
C LEU C 358 13.26 -40.65 21.83
N PRO C 359 13.50 -39.82 22.84
CA PRO C 359 12.50 -38.82 23.23
C PRO C 359 12.37 -37.73 22.17
N ASP C 360 11.19 -37.66 21.56
CA ASP C 360 10.94 -36.67 20.53
C ASP C 360 10.75 -35.28 21.15
N THR C 361 11.02 -34.26 20.33
CA THR C 361 10.82 -32.88 20.72
C THR C 361 10.01 -32.17 19.64
N GLY C 362 9.56 -30.96 19.96
CA GLY C 362 8.77 -30.16 19.05
C GLY C 362 7.61 -29.51 19.77
N LYS C 363 6.63 -29.06 18.99
CA LYS C 363 5.46 -28.37 19.52
C LYS C 363 4.25 -29.29 19.42
N ILE C 364 3.50 -29.38 20.51
CA ILE C 364 2.24 -30.12 20.52
C ILE C 364 1.16 -29.21 19.94
N ASP C 365 0.62 -29.58 18.78
CA ASP C 365 -0.38 -28.75 18.13
C ASP C 365 -1.81 -29.11 18.52
N THR C 366 -2.04 -30.30 19.08
CA THR C 366 -3.36 -30.65 19.61
C THR C 366 -3.20 -31.64 20.74
N TYR C 367 -4.07 -31.52 21.73
CA TYR C 367 -4.09 -32.44 22.87
C TYR C 367 -5.53 -32.71 23.27
N ARG C 368 -5.90 -33.98 23.31
CA ARG C 368 -7.22 -34.40 23.76
C ARG C 368 -7.04 -35.46 24.84
N SER C 369 -7.71 -35.25 25.97
CA SER C 369 -7.61 -36.18 27.08
C SER C 369 -8.94 -36.88 27.31
N PRO C 370 -8.93 -38.17 27.63
CA PRO C 370 -10.17 -38.89 27.90
C PRO C 370 -10.63 -38.67 29.33
N GLY C 371 -11.74 -39.30 29.67
CA GLY C 371 -12.29 -39.21 31.01
C GLY C 371 -13.32 -40.29 31.24
N GLY C 372 -14.18 -40.04 32.22
CA GLY C 372 -15.25 -40.95 32.53
C GLY C 372 -14.96 -41.88 33.69
N PHE C 373 -15.69 -42.98 33.74
CA PHE C 373 -15.61 -43.90 34.86
C PHE C 373 -14.29 -44.67 34.83
N GLY C 374 -13.66 -44.76 35.99
CA GLY C 374 -12.46 -45.56 36.14
C GLY C 374 -11.23 -44.99 35.48
N ILE C 375 -11.19 -43.69 35.24
CA ILE C 375 -10.06 -43.05 34.57
C ILE C 375 -9.47 -42.00 35.51
N ARG C 376 -8.15 -42.06 35.70
CA ARG C 376 -7.43 -41.08 36.49
C ARG C 376 -6.31 -40.49 35.65
N LEU C 377 -6.22 -39.17 35.64
CA LEU C 377 -5.22 -38.44 34.85
C LEU C 377 -4.32 -37.63 35.76
N ASP C 378 -3.01 -37.74 35.54
CA ASP C 378 -2.01 -36.90 36.20
C ASP C 378 -1.12 -36.34 35.08
N VAL C 379 -1.55 -35.23 34.51
CA VAL C 379 -0.88 -34.67 33.34
C VAL C 379 0.36 -33.89 33.79
N GLY C 380 1.41 -33.94 32.98
CA GLY C 380 2.56 -33.10 33.17
C GLY C 380 2.43 -31.84 32.34
N ASN C 381 3.34 -31.64 31.39
CA ASN C 381 3.28 -30.54 30.44
C ASN C 381 2.95 -31.14 29.07
N ALA C 382 1.66 -31.21 28.76
CA ALA C 382 1.21 -31.84 27.53
C ALA C 382 0.11 -31.06 26.82
N TYR C 383 -0.14 -29.81 27.21
CA TYR C 383 -1.22 -29.04 26.63
C TYR C 383 -0.90 -28.65 25.19
N ALA C 384 -1.94 -28.26 24.45
CA ALA C 384 -1.78 -27.82 23.08
C ALA C 384 -1.01 -26.50 23.04
N GLY C 385 0.01 -26.44 22.19
CA GLY C 385 0.89 -25.29 22.12
C GLY C 385 2.16 -25.42 22.94
N TYR C 386 2.28 -26.45 23.76
CA TYR C 386 3.48 -26.64 24.55
C TYR C 386 4.63 -27.11 23.67
N GLU C 387 5.79 -26.48 23.84
CA GLU C 387 7.00 -26.87 23.11
C GLU C 387 7.79 -27.85 23.97
N VAL C 388 7.94 -29.08 23.48
CA VAL C 388 8.66 -30.11 24.22
C VAL C 388 10.16 -29.88 24.06
N THR C 389 10.85 -29.71 25.16
CA THR C 389 12.28 -29.46 25.26
C THR C 389 13.03 -30.74 25.54
N PRO C 390 14.28 -30.86 25.07
CA PRO C 390 15.08 -32.06 25.39
C PRO C 390 15.72 -32.03 26.77
N TYR C 391 15.49 -30.98 27.56
CA TYR C 391 16.14 -30.86 28.85
C TYR C 391 15.57 -31.83 29.88
N PHE C 392 14.25 -31.95 29.94
CA PHE C 392 13.59 -32.64 31.02
C PHE C 392 13.19 -34.05 30.61
N ASP C 393 12.42 -34.72 31.47
CA ASP C 393 11.96 -36.07 31.20
C ASP C 393 10.96 -36.08 30.06
N SER C 394 10.87 -37.23 29.38
CA SER C 394 10.01 -37.38 28.22
C SER C 394 8.52 -37.48 28.57
N LEU C 395 8.18 -37.59 29.85
CA LEU C 395 6.81 -37.87 30.26
C LEU C 395 5.87 -36.73 29.92
N LEU C 396 4.76 -37.06 29.26
CA LEU C 396 3.71 -36.10 28.94
C LEU C 396 2.55 -36.15 29.92
N VAL C 397 1.99 -37.32 30.13
CA VAL C 397 0.82 -37.49 30.98
C VAL C 397 0.81 -38.91 31.53
N LYS C 398 0.55 -39.03 32.82
CA LYS C 398 0.29 -40.32 33.45
C LYS C 398 -1.22 -40.54 33.48
N VAL C 399 -1.65 -41.70 32.99
CA VAL C 399 -3.06 -42.06 33.02
C VAL C 399 -3.20 -43.41 33.70
N CYS C 400 -4.15 -43.50 34.63
CA CYS C 400 -4.39 -44.71 35.39
C CYS C 400 -5.84 -45.13 35.23
N THR C 401 -6.05 -46.40 34.90
CA THR C 401 -7.39 -46.96 34.75
C THR C 401 -7.62 -48.00 35.84
N PHE C 402 -8.74 -47.87 36.56
CA PHE C 402 -9.06 -48.75 37.67
C PHE C 402 -10.46 -49.31 37.50
N ALA C 403 -10.63 -50.57 37.90
CA ALA C 403 -11.90 -51.24 37.81
C ALA C 403 -11.94 -52.38 38.83
N ASN C 404 -13.12 -52.97 38.99
CA ASN C 404 -13.26 -54.10 39.91
C ASN C 404 -12.52 -55.32 39.41
N GLU C 405 -12.58 -55.58 38.11
CA GLU C 405 -11.87 -56.69 37.49
C GLU C 405 -10.67 -56.17 36.70
N PHE C 406 -9.70 -57.05 36.46
CA PHE C 406 -8.50 -56.66 35.75
C PHE C 406 -8.77 -56.50 34.26
N SER C 407 -9.61 -57.36 33.68
CA SER C 407 -9.92 -57.28 32.26
C SER C 407 -10.67 -55.99 31.93
N ASP C 408 -11.54 -55.55 32.84
CA ASP C 408 -12.22 -54.27 32.66
C ASP C 408 -11.23 -53.11 32.70
N SER C 409 -10.22 -53.19 33.57
CA SER C 409 -9.16 -52.19 33.59
C SER C 409 -8.37 -52.20 32.29
N VAL C 410 -8.11 -53.40 31.75
CA VAL C 410 -7.36 -53.51 30.49
C VAL C 410 -8.12 -52.88 29.34
N ARG C 411 -9.41 -53.17 29.23
CA ARG C 411 -10.18 -52.60 28.12
C ARG C 411 -10.44 -51.11 28.33
N LYS C 412 -10.53 -50.64 29.57
CA LYS C 412 -10.60 -49.21 29.82
C LYS C 412 -9.32 -48.51 29.41
N MET C 413 -8.17 -49.14 29.68
CA MET C 413 -6.90 -48.57 29.25
C MET C 413 -6.77 -48.58 27.73
N ASP C 414 -7.31 -49.61 27.06
CA ASP C 414 -7.34 -49.62 25.60
C ASP C 414 -8.20 -48.50 25.04
N ARG C 415 -9.36 -48.27 25.66
CA ARG C 415 -10.22 -47.15 25.27
C ARG C 415 -9.51 -45.82 25.46
N VAL C 416 -8.78 -45.68 26.58
CA VAL C 416 -8.06 -44.44 26.85
C VAL C 416 -6.95 -44.21 25.85
N LEU C 417 -6.17 -45.26 25.56
CA LEU C 417 -5.02 -45.11 24.66
C LEU C 417 -5.47 -44.88 23.22
N HIS C 418 -6.66 -45.35 22.86
CA HIS C 418 -7.19 -44.98 21.54
C HIS C 418 -7.86 -43.62 21.55
N GLU C 419 -8.41 -43.19 22.68
CA GLU C 419 -9.03 -41.87 22.77
C GLU C 419 -8.01 -40.76 22.87
N PHE C 420 -6.83 -41.05 23.41
CA PHE C 420 -5.78 -40.04 23.55
C PHE C 420 -5.32 -39.55 22.19
N ARG C 421 -5.09 -38.24 22.07
CA ARG C 421 -4.65 -37.64 20.83
C ARG C 421 -3.59 -36.60 21.12
N ILE C 422 -2.34 -36.93 20.82
CA ILE C 422 -1.21 -36.01 20.94
C ILE C 422 -0.49 -36.02 19.59
N ARG C 423 -0.65 -34.94 18.82
CA ARG C 423 0.01 -34.80 17.54
C ARG C 423 0.97 -33.62 17.58
N GLY C 424 2.05 -33.73 16.83
CA GLY C 424 3.10 -32.74 16.84
C GLY C 424 4.40 -33.35 17.31
N VAL C 425 4.32 -34.26 18.27
CA VAL C 425 5.45 -35.04 18.74
C VAL C 425 5.04 -36.51 18.75
N LYS C 426 6.01 -37.38 18.54
CA LYS C 426 5.75 -38.81 18.56
C LYS C 426 5.69 -39.31 19.99
N THR C 427 4.77 -40.24 20.24
CA THR C 427 4.56 -40.79 21.57
C THR C 427 4.73 -42.31 21.55
N ASN C 428 4.82 -42.89 22.74
CA ASN C 428 4.89 -44.33 22.92
C ASN C 428 3.51 -44.98 22.99
N ILE C 429 2.47 -44.27 22.54
CA ILE C 429 1.10 -44.80 22.63
C ILE C 429 0.91 -46.09 21.83
N PRO C 430 1.37 -46.21 20.56
CA PRO C 430 1.22 -47.52 19.89
C PRO C 430 1.95 -48.66 20.58
N PHE C 431 3.10 -48.38 21.19
CA PHE C 431 3.80 -49.42 21.96
C PHE C 431 2.97 -49.85 23.17
N LEU C 432 2.35 -48.89 23.87
CA LEU C 432 1.49 -49.24 25.00
C LEU C 432 0.28 -50.04 24.56
N ILE C 433 -0.29 -49.68 23.40
CA ILE C 433 -1.43 -50.42 22.85
C ILE C 433 -1.02 -51.86 22.53
N ASN C 434 0.16 -52.03 21.92
CA ASN C 434 0.64 -53.38 21.60
C ASN C 434 0.92 -54.19 22.86
N VAL C 435 1.46 -53.54 23.90
CA VAL C 435 1.77 -54.26 25.14
C VAL C 435 0.49 -54.69 25.85
N ILE C 436 -0.49 -53.79 25.96
CA ILE C 436 -1.73 -54.17 26.63
C ILE C 436 -2.58 -55.11 25.78
N ALA C 437 -2.32 -55.18 24.47
CA ALA C 437 -3.00 -56.16 23.64
C ALA C 437 -2.44 -57.57 23.82
N ASN C 438 -1.25 -57.69 24.40
CA ASN C 438 -0.60 -58.99 24.54
C ASN C 438 -1.28 -59.84 25.60
N GLU C 439 -1.33 -61.14 25.36
CA GLU C 439 -2.02 -62.06 26.26
C GLU C 439 -1.26 -62.34 27.55
N ASN C 440 0.07 -62.13 27.56
CA ASN C 440 0.81 -62.30 28.81
C ASN C 440 0.48 -61.20 29.81
N PHE C 441 0.40 -59.95 29.34
CA PHE C 441 0.07 -58.83 30.20
C PHE C 441 -1.35 -58.93 30.73
N THR C 442 -2.30 -59.31 29.88
CA THR C 442 -3.69 -59.42 30.31
C THR C 442 -3.89 -60.57 31.28
N SER C 443 -3.15 -61.67 31.10
CA SER C 443 -3.17 -62.74 32.09
C SER C 443 -2.42 -62.36 33.36
N GLY C 444 -1.55 -61.35 33.29
CA GLY C 444 -0.82 -60.92 34.46
C GLY C 444 0.43 -61.72 34.75
N GLN C 445 0.86 -62.59 33.84
CA GLN C 445 2.06 -63.37 34.00
C GLN C 445 3.27 -62.75 33.32
N ALA C 446 3.20 -61.45 33.03
CA ALA C 446 4.32 -60.75 32.42
C ALA C 446 5.49 -60.65 33.39
N THR C 447 6.70 -60.86 32.87
CA THR C 447 7.92 -60.79 33.64
C THR C 447 8.76 -59.63 33.15
N THR C 448 9.96 -59.50 33.74
CA THR C 448 10.88 -58.43 33.35
C THR C 448 11.42 -58.62 31.95
N THR C 449 11.49 -59.87 31.49
CA THR C 449 12.01 -60.19 30.17
C THR C 449 10.91 -60.31 29.11
N PHE C 450 9.66 -59.97 29.46
CA PHE C 450 8.55 -60.18 28.55
C PHE C 450 8.64 -59.27 27.34
N ILE C 451 9.01 -58.00 27.53
CA ILE C 451 9.07 -57.07 26.42
C ILE C 451 10.24 -57.41 25.49
N ASP C 452 11.41 -57.70 26.06
CA ASP C 452 12.60 -57.94 25.27
C ASP C 452 12.57 -59.27 24.53
N ASN C 453 11.64 -60.17 24.85
CA ASN C 453 11.52 -61.46 24.18
C ASN C 453 10.23 -61.55 23.37
N THR C 454 9.62 -60.41 23.03
CA THR C 454 8.39 -60.39 22.24
C THR C 454 8.57 -59.38 21.10
N PRO C 455 9.09 -59.82 19.95
CA PRO C 455 9.28 -58.89 18.83
C PRO C 455 7.98 -58.40 18.21
N SER C 456 6.87 -59.08 18.45
CA SER C 456 5.58 -58.67 17.88
C SER C 456 5.04 -57.39 18.51
N LEU C 457 5.60 -56.94 19.64
CA LEU C 457 5.16 -55.69 20.24
C LEU C 457 5.58 -54.48 19.42
N PHE C 458 6.55 -54.63 18.53
CA PHE C 458 7.09 -53.50 17.77
C PHE C 458 6.53 -53.43 16.35
N ASN C 459 5.49 -54.21 16.04
CA ASN C 459 4.77 -54.09 14.78
C ASN C 459 3.64 -53.09 14.98
N PHE C 460 3.80 -51.90 14.39
CA PHE C 460 2.86 -50.82 14.61
C PHE C 460 2.02 -50.57 13.38
N PRO C 461 0.69 -50.52 13.52
CA PRO C 461 -0.17 -50.28 12.35
C PRO C 461 0.02 -48.87 11.80
N ARG C 462 -0.22 -48.72 10.50
CA ARG C 462 -0.15 -47.41 9.88
C ARG C 462 -1.35 -46.56 10.31
N LEU C 463 -1.06 -45.33 10.70
CA LEU C 463 -2.09 -44.38 11.11
C LEU C 463 -2.34 -43.40 9.96
N ARG C 464 -3.62 -43.17 9.65
CA ARG C 464 -3.96 -42.30 8.54
C ARG C 464 -3.56 -40.86 8.81
N ASP C 465 -3.95 -40.32 9.97
CA ASP C 465 -3.68 -38.95 10.39
C ASP C 465 -4.15 -37.95 9.32
N ARG C 466 -5.39 -38.15 8.88
CA ARG C 466 -5.91 -37.41 7.73
C ARG C 466 -6.19 -35.95 8.04
N GLY C 467 -6.46 -35.60 9.30
CA GLY C 467 -6.65 -34.20 9.64
C GLY C 467 -5.37 -33.39 9.49
N THR C 468 -4.25 -33.93 9.98
CA THR C 468 -2.97 -33.24 9.86
C THR C 468 -2.54 -33.10 8.40
N LYS C 469 -2.72 -34.16 7.62
CA LYS C 469 -2.36 -34.12 6.20
C LYS C 469 -3.22 -33.12 5.43
N THR C 470 -4.52 -33.09 5.72
CA THR C 470 -5.41 -32.13 5.06
C THR C 470 -5.05 -30.70 5.43
N LEU C 471 -4.77 -30.45 6.71
CA LEU C 471 -4.38 -29.11 7.13
C LEU C 471 -3.05 -28.70 6.51
N HIS C 472 -2.12 -29.65 6.39
CA HIS C 472 -0.83 -29.37 5.76
C HIS C 472 -1.00 -29.00 4.29
N TYR C 473 -1.85 -29.74 3.56
CA TYR C 473 -2.10 -29.42 2.16
C TYR C 473 -2.81 -28.08 2.00
N LEU C 474 -3.80 -27.81 2.86
CA LEU C 474 -4.51 -26.54 2.80
C LEU C 474 -3.59 -25.37 3.07
N SER C 475 -2.71 -25.49 4.07
CA SER C 475 -1.75 -24.44 4.36
C SER C 475 -0.77 -24.26 3.21
N MET C 476 -0.30 -25.36 2.62
CA MET C 476 0.67 -25.28 1.52
C MET C 476 0.07 -24.58 0.31
N ILE C 477 -1.16 -24.93 -0.07
CA ILE C 477 -1.78 -24.28 -1.21
C ILE C 477 -2.19 -22.84 -0.88
N THR C 478 -2.57 -22.58 0.38
CA THR C 478 -2.96 -21.23 0.77
C THR C 478 -1.79 -20.26 0.71
N VAL C 479 -0.62 -20.68 1.21
CA VAL C 479 0.50 -19.74 1.27
C VAL C 479 1.37 -19.77 0.01
N ASN C 480 1.46 -20.90 -0.68
CA ASN C 480 2.38 -21.03 -1.80
C ASN C 480 1.69 -21.17 -3.16
N GLY C 481 0.40 -21.42 -3.18
CA GLY C 481 -0.32 -21.55 -4.43
C GLY C 481 -0.16 -22.93 -5.05
N PHE C 482 -1.06 -23.24 -5.96
CA PHE C 482 -0.97 -24.50 -6.69
C PHE C 482 0.16 -24.42 -7.71
N PRO C 483 1.04 -25.43 -7.76
CA PRO C 483 2.15 -25.37 -8.72
C PRO C 483 1.66 -25.51 -10.16
N GLY C 484 2.15 -24.63 -11.02
CA GLY C 484 1.82 -24.64 -12.42
C GLY C 484 0.82 -23.58 -12.85
N ILE C 485 0.07 -23.00 -11.92
CA ILE C 485 -0.91 -21.96 -12.23
C ILE C 485 -0.57 -20.73 -11.41
N GLU C 486 -1.12 -19.61 -11.84
CA GLU C 486 -0.87 -18.34 -11.17
C GLU C 486 -1.84 -18.20 -10.00
N ASN C 487 -1.33 -17.73 -8.86
CA ASN C 487 -2.06 -17.73 -7.60
C ASN C 487 -3.11 -16.62 -7.61
N THR C 488 -4.37 -17.02 -7.69
CA THR C 488 -5.51 -16.12 -7.60
C THR C 488 -6.05 -16.15 -6.17
N GLU C 489 -7.11 -15.38 -5.95
CA GLU C 489 -7.94 -15.61 -4.78
C GLU C 489 -8.96 -16.71 -5.07
N LYS C 490 -9.51 -17.27 -4.00
CA LYS C 490 -10.51 -18.32 -4.14
C LYS C 490 -11.86 -17.68 -4.42
N ARG C 491 -12.38 -17.88 -5.62
CA ARG C 491 -13.67 -17.31 -5.99
C ARG C 491 -14.80 -18.05 -5.29
N HIS C 492 -15.90 -17.32 -5.07
CA HIS C 492 -17.10 -17.92 -4.50
C HIS C 492 -17.84 -18.67 -5.60
N PHE C 493 -18.05 -19.97 -5.38
CA PHE C 493 -18.73 -20.83 -6.33
C PHE C 493 -19.99 -21.39 -5.69
N GLU C 494 -21.12 -21.24 -6.38
CA GLU C 494 -22.34 -21.89 -5.94
C GLU C 494 -22.28 -23.39 -6.22
N GLU C 495 -23.19 -24.12 -5.59
CA GLU C 495 -23.26 -25.56 -5.81
C GLU C 495 -23.70 -25.84 -7.25
N PRO C 496 -23.09 -26.82 -7.91
CA PRO C 496 -23.50 -27.15 -9.28
C PRO C 496 -24.91 -27.70 -9.33
N ARG C 497 -25.60 -27.40 -10.42
CA ARG C 497 -27.01 -27.77 -10.54
C ARG C 497 -27.16 -29.27 -10.74
N GLN C 498 -27.87 -29.91 -9.82
CA GLN C 498 -28.18 -31.32 -9.97
C GLN C 498 -29.24 -31.52 -11.04
N PRO C 499 -29.11 -32.55 -11.87
CA PRO C 499 -30.06 -32.74 -12.97
C PRO C 499 -31.41 -33.26 -12.49
N LEU C 500 -32.46 -32.83 -13.17
CA LEU C 500 -33.81 -33.34 -12.96
C LEU C 500 -34.05 -34.37 -14.06
N LEU C 501 -33.88 -35.63 -13.73
CA LEU C 501 -33.86 -36.71 -14.71
C LEU C 501 -35.21 -37.41 -14.79
N ASN C 502 -35.53 -37.87 -15.99
CA ASN C 502 -36.68 -38.73 -16.24
C ASN C 502 -36.12 -40.14 -16.47
N LEU C 503 -36.04 -40.92 -15.38
CA LEU C 503 -35.40 -42.22 -15.42
C LEU C 503 -36.22 -43.20 -16.24
N GLU C 504 -35.52 -44.05 -17.00
CA GLU C 504 -36.14 -45.10 -17.79
C GLU C 504 -35.28 -46.34 -17.65
N LYS C 505 -35.82 -47.35 -16.97
CA LYS C 505 -35.07 -48.59 -16.76
C LYS C 505 -34.97 -49.37 -18.07
N LYS C 506 -33.75 -49.67 -18.48
CA LYS C 506 -33.49 -50.32 -19.75
C LYS C 506 -32.31 -51.27 -19.60
N LYS C 507 -32.23 -52.23 -20.52
CA LYS C 507 -31.09 -53.13 -20.59
C LYS C 507 -29.97 -52.47 -21.39
N THR C 508 -28.80 -52.38 -20.79
CA THR C 508 -27.66 -51.73 -21.41
C THR C 508 -26.69 -52.77 -21.99
N ALA C 509 -25.68 -52.28 -22.70
CA ALA C 509 -24.67 -53.16 -23.25
C ALA C 509 -23.77 -53.74 -22.16
N LYS C 510 -23.64 -53.03 -21.03
CA LYS C 510 -22.89 -53.57 -19.89
C LYS C 510 -23.58 -54.81 -19.32
N ASN C 511 -24.91 -54.79 -19.25
CA ASN C 511 -25.65 -55.95 -18.78
C ASN C 511 -25.49 -57.13 -19.74
N ILE C 512 -25.50 -56.85 -21.05
CA ILE C 512 -25.32 -57.91 -22.04
C ILE C 512 -23.92 -58.50 -21.96
N LEU C 513 -22.91 -57.66 -21.71
CA LEU C 513 -21.56 -58.16 -21.55
C LEU C 513 -21.41 -58.99 -20.28
N ASP C 514 -22.04 -58.55 -19.18
CA ASP C 514 -21.93 -59.28 -17.93
C ASP C 514 -22.65 -60.62 -17.99
N GLU C 515 -23.81 -60.67 -18.64
CA GLU C 515 -24.57 -61.91 -18.68
C GLU C 515 -24.12 -62.83 -19.81
N GLN C 516 -23.94 -62.29 -21.02
CA GLN C 516 -23.77 -63.12 -22.20
C GLN C 516 -22.42 -62.95 -22.92
N GLY C 517 -21.60 -61.98 -22.54
CA GLY C 517 -20.29 -61.87 -23.11
C GLY C 517 -20.17 -60.83 -24.21
N ALA C 518 -18.98 -60.82 -24.83
CA ALA C 518 -18.63 -59.78 -25.80
C ALA C 518 -19.33 -59.99 -27.13
N ASP C 519 -19.49 -61.25 -27.56
CA ASP C 519 -20.09 -61.53 -28.86
C ASP C 519 -21.56 -61.14 -28.90
N ALA C 520 -22.28 -61.33 -27.79
CA ALA C 520 -23.67 -60.86 -27.74
C ALA C 520 -23.76 -59.35 -27.74
N VAL C 521 -22.76 -58.67 -27.15
CA VAL C 521 -22.71 -57.21 -27.23
C VAL C 521 -22.50 -56.77 -28.68
N VAL C 522 -21.61 -57.46 -29.40
CA VAL C 522 -21.37 -57.15 -30.81
C VAL C 522 -22.63 -57.39 -31.63
N ASP C 523 -23.35 -58.47 -31.35
CA ASP C 523 -24.60 -58.72 -32.05
C ASP C 523 -25.68 -57.69 -31.70
N TYR C 524 -25.69 -57.20 -30.46
CA TYR C 524 -26.62 -56.15 -30.08
C TYR C 524 -26.31 -54.84 -30.78
N VAL C 525 -25.02 -54.53 -30.95
CA VAL C 525 -24.62 -53.34 -31.69
C VAL C 525 -25.02 -53.47 -33.16
N LYS C 526 -24.81 -54.66 -33.73
CA LYS C 526 -25.13 -54.89 -35.14
C LYS C 526 -26.64 -54.87 -35.38
N ASN C 527 -27.44 -55.23 -34.38
CA ASN C 527 -28.88 -55.28 -34.52
C ASN C 527 -29.57 -53.96 -34.17
N THR C 528 -28.79 -52.93 -33.86
CA THR C 528 -29.34 -51.62 -33.54
C THR C 528 -29.32 -50.76 -34.79
N LYS C 529 -30.50 -50.34 -35.25
CA LYS C 529 -30.58 -49.46 -36.41
C LYS C 529 -30.12 -48.05 -36.08
N GLU C 530 -30.36 -47.60 -34.84
CA GLU C 530 -29.90 -46.28 -34.42
C GLU C 530 -28.39 -46.28 -34.25
N VAL C 531 -27.81 -45.08 -34.29
CA VAL C 531 -26.39 -44.91 -34.07
C VAL C 531 -26.14 -44.76 -32.57
N LEU C 532 -25.22 -45.57 -32.04
CA LEU C 532 -24.91 -45.55 -30.63
C LEU C 532 -23.92 -44.42 -30.31
N LEU C 533 -23.93 -43.99 -29.06
CA LEU C 533 -23.08 -42.90 -28.60
C LEU C 533 -22.16 -43.38 -27.49
N THR C 534 -20.90 -42.97 -27.56
CA THR C 534 -19.93 -43.19 -26.51
C THR C 534 -19.57 -41.85 -25.89
N ASP C 535 -19.75 -41.72 -24.58
CA ASP C 535 -19.48 -40.48 -23.89
C ASP C 535 -17.98 -40.35 -23.62
N THR C 536 -17.35 -39.34 -24.22
CA THR C 536 -15.95 -39.06 -24.00
C THR C 536 -15.74 -37.88 -23.06
N THR C 537 -16.76 -37.54 -22.26
CA THR C 537 -16.64 -36.44 -21.32
C THR C 537 -15.61 -36.74 -20.24
N LEU C 538 -15.58 -37.98 -19.76
CA LEU C 538 -14.75 -38.32 -18.61
C LEU C 538 -13.27 -38.49 -18.96
N ARG C 539 -12.92 -38.72 -20.23
CA ARG C 539 -11.51 -38.74 -20.62
C ARG C 539 -11.17 -37.67 -21.66
N ASP C 540 -11.75 -37.74 -22.84
CA ASP C 540 -11.20 -37.03 -23.99
C ASP C 540 -11.64 -35.59 -24.07
N ALA C 541 -12.87 -35.28 -23.64
CA ALA C 541 -13.36 -33.92 -23.67
C ALA C 541 -12.54 -33.01 -22.76
N HIS C 542 -12.20 -33.49 -21.57
CA HIS C 542 -11.38 -32.68 -20.68
C HIS C 542 -9.89 -32.86 -20.94
N GLN C 543 -9.49 -33.93 -21.63
CA GLN C 543 -8.11 -34.00 -22.11
C GLN C 543 -7.85 -32.93 -23.15
N SER C 544 -8.81 -32.71 -24.06
CA SER C 544 -8.62 -31.72 -25.12
C SER C 544 -8.75 -30.29 -24.59
N LEU C 545 -9.70 -30.05 -23.69
CA LEU C 545 -10.05 -28.69 -23.28
C LEU C 545 -9.41 -28.27 -21.96
N LEU C 546 -9.46 -29.11 -20.94
CA LEU C 546 -9.03 -28.74 -19.60
C LEU C 546 -7.65 -29.30 -19.24
N ALA C 547 -6.87 -29.68 -20.26
CA ALA C 547 -5.52 -30.27 -20.07
C ALA C 547 -5.56 -31.49 -19.16
N THR C 548 -6.55 -32.36 -19.40
CA THR C 548 -6.93 -33.56 -18.61
C THR C 548 -6.78 -33.35 -17.11
N ARG C 549 -7.19 -32.19 -16.60
CA ARG C 549 -7.10 -31.88 -15.18
C ARG C 549 -8.39 -32.15 -14.42
N LEU C 550 -9.41 -32.69 -15.08
CA LEU C 550 -10.67 -32.98 -14.41
C LEU C 550 -10.48 -34.05 -13.34
N ARG C 551 -11.05 -33.82 -12.16
CA ARG C 551 -10.79 -34.63 -10.99
C ARG C 551 -11.96 -35.55 -10.67
N LEU C 552 -11.70 -36.48 -9.75
CA LEU C 552 -12.68 -37.51 -9.43
C LEU C 552 -13.87 -36.94 -8.66
N GLN C 553 -13.69 -35.83 -7.95
CA GLN C 553 -14.79 -35.25 -7.17
C GLN C 553 -15.91 -34.76 -8.09
N ASP C 554 -15.57 -33.98 -9.10
CA ASP C 554 -16.56 -33.50 -10.06
C ASP C 554 -17.10 -34.64 -10.93
N MET C 555 -16.29 -35.68 -11.15
CA MET C 555 -16.77 -36.85 -11.87
C MET C 555 -17.84 -37.60 -11.06
N LYS C 556 -17.55 -37.87 -9.80
CA LYS C 556 -18.44 -38.62 -8.93
C LYS C 556 -19.65 -37.82 -8.49
N GLY C 557 -19.62 -36.50 -8.63
CA GLY C 557 -20.83 -35.73 -8.41
C GLY C 557 -21.93 -35.98 -9.42
N ILE C 558 -21.60 -36.55 -10.58
CA ILE C 558 -22.55 -36.74 -11.66
C ILE C 558 -22.48 -38.14 -12.28
N ALA C 559 -21.60 -39.02 -11.78
CA ALA C 559 -21.45 -40.34 -12.37
C ALA C 559 -22.73 -41.16 -12.27
N GLN C 560 -23.38 -41.13 -11.11
CA GLN C 560 -24.64 -41.86 -10.93
C GLN C 560 -25.74 -41.30 -11.83
N ALA C 561 -25.79 -39.97 -11.97
CA ALA C 561 -26.77 -39.34 -12.85
C ALA C 561 -26.53 -39.70 -14.31
N ILE C 562 -25.27 -39.79 -14.71
CA ILE C 562 -24.96 -40.21 -16.08
C ILE C 562 -25.36 -41.67 -16.30
N ASP C 563 -25.06 -42.53 -15.32
CA ASP C 563 -25.36 -43.95 -15.46
C ASP C 563 -26.86 -44.21 -15.51
N GLN C 564 -27.65 -43.49 -14.70
CA GLN C 564 -29.09 -43.72 -14.66
C GLN C 564 -29.84 -42.97 -15.74
N GLY C 565 -29.54 -41.67 -15.92
CA GLY C 565 -30.27 -40.85 -16.87
C GLY C 565 -29.94 -41.13 -18.32
N LEU C 566 -28.78 -41.72 -18.59
CA LEU C 566 -28.37 -42.06 -19.96
C LEU C 566 -28.00 -43.54 -20.04
N PRO C 567 -29.00 -44.44 -20.00
CA PRO C 567 -28.70 -45.86 -20.20
C PRO C 567 -28.49 -46.23 -21.66
N GLU C 568 -28.82 -45.33 -22.59
CA GLU C 568 -28.68 -45.61 -24.02
C GLU C 568 -27.24 -45.56 -24.49
N LEU C 569 -26.32 -45.09 -23.65
CA LEU C 569 -24.92 -45.00 -24.04
C LEU C 569 -24.32 -46.38 -24.24
N PHE C 570 -23.57 -46.55 -25.33
CA PHE C 570 -22.83 -47.79 -25.53
C PHE C 570 -21.76 -47.96 -24.46
N SER C 571 -20.94 -46.93 -24.27
CA SER C 571 -19.90 -46.97 -23.25
C SER C 571 -19.55 -45.53 -22.88
N ALA C 572 -18.82 -45.40 -21.77
CA ALA C 572 -18.29 -44.11 -21.33
C ALA C 572 -16.79 -44.22 -21.25
N GLU C 573 -16.08 -43.43 -22.06
CA GLU C 573 -14.63 -43.44 -22.04
C GLU C 573 -14.15 -42.60 -20.86
N MET C 574 -13.65 -43.26 -19.82
CA MET C 574 -13.26 -42.58 -18.59
C MET C 574 -11.81 -42.83 -18.21
N TRP C 575 -11.03 -43.52 -19.03
CA TRP C 575 -9.72 -43.96 -18.61
C TRP C 575 -8.81 -44.02 -19.83
N GLY C 576 -7.52 -44.20 -19.57
CA GLY C 576 -6.55 -44.31 -20.64
C GLY C 576 -6.05 -42.96 -21.12
N GLY C 577 -5.13 -43.01 -22.08
CA GLY C 577 -4.54 -41.81 -22.62
C GLY C 577 -3.66 -41.11 -21.60
N ALA C 578 -3.72 -39.78 -21.62
CA ALA C 578 -2.94 -38.97 -20.70
C ALA C 578 -3.52 -38.94 -19.29
N THR C 579 -4.72 -39.50 -19.09
CA THR C 579 -5.38 -39.47 -17.79
C THR C 579 -4.58 -40.23 -16.74
N PHE C 580 -4.04 -41.40 -17.11
CA PHE C 580 -3.31 -42.25 -16.17
C PHE C 580 -2.07 -41.54 -15.63
N ASP C 581 -1.28 -40.92 -16.52
CA ASP C 581 -0.09 -40.22 -16.07
C ASP C 581 -0.44 -38.94 -15.35
N VAL C 582 -1.39 -38.17 -15.89
CA VAL C 582 -1.64 -36.82 -15.42
C VAL C 582 -2.30 -36.84 -14.03
N ALA C 583 -3.17 -37.82 -13.77
CA ALA C 583 -3.79 -37.93 -12.45
C ALA C 583 -2.74 -38.13 -11.37
N TYR C 584 -1.84 -39.10 -11.57
CA TYR C 584 -0.74 -39.34 -10.64
C TYR C 584 0.16 -38.12 -10.52
N ARG C 585 0.49 -37.48 -11.64
CA ARG C 585 1.52 -36.45 -11.64
C ARG C 585 1.01 -35.14 -11.04
N PHE C 586 -0.13 -34.66 -11.50
CA PHE C 586 -0.67 -33.36 -11.11
C PHE C 586 -1.85 -33.45 -10.17
N LEU C 587 -2.78 -34.39 -10.38
CA LEU C 587 -3.97 -34.41 -9.54
C LEU C 587 -3.73 -35.12 -8.22
N ASN C 588 -2.63 -35.86 -8.10
CA ASN C 588 -2.25 -36.60 -6.90
C ASN C 588 -3.35 -37.56 -6.45
N GLU C 589 -3.99 -38.19 -7.43
CA GLU C 589 -4.99 -39.22 -7.18
C GLU C 589 -4.70 -40.43 -8.06
N SER C 590 -4.97 -41.60 -7.52
CA SER C 590 -4.72 -42.82 -8.26
C SER C 590 -5.77 -43.00 -9.35
N PRO C 591 -5.37 -43.21 -10.61
CA PRO C 591 -6.36 -43.57 -11.64
C PRO C 591 -7.08 -44.86 -11.35
N TRP C 592 -6.43 -45.80 -10.66
CA TRP C 592 -7.11 -47.02 -10.24
C TRP C 592 -8.21 -46.72 -9.22
N TYR C 593 -7.93 -45.79 -8.30
CA TYR C 593 -8.94 -45.36 -7.33
C TYR C 593 -10.12 -44.68 -8.02
N ARG C 594 -9.82 -43.85 -9.03
CA ARG C 594 -10.89 -43.21 -9.80
C ARG C 594 -11.72 -44.25 -10.54
N LEU C 595 -11.07 -45.25 -11.13
CA LEU C 595 -11.78 -46.31 -11.83
C LEU C 595 -12.66 -47.11 -10.88
N ARG C 596 -12.15 -47.41 -9.67
CA ARG C 596 -12.95 -48.15 -8.69
C ARG C 596 -14.16 -47.35 -8.22
N LYS C 597 -13.98 -46.06 -7.93
CA LYS C 597 -15.10 -45.23 -7.50
C LYS C 597 -16.13 -45.06 -8.61
N LEU C 598 -15.68 -44.87 -9.86
CA LEU C 598 -16.61 -44.73 -10.96
C LEU C 598 -17.34 -46.03 -11.25
N ARG C 599 -16.66 -47.17 -11.11
CA ARG C 599 -17.31 -48.46 -11.32
C ARG C 599 -18.35 -48.73 -10.24
N LYS C 600 -18.06 -48.35 -8.99
CA LYS C 600 -19.08 -48.47 -7.95
C LYS C 600 -20.24 -47.52 -8.19
N LEU C 601 -19.97 -46.35 -8.78
CA LEU C 601 -21.04 -45.39 -9.04
C LEU C 601 -21.73 -45.58 -10.38
N MET C 602 -21.14 -46.34 -11.30
CA MET C 602 -21.73 -46.58 -12.63
C MET C 602 -21.75 -48.08 -12.90
N PRO C 603 -22.72 -48.79 -12.31
CA PRO C 603 -22.73 -50.26 -12.46
C PRO C 603 -23.24 -50.73 -13.81
N ASN C 604 -24.09 -49.94 -14.48
CA ASN C 604 -24.74 -50.38 -15.70
C ASN C 604 -24.17 -49.71 -16.95
N THR C 605 -23.08 -48.97 -16.83
CA THR C 605 -22.44 -48.31 -17.97
C THR C 605 -21.11 -48.99 -18.24
N MET C 606 -20.87 -49.33 -19.50
CA MET C 606 -19.59 -49.92 -19.87
C MET C 606 -18.49 -48.88 -19.83
N PHE C 607 -17.31 -49.29 -19.37
CA PHE C 607 -16.18 -48.40 -19.23
C PHE C 607 -15.19 -48.65 -20.35
N GLN C 608 -14.80 -47.58 -21.03
CA GLN C 608 -13.89 -47.67 -22.17
C GLN C 608 -12.57 -46.99 -21.82
N MET C 609 -11.48 -47.64 -22.16
CA MET C 609 -10.15 -47.09 -21.97
C MET C 609 -9.47 -46.93 -23.33
N LEU C 610 -8.57 -45.95 -23.41
CA LEU C 610 -7.74 -45.77 -24.58
C LEU C 610 -6.44 -46.53 -24.34
N PHE C 611 -6.25 -47.63 -25.09
CA PHE C 611 -5.09 -48.48 -24.96
C PHE C 611 -4.11 -48.13 -26.07
N ARG C 612 -2.91 -47.70 -25.69
CA ARG C 612 -1.92 -47.26 -26.68
C ARG C 612 -1.00 -48.39 -27.12
N GLY C 613 -1.58 -49.53 -27.48
CA GLY C 613 -0.84 -50.63 -28.09
C GLY C 613 0.19 -51.25 -27.16
N SER C 614 1.44 -51.34 -27.65
CA SER C 614 2.51 -52.00 -26.92
C SER C 614 3.02 -51.17 -25.76
N ASN C 615 2.73 -49.87 -25.74
CA ASN C 615 3.04 -48.99 -24.62
C ASN C 615 1.71 -48.53 -24.07
N ALA C 616 1.18 -49.28 -23.09
CA ALA C 616 -0.24 -49.25 -22.75
C ALA C 616 -0.71 -47.88 -22.30
N VAL C 617 -0.05 -47.30 -21.31
CA VAL C 617 -0.31 -45.92 -20.92
C VAL C 617 0.94 -45.07 -20.83
N GLY C 618 2.12 -45.68 -20.68
CA GLY C 618 3.37 -44.94 -20.75
C GLY C 618 3.80 -44.71 -22.18
N TYR C 619 4.94 -44.03 -22.31
CA TYR C 619 5.48 -43.68 -23.62
C TYR C 619 6.58 -44.65 -24.08
N GLN C 620 7.39 -45.15 -23.15
CA GLN C 620 8.40 -46.14 -23.50
C GLN C 620 7.75 -47.50 -23.75
N ASN C 621 8.44 -48.33 -24.52
CA ASN C 621 7.92 -49.66 -24.81
C ASN C 621 8.06 -50.56 -23.59
N TYR C 622 7.15 -51.52 -23.49
CA TYR C 622 7.07 -52.41 -22.34
C TYR C 622 7.00 -53.86 -22.82
N PRO C 623 7.41 -54.82 -21.98
CA PRO C 623 7.31 -56.23 -22.38
C PRO C 623 5.86 -56.70 -22.48
N ASP C 624 5.69 -57.88 -23.07
CA ASP C 624 4.36 -58.42 -23.31
C ASP C 624 3.67 -58.83 -22.02
N ASN C 625 4.45 -59.33 -21.05
CA ASN C 625 3.86 -59.75 -19.78
C ASN C 625 3.31 -58.57 -19.00
N VAL C 626 3.96 -57.41 -19.13
CA VAL C 626 3.45 -56.18 -18.51
C VAL C 626 2.12 -55.78 -19.15
N ILE C 627 2.02 -55.91 -20.47
CA ILE C 627 0.80 -55.54 -21.18
C ILE C 627 -0.35 -56.46 -20.80
N GLU C 628 -0.10 -57.77 -20.73
CA GLU C 628 -1.18 -58.68 -20.37
C GLU C 628 -1.55 -58.55 -18.89
N GLU C 629 -0.58 -58.21 -18.04
CA GLU C 629 -0.90 -57.98 -16.63
C GLU C 629 -1.76 -56.73 -16.45
N PHE C 630 -1.42 -55.65 -17.17
CA PHE C 630 -2.25 -54.45 -17.14
C PHE C 630 -3.64 -54.72 -17.69
N ILE C 631 -3.74 -55.50 -18.77
CA ILE C 631 -5.04 -55.81 -19.35
C ILE C 631 -5.87 -56.63 -18.36
N ARG C 632 -5.24 -57.60 -17.69
CA ARG C 632 -5.94 -58.43 -16.71
C ARG C 632 -6.43 -57.60 -15.53
N VAL C 633 -5.56 -56.73 -14.98
CA VAL C 633 -5.94 -55.94 -13.81
C VAL C 633 -7.00 -54.90 -14.18
N ALA C 634 -6.86 -54.26 -15.35
CA ALA C 634 -7.85 -53.28 -15.79
C ALA C 634 -9.19 -53.93 -16.06
N ALA C 635 -9.19 -55.13 -16.64
CA ALA C 635 -10.45 -55.84 -16.86
C ALA C 635 -11.08 -56.28 -15.55
N HIS C 636 -10.24 -56.65 -14.57
CA HIS C 636 -10.76 -57.05 -13.27
C HIS C 636 -11.35 -55.88 -12.51
N GLU C 637 -10.75 -54.70 -12.65
CA GLU C 637 -11.19 -53.53 -11.90
C GLU C 637 -12.33 -52.77 -12.57
N GLY C 638 -12.77 -53.18 -13.76
CA GLY C 638 -13.98 -52.62 -14.31
C GLY C 638 -13.95 -52.09 -15.73
N ILE C 639 -12.81 -52.18 -16.40
CA ILE C 639 -12.72 -51.71 -17.78
C ILE C 639 -13.26 -52.79 -18.70
N ASP C 640 -14.21 -52.42 -19.55
CA ASP C 640 -14.95 -53.35 -20.39
C ASP C 640 -14.57 -53.26 -21.86
N VAL C 641 -14.30 -52.06 -22.36
CA VAL C 641 -13.93 -51.86 -23.77
C VAL C 641 -12.52 -51.31 -23.80
N PHE C 642 -11.66 -51.95 -24.59
CA PHE C 642 -10.28 -51.53 -24.75
C PHE C 642 -10.09 -51.02 -26.18
N ARG C 643 -9.97 -49.71 -26.34
CA ARG C 643 -9.66 -49.13 -27.64
C ARG C 643 -8.15 -49.24 -27.84
N ILE C 644 -7.73 -50.27 -28.57
CA ILE C 644 -6.32 -50.57 -28.77
C ILE C 644 -5.88 -49.98 -30.11
N PHE C 645 -4.88 -49.12 -30.06
CA PHE C 645 -4.34 -48.50 -31.27
C PHE C 645 -2.83 -48.46 -31.19
N ASP C 646 -2.20 -48.42 -32.36
CA ASP C 646 -0.76 -48.24 -32.48
C ASP C 646 -0.48 -46.85 -33.02
N SER C 647 0.66 -46.27 -32.59
CA SER C 647 1.05 -44.94 -33.03
C SER C 647 1.35 -44.89 -34.52
N LEU C 648 1.72 -46.01 -35.13
CA LEU C 648 2.03 -46.06 -36.56
C LEU C 648 1.17 -47.08 -37.31
N ASN C 649 0.04 -47.48 -36.71
CA ASN C 649 -0.91 -48.43 -37.31
C ASN C 649 -0.25 -49.76 -37.66
N TRP C 650 0.55 -50.28 -36.73
CA TRP C 650 1.31 -51.50 -36.95
C TRP C 650 0.64 -52.66 -36.21
N LEU C 651 0.26 -53.69 -36.97
CA LEU C 651 -0.42 -54.86 -36.40
C LEU C 651 0.40 -55.65 -35.37
N PRO C 652 1.72 -55.89 -35.53
CA PRO C 652 2.47 -56.59 -34.47
C PRO C 652 2.46 -55.89 -33.12
N GLN C 653 2.26 -54.58 -33.08
CA GLN C 653 2.18 -53.87 -31.81
C GLN C 653 0.75 -53.78 -31.29
N MET C 654 -0.19 -54.50 -31.89
CA MET C 654 -1.58 -54.44 -31.45
C MET C 654 -2.19 -55.81 -31.17
N GLU C 655 -1.78 -56.85 -31.94
CA GLU C 655 -2.54 -58.09 -31.89
C GLU C 655 -2.34 -58.84 -30.57
N LYS C 656 -1.20 -58.64 -29.90
CA LYS C 656 -1.00 -59.27 -28.59
C LYS C 656 -1.95 -58.69 -27.55
N SER C 657 -2.09 -57.36 -27.54
CA SER C 657 -3.05 -56.71 -26.63
C SER C 657 -4.48 -57.11 -26.97
N ILE C 658 -4.79 -57.24 -28.27
CA ILE C 658 -6.12 -57.67 -28.67
C ILE C 658 -6.41 -59.08 -28.16
N GLN C 659 -5.43 -59.97 -28.29
CA GLN C 659 -5.59 -61.34 -27.79
C GLN C 659 -5.74 -61.39 -26.28
N ALA C 660 -4.99 -60.55 -25.56
CA ALA C 660 -5.11 -60.53 -24.10
C ALA C 660 -6.47 -60.00 -23.66
N VAL C 661 -6.97 -58.96 -24.34
CA VAL C 661 -8.29 -58.42 -24.01
C VAL C 661 -9.38 -59.45 -24.32
N ARG C 662 -9.23 -60.20 -25.42
CA ARG C 662 -10.17 -61.27 -25.73
C ARG C 662 -10.12 -62.38 -24.68
N ASP C 663 -8.91 -62.70 -24.20
CA ASP C 663 -8.78 -63.75 -23.20
C ASP C 663 -9.36 -63.33 -21.85
N ASN C 664 -9.33 -62.04 -21.54
CA ASN C 664 -9.90 -61.57 -20.28
C ASN C 664 -11.42 -61.39 -20.32
N GLY C 665 -12.07 -61.77 -21.41
CA GLY C 665 -13.52 -61.73 -21.48
C GLY C 665 -14.11 -60.37 -21.76
N LYS C 666 -13.33 -59.42 -22.24
CA LYS C 666 -13.80 -58.08 -22.53
C LYS C 666 -13.85 -57.85 -24.04
N ILE C 667 -14.16 -56.62 -24.43
CA ILE C 667 -14.31 -56.25 -25.83
C ILE C 667 -13.04 -55.56 -26.30
N ALA C 668 -12.47 -56.05 -27.39
CA ALA C 668 -11.29 -55.45 -28.00
C ALA C 668 -11.73 -54.55 -29.14
N GLU C 669 -11.26 -53.30 -29.11
CA GLU C 669 -11.57 -52.32 -30.15
C GLU C 669 -10.27 -52.05 -30.93
N ALA C 670 -10.08 -52.80 -32.01
CA ALA C 670 -8.98 -52.52 -32.91
C ALA C 670 -9.22 -51.21 -33.63
N THR C 671 -8.19 -50.36 -33.67
CA THR C 671 -8.36 -48.97 -34.06
C THR C 671 -7.41 -48.60 -35.19
N ILE C 672 -7.94 -47.96 -36.21
CA ILE C 672 -7.15 -47.38 -37.29
C ILE C 672 -7.07 -45.87 -37.06
N CYS C 673 -5.85 -45.34 -37.05
CA CYS C 673 -5.64 -43.90 -36.91
C CYS C 673 -5.71 -43.27 -38.30
N TYR C 674 -6.77 -42.52 -38.55
CA TYR C 674 -6.94 -41.87 -39.84
C TYR C 674 -6.02 -40.67 -39.97
N THR C 675 -5.37 -40.54 -41.13
CA THR C 675 -4.51 -39.41 -41.40
C THR C 675 -4.58 -39.09 -42.89
N GLY C 676 -4.22 -37.85 -43.22
CA GLY C 676 -4.28 -37.41 -44.60
C GLY C 676 -5.70 -37.28 -45.10
N ASP C 677 -5.87 -37.45 -46.41
CA ASP C 677 -7.18 -37.37 -47.05
C ASP C 677 -7.30 -38.49 -48.06
N ILE C 678 -8.41 -39.24 -48.00
CA ILE C 678 -8.63 -40.33 -48.94
C ILE C 678 -9.18 -39.85 -50.27
N LEU C 679 -9.77 -38.65 -50.30
CA LEU C 679 -10.31 -38.08 -51.53
C LEU C 679 -9.33 -37.13 -52.20
N ASP C 680 -8.10 -37.02 -51.69
CA ASP C 680 -7.09 -36.17 -52.30
C ASP C 680 -6.12 -37.05 -53.07
N PRO C 681 -6.10 -37.00 -54.40
CA PRO C 681 -5.17 -37.84 -55.17
C PRO C 681 -3.71 -37.46 -55.02
N SER C 682 -3.40 -36.26 -54.51
CA SER C 682 -2.02 -35.83 -54.38
C SER C 682 -1.28 -36.54 -53.25
N ARG C 683 -2.01 -37.21 -52.34
CA ARG C 683 -1.41 -37.92 -51.22
C ARG C 683 -1.92 -39.36 -51.23
N PRO C 684 -1.33 -40.21 -52.05
CA PRO C 684 -1.80 -41.60 -52.17
C PRO C 684 -1.21 -42.57 -51.17
N LYS C 685 -0.41 -42.10 -50.21
CA LYS C 685 0.16 -43.00 -49.21
C LYS C 685 -0.92 -43.59 -48.32
N TYR C 686 -1.89 -42.78 -47.90
CA TYR C 686 -3.03 -43.24 -47.13
C TYR C 686 -4.28 -43.05 -47.99
N ASN C 687 -4.56 -44.03 -48.84
CA ASN C 687 -5.74 -44.03 -49.68
C ASN C 687 -6.73 -45.06 -49.13
N ILE C 688 -7.83 -45.25 -49.86
CA ILE C 688 -8.92 -46.08 -49.36
C ILE C 688 -8.53 -47.56 -49.33
N GLN C 689 -7.66 -48.00 -50.26
CA GLN C 689 -7.23 -49.39 -50.27
C GLN C 689 -6.35 -49.73 -49.08
N TYR C 690 -5.52 -48.78 -48.64
CA TYR C 690 -4.69 -48.98 -47.45
C TYR C 690 -5.54 -49.22 -46.22
N TYR C 691 -6.55 -48.37 -46.01
CA TYR C 691 -7.46 -48.56 -44.88
C TYR C 691 -8.29 -49.84 -45.04
N LYS C 692 -8.62 -50.21 -46.27
CA LYS C 692 -9.36 -51.45 -46.50
C LYS C 692 -8.55 -52.67 -46.08
N ASP C 693 -7.29 -52.75 -46.52
CA ASP C 693 -6.48 -53.91 -46.16
C ASP C 693 -6.12 -53.90 -44.69
N LEU C 694 -5.92 -52.72 -44.11
CA LEU C 694 -5.63 -52.63 -42.68
C LEU C 694 -6.82 -53.09 -41.85
N ALA C 695 -8.04 -52.73 -42.28
CA ALA C 695 -9.24 -53.23 -41.62
C ALA C 695 -9.38 -54.74 -41.79
N LYS C 696 -8.95 -55.26 -42.95
CA LYS C 696 -8.99 -56.71 -43.16
C LYS C 696 -8.07 -57.44 -42.18
N GLU C 697 -6.83 -56.96 -42.02
CA GLU C 697 -5.94 -57.59 -41.05
C GLU C 697 -6.38 -57.37 -39.62
N LEU C 698 -7.06 -56.25 -39.33
CA LEU C 698 -7.60 -56.06 -37.99
C LEU C 698 -8.76 -57.01 -37.71
N GLU C 699 -9.59 -57.30 -38.72
CA GLU C 699 -10.63 -58.30 -38.55
C GLU C 699 -10.03 -59.70 -38.45
N ALA C 700 -8.87 -59.93 -39.07
CA ALA C 700 -8.23 -61.23 -39.00
C ALA C 700 -7.73 -61.58 -37.60
N THR C 701 -7.52 -60.59 -36.73
CA THR C 701 -7.05 -60.85 -35.38
C THR C 701 -8.17 -61.18 -34.41
N GLY C 702 -9.43 -61.18 -34.85
CA GLY C 702 -10.53 -61.54 -33.99
C GLY C 702 -11.05 -60.44 -33.09
N ALA C 703 -10.64 -59.20 -33.34
CA ALA C 703 -11.12 -58.08 -32.53
C ALA C 703 -12.61 -57.86 -32.74
N HIS C 704 -13.30 -57.48 -31.66
CA HIS C 704 -14.75 -57.43 -31.68
C HIS C 704 -15.27 -56.26 -32.51
N ILE C 705 -14.72 -55.07 -32.31
CA ILE C 705 -15.22 -53.86 -32.93
C ILE C 705 -14.06 -53.14 -33.61
N LEU C 706 -14.26 -52.77 -34.87
CA LEU C 706 -13.27 -51.98 -35.60
C LEU C 706 -13.48 -50.50 -35.28
N ALA C 707 -12.42 -49.82 -34.90
CA ALA C 707 -12.48 -48.41 -34.53
C ALA C 707 -11.70 -47.55 -35.53
N VAL C 708 -12.20 -46.34 -35.74
CA VAL C 708 -11.51 -45.37 -36.58
C VAL C 708 -11.26 -44.10 -35.79
N ASP C 710 -10.04 -40.53 -35.51
CA ASP C 710 -9.65 -39.30 -36.16
C ASP C 710 -9.07 -38.36 -35.12
N MET C 711 -7.74 -38.36 -35.04
CA MET C 711 -7.04 -37.71 -33.93
C MET C 711 -7.13 -36.19 -34.02
N ALA C 712 -6.91 -35.63 -35.21
CA ALA C 712 -6.83 -34.19 -35.40
C ALA C 712 -8.09 -33.62 -36.05
N GLY C 713 -9.16 -34.38 -36.14
CA GLY C 713 -10.34 -33.91 -36.85
C GLY C 713 -10.12 -33.78 -38.34
N LEU C 714 -9.37 -34.71 -38.92
CA LEU C 714 -9.00 -34.65 -40.34
C LEU C 714 -10.01 -35.29 -41.27
N LEU C 715 -11.01 -35.99 -40.74
CA LEU C 715 -11.94 -36.73 -41.59
C LEU C 715 -13.02 -35.79 -42.12
N LYS C 716 -12.93 -35.46 -43.40
CA LYS C 716 -13.95 -34.64 -44.05
C LYS C 716 -15.22 -35.46 -44.25
N PRO C 717 -16.39 -34.80 -44.33
CA PRO C 717 -17.66 -35.55 -44.36
C PRO C 717 -17.85 -36.47 -45.55
N GLN C 718 -17.48 -36.02 -46.76
CA GLN C 718 -17.53 -36.92 -47.91
C GLN C 718 -16.51 -38.03 -47.77
N ALA C 719 -15.32 -37.70 -47.27
CA ALA C 719 -14.32 -38.71 -46.96
C ALA C 719 -14.81 -39.65 -45.88
N ALA C 720 -15.55 -39.12 -44.89
CA ALA C 720 -16.14 -39.97 -43.86
C ALA C 720 -17.13 -40.96 -44.44
N TYR C 721 -18.01 -40.48 -45.32
CA TYR C 721 -19.02 -41.35 -45.94
C TYR C 721 -18.35 -42.44 -46.78
N ARG C 722 -17.36 -42.06 -47.58
CA ARG C 722 -16.69 -43.04 -48.44
C ARG C 722 -15.89 -44.05 -47.61
N LEU C 723 -15.18 -43.59 -46.59
CA LEU C 723 -14.37 -44.49 -45.76
C LEU C 723 -15.25 -45.46 -44.98
N ILE C 724 -16.35 -44.96 -44.40
CA ILE C 724 -17.22 -45.84 -43.63
C ILE C 724 -17.94 -46.82 -44.56
N SER C 725 -18.31 -46.40 -45.77
CA SER C 725 -18.94 -47.33 -46.72
C SER C 725 -17.96 -48.43 -47.15
N GLU C 726 -16.72 -48.06 -47.49
CA GLU C 726 -15.75 -49.04 -47.94
C GLU C 726 -15.28 -49.93 -46.80
N LEU C 727 -15.36 -49.45 -45.56
CA LEU C 727 -15.07 -50.31 -44.42
C LEU C 727 -16.26 -51.21 -44.08
N LYS C 728 -17.47 -50.75 -44.36
CA LYS C 728 -18.67 -51.54 -44.08
C LYS C 728 -18.83 -52.68 -45.06
N ASP C 729 -18.45 -52.48 -46.33
CA ASP C 729 -18.53 -53.57 -47.29
C ASP C 729 -17.28 -54.44 -47.34
N THR C 730 -16.30 -54.18 -46.48
CA THR C 730 -15.09 -54.99 -46.39
C THR C 730 -15.13 -55.96 -45.22
N VAL C 731 -15.42 -55.48 -44.02
CA VAL C 731 -15.42 -56.31 -42.81
C VAL C 731 -16.83 -56.39 -42.26
N ASP C 732 -17.04 -57.38 -41.39
CA ASP C 732 -18.32 -57.58 -40.73
C ASP C 732 -18.34 -57.00 -39.31
N LEU C 733 -17.24 -56.43 -38.85
CA LEU C 733 -17.20 -55.85 -37.53
C LEU C 733 -18.01 -54.56 -37.49
N PRO C 734 -18.65 -54.25 -36.35
CA PRO C 734 -19.23 -52.92 -36.18
C PRO C 734 -18.15 -51.85 -36.18
N ILE C 735 -18.50 -50.69 -36.71
CA ILE C 735 -17.55 -49.59 -36.88
C ILE C 735 -17.76 -48.57 -35.78
N HIS C 736 -16.68 -48.17 -35.14
CA HIS C 736 -16.69 -47.13 -34.12
C HIS C 736 -15.88 -45.94 -34.62
N LEU C 737 -16.49 -44.76 -34.63
CA LEU C 737 -15.85 -43.56 -35.13
C LEU C 737 -15.58 -42.60 -33.97
N HIS C 738 -14.36 -42.08 -33.92
CA HIS C 738 -13.96 -41.08 -32.93
C HIS C 738 -13.26 -39.95 -33.66
N THR C 739 -13.83 -38.75 -33.59
CA THR C 739 -13.28 -37.60 -34.27
C THR C 739 -13.29 -36.40 -33.34
N HIS C 740 -12.56 -35.36 -33.73
CA HIS C 740 -12.54 -34.09 -33.03
C HIS C 740 -13.17 -33.01 -33.87
N ASP C 741 -13.69 -31.98 -33.19
CA ASP C 741 -14.38 -30.87 -33.82
C ASP C 741 -13.47 -29.68 -34.09
N THR C 742 -12.18 -29.95 -34.33
CA THR C 742 -11.18 -28.89 -34.43
C THR C 742 -11.45 -27.99 -35.63
N SER C 743 -11.78 -28.57 -36.77
CA SER C 743 -12.12 -27.78 -37.95
C SER C 743 -13.55 -27.26 -37.92
N GLY C 744 -14.35 -27.68 -36.95
CA GLY C 744 -15.75 -27.30 -36.91
C GLY C 744 -16.66 -28.17 -37.73
N ASN C 745 -16.17 -29.29 -38.27
CA ASN C 745 -16.94 -30.17 -39.13
C ASN C 745 -17.22 -31.53 -38.49
N GLY C 746 -17.18 -31.61 -37.16
CA GLY C 746 -17.38 -32.89 -36.51
C GLY C 746 -18.80 -33.43 -36.63
N ILE C 747 -19.79 -32.54 -36.52
CA ILE C 747 -21.19 -32.95 -36.55
C ILE C 747 -21.55 -33.50 -37.94
N ILE C 748 -21.17 -32.78 -38.99
CA ILE C 748 -21.47 -33.23 -40.34
C ILE C 748 -20.68 -34.48 -40.70
N THR C 749 -19.44 -34.61 -40.19
CA THR C 749 -18.68 -35.84 -40.38
C THR C 749 -19.38 -37.03 -39.72
N TYR C 750 -19.89 -36.83 -38.50
CA TYR C 750 -20.63 -37.89 -37.82
C TYR C 750 -21.90 -38.25 -38.56
N SER C 751 -22.60 -37.25 -39.12
CA SER C 751 -23.82 -37.54 -39.88
C SER C 751 -23.50 -38.26 -41.18
N GLY C 752 -22.41 -37.90 -41.84
CA GLY C 752 -22.02 -38.59 -43.06
C GLY C 752 -21.61 -40.02 -42.80
N ALA C 753 -20.96 -40.27 -41.66
CA ALA C 753 -20.68 -41.65 -41.26
C ALA C 753 -21.97 -42.39 -40.89
N THR C 754 -22.94 -41.68 -40.29
CA THR C 754 -24.20 -42.30 -39.91
C THR C 754 -24.99 -42.72 -41.14
N GLN C 755 -24.97 -41.92 -42.20
CA GLN C 755 -25.62 -42.30 -43.44
C GLN C 755 -24.93 -43.50 -44.09
N ALA C 756 -23.61 -43.59 -43.96
CA ALA C 756 -22.88 -44.73 -44.52
C ALA C 756 -23.05 -46.00 -43.70
N GLY C 757 -23.53 -45.91 -42.47
CA GLY C 757 -23.80 -47.09 -41.68
C GLY C 757 -22.86 -47.32 -40.52
N VAL C 758 -22.34 -46.23 -39.93
CA VAL C 758 -21.52 -46.37 -38.74
C VAL C 758 -22.39 -46.77 -37.55
N ASP C 759 -21.79 -47.43 -36.57
CA ASP C 759 -22.52 -47.99 -35.45
C ASP C 759 -22.43 -47.12 -34.19
N ILE C 760 -21.22 -46.82 -33.73
CA ILE C 760 -21.00 -46.03 -32.53
C ILE C 760 -20.13 -44.83 -32.90
N ILE C 761 -20.50 -43.66 -32.39
CA ILE C 761 -19.71 -42.46 -32.57
C ILE C 761 -19.36 -41.88 -31.20
N ASP C 762 -18.18 -41.26 -31.11
CA ASP C 762 -17.66 -40.74 -29.85
C ASP C 762 -18.09 -39.28 -29.70
N VAL C 763 -18.87 -39.00 -28.66
CA VAL C 763 -19.41 -37.67 -28.42
C VAL C 763 -19.13 -37.27 -26.98
N ALA C 764 -19.22 -35.97 -26.73
CA ALA C 764 -19.06 -35.42 -25.39
C ALA C 764 -20.31 -34.63 -25.01
N THR C 765 -20.38 -34.26 -23.73
CA THR C 765 -21.44 -33.37 -23.31
C THR C 765 -21.20 -31.98 -23.91
N ALA C 766 -22.29 -31.21 -24.01
CA ALA C 766 -22.27 -29.97 -24.78
C ALA C 766 -21.34 -28.94 -24.15
N SER C 767 -21.27 -28.89 -22.82
CA SER C 767 -20.45 -27.90 -22.13
C SER C 767 -18.96 -28.20 -22.23
N LEU C 768 -18.59 -29.43 -22.58
CA LEU C 768 -17.19 -29.80 -22.79
C LEU C 768 -16.97 -30.26 -24.24
N ALA C 769 -17.74 -29.71 -25.17
CA ALA C 769 -17.65 -30.07 -26.57
C ALA C 769 -17.12 -28.89 -27.38
N GLY C 770 -16.86 -29.14 -28.65
CA GLY C 770 -16.36 -28.13 -29.55
C GLY C 770 -14.87 -27.87 -29.35
N GLY C 771 -14.31 -27.13 -30.30
CA GLY C 771 -12.88 -26.85 -30.26
C GLY C 771 -12.10 -28.13 -30.49
N THR C 772 -11.09 -28.36 -29.66
CA THR C 772 -10.27 -29.56 -29.78
C THR C 772 -10.98 -30.82 -29.29
N SER C 773 -12.15 -30.69 -28.69
CA SER C 773 -12.86 -31.82 -28.13
C SER C 773 -13.80 -32.46 -29.16
N GLN C 774 -14.62 -33.39 -28.69
CA GLN C 774 -15.56 -34.11 -29.52
C GLN C 774 -16.80 -33.26 -29.79
N PRO C 775 -17.58 -33.61 -30.81
CA PRO C 775 -18.89 -32.96 -31.00
C PRO C 775 -19.86 -33.29 -29.87
N SER C 776 -20.80 -32.38 -29.65
CA SER C 776 -21.76 -32.54 -28.55
C SER C 776 -22.75 -33.65 -28.84
N MET C 777 -23.12 -34.39 -27.79
CA MET C 777 -24.14 -35.42 -27.95
C MET C 777 -25.53 -34.80 -28.08
N GLN C 778 -25.75 -33.65 -27.43
CA GLN C 778 -27.01 -32.94 -27.57
C GLN C 778 -27.16 -32.39 -28.99
N SER C 779 -26.07 -31.88 -29.56
CA SER C 779 -26.10 -31.40 -30.94
C SER C 779 -26.29 -32.55 -31.92
N ILE C 780 -25.64 -33.69 -31.68
CA ILE C 780 -25.75 -34.81 -32.61
C ILE C 780 -27.09 -35.51 -32.49
N TYR C 781 -27.82 -35.31 -31.38
CA TYR C 781 -29.19 -35.80 -31.34
C TYR C 781 -30.08 -35.04 -32.33
N TYR C 782 -30.03 -33.71 -32.27
CA TYR C 782 -30.87 -32.90 -33.13
C TYR C 782 -30.37 -32.85 -34.57
N ALA C 783 -29.10 -33.20 -34.80
CA ALA C 783 -28.61 -33.30 -36.17
C ALA C 783 -29.20 -34.50 -36.90
N LEU C 784 -29.63 -35.53 -36.18
CA LEU C 784 -30.22 -36.73 -36.76
C LEU C 784 -31.61 -37.01 -36.18
N GLU C 785 -32.36 -35.95 -35.85
CA GLU C 785 -33.61 -36.13 -35.13
C GLU C 785 -34.69 -36.73 -36.02
N HIS C 786 -34.78 -36.30 -37.28
CA HIS C 786 -35.81 -36.78 -38.19
C HIS C 786 -35.23 -37.42 -39.43
N GLY C 787 -33.99 -37.87 -39.38
CA GLY C 787 -33.36 -38.53 -40.50
C GLY C 787 -33.69 -40.01 -40.55
N PRO C 788 -33.03 -40.74 -41.47
CA PRO C 788 -33.23 -42.20 -41.51
C PRO C 788 -32.77 -42.92 -40.25
N ARG C 789 -31.70 -42.46 -39.62
CA ARG C 789 -31.19 -43.05 -38.39
C ARG C 789 -31.12 -41.98 -37.32
N HIS C 790 -31.70 -42.27 -36.16
CA HIS C 790 -31.66 -41.37 -35.02
C HIS C 790 -30.54 -41.77 -34.07
N ALA C 791 -30.21 -40.86 -33.16
CA ALA C 791 -29.23 -41.15 -32.13
C ALA C 791 -29.93 -41.70 -30.89
N SER C 792 -29.40 -42.79 -30.34
CA SER C 792 -29.97 -43.42 -29.17
C SER C 792 -29.44 -42.73 -27.93
N ILE C 793 -30.21 -41.76 -27.43
CA ILE C 793 -29.85 -41.01 -26.21
C ILE C 793 -31.12 -40.34 -25.68
N ASN C 794 -31.16 -40.08 -24.38
CA ASN C 794 -32.20 -39.27 -23.77
C ASN C 794 -31.68 -37.83 -23.73
N VAL C 795 -32.12 -37.01 -24.68
CA VAL C 795 -31.54 -35.68 -24.84
C VAL C 795 -31.99 -34.74 -23.72
N LYS C 796 -33.12 -35.00 -23.08
CA LYS C 796 -33.53 -34.17 -21.93
C LYS C 796 -32.63 -34.43 -20.74
N ASN C 797 -32.32 -35.71 -20.47
CA ASN C 797 -31.40 -36.06 -19.39
C ASN C 797 -30.00 -35.56 -19.69
N ALA C 798 -29.57 -35.65 -20.96
CA ALA C 798 -28.26 -35.14 -21.34
C ALA C 798 -28.17 -33.64 -21.17
N GLU C 799 -29.22 -32.91 -21.54
CA GLU C 799 -29.24 -31.46 -21.35
C GLU C 799 -29.28 -31.10 -19.87
N GLN C 800 -29.89 -31.96 -19.04
CA GLN C 800 -29.88 -31.71 -17.60
C GLN C 800 -28.50 -31.94 -16.99
N ILE C 801 -27.80 -32.99 -17.44
CA ILE C 801 -26.45 -33.27 -16.97
C ILE C 801 -25.46 -32.20 -17.44
N ASP C 802 -25.71 -31.65 -18.63
CA ASP C 802 -24.85 -30.59 -19.15
C ASP C 802 -24.88 -29.33 -18.30
N HIS C 803 -25.94 -29.10 -17.52
CA HIS C 803 -25.94 -27.98 -16.57
C HIS C 803 -24.90 -28.19 -15.49
N TYR C 804 -24.81 -29.41 -14.93
CA TYR C 804 -23.76 -29.71 -13.96
C TYR C 804 -22.38 -29.57 -14.59
N TRP C 805 -22.23 -30.06 -15.81
CA TRP C 805 -20.91 -29.97 -16.46
C TRP C 805 -20.52 -28.52 -16.73
N GLU C 806 -21.48 -27.68 -17.11
CA GLU C 806 -21.22 -26.26 -17.29
C GLU C 806 -20.84 -25.61 -15.97
N ASP C 807 -21.50 -25.98 -14.87
CA ASP C 807 -21.18 -25.42 -13.57
C ASP C 807 -19.78 -25.82 -13.11
N VAL C 808 -19.40 -27.08 -13.31
CA VAL C 808 -18.10 -27.55 -12.82
C VAL C 808 -16.96 -27.24 -13.79
N ARG C 809 -17.25 -26.81 -15.01
CA ARG C 809 -16.19 -26.33 -15.88
C ARG C 809 -15.55 -25.06 -15.34
N LYS C 810 -16.35 -24.22 -14.65
CA LYS C 810 -15.86 -22.96 -14.13
C LYS C 810 -14.81 -23.12 -13.03
N TYR C 811 -14.72 -24.30 -12.43
CA TYR C 811 -13.66 -24.55 -11.44
C TYR C 811 -12.28 -24.61 -12.09
N TYR C 812 -12.22 -24.98 -13.37
CA TYR C 812 -10.96 -25.21 -14.07
C TYR C 812 -10.58 -24.05 -14.97
N ALA C 813 -10.91 -22.82 -14.57
CA ALA C 813 -10.47 -21.63 -15.29
C ALA C 813 -8.96 -21.50 -15.46
N PRO C 814 -8.08 -21.81 -14.48
CA PRO C 814 -6.64 -21.76 -14.77
C PRO C 814 -6.18 -22.71 -15.86
N PHE C 815 -6.86 -23.84 -16.05
CA PHE C 815 -6.45 -24.82 -17.03
C PHE C 815 -7.16 -24.65 -18.37
N GLU C 816 -7.97 -23.60 -18.54
CA GLU C 816 -8.66 -23.38 -19.79
C GLU C 816 -7.68 -22.99 -20.89
N ALA C 817 -7.92 -23.52 -22.09
CA ALA C 817 -7.08 -23.22 -23.24
C ALA C 817 -7.49 -21.87 -23.84
N GLY C 818 -7.03 -21.60 -25.06
CA GLY C 818 -7.32 -20.34 -25.71
C GLY C 818 -8.76 -20.23 -26.15
N ILE C 819 -9.09 -19.06 -26.71
CA ILE C 819 -10.44 -18.79 -27.17
C ILE C 819 -10.77 -19.70 -28.36
N THR C 820 -11.87 -20.44 -28.23
CA THR C 820 -12.21 -21.49 -29.19
C THR C 820 -12.71 -20.85 -30.48
N SER C 821 -12.45 -21.53 -31.60
CA SER C 821 -12.89 -21.16 -32.93
C SER C 821 -12.71 -22.36 -33.84
N PRO C 822 -13.52 -22.48 -34.89
CA PRO C 822 -13.27 -23.53 -35.89
C PRO C 822 -11.96 -23.25 -36.62
N GLN C 823 -11.02 -24.19 -36.50
CA GLN C 823 -9.67 -24.03 -37.03
C GLN C 823 -9.48 -25.02 -38.16
N THR C 824 -9.69 -24.55 -39.39
CA THR C 824 -9.50 -25.37 -40.58
C THR C 824 -8.04 -25.50 -40.99
N GLU C 825 -7.13 -24.79 -40.30
CA GLU C 825 -5.71 -24.97 -40.52
C GLU C 825 -5.21 -26.32 -40.03
N VAL C 826 -6.00 -27.04 -39.25
CA VAL C 826 -5.64 -28.39 -38.81
C VAL C 826 -5.57 -29.35 -40.00
N TYR C 827 -6.22 -29.02 -41.12
CA TYR C 827 -6.08 -29.84 -42.33
C TYR C 827 -4.68 -29.72 -42.93
N MET C 828 -3.93 -28.67 -42.60
CA MET C 828 -2.57 -28.50 -43.11
C MET C 828 -1.54 -29.19 -42.24
N HIS C 829 -1.43 -28.80 -40.97
CA HIS C 829 -0.37 -29.31 -40.12
C HIS C 829 -0.72 -30.62 -39.44
N GLU C 830 -2.01 -30.96 -39.35
CA GLU C 830 -2.51 -32.23 -38.80
C GLU C 830 -2.05 -32.46 -37.36
N MET C 831 -1.96 -31.39 -36.58
CA MET C 831 -1.61 -31.53 -35.17
C MET C 831 -2.82 -32.02 -34.39
N PRO C 832 -2.66 -33.05 -33.56
CA PRO C 832 -3.71 -33.39 -32.60
C PRO C 832 -3.88 -32.26 -31.59
N GLY C 833 -5.12 -32.11 -31.09
CA GLY C 833 -5.44 -30.96 -30.26
C GLY C 833 -4.68 -30.94 -28.95
N GLY C 834 -4.58 -32.09 -28.28
CA GLY C 834 -3.76 -32.17 -27.07
C GLY C 834 -2.30 -31.93 -27.37
N GLN C 835 -1.81 -32.50 -28.47
CA GLN C 835 -0.45 -32.23 -28.92
C GLN C 835 -0.29 -30.75 -29.28
N TYR C 836 -1.32 -30.15 -29.87
CA TYR C 836 -1.29 -28.72 -30.21
C TYR C 836 -1.11 -27.87 -28.97
N THR C 837 -1.95 -28.06 -27.95
CA THR C 837 -1.87 -27.21 -26.77
C THR C 837 -0.64 -27.51 -25.93
N ASN C 838 -0.22 -28.78 -25.87
CA ASN C 838 0.99 -29.13 -25.12
C ASN C 838 2.23 -28.53 -25.78
N LEU C 839 2.31 -28.60 -27.11
CA LEU C 839 3.43 -28.00 -27.82
C LEU C 839 3.38 -26.49 -27.73
N LYS C 840 2.18 -25.90 -27.71
CA LYS C 840 2.09 -24.45 -27.55
C LYS C 840 2.59 -24.01 -26.19
N SER C 841 2.24 -24.74 -25.13
CA SER C 841 2.76 -24.41 -23.79
C SER C 841 4.27 -24.63 -23.71
N GLN C 842 4.76 -25.73 -24.32
CA GLN C 842 6.20 -26.01 -24.31
C GLN C 842 6.98 -24.95 -25.06
N ALA C 843 6.47 -24.50 -26.21
CA ALA C 843 7.12 -23.43 -26.95
C ALA C 843 6.91 -22.06 -26.30
N ALA C 844 5.88 -21.91 -25.45
CA ALA C 844 5.72 -20.68 -24.71
C ALA C 844 6.67 -20.61 -23.52
N ALA C 845 7.12 -21.76 -23.01
CA ALA C 845 8.14 -21.76 -21.99
C ALA C 845 9.45 -21.17 -22.51
N VAL C 846 9.80 -21.50 -23.75
CA VAL C 846 10.96 -20.92 -24.41
C VAL C 846 10.55 -19.57 -25.02
N GLY C 847 11.49 -18.64 -25.10
CA GLY C 847 11.22 -17.33 -25.69
C GLY C 847 10.95 -17.33 -27.19
N LEU C 848 11.06 -18.48 -27.86
CA LEU C 848 10.86 -18.61 -29.29
C LEU C 848 9.38 -18.65 -29.68
N GLY C 849 8.47 -18.71 -28.72
CA GLY C 849 7.07 -19.04 -28.97
C GLY C 849 6.26 -17.97 -29.68
N HIS C 850 6.87 -16.83 -30.02
CA HIS C 850 6.11 -15.79 -30.72
C HIS C 850 5.82 -16.17 -32.17
N ARG C 851 6.67 -17.00 -32.78
CA ARG C 851 6.44 -17.46 -34.15
C ARG C 851 5.82 -18.85 -34.16
N PHE C 852 4.61 -18.94 -33.60
CA PHE C 852 3.92 -20.22 -33.56
C PHE C 852 3.41 -20.63 -34.93
N ASP C 853 3.14 -19.66 -35.82
CA ASP C 853 2.83 -20.00 -37.20
C ASP C 853 4.03 -20.62 -37.91
N GLU C 854 5.23 -20.10 -37.63
CA GLU C 854 6.45 -20.72 -38.15
C GLU C 854 6.63 -22.12 -37.58
N ILE C 855 6.29 -22.30 -36.30
CA ILE C 855 6.37 -23.63 -35.69
C ILE C 855 5.41 -24.60 -36.36
N LYS C 856 4.18 -24.16 -36.66
CA LYS C 856 3.21 -25.02 -37.32
C LYS C 856 3.64 -25.36 -38.75
N GLN C 857 4.19 -24.37 -39.48
CA GLN C 857 4.70 -24.64 -40.82
C GLN C 857 5.86 -25.64 -40.79
N MET C 858 6.73 -25.50 -39.79
CA MET C 858 7.82 -26.45 -39.62
C MET C 858 7.30 -27.83 -39.23
N TYR C 859 6.21 -27.89 -38.46
CA TYR C 859 5.58 -29.18 -38.15
C TYR C 859 5.08 -29.85 -39.41
N ARG C 860 4.42 -29.10 -40.29
CA ARG C 860 3.92 -29.67 -41.54
C ARG C 860 5.07 -30.15 -42.42
N LYS C 861 6.13 -29.34 -42.55
CA LYS C 861 7.24 -29.73 -43.41
C LYS C 861 8.08 -30.84 -42.81
N VAL C 862 8.19 -30.91 -41.49
CA VAL C 862 8.89 -32.02 -40.83
C VAL C 862 8.10 -33.32 -40.99
N ASN C 863 6.76 -33.23 -40.91
CA ASN C 863 5.93 -34.41 -41.17
C ASN C 863 6.09 -34.89 -42.60
N MET C 864 6.15 -33.95 -43.56
CA MET C 864 6.38 -34.34 -44.95
C MET C 864 7.79 -34.92 -45.15
N MET C 865 8.77 -34.39 -44.43
CA MET C 865 10.15 -34.87 -44.57
C MET C 865 10.33 -36.26 -43.98
N PHE C 866 9.64 -36.53 -42.86
CA PHE C 866 9.71 -37.84 -42.22
C PHE C 866 9.07 -38.95 -43.05
N GLY C 867 8.35 -38.61 -44.10
CA GLY C 867 7.66 -39.60 -44.91
C GLY C 867 6.18 -39.68 -44.69
N ASP C 868 5.54 -38.62 -44.18
CA ASP C 868 4.11 -38.54 -43.90
C ASP C 868 3.68 -39.66 -42.93
N ILE C 869 4.21 -39.56 -41.72
CA ILE C 869 3.93 -40.56 -40.69
C ILE C 869 2.62 -40.21 -39.98
N ILE C 870 2.07 -41.19 -39.24
CA ILE C 870 0.85 -40.98 -38.48
C ILE C 870 1.21 -40.22 -37.21
N LYS C 871 0.64 -39.02 -37.04
CA LYS C 871 1.03 -38.12 -35.96
C LYS C 871 0.01 -38.21 -34.83
N VAL C 872 0.23 -39.20 -33.95
CA VAL C 872 -0.56 -39.37 -32.74
C VAL C 872 0.43 -39.64 -31.61
N THR C 873 -0.05 -39.65 -30.37
CA THR C 873 0.80 -39.94 -29.23
C THR C 873 1.33 -41.37 -29.33
N PRO C 874 2.65 -41.59 -29.23
CA PRO C 874 3.72 -40.61 -29.05
C PRO C 874 4.45 -40.18 -30.33
N SER C 875 3.98 -40.55 -31.52
CA SER C 875 4.70 -40.16 -32.73
C SER C 875 4.50 -38.68 -33.06
N SER C 876 3.40 -38.10 -32.59
CA SER C 876 3.18 -36.66 -32.79
C SER C 876 4.17 -35.84 -31.97
N LYS C 877 4.55 -36.36 -30.79
CA LYS C 877 5.57 -35.70 -29.98
C LYS C 877 6.92 -35.67 -30.70
N VAL C 878 7.22 -36.73 -31.44
CA VAL C 878 8.47 -36.80 -32.21
C VAL C 878 8.49 -35.70 -33.27
N VAL C 879 7.39 -35.55 -34.02
CA VAL C 879 7.30 -34.53 -35.06
C VAL C 879 7.37 -33.13 -34.46
N GLY C 880 6.67 -32.91 -33.35
CA GLY C 880 6.69 -31.62 -32.68
C GLY C 880 8.05 -31.22 -32.16
N ASP C 881 8.72 -32.16 -31.48
CA ASP C 881 10.06 -31.90 -30.97
C ASP C 881 11.05 -31.68 -32.12
N MET C 882 10.90 -32.43 -33.21
CA MET C 882 11.82 -32.31 -34.33
C MET C 882 11.66 -30.96 -35.01
N ALA C 883 10.41 -30.52 -35.22
CA ALA C 883 10.18 -29.22 -35.84
C ALA C 883 10.61 -28.07 -34.93
N LEU C 884 10.36 -28.21 -33.62
CA LEU C 884 10.80 -27.19 -32.68
C LEU C 884 12.31 -27.10 -32.61
N PHE C 885 13.00 -28.24 -32.73
CA PHE C 885 14.45 -28.23 -32.86
C PHE C 885 14.89 -27.60 -34.17
N MET C 886 14.10 -27.79 -35.24
CA MET C 886 14.43 -27.22 -36.54
C MET C 886 14.40 -25.69 -36.53
N ILE C 887 13.30 -25.09 -36.07
CA ILE C 887 13.21 -23.64 -36.08
C ILE C 887 13.76 -23.02 -34.80
N GLN C 888 14.17 -23.84 -33.83
CA GLN C 888 14.83 -23.31 -32.64
C GLN C 888 16.26 -22.90 -32.94
N ASN C 889 16.94 -23.65 -33.82
CA ASN C 889 18.31 -23.37 -34.20
C ASN C 889 18.45 -22.96 -35.66
N ASP C 890 17.34 -22.57 -36.29
CA ASP C 890 17.27 -22.05 -37.67
C ASP C 890 17.83 -23.07 -38.67
N LEU C 891 17.16 -24.22 -38.70
CA LEU C 891 17.51 -25.29 -39.62
C LEU C 891 16.53 -25.33 -40.79
N THR C 892 16.92 -26.04 -41.85
CA THR C 892 16.12 -26.22 -43.05
C THR C 892 16.31 -27.67 -43.48
N GLU C 893 15.39 -28.17 -44.32
CA GLU C 893 15.37 -29.58 -44.70
C GLU C 893 16.67 -30.01 -45.38
N GLU C 894 17.07 -29.29 -46.43
CA GLU C 894 18.36 -29.60 -47.05
C GLU C 894 19.51 -29.21 -46.12
N ASP C 895 19.30 -28.20 -45.28
CA ASP C 895 20.32 -27.83 -44.31
C ASP C 895 20.52 -28.92 -43.26
N VAL C 896 19.43 -29.55 -42.81
CA VAL C 896 19.57 -30.60 -41.80
C VAL C 896 20.02 -31.90 -42.44
N TYR C 897 19.78 -32.06 -43.76
CA TYR C 897 20.41 -33.15 -44.48
C TYR C 897 21.93 -32.95 -44.55
N ALA C 898 22.37 -31.71 -44.77
CA ALA C 898 23.79 -31.44 -44.91
C ALA C 898 24.53 -31.52 -43.57
N ARG C 899 23.98 -30.91 -42.52
CA ARG C 899 24.66 -30.83 -41.23
C ARG C 899 24.23 -31.91 -40.24
N GLY C 900 23.49 -32.92 -40.69
CA GLY C 900 22.94 -33.88 -39.75
C GLY C 900 23.97 -34.85 -39.19
N ASN C 901 25.18 -34.85 -39.74
CA ASN C 901 26.24 -35.71 -39.23
C ASN C 901 26.71 -35.25 -37.85
N GLU C 902 26.73 -33.94 -37.63
CA GLU C 902 27.22 -33.38 -36.37
C GLU C 902 26.11 -32.89 -35.45
N LEU C 903 24.87 -32.81 -35.94
CA LEU C 903 23.79 -32.27 -35.13
C LEU C 903 23.38 -33.24 -34.02
N ASN C 904 23.08 -32.69 -32.86
CA ASN C 904 22.60 -33.47 -31.71
C ASN C 904 21.08 -33.35 -31.69
N PHE C 905 20.40 -34.33 -32.29
CA PHE C 905 18.96 -34.31 -32.37
C PHE C 905 18.35 -34.68 -31.01
N PRO C 906 17.11 -34.26 -30.76
CA PRO C 906 16.45 -34.65 -29.51
C PRO C 906 16.22 -36.15 -29.41
N GLU C 907 15.97 -36.59 -28.17
CA GLU C 907 15.91 -38.02 -27.87
C GLU C 907 14.72 -38.69 -28.55
N SER C 908 13.62 -37.95 -28.75
CA SER C 908 12.45 -38.54 -29.39
C SER C 908 12.71 -38.90 -30.84
N VAL C 909 13.46 -38.07 -31.57
CA VAL C 909 13.68 -38.32 -32.99
C VAL C 909 14.57 -39.53 -33.21
N VAL C 910 15.66 -39.63 -32.44
CA VAL C 910 16.57 -40.76 -32.59
C VAL C 910 15.91 -42.05 -32.10
N SER C 911 15.10 -41.97 -31.05
CA SER C 911 14.39 -43.16 -30.59
C SER C 911 13.31 -43.59 -31.57
N PHE C 912 12.70 -42.65 -32.27
CA PHE C 912 11.74 -43.01 -33.31
C PHE C 912 12.44 -43.65 -34.50
N PHE C 913 13.55 -43.05 -34.94
CA PHE C 913 14.24 -43.58 -36.11
C PHE C 913 14.99 -44.88 -35.83
N ARG C 914 15.31 -45.15 -34.56
CA ARG C 914 15.88 -46.44 -34.20
C ARG C 914 14.85 -47.55 -34.19
N GLY C 915 13.56 -47.23 -34.24
CA GLY C 915 12.52 -48.23 -34.28
C GLY C 915 11.87 -48.56 -32.96
N ASP C 916 12.04 -47.73 -31.93
CA ASP C 916 11.43 -48.01 -30.63
C ASP C 916 9.93 -47.78 -30.63
N LEU C 917 9.40 -46.99 -31.56
CA LEU C 917 7.97 -46.82 -31.72
C LEU C 917 7.37 -47.72 -32.79
N GLY C 918 8.15 -48.64 -33.34
CA GLY C 918 7.66 -49.54 -34.37
C GLY C 918 8.13 -49.15 -35.75
N GLN C 919 7.57 -49.84 -36.74
CA GLN C 919 7.94 -49.64 -38.13
C GLN C 919 6.85 -48.84 -38.84
N PRO C 920 7.15 -47.67 -39.38
CA PRO C 920 6.13 -46.91 -40.11
C PRO C 920 5.81 -47.56 -41.45
N VAL C 921 4.65 -47.20 -41.98
CA VAL C 921 4.24 -47.67 -43.30
C VAL C 921 5.16 -47.06 -44.35
N GLY C 922 5.75 -47.92 -45.18
CA GLY C 922 6.73 -47.49 -46.16
C GLY C 922 8.14 -47.35 -45.63
N GLY C 923 8.35 -47.56 -44.33
CA GLY C 923 9.68 -47.49 -43.75
C GLY C 923 10.18 -46.09 -43.53
N PHE C 924 11.31 -45.97 -42.82
CA PHE C 924 11.93 -44.67 -42.63
C PHE C 924 12.59 -44.20 -43.92
N PRO C 925 12.78 -42.89 -44.09
CA PRO C 925 13.68 -42.40 -45.13
C PRO C 925 15.10 -42.83 -44.83
N GLU C 926 15.67 -43.65 -45.72
CA GLU C 926 16.89 -44.40 -45.41
C GLU C 926 18.10 -43.47 -45.24
N LYS C 927 18.19 -42.41 -46.05
CA LYS C 927 19.28 -41.45 -45.86
C LYS C 927 19.07 -40.64 -44.59
N LEU C 928 17.82 -40.19 -44.37
CA LEU C 928 17.51 -39.44 -43.16
C LEU C 928 17.65 -40.29 -41.91
N GLN C 929 17.39 -41.60 -42.00
CA GLN C 929 17.55 -42.47 -40.85
C GLN C 929 19.02 -42.55 -40.41
N LYS C 930 19.92 -42.81 -41.36
CA LYS C 930 21.34 -42.87 -41.05
C LYS C 930 21.89 -41.51 -40.65
N ILE C 931 21.28 -40.43 -41.14
CA ILE C 931 21.68 -39.10 -40.70
C ILE C 931 21.23 -38.85 -39.26
N ILE C 932 20.00 -39.25 -38.91
CA ILE C 932 19.45 -38.99 -37.58
C ILE C 932 20.17 -39.81 -36.52
N VAL C 933 20.20 -41.12 -36.70
CA VAL C 933 20.92 -41.99 -35.77
C VAL C 933 22.24 -42.40 -36.45
N LYS C 934 23.35 -42.08 -35.80
CA LYS C 934 24.66 -42.22 -36.44
C LYS C 934 25.33 -43.51 -36.04
N ASP C 935 25.39 -43.80 -34.73
CA ASP C 935 26.17 -44.92 -34.24
C ASP C 935 25.30 -45.93 -33.49
N LYS C 936 24.18 -45.48 -32.95
CA LYS C 936 23.33 -46.36 -32.15
C LYS C 936 22.63 -47.39 -33.03
N ALA C 937 22.37 -48.56 -32.46
CA ALA C 937 21.79 -49.66 -33.21
C ALA C 937 20.29 -49.44 -33.40
N VAL C 938 19.82 -49.66 -34.62
CA VAL C 938 18.41 -49.57 -34.95
C VAL C 938 17.82 -50.98 -34.96
N ILE C 939 16.51 -51.07 -34.78
CA ILE C 939 15.81 -52.36 -34.79
C ILE C 939 14.62 -52.25 -35.74
N THR C 940 14.45 -53.28 -36.56
CA THR C 940 13.36 -53.34 -37.52
C THR C 940 12.25 -54.28 -37.10
N ASP C 941 12.37 -54.92 -35.94
CA ASP C 941 11.36 -55.84 -35.43
C ASP C 941 10.53 -55.15 -34.36
N ARG C 942 9.69 -55.91 -33.69
CA ARG C 942 8.87 -55.36 -32.60
C ARG C 942 9.76 -54.99 -31.42
N PRO C 943 9.63 -53.77 -30.88
CA PRO C 943 10.42 -53.41 -29.68
C PRO C 943 10.07 -54.23 -28.45
N GLY C 944 8.86 -54.80 -28.38
CA GLY C 944 8.50 -55.65 -27.27
C GLY C 944 9.24 -56.97 -27.22
N LEU C 945 9.74 -57.44 -28.37
CA LEU C 945 10.58 -58.63 -28.39
C LEU C 945 11.93 -58.37 -27.74
N HIS C 946 12.45 -57.15 -27.86
CA HIS C 946 13.75 -56.79 -27.32
C HIS C 946 13.67 -56.18 -25.93
N ALA C 947 12.49 -56.12 -25.34
CA ALA C 947 12.33 -55.49 -24.03
C ALA C 947 12.93 -56.37 -22.93
N GLU C 948 13.52 -55.71 -21.94
CA GLU C 948 14.10 -56.42 -20.81
C GLU C 948 13.01 -57.07 -19.97
N LYS C 949 13.25 -58.32 -19.58
CA LYS C 949 12.23 -59.10 -18.87
C LYS C 949 11.96 -58.52 -17.48
N VAL C 950 10.69 -58.43 -17.13
CA VAL C 950 10.25 -57.90 -15.84
C VAL C 950 9.53 -59.02 -15.10
N ASP C 951 10.01 -59.33 -13.90
CA ASP C 951 9.39 -60.34 -13.04
C ASP C 951 8.62 -59.62 -11.93
N PHE C 952 7.37 -60.01 -11.75
CA PHE C 952 6.47 -59.29 -10.85
C PHE C 952 6.78 -59.52 -9.38
N GLU C 953 7.40 -60.65 -9.03
CA GLU C 953 7.66 -60.94 -7.62
C GLU C 953 8.75 -60.03 -7.06
N THR C 954 9.87 -59.89 -7.78
CA THR C 954 10.93 -59.02 -7.30
C THR C 954 10.54 -57.55 -7.37
N VAL C 955 9.77 -57.16 -8.38
CA VAL C 955 9.26 -55.80 -8.46
C VAL C 955 8.30 -55.53 -7.30
N LYS C 956 7.45 -56.52 -6.96
CA LYS C 956 6.56 -56.37 -5.82
C LYS C 956 7.32 -56.24 -4.51
N ALA C 957 8.37 -57.05 -4.33
CA ALA C 957 9.18 -56.95 -3.11
C ALA C 957 9.90 -55.61 -3.02
N ASP C 958 10.46 -55.13 -4.14
CA ASP C 958 11.15 -53.85 -4.15
C ASP C 958 10.18 -52.71 -3.88
N LEU C 959 8.96 -52.79 -4.43
CA LEU C 959 7.95 -51.77 -4.19
C LEU C 959 7.49 -51.77 -2.74
N GLU C 960 7.32 -52.97 -2.15
CA GLU C 960 6.94 -53.08 -0.75
C GLU C 960 8.03 -52.49 0.15
N GLN C 961 9.30 -52.70 -0.21
CA GLN C 961 10.38 -52.02 0.48
C GLN C 961 10.31 -50.51 0.30
N LYS C 962 9.94 -50.06 -0.90
CA LYS C 962 9.92 -48.62 -1.19
C LYS C 962 8.75 -47.90 -0.53
N ILE C 963 7.55 -48.47 -0.58
CA ILE C 963 6.36 -47.75 -0.13
C ILE C 963 5.95 -48.13 1.29
N GLY C 964 6.60 -49.12 1.89
CA GLY C 964 6.34 -49.45 3.28
C GLY C 964 5.15 -50.34 3.54
N TYR C 965 4.50 -50.86 2.50
CA TYR C 965 3.40 -51.80 2.69
C TYR C 965 3.31 -52.68 1.45
N GLU C 966 2.58 -53.79 1.60
CA GLU C 966 2.44 -54.73 0.50
C GLU C 966 1.56 -54.14 -0.58
N PRO C 967 2.04 -54.00 -1.81
CA PRO C 967 1.24 -53.36 -2.85
C PRO C 967 0.31 -54.34 -3.54
N GLY C 968 -0.76 -53.79 -4.10
CA GLY C 968 -1.65 -54.57 -4.93
C GLY C 968 -1.07 -54.79 -6.32
N ASP C 969 -1.80 -55.56 -7.12
CA ASP C 969 -1.38 -55.80 -8.50
C ASP C 969 -1.42 -54.50 -9.30
N HIS C 970 -2.42 -53.65 -9.04
CA HIS C 970 -2.51 -52.37 -9.74
C HIS C 970 -1.39 -51.43 -9.34
N GLU C 971 -0.98 -51.46 -8.06
CA GLU C 971 0.13 -50.62 -7.61
C GLU C 971 1.44 -51.04 -8.24
N VAL C 972 1.69 -52.36 -8.32
CA VAL C 972 2.89 -52.88 -8.97
C VAL C 972 2.88 -52.53 -10.45
N ILE C 973 1.72 -52.67 -11.10
CA ILE C 973 1.60 -52.37 -12.52
C ILE C 973 1.84 -50.88 -12.79
N SER C 974 1.36 -50.02 -11.89
CA SER C 974 1.63 -48.59 -12.03
C SER C 974 3.09 -48.27 -11.77
N TYR C 975 3.73 -49.03 -10.87
CA TYR C 975 5.14 -48.83 -10.61
C TYR C 975 6.00 -49.22 -11.80
N ILE C 976 5.60 -50.27 -12.53
CA ILE C 976 6.40 -50.72 -13.68
C ILE C 976 6.44 -49.66 -14.77
N MET C 977 5.28 -49.10 -15.11
CA MET C 977 5.23 -48.20 -16.26
C MET C 977 5.61 -46.78 -15.90
N TYR C 978 5.28 -46.34 -14.69
CA TYR C 978 5.66 -45.01 -14.21
C TYR C 978 6.39 -45.15 -12.89
N PRO C 979 7.69 -45.45 -12.92
CA PRO C 979 8.43 -45.69 -11.66
C PRO C 979 8.56 -44.47 -10.78
N GLN C 980 9.08 -43.36 -11.32
CA GLN C 980 9.28 -42.18 -10.50
C GLN C 980 7.98 -41.45 -10.21
N VAL C 981 7.03 -41.51 -11.16
CA VAL C 981 5.75 -40.82 -10.98
C VAL C 981 4.95 -41.46 -9.86
N PHE C 982 4.92 -42.80 -9.82
CA PHE C 982 4.20 -43.50 -8.75
C PHE C 982 4.86 -43.28 -7.40
N LEU C 983 6.20 -43.25 -7.36
CA LEU C 983 6.89 -43.00 -6.09
C LEU C 983 6.66 -41.58 -5.60
N ASP C 984 6.69 -40.59 -6.50
CA ASP C 984 6.38 -39.22 -6.09
C ASP C 984 4.93 -39.08 -5.65
N TYR C 985 4.02 -39.81 -6.29
CA TYR C 985 2.64 -39.86 -5.83
C TYR C 985 2.55 -40.47 -4.43
N GLN C 986 3.35 -41.49 -4.14
CA GLN C 986 3.36 -42.08 -2.80
C GLN C 986 3.93 -41.11 -1.77
N LYS C 987 4.96 -40.35 -2.13
CA LYS C 987 5.47 -39.31 -1.23
C LYS C 987 4.41 -38.25 -0.97
N MET C 988 3.67 -37.86 -2.01
CA MET C 988 2.61 -36.87 -1.84
C MET C 988 1.46 -37.44 -1.02
N GLN C 989 1.22 -38.74 -1.12
CA GLN C 989 0.19 -39.38 -0.31
C GLN C 989 0.60 -39.44 1.16
N ARG C 990 1.89 -39.69 1.43
CA ARG C 990 2.33 -39.72 2.82
C ARG C 990 2.43 -38.32 3.41
N GLU C 991 2.63 -37.31 2.57
CA GLU C 991 2.76 -35.95 3.08
C GLU C 991 1.41 -35.23 3.20
N PHE C 992 0.57 -35.31 2.16
CA PHE C 992 -0.66 -34.54 2.09
C PHE C 992 -1.92 -35.39 2.18
N GLY C 993 -1.80 -36.70 2.15
CA GLY C 993 -2.97 -37.55 2.24
C GLY C 993 -3.78 -37.57 0.96
N ALA C 994 -5.03 -38.00 1.09
CA ALA C 994 -5.95 -38.13 -0.04
C ALA C 994 -6.53 -36.74 -0.34
N VAL C 995 -5.83 -36.01 -1.22
CA VAL C 995 -6.30 -34.70 -1.65
C VAL C 995 -7.40 -34.78 -2.69
N THR C 996 -7.73 -35.98 -3.16
CA THR C 996 -8.80 -36.13 -4.14
C THR C 996 -10.18 -35.91 -3.51
N LEU C 997 -10.26 -36.01 -2.18
CA LEU C 997 -11.55 -35.85 -1.52
C LEU C 997 -11.95 -34.39 -1.38
N LEU C 998 -10.99 -33.48 -1.55
CA LEU C 998 -11.30 -32.06 -1.52
C LEU C 998 -12.06 -31.64 -2.78
N ASP C 999 -12.83 -30.56 -2.66
CA ASP C 999 -13.45 -29.98 -3.83
C ASP C 999 -12.43 -29.21 -4.65
N THR C 1000 -12.73 -29.04 -5.95
CA THR C 1000 -11.77 -28.46 -6.90
C THR C 1000 -11.35 -27.03 -6.58
N PRO C 1001 -12.23 -26.07 -6.23
CA PRO C 1001 -11.70 -24.76 -5.82
C PRO C 1001 -10.80 -24.80 -4.60
N THR C 1002 -11.12 -25.66 -3.63
CA THR C 1002 -10.26 -25.81 -2.47
C THR C 1002 -8.96 -26.53 -2.84
N PHE C 1003 -9.05 -27.48 -3.77
CA PHE C 1003 -7.86 -28.19 -4.23
C PHE C 1003 -6.90 -27.27 -4.98
N LEU C 1004 -7.43 -26.29 -5.72
CA LEU C 1004 -6.60 -25.45 -6.56
C LEU C 1004 -6.18 -24.14 -5.91
N HIS C 1005 -6.99 -23.59 -5.00
CA HIS C 1005 -6.71 -22.27 -4.44
C HIS C 1005 -6.58 -22.28 -2.93
N GLY C 1006 -6.62 -23.44 -2.30
CA GLY C 1006 -6.38 -23.53 -0.87
C GLY C 1006 -7.59 -23.09 -0.08
N MET C 1007 -7.38 -22.17 0.86
CA MET C 1007 -8.43 -21.78 1.78
C MET C 1007 -8.42 -20.26 1.94
N ARG C 1008 -9.61 -19.68 2.03
CA ARG C 1008 -9.73 -18.24 2.23
C ARG C 1008 -9.80 -17.91 3.71
N LEU C 1009 -9.57 -16.64 4.03
CA LEU C 1009 -9.71 -16.17 5.40
C LEU C 1009 -11.18 -16.17 5.79
N ASN C 1010 -11.46 -16.64 7.00
CA ASN C 1010 -12.81 -16.80 7.57
C ASN C 1010 -13.70 -17.70 6.71
N GLU C 1011 -13.11 -18.63 5.96
CA GLU C 1011 -13.86 -19.57 5.15
C GLU C 1011 -14.13 -20.84 5.94
N LYS C 1012 -15.30 -21.43 5.72
CA LYS C 1012 -15.66 -22.72 6.30
C LYS C 1012 -15.82 -23.73 5.18
N ILE C 1013 -15.07 -24.83 5.26
CA ILE C 1013 -15.21 -25.94 4.33
C ILE C 1013 -15.48 -27.20 5.14
N GLU C 1014 -16.12 -28.17 4.48
CA GLU C 1014 -16.37 -29.48 5.06
C GLU C 1014 -15.78 -30.53 4.14
N VAL C 1015 -14.88 -31.35 4.67
CA VAL C 1015 -14.18 -32.37 3.89
C VAL C 1015 -14.66 -33.73 4.38
N GLN C 1016 -15.34 -34.47 3.50
CA GLN C 1016 -15.79 -35.82 3.82
C GLN C 1016 -14.66 -36.77 3.49
N ILE C 1017 -13.97 -37.25 4.53
CA ILE C 1017 -12.88 -38.20 4.34
C ILE C 1017 -13.33 -39.65 4.44
N GLU C 1018 -14.55 -39.88 4.92
CA GLU C 1018 -15.08 -41.23 5.08
C GLU C 1018 -16.59 -41.14 5.17
N LYS C 1019 -17.24 -42.28 5.03
CA LYS C 1019 -18.69 -42.36 5.25
C LYS C 1019 -18.97 -42.17 6.73
N GLY C 1020 -19.55 -41.02 7.09
CA GLY C 1020 -19.81 -40.69 8.46
C GLY C 1020 -18.74 -39.83 9.12
N LYS C 1021 -17.62 -39.58 8.45
CA LYS C 1021 -16.55 -38.74 8.98
C LYS C 1021 -16.40 -37.53 8.08
N THR C 1022 -16.73 -36.35 8.61
CA THR C 1022 -16.59 -35.10 7.88
C THR C 1022 -15.72 -34.15 8.69
N LEU C 1023 -14.68 -33.62 8.05
CA LEU C 1023 -13.76 -32.69 8.70
C LEU C 1023 -14.26 -31.27 8.51
N SER C 1024 -14.56 -30.60 9.63
CA SER C 1024 -14.95 -29.20 9.61
C SER C 1024 -13.69 -28.36 9.79
N ILE C 1025 -13.30 -27.65 8.75
CA ILE C 1025 -12.06 -26.87 8.72
C ILE C 1025 -12.41 -25.42 8.49
N ARG C 1026 -11.93 -24.55 9.37
CA ARG C 1026 -12.10 -23.10 9.22
C ARG C 1026 -10.74 -22.44 9.36
N LEU C 1027 -10.43 -21.54 8.42
CA LEU C 1027 -9.19 -20.77 8.47
C LEU C 1027 -9.48 -19.45 9.16
N ASP C 1028 -8.94 -19.28 10.37
CA ASP C 1028 -9.24 -18.09 11.15
C ASP C 1028 -8.28 -16.95 10.88
N GLU C 1029 -6.98 -17.22 10.82
CA GLU C 1029 -5.99 -16.17 10.64
C GLU C 1029 -4.71 -16.75 10.08
N ILE C 1030 -4.12 -16.06 9.10
CA ILE C 1030 -2.82 -16.41 8.55
C ILE C 1030 -1.78 -15.50 9.20
N GLY C 1031 -0.81 -16.11 9.88
CA GLY C 1031 0.20 -15.34 10.58
C GLY C 1031 1.25 -14.76 9.65
N GLU C 1032 2.00 -13.80 10.18
CA GLU C 1032 3.10 -13.21 9.44
C GLU C 1032 4.28 -14.18 9.42
N PRO C 1033 5.06 -14.18 8.34
CA PRO C 1033 6.24 -15.06 8.30
C PRO C 1033 7.33 -14.56 9.22
N ASP C 1034 8.02 -15.50 9.86
CA ASP C 1034 9.09 -15.17 10.78
C ASP C 1034 10.41 -15.00 10.00
N LEU C 1035 11.52 -14.95 10.72
CA LEU C 1035 12.82 -14.83 10.08
C LEU C 1035 13.21 -16.09 9.33
N ALA C 1036 12.67 -17.24 9.72
CA ALA C 1036 12.94 -18.50 9.03
C ALA C 1036 12.04 -18.74 7.84
N GLY C 1037 11.12 -17.83 7.54
CA GLY C 1037 10.22 -17.99 6.43
C GLY C 1037 8.99 -18.84 6.70
N ASN C 1038 8.78 -19.24 7.94
CA ASN C 1038 7.64 -20.08 8.31
C ASN C 1038 6.45 -19.22 8.69
N ARG C 1039 5.26 -19.63 8.25
CA ARG C 1039 4.02 -18.97 8.59
C ARG C 1039 3.18 -19.88 9.46
N VAL C 1040 2.51 -19.31 10.44
CA VAL C 1040 1.60 -20.05 11.32
C VAL C 1040 0.18 -19.76 10.87
N LEU C 1041 -0.53 -20.81 10.46
CA LEU C 1041 -1.91 -20.70 10.02
C LEU C 1041 -2.82 -21.19 11.13
N PHE C 1042 -3.77 -20.34 11.53
CA PHE C 1042 -4.62 -20.63 12.68
C PHE C 1042 -5.90 -21.28 12.17
N PHE C 1043 -5.89 -22.61 12.15
CA PHE C 1043 -7.04 -23.38 11.71
C PHE C 1043 -7.95 -23.72 12.88
N ASN C 1044 -9.22 -23.94 12.57
CA ASN C 1044 -10.20 -24.43 13.52
C ASN C 1044 -10.67 -25.79 13.01
N LEU C 1045 -9.93 -26.84 13.35
CA LEU C 1045 -10.24 -28.18 12.89
C LEU C 1045 -11.15 -28.86 13.89
N ASN C 1046 -12.37 -29.19 13.45
CA ASN C 1046 -13.38 -29.90 14.24
C ASN C 1046 -13.70 -29.17 15.54
N GLY C 1047 -13.78 -27.84 15.47
CA GLY C 1047 -14.11 -27.02 16.61
C GLY C 1047 -12.94 -26.58 17.44
N GLN C 1048 -11.80 -27.25 17.34
CA GLN C 1048 -10.63 -26.95 18.16
C GLN C 1048 -9.61 -26.17 17.35
N ARG C 1049 -8.92 -25.25 18.03
CA ARG C 1049 -7.86 -24.49 17.38
C ARG C 1049 -6.65 -25.39 17.14
N ARG C 1050 -6.12 -25.35 15.91
CA ARG C 1050 -4.90 -26.07 15.56
C ARG C 1050 -4.02 -25.17 14.73
N GLU C 1051 -2.82 -24.89 15.22
CA GLU C 1051 -1.87 -24.02 14.54
C GLU C 1051 -0.96 -24.87 13.67
N VAL C 1052 -0.92 -24.56 12.37
CA VAL C 1052 -0.13 -25.29 11.39
C VAL C 1052 1.00 -24.39 10.91
N VAL C 1053 2.22 -24.90 10.97
CA VAL C 1053 3.40 -24.16 10.53
C VAL C 1053 3.75 -24.62 9.12
N ILE C 1054 3.79 -23.67 8.19
CA ILE C 1054 4.08 -23.94 6.79
C ILE C 1054 5.13 -22.94 6.30
N ASN C 1055 6.07 -23.43 5.50
CA ASN C 1055 7.14 -22.58 4.98
C ASN C 1055 6.67 -21.81 3.77
N ASP C 1056 6.94 -20.52 3.74
CA ASP C 1056 6.63 -19.66 2.61
C ASP C 1056 7.82 -19.67 1.65
N GLN C 1057 7.58 -20.11 0.41
CA GLN C 1057 8.67 -20.17 -0.57
C GLN C 1057 9.09 -18.78 -1.03
N SER C 1058 8.17 -17.82 -1.01
CA SER C 1058 8.51 -16.46 -1.43
C SER C 1058 9.42 -15.76 -0.42
N VAL C 1059 9.26 -16.07 0.87
CA VAL C 1059 10.04 -15.42 1.91
C VAL C 1059 11.39 -16.12 2.02
N GLN C 1060 12.46 -15.33 1.92
CA GLN C 1060 13.81 -15.87 2.09
C GLN C 1060 14.04 -16.26 3.54
N ALA C 1061 14.66 -17.42 3.75
CA ALA C 1061 14.94 -17.93 5.07
C ALA C 1061 16.31 -17.46 5.55
N GLN C 1062 16.58 -17.71 6.84
CA GLN C 1062 17.82 -17.38 7.53
C GLN C 1062 18.16 -15.89 7.46
N VAL C 1063 17.15 -15.03 7.53
CA VAL C 1063 17.37 -13.59 7.53
C VAL C 1063 17.06 -13.01 8.90
N HIS D 6 -0.99 25.95 -63.67
CA HIS D 6 -0.44 24.61 -63.65
C HIS D 6 0.27 24.33 -62.32
N MET D 7 0.77 25.39 -61.69
CA MET D 7 1.46 25.28 -60.41
C MET D 7 0.44 25.21 -59.29
N LYS D 8 0.34 24.06 -58.64
CA LYS D 8 -0.63 23.90 -57.56
C LYS D 8 -0.01 23.37 -56.28
N LYS D 9 0.97 22.48 -56.36
CA LYS D 9 1.49 21.81 -55.18
C LYS D 9 2.97 21.54 -55.35
N LEU D 10 3.76 21.95 -54.36
CA LEU D 10 5.21 21.83 -54.39
C LEU D 10 5.71 20.94 -53.26
N LEU D 11 6.68 20.10 -53.57
CA LEU D 11 7.36 19.28 -52.58
C LEU D 11 8.74 19.85 -52.29
N VAL D 12 9.18 19.73 -51.05
CA VAL D 12 10.51 20.14 -50.64
C VAL D 12 11.29 18.90 -50.25
N ALA D 13 12.39 18.64 -50.95
CA ALA D 13 13.23 17.48 -50.70
C ALA D 13 14.26 17.72 -49.60
N ASN D 14 14.29 18.91 -49.02
CA ASN D 14 15.23 19.26 -47.97
C ASN D 14 14.55 19.20 -46.61
N ARG D 15 15.26 19.63 -45.58
CA ARG D 15 14.78 19.56 -44.20
C ARG D 15 15.20 20.82 -43.46
N GLY D 16 14.72 20.94 -42.22
CA GLY D 16 15.22 21.98 -41.34
C GLY D 16 14.67 23.35 -41.69
N GLU D 17 15.56 24.34 -41.61
CA GLU D 17 15.17 25.73 -41.78
C GLU D 17 14.75 26.04 -43.22
N ILE D 18 15.51 25.53 -44.20
CA ILE D 18 15.25 25.87 -45.60
C ILE D 18 13.91 25.30 -46.06
N ALA D 19 13.53 24.12 -45.55
CA ALA D 19 12.21 23.57 -45.86
C ALA D 19 11.10 24.48 -45.35
N VAL D 20 11.25 25.01 -44.14
CA VAL D 20 10.26 25.93 -43.58
C VAL D 20 10.23 27.23 -44.39
N ARG D 21 11.39 27.69 -44.85
CA ARG D 21 11.45 28.91 -45.66
C ARG D 21 10.71 28.74 -46.98
N VAL D 22 10.93 27.61 -47.66
CA VAL D 22 10.22 27.36 -48.91
C VAL D 22 8.72 27.13 -48.64
N PHE D 23 8.37 26.53 -47.50
CA PHE D 23 6.96 26.37 -47.15
C PHE D 23 6.29 27.73 -46.96
N ARG D 24 6.96 28.66 -46.28
CA ARG D 24 6.41 30.00 -46.09
C ARG D 24 6.28 30.74 -47.42
N ALA D 25 7.27 30.60 -48.30
CA ALA D 25 7.19 31.23 -49.62
C ALA D 25 6.06 30.64 -50.45
N CYS D 26 5.88 29.31 -50.41
CA CYS D 26 4.81 28.68 -51.17
C CYS D 26 3.44 29.05 -50.62
N ASN D 27 3.31 29.16 -49.30
CA ASN D 27 2.04 29.56 -48.71
C ASN D 27 1.72 31.01 -49.03
N GLU D 28 2.75 31.87 -49.11
CA GLU D 28 2.53 33.23 -49.57
C GLU D 28 2.10 33.25 -51.04
N LEU D 29 2.69 32.39 -51.85
CA LEU D 29 2.34 32.32 -53.27
C LEU D 29 1.06 31.52 -53.53
N GLY D 30 0.52 30.84 -52.53
CA GLY D 30 -0.73 30.13 -52.70
C GLY D 30 -0.62 28.67 -53.10
N LEU D 31 0.57 28.07 -52.96
CA LEU D 31 0.77 26.67 -53.31
C LEU D 31 0.73 25.81 -52.06
N SER D 32 0.05 24.67 -52.15
CA SER D 32 0.08 23.70 -51.07
C SER D 32 1.44 23.02 -51.02
N THR D 33 1.83 22.62 -49.80
CA THR D 33 3.20 22.18 -49.53
C THR D 33 3.23 20.73 -49.09
N VAL D 34 4.28 20.03 -49.53
CA VAL D 34 4.51 18.63 -49.16
C VAL D 34 5.90 18.54 -48.54
N ALA D 35 6.00 17.86 -47.40
CA ALA D 35 7.27 17.64 -46.72
C ALA D 35 7.66 16.18 -46.78
N VAL D 36 8.96 15.93 -46.72
CA VAL D 36 9.51 14.59 -46.57
C VAL D 36 10.42 14.58 -45.34
N TYR D 37 10.53 13.42 -44.70
CA TYR D 37 11.30 13.32 -43.48
C TYR D 37 11.70 11.87 -43.26
N ALA D 38 12.90 11.68 -42.73
CA ALA D 38 13.35 10.36 -42.32
C ALA D 38 12.71 9.98 -40.98
N ARG D 39 12.92 8.72 -40.58
CA ARG D 39 12.38 8.26 -39.30
C ARG D 39 13.06 8.98 -38.13
N GLU D 40 14.36 9.21 -38.24
CA GLU D 40 15.09 9.91 -37.19
C GLU D 40 14.82 11.41 -37.17
N ASP D 41 14.18 11.96 -38.22
CA ASP D 41 13.79 13.35 -38.26
C ASP D 41 12.30 13.54 -38.03
N GLU D 42 11.68 12.64 -37.25
CA GLU D 42 10.25 12.69 -37.02
C GLU D 42 9.81 13.90 -36.19
N TYR D 43 10.72 14.45 -35.38
CA TYR D 43 10.40 15.59 -34.53
C TYR D 43 10.84 16.92 -35.13
N SER D 44 11.24 16.93 -36.40
CA SER D 44 11.62 18.16 -37.05
C SER D 44 10.42 19.09 -37.22
N VAL D 45 10.69 20.40 -37.14
CA VAL D 45 9.63 21.39 -37.25
C VAL D 45 9.06 21.40 -38.67
N HIS D 46 9.91 21.20 -39.68
CA HIS D 46 9.48 21.25 -41.07
C HIS D 46 8.50 20.15 -41.43
N ARG D 47 8.47 19.05 -40.67
CA ARG D 47 7.49 18.00 -40.92
C ARG D 47 6.07 18.49 -40.67
N PHE D 48 5.88 19.28 -39.61
CA PHE D 48 4.57 19.76 -39.21
C PHE D 48 4.24 21.15 -39.71
N LYS D 49 5.13 21.75 -40.49
CA LYS D 49 4.87 23.05 -41.11
C LYS D 49 4.25 22.93 -42.49
N ALA D 50 4.02 21.72 -42.98
CA ALA D 50 3.52 21.49 -44.32
C ALA D 50 2.13 20.86 -44.28
N ASP D 51 1.43 20.96 -45.41
CA ASP D 51 0.11 20.37 -45.52
C ASP D 51 0.16 18.85 -45.47
N GLU D 52 1.13 18.25 -46.16
CA GLU D 52 1.32 16.80 -46.17
C GLU D 52 2.75 16.47 -45.85
N SER D 53 2.95 15.42 -45.06
CA SER D 53 4.28 14.94 -44.71
C SER D 53 4.33 13.43 -44.90
N TYR D 54 5.42 12.95 -45.51
CA TYR D 54 5.56 11.54 -45.83
C TYR D 54 6.93 11.03 -45.38
N LEU D 55 6.93 9.85 -44.79
CA LEU D 55 8.18 9.22 -44.37
C LEU D 55 8.93 8.67 -45.58
N ILE D 56 10.23 8.94 -45.63
CA ILE D 56 11.09 8.50 -46.73
C ILE D 56 12.31 7.80 -46.15
N GLY D 57 12.89 6.93 -46.97
CA GLY D 57 14.11 6.23 -46.62
C GLY D 57 13.97 5.26 -45.47
N GLN D 58 13.05 4.32 -45.60
CA GLN D 58 12.82 3.33 -44.55
C GLN D 58 14.00 2.39 -44.42
N GLY D 59 14.57 2.30 -43.22
CA GLY D 59 15.68 1.42 -42.94
C GLY D 59 17.05 2.01 -43.21
N LYS D 60 17.13 3.14 -43.91
CA LYS D 60 18.41 3.74 -44.25
C LYS D 60 18.90 4.65 -43.14
N LYS D 61 20.17 5.04 -43.24
CA LYS D 61 20.68 6.12 -42.43
C LYS D 61 20.01 7.43 -42.86
N PRO D 62 19.76 8.35 -41.91
CA PRO D 62 18.95 9.54 -42.24
C PRO D 62 19.53 10.43 -43.32
N ILE D 63 20.86 10.54 -43.37
CA ILE D 63 21.51 11.42 -44.34
C ILE D 63 21.27 10.91 -45.76
N ASP D 64 21.50 9.62 -45.99
CA ASP D 64 21.22 9.04 -47.31
C ASP D 64 19.74 8.72 -47.49
N ALA D 65 18.95 8.71 -46.42
CA ALA D 65 17.50 8.69 -46.59
C ALA D 65 17.01 9.99 -47.21
N TYR D 66 17.63 11.12 -46.83
CA TYR D 66 17.35 12.37 -47.51
C TYR D 66 17.99 12.45 -48.89
N LEU D 67 18.95 11.58 -49.20
CA LEU D 67 19.54 11.49 -50.53
C LEU D 67 18.86 10.43 -51.39
N ASP D 68 17.79 9.82 -50.89
CA ASP D 68 17.06 8.80 -51.65
C ASP D 68 16.29 9.50 -52.77
N ILE D 69 16.85 9.46 -53.98
CA ILE D 69 16.24 10.15 -55.11
C ILE D 69 14.92 9.49 -55.51
N ASP D 70 14.93 8.16 -55.63
CA ASP D 70 13.76 7.45 -56.13
C ASP D 70 12.59 7.54 -55.16
N ASP D 71 12.86 7.50 -53.85
CA ASP D 71 11.80 7.63 -52.87
C ASP D 71 11.17 9.03 -52.90
N ILE D 72 12.00 10.06 -53.06
CA ILE D 72 11.49 11.43 -53.13
C ILE D 72 10.65 11.63 -54.39
N ILE D 73 11.11 11.10 -55.52
CA ILE D 73 10.34 11.17 -56.76
C ILE D 73 9.02 10.42 -56.62
N ARG D 74 9.05 9.24 -55.98
CA ARG D 74 7.85 8.47 -55.74
C ARG D 74 6.84 9.24 -54.89
N VAL D 75 7.31 9.84 -53.79
CA VAL D 75 6.45 10.58 -52.87
C VAL D 75 5.84 11.79 -53.57
N ALA D 76 6.64 12.50 -54.35
CA ALA D 76 6.11 13.61 -55.14
C ALA D 76 5.13 13.12 -56.19
N LEU D 77 5.25 11.86 -56.62
CA LEU D 77 4.31 11.32 -57.58
C LEU D 77 2.95 11.06 -56.96
N GLU D 78 2.88 10.31 -55.85
CA GLU D 78 1.51 10.03 -55.41
C GLU D 78 0.95 11.16 -54.55
N SER D 79 1.78 12.09 -54.11
CA SER D 79 1.29 13.24 -53.36
C SER D 79 0.62 14.27 -54.25
N GLY D 80 0.78 14.18 -55.56
CA GLY D 80 0.22 15.17 -56.46
C GLY D 80 1.05 16.43 -56.59
N ALA D 81 2.30 16.40 -56.15
CA ALA D 81 3.16 17.58 -56.23
C ALA D 81 3.57 17.84 -57.67
N ASP D 82 3.37 19.09 -58.11
CA ASP D 82 3.75 19.47 -59.47
C ASP D 82 5.19 19.92 -59.57
N ALA D 83 5.82 20.26 -58.44
CA ALA D 83 7.18 20.78 -58.45
C ALA D 83 7.95 20.27 -57.24
N ILE D 84 9.28 20.30 -57.36
CA ILE D 84 10.17 19.91 -56.28
C ILE D 84 11.20 21.02 -56.07
N HIS D 85 11.28 21.54 -54.86
CA HIS D 85 12.31 22.50 -54.47
C HIS D 85 13.34 21.78 -53.60
N PRO D 86 14.60 21.67 -54.05
CA PRO D 86 15.58 20.91 -53.27
C PRO D 86 16.26 21.67 -52.14
N GLY D 87 16.06 22.99 -52.05
CA GLY D 87 16.72 23.77 -51.02
C GLY D 87 18.20 23.92 -51.26
N TYR D 88 19.02 23.48 -50.29
CA TYR D 88 20.46 23.45 -50.48
C TYR D 88 21.04 22.27 -49.71
N GLY D 89 22.25 21.89 -50.10
CA GLY D 89 23.01 20.90 -49.35
C GLY D 89 22.78 19.46 -49.76
N LEU D 90 21.53 18.99 -49.72
CA LEU D 90 21.27 17.57 -49.90
C LEU D 90 21.30 17.18 -51.37
N LEU D 91 20.37 17.71 -52.17
CA LEU D 91 20.24 17.32 -53.57
C LEU D 91 20.05 18.52 -54.48
N SER D 92 20.42 19.72 -54.01
CA SER D 92 20.26 20.91 -54.84
C SER D 92 21.26 20.94 -55.99
N GLU D 93 22.46 20.41 -55.77
CA GLU D 93 23.48 20.35 -56.81
C GLU D 93 23.56 18.99 -57.48
N ASN D 94 22.69 18.05 -57.12
CA ASN D 94 22.74 16.71 -57.66
C ASN D 94 22.15 16.70 -59.06
N LEU D 95 22.94 16.23 -60.03
CA LEU D 95 22.50 16.20 -61.42
C LEU D 95 21.52 15.05 -61.66
N GLU D 96 21.77 13.89 -61.05
CA GLU D 96 20.95 12.71 -61.29
C GLU D 96 19.52 12.94 -60.79
N PHE D 97 19.41 13.58 -59.62
CA PHE D 97 18.10 13.92 -59.06
C PHE D 97 17.36 14.89 -59.97
N ALA D 98 18.06 15.87 -60.54
CA ALA D 98 17.44 16.83 -61.44
C ALA D 98 16.98 16.16 -62.73
N THR D 99 17.78 15.23 -63.28
CA THR D 99 17.38 14.51 -64.48
C THR D 99 16.15 13.66 -64.22
N LYS D 100 16.10 12.99 -63.06
CA LYS D 100 14.94 12.16 -62.74
C LYS D 100 13.68 12.99 -62.51
N VAL D 101 13.81 14.14 -61.85
CA VAL D 101 12.63 14.95 -61.60
C VAL D 101 12.16 15.65 -62.87
N ARG D 102 13.07 15.96 -63.81
CA ARG D 102 12.63 16.52 -65.07
C ARG D 102 12.05 15.46 -66.00
N ALA D 103 12.54 14.22 -65.92
CA ALA D 103 12.00 13.14 -66.72
C ALA D 103 10.66 12.65 -66.17
N ALA D 104 10.43 12.81 -64.87
CA ALA D 104 9.17 12.40 -64.27
C ALA D 104 8.01 13.33 -64.59
N GLY D 105 8.28 14.49 -65.18
CA GLY D 105 7.24 15.45 -65.49
C GLY D 105 6.99 16.50 -64.44
N LEU D 106 7.88 16.63 -63.47
CA LEU D 106 7.74 17.60 -62.40
C LEU D 106 8.70 18.77 -62.60
N VAL D 107 8.29 19.95 -62.14
CA VAL D 107 9.11 21.14 -62.28
C VAL D 107 10.22 21.12 -61.24
N PHE D 108 11.46 21.28 -61.68
CA PHE D 108 12.60 21.38 -60.78
C PHE D 108 12.86 22.86 -60.51
N VAL D 109 12.85 23.24 -59.24
CA VAL D 109 13.09 24.64 -58.85
C VAL D 109 14.60 24.78 -58.73
N GLY D 110 15.24 25.01 -59.88
CA GLY D 110 16.66 25.22 -59.95
C GLY D 110 17.05 25.67 -61.35
N PRO D 111 18.35 25.70 -61.63
CA PRO D 111 18.81 26.07 -62.97
C PRO D 111 18.63 24.91 -63.95
N GLU D 112 19.03 25.15 -65.19
CA GLU D 112 18.96 24.11 -66.20
C GLU D 112 20.01 23.04 -65.94
N LEU D 113 19.81 21.88 -66.57
CA LEU D 113 20.73 20.76 -66.42
C LEU D 113 22.09 21.06 -67.03
N HIS D 114 22.11 21.88 -68.09
CA HIS D 114 23.37 22.32 -68.66
C HIS D 114 24.17 23.16 -67.66
N HIS D 115 23.50 24.09 -66.98
CA HIS D 115 24.16 24.85 -65.92
C HIS D 115 24.57 23.93 -64.76
N LEU D 116 23.77 22.89 -64.50
CA LEU D 116 24.11 21.95 -63.43
C LEU D 116 25.38 21.19 -63.72
N ASP D 117 25.58 20.73 -64.97
CA ASP D 117 26.83 20.04 -65.26
C ASP D 117 27.99 21.02 -65.37
N ILE D 118 27.73 22.24 -65.86
CA ILE D 118 28.80 23.22 -66.03
C ILE D 118 29.34 23.66 -64.67
N PHE D 119 28.45 23.94 -63.72
CA PHE D 119 28.91 24.48 -62.44
C PHE D 119 29.12 23.40 -61.40
N GLY D 120 28.53 22.21 -61.60
CA GLY D 120 28.79 21.11 -60.69
C GLY D 120 30.21 20.60 -60.76
N ASP D 121 30.74 20.44 -61.97
CA ASP D 121 32.13 20.11 -62.17
C ASP D 121 32.91 21.40 -62.36
N LYS D 122 33.87 21.65 -61.46
CA LYS D 122 34.49 22.97 -61.41
C LYS D 122 35.51 23.17 -62.52
N ILE D 123 35.92 22.09 -63.19
CA ILE D 123 36.81 22.22 -64.36
C ILE D 123 36.10 22.95 -65.48
N LYS D 124 34.89 22.50 -65.84
CA LYS D 124 34.14 23.19 -66.88
C LYS D 124 33.56 24.50 -66.39
N ALA D 125 33.41 24.66 -65.06
CA ALA D 125 33.05 25.97 -64.52
C ALA D 125 34.15 26.99 -64.75
N LYS D 126 35.41 26.59 -64.49
CA LYS D 126 36.54 27.47 -64.79
C LYS D 126 36.68 27.70 -66.29
N ALA D 127 36.40 26.68 -67.09
CA ALA D 127 36.44 26.82 -68.54
C ALA D 127 35.40 27.82 -69.03
N ALA D 128 34.18 27.76 -68.49
CA ALA D 128 33.14 28.72 -68.87
C ALA D 128 33.44 30.12 -68.35
N ALA D 129 34.09 30.21 -67.19
CA ALA D 129 34.52 31.52 -66.69
C ALA D 129 35.57 32.14 -67.61
N ASP D 130 36.51 31.33 -68.10
CA ASP D 130 37.47 31.82 -69.07
C ASP D 130 36.81 32.18 -70.40
N GLU D 131 35.79 31.40 -70.80
CA GLU D 131 35.06 31.69 -72.02
C GLU D 131 34.26 32.98 -71.90
N ALA D 132 33.81 33.32 -70.69
CA ALA D 132 33.11 34.57 -70.45
C ALA D 132 34.05 35.74 -70.22
N LYS D 133 35.37 35.51 -70.30
CA LYS D 133 36.42 36.50 -70.09
C LYS D 133 36.37 37.12 -68.69
N VAL D 134 35.82 36.41 -67.72
CA VAL D 134 35.85 36.84 -66.33
C VAL D 134 37.17 36.38 -65.71
N PRO D 135 37.95 37.26 -65.10
CA PRO D 135 39.22 36.85 -64.51
C PRO D 135 39.02 35.85 -63.37
N GLY D 136 39.93 34.88 -63.30
CA GLY D 136 39.90 33.85 -62.28
C GLY D 136 41.27 33.65 -61.64
N ILE D 137 41.30 32.74 -60.68
CA ILE D 137 42.56 32.39 -60.02
C ILE D 137 43.45 31.65 -61.02
N PRO D 138 44.70 32.06 -61.21
CA PRO D 138 45.63 31.26 -62.01
C PRO D 138 45.86 29.91 -61.37
N GLY D 139 45.93 28.88 -62.21
CA GLY D 139 46.05 27.53 -61.68
C GLY D 139 46.15 26.53 -62.82
N THR D 140 46.27 25.26 -62.43
CA THR D 140 46.31 24.18 -63.39
C THR D 140 44.96 24.03 -64.09
N ASN D 141 45.02 23.87 -65.41
CA ASN D 141 43.81 23.72 -66.23
C ASN D 141 43.51 22.24 -66.37
N GLY D 142 42.33 21.83 -65.88
CA GLY D 142 41.96 20.43 -65.87
C GLY D 142 42.56 19.68 -64.71
N ALA D 143 42.22 18.40 -64.63
CA ALA D 143 42.75 17.55 -63.58
C ALA D 143 44.20 17.21 -63.87
N VAL D 144 45.06 17.35 -62.85
CA VAL D 144 46.49 17.11 -62.99
C VAL D 144 46.92 16.09 -61.94
N ASP D 145 48.05 15.45 -62.21
CA ASP D 145 48.63 14.49 -61.29
C ASP D 145 49.46 15.23 -60.24
N ILE D 146 50.08 14.47 -59.34
CA ILE D 146 50.94 15.06 -58.32
C ILE D 146 52.20 15.65 -58.97
N ASP D 147 52.72 14.97 -60.01
CA ASP D 147 53.85 15.52 -60.75
C ASP D 147 53.47 16.81 -61.46
N GLY D 148 52.24 16.89 -61.96
CA GLY D 148 51.75 18.15 -62.49
C GLY D 148 51.66 19.25 -61.44
N ALA D 149 51.30 18.88 -60.22
CA ALA D 149 51.31 19.85 -59.12
C ALA D 149 52.71 20.34 -58.81
N LEU D 150 53.70 19.44 -58.84
CA LEU D 150 55.08 19.86 -58.64
C LEU D 150 55.56 20.77 -59.78
N GLU D 151 55.17 20.45 -61.02
CA GLU D 151 55.53 21.30 -62.15
C GLU D 151 54.90 22.69 -62.01
N PHE D 152 53.63 22.74 -61.58
CA PHE D 152 52.96 24.00 -61.32
C PHE D 152 53.64 24.80 -60.22
N ALA D 153 54.11 24.11 -59.17
CA ALA D 153 54.88 24.78 -58.13
C ALA D 153 56.22 25.29 -58.64
N LYS D 154 56.80 24.60 -59.62
CA LYS D 154 58.03 25.10 -60.23
C LYS D 154 57.78 26.37 -61.04
N THR D 155 56.77 26.35 -61.93
CA THR D 155 56.62 27.48 -62.85
C THR D 155 55.90 28.67 -62.21
N TYR D 156 55.07 28.45 -61.20
CA TYR D 156 54.34 29.53 -60.56
C TYR D 156 54.73 29.62 -59.09
N GLY D 157 54.59 30.84 -58.54
CA GLY D 157 55.12 31.11 -57.23
C GLY D 157 54.31 30.48 -56.11
N TYR D 158 55.02 30.12 -55.04
CA TYR D 158 54.40 29.61 -53.84
C TYR D 158 53.76 30.74 -53.05
N PRO D 159 52.85 30.45 -52.09
CA PRO D 159 52.06 29.24 -51.85
C PRO D 159 51.21 28.72 -53.02
N VAL D 160 50.86 27.43 -52.97
CA VAL D 160 49.87 26.84 -53.85
C VAL D 160 48.92 26.03 -52.97
N MET D 161 47.76 25.67 -53.53
CA MET D 161 46.80 24.93 -52.74
C MET D 161 46.07 23.91 -53.61
N ILE D 162 45.87 22.72 -53.06
CA ILE D 162 45.17 21.62 -53.73
C ILE D 162 43.67 21.91 -53.73
N LYS D 163 43.00 21.59 -54.84
CA LYS D 163 41.56 21.72 -54.94
C LYS D 163 40.97 20.49 -55.62
N ALA D 164 39.70 20.21 -55.33
CA ALA D 164 39.00 19.05 -55.87
C ALA D 164 37.86 19.50 -56.77
N ALA D 165 37.62 18.73 -57.84
CA ALA D 165 36.62 19.12 -58.83
C ALA D 165 35.21 18.74 -58.39
N LEU D 166 34.95 17.45 -58.21
CA LEU D 166 33.61 17.01 -57.83
C LEU D 166 33.31 17.36 -56.37
N GLY D 167 34.34 17.43 -55.52
CA GLY D 167 34.16 17.78 -54.13
C GLY D 167 34.02 19.28 -53.94
N GLY D 168 33.81 19.66 -52.68
CA GLY D 168 33.64 21.06 -52.35
C GLY D 168 33.20 21.23 -50.92
N GLY D 169 32.73 22.44 -50.61
CA GLY D 169 32.29 22.76 -49.26
C GLY D 169 33.39 22.77 -48.23
N GLY D 170 34.55 23.34 -48.57
CA GLY D 170 35.66 23.39 -47.64
C GLY D 170 36.39 22.09 -47.43
N ARG D 171 36.15 21.09 -48.25
CA ARG D 171 36.75 19.77 -48.12
C ARG D 171 37.70 19.50 -49.28
N GLY D 172 38.79 18.79 -48.99
CA GLY D 172 39.75 18.44 -50.02
C GLY D 172 40.70 19.53 -50.42
N MET D 173 40.80 20.60 -49.64
CA MET D 173 41.64 21.75 -49.97
C MET D 173 42.70 21.93 -48.89
N ARG D 174 43.96 21.77 -49.27
CA ARG D 174 45.09 21.88 -48.36
C ARG D 174 46.07 22.92 -48.90
N VAL D 175 46.58 23.76 -48.00
CA VAL D 175 47.56 24.77 -48.39
C VAL D 175 48.94 24.15 -48.45
N ALA D 176 49.71 24.52 -49.47
CA ALA D 176 51.08 24.02 -49.65
C ALA D 176 52.06 25.18 -49.60
N ARG D 177 53.15 24.99 -48.86
CA ARG D 177 54.16 26.02 -48.64
C ARG D 177 55.51 25.73 -49.27
N ASN D 178 56.00 24.50 -49.20
CA ASN D 178 57.17 24.07 -49.95
C ASN D 178 56.84 22.78 -50.69
N ASP D 179 57.88 22.06 -51.13
CA ASP D 179 57.66 20.94 -52.05
C ASP D 179 57.28 19.65 -51.35
N ALA D 180 57.66 19.46 -50.08
CA ALA D 180 57.58 18.15 -49.45
C ALA D 180 56.14 17.70 -49.23
N GLU D 181 55.29 18.58 -48.72
CA GLU D 181 53.94 18.20 -48.33
C GLU D 181 52.92 18.30 -49.47
N MET D 182 53.35 18.66 -50.68
CA MET D 182 52.43 18.54 -51.82
C MET D 182 52.02 17.09 -52.05
N HIS D 183 52.96 16.15 -51.86
CA HIS D 183 52.65 14.73 -52.02
C HIS D 183 51.58 14.27 -51.02
N ASP D 184 51.77 14.58 -49.74
CA ASP D 184 50.83 14.06 -48.76
C ASP D 184 49.50 14.82 -48.76
N GLY D 185 49.53 16.13 -49.06
CA GLY D 185 48.27 16.84 -49.26
C GLY D 185 47.48 16.31 -50.44
N TYR D 186 48.18 16.01 -51.54
CA TYR D 186 47.54 15.40 -52.70
C TYR D 186 46.99 14.03 -52.36
N ALA D 187 47.72 13.26 -51.53
CA ALA D 187 47.29 11.91 -51.17
C ALA D 187 46.01 11.93 -50.32
N ARG D 188 45.99 12.76 -49.26
CA ARG D 188 44.77 12.88 -48.47
C ARG D 188 43.61 13.49 -49.26
N ALA D 189 43.89 14.46 -50.15
CA ALA D 189 42.84 15.01 -50.99
C ALA D 189 42.25 13.95 -51.91
N LYS D 190 43.11 13.13 -52.52
CA LYS D 190 42.66 12.05 -53.39
C LYS D 190 41.82 11.03 -52.64
N SER D 191 42.31 10.59 -51.47
CA SER D 191 41.60 9.55 -50.72
C SER D 191 40.27 10.06 -50.19
N GLU D 192 40.22 11.32 -49.74
CA GLU D 192 38.96 11.92 -49.33
C GLU D 192 38.01 12.04 -50.51
N ALA D 193 38.54 12.39 -51.70
CA ALA D 193 37.69 12.57 -52.87
C ALA D 193 37.08 11.26 -53.34
N ILE D 194 37.84 10.17 -53.35
CA ILE D 194 37.24 8.91 -53.81
C ILE D 194 36.47 8.21 -52.70
N GLY D 195 36.77 8.52 -51.43
CA GLY D 195 36.05 7.88 -50.34
C GLY D 195 34.61 8.35 -50.23
N ALA D 196 34.40 9.67 -50.32
CA ALA D 196 33.07 10.25 -50.18
C ALA D 196 32.45 10.62 -51.53
N PHE D 197 33.12 11.48 -52.29
CA PHE D 197 32.56 11.96 -53.54
C PHE D 197 32.67 10.94 -54.67
N GLY D 198 33.74 10.14 -54.68
CA GLY D 198 33.91 9.09 -55.66
C GLY D 198 34.82 9.42 -56.82
N SER D 199 35.15 10.70 -57.04
CA SER D 199 36.01 11.11 -58.13
C SER D 199 37.10 12.03 -57.59
N GLY D 200 38.34 11.79 -58.02
CA GLY D 200 39.47 12.52 -57.50
C GLY D 200 40.15 13.43 -58.50
N GLU D 201 39.38 14.13 -59.32
CA GLU D 201 39.95 15.09 -60.26
C GLU D 201 40.45 16.31 -59.49
N ILE D 202 41.76 16.50 -59.48
CA ILE D 202 42.41 17.52 -58.66
C ILE D 202 43.06 18.55 -59.57
N TYR D 203 42.71 19.82 -59.36
CA TYR D 203 43.37 20.94 -60.03
C TYR D 203 44.07 21.72 -58.92
N VAL D 204 45.38 21.85 -58.99
CA VAL D 204 46.12 22.60 -57.99
C VAL D 204 46.17 24.07 -58.42
N GLU D 205 45.68 24.95 -57.56
CA GLU D 205 45.59 26.37 -57.85
C GLU D 205 46.51 27.14 -56.92
N LYS D 206 46.89 28.34 -57.35
CA LYS D 206 47.74 29.19 -56.54
C LYS D 206 46.96 29.77 -55.36
N TYR D 207 47.69 30.16 -54.33
CA TYR D 207 47.11 30.71 -53.11
C TYR D 207 47.37 32.21 -53.06
N ILE D 208 46.34 32.95 -52.63
CA ILE D 208 46.42 34.39 -52.43
C ILE D 208 46.26 34.66 -50.94
N GLU D 209 47.21 35.39 -50.37
CA GLU D 209 47.17 35.67 -48.94
C GLU D 209 46.02 36.63 -48.61
N ASN D 210 45.40 36.39 -47.44
CA ASN D 210 44.28 37.09 -46.79
C ASN D 210 43.28 37.73 -47.74
N PRO D 211 42.56 36.94 -48.55
CA PRO D 211 41.64 37.54 -49.53
C PRO D 211 40.28 37.83 -48.91
N LYS D 212 39.40 38.41 -49.74
CA LYS D 212 38.04 38.72 -49.34
C LYS D 212 37.08 37.88 -50.17
N HIS D 213 36.19 37.16 -49.50
CA HIS D 213 35.23 36.29 -50.17
C HIS D 213 33.95 37.09 -50.45
N ILE D 214 33.69 37.35 -51.73
CA ILE D 214 32.54 38.13 -52.16
C ILE D 214 31.66 37.24 -53.03
N GLU D 215 30.37 37.21 -52.72
CA GLU D 215 29.40 36.42 -53.46
C GLU D 215 28.29 37.33 -53.99
N VAL D 216 27.92 37.15 -55.24
CA VAL D 216 26.91 37.96 -55.91
C VAL D 216 25.70 37.08 -56.19
N GLN D 217 24.55 37.45 -55.63
CA GLN D 217 23.31 36.72 -55.86
C GLN D 217 22.79 37.01 -57.26
N ILE D 218 22.43 35.96 -57.99
CA ILE D 218 21.96 36.06 -59.37
C ILE D 218 20.55 35.52 -59.45
N LEU D 219 19.65 36.28 -60.07
CA LEU D 219 18.30 35.83 -60.39
C LEU D 219 18.10 35.95 -61.89
N GLY D 220 17.79 34.83 -62.55
CA GLY D 220 17.54 34.83 -63.98
C GLY D 220 16.28 34.07 -64.34
N ASP D 221 15.49 34.61 -65.26
CA ASP D 221 14.24 34.00 -65.64
C ASP D 221 14.41 33.16 -66.90
N ARG D 222 13.28 32.67 -67.43
CA ARG D 222 13.28 31.88 -68.65
C ARG D 222 13.56 32.73 -69.88
N HIS D 223 13.14 33.99 -69.88
CA HIS D 223 13.20 34.85 -71.06
C HIS D 223 14.60 35.40 -71.33
N GLY D 224 15.56 35.15 -70.44
CA GLY D 224 16.90 35.64 -70.63
C GLY D 224 17.28 36.85 -69.80
N ASN D 225 16.31 37.47 -69.12
CA ASN D 225 16.64 38.57 -68.21
C ASN D 225 17.37 38.01 -66.99
N ILE D 226 18.65 38.39 -66.86
CA ILE D 226 19.49 37.93 -65.77
C ILE D 226 19.85 39.14 -64.93
N ILE D 227 19.35 39.19 -63.70
CA ILE D 227 19.54 40.31 -62.79
C ILE D 227 20.33 39.82 -61.60
N HIS D 228 21.39 40.55 -61.24
CA HIS D 228 22.02 40.37 -59.94
C HIS D 228 21.30 41.25 -58.93
N LEU D 229 21.09 40.72 -57.73
CA LEU D 229 20.46 41.53 -56.68
C LEU D 229 21.47 42.51 -56.11
N HIS D 230 22.49 42.00 -55.45
CA HIS D 230 23.62 42.75 -54.92
C HIS D 230 24.71 41.74 -54.57
N GLU D 231 25.76 42.21 -53.90
CA GLU D 231 26.83 41.34 -53.45
C GLU D 231 26.78 41.19 -51.93
N ARG D 232 27.43 40.14 -51.45
CA ARG D 232 27.54 39.89 -50.01
C ARG D 232 28.97 39.48 -49.70
N ASP D 233 29.38 39.75 -48.46
CA ASP D 233 30.74 39.48 -48.00
C ASP D 233 30.70 38.30 -47.04
N CYS D 234 31.36 37.20 -47.43
CA CYS D 234 31.47 36.01 -46.61
C CYS D 234 32.90 35.79 -46.13
N SER D 235 33.59 36.88 -45.77
CA SER D 235 35.02 36.80 -45.49
C SER D 235 35.31 36.13 -44.16
N VAL D 236 34.42 36.30 -43.18
CA VAL D 236 34.64 35.78 -41.84
C VAL D 236 34.49 34.26 -41.88
N GLN D 237 35.61 33.54 -41.90
CA GLN D 237 35.60 32.10 -42.10
C GLN D 237 36.61 31.44 -41.18
N ARG D 238 36.24 30.26 -40.68
CA ARG D 238 37.13 29.42 -39.88
C ARG D 238 37.25 28.05 -40.54
N ARG D 239 38.48 27.64 -40.82
CA ARG D 239 38.79 26.38 -41.49
C ARG D 239 38.04 26.26 -42.82
N ASN D 240 38.02 27.36 -43.58
CA ASN D 240 37.32 27.51 -44.84
C ASN D 240 35.82 27.25 -44.72
N GLN D 241 35.24 27.48 -43.54
CA GLN D 241 33.81 27.37 -43.32
C GLN D 241 33.29 28.73 -42.87
N LYS D 242 32.21 29.18 -43.51
CA LYS D 242 31.68 30.51 -43.25
C LYS D 242 31.06 30.59 -41.86
N VAL D 243 31.27 31.72 -41.18
CA VAL D 243 30.77 31.90 -39.82
C VAL D 243 29.73 33.01 -39.81
N ILE D 244 30.16 34.23 -40.15
CA ILE D 244 29.28 35.40 -40.17
C ILE D 244 29.40 36.06 -41.53
N GLU D 245 28.27 36.45 -42.10
CA GLU D 245 28.21 37.03 -43.44
C GLU D 245 27.66 38.44 -43.38
N ILE D 246 28.15 39.30 -44.28
CA ILE D 246 27.82 40.72 -44.31
C ILE D 246 27.32 41.06 -45.71
N ALA D 247 26.16 41.71 -45.79
CA ALA D 247 25.64 42.20 -47.05
C ALA D 247 25.18 43.64 -46.86
N PRO D 248 25.66 44.59 -47.68
CA PRO D 248 26.66 44.45 -48.73
C PRO D 248 28.07 44.52 -48.17
N ALA D 249 29.09 44.42 -49.01
CA ALA D 249 30.48 44.49 -48.56
C ALA D 249 30.81 45.91 -48.15
N VAL D 250 30.77 46.19 -46.84
CA VAL D 250 31.05 47.53 -46.36
C VAL D 250 32.53 47.89 -46.44
N GLY D 251 33.41 46.90 -46.52
CA GLY D 251 34.83 47.14 -46.64
C GLY D 251 35.33 47.47 -48.03
N LEU D 252 34.44 47.45 -49.02
CA LEU D 252 34.81 47.72 -50.41
C LEU D 252 34.08 48.97 -50.89
N SER D 253 34.71 49.66 -51.84
CA SER D 253 34.11 50.84 -52.44
C SER D 253 32.91 50.44 -53.30
N PRO D 254 31.88 51.30 -53.38
CA PRO D 254 30.67 50.94 -54.13
C PRO D 254 30.90 50.69 -55.62
N ASP D 255 31.80 51.43 -56.26
CA ASP D 255 32.03 51.24 -57.69
C ASP D 255 32.74 49.91 -57.96
N PHE D 256 33.66 49.51 -57.08
CA PHE D 256 34.30 48.21 -57.23
C PHE D 256 33.30 47.07 -57.03
N ARG D 257 32.40 47.20 -56.07
CA ARG D 257 31.35 46.20 -55.87
C ARG D 257 30.43 46.13 -57.07
N ASN D 258 30.10 47.29 -57.66
CA ASN D 258 29.29 47.31 -58.87
C ASN D 258 30.02 46.65 -60.04
N GLU D 259 31.33 46.84 -60.12
CA GLU D 259 32.13 46.19 -61.16
C GLU D 259 32.14 44.66 -60.98
N ILE D 260 32.28 44.19 -59.75
CA ILE D 260 32.23 42.75 -59.47
C ILE D 260 30.85 42.20 -59.82
N CYS D 261 29.79 42.94 -59.48
CA CYS D 261 28.44 42.50 -59.82
C CYS D 261 28.21 42.47 -61.32
N GLU D 262 28.77 43.45 -62.05
CA GLU D 262 28.68 43.43 -63.52
C GLU D 262 29.42 42.24 -64.10
N ALA D 263 30.58 41.90 -63.54
CA ALA D 263 31.32 40.73 -64.02
C ALA D 263 30.53 39.44 -63.75
N ALA D 264 29.91 39.34 -62.58
CA ALA D 264 29.10 38.16 -62.26
C ALA D 264 27.90 38.03 -63.18
N VAL D 265 27.19 39.14 -63.44
CA VAL D 265 26.02 39.07 -64.31
C VAL D 265 26.44 38.84 -65.75
N LYS D 266 27.64 39.29 -66.15
CA LYS D 266 28.15 38.99 -67.48
C LYS D 266 28.49 37.52 -67.62
N LEU D 267 29.09 36.93 -66.58
CA LEU D 267 29.37 35.49 -66.57
C LEU D 267 28.08 34.69 -66.67
N CYS D 268 27.04 35.11 -65.95
CA CYS D 268 25.78 34.39 -66.02
C CYS D 268 25.07 34.61 -67.36
N LYS D 269 25.21 35.80 -67.96
CA LYS D 269 24.62 36.05 -69.26
C LYS D 269 25.33 35.28 -70.36
N ASN D 270 26.61 34.97 -70.17
CA ASN D 270 27.33 34.14 -71.14
C ASN D 270 26.73 32.75 -71.24
N VAL D 271 26.33 32.17 -70.11
CA VAL D 271 25.78 30.82 -70.09
C VAL D 271 24.25 30.81 -70.08
N GLY D 272 23.61 31.98 -70.02
CA GLY D 272 22.16 32.05 -69.96
C GLY D 272 21.57 31.43 -68.72
N TYR D 273 22.14 31.77 -67.56
CA TYR D 273 21.74 31.15 -66.30
C TYR D 273 20.32 31.53 -65.91
N VAL D 274 19.57 30.55 -65.40
CA VAL D 274 18.20 30.76 -64.98
C VAL D 274 18.07 30.43 -63.50
N ASN D 275 16.98 30.91 -62.91
CA ASN D 275 16.60 30.76 -61.50
C ASN D 275 17.68 31.38 -60.62
N ALA D 276 17.81 30.90 -59.38
CA ALA D 276 18.67 31.53 -58.38
C ALA D 276 20.03 30.85 -58.33
N GLY D 277 21.06 31.67 -58.16
CA GLY D 277 22.43 31.17 -58.02
C GLY D 277 23.33 32.28 -57.53
N THR D 278 24.55 31.89 -57.17
CA THR D 278 25.53 32.84 -56.67
C THR D 278 26.86 32.62 -57.39
N VAL D 279 27.64 33.68 -57.48
CA VAL D 279 28.96 33.65 -58.09
C VAL D 279 29.96 34.01 -57.01
N GLU D 280 30.79 33.04 -56.63
CA GLU D 280 31.80 33.26 -55.59
C GLU D 280 33.03 33.92 -56.17
N PHE D 281 33.57 34.90 -55.44
CA PHE D 281 34.73 35.65 -55.89
C PHE D 281 35.75 35.77 -54.75
N LEU D 282 37.00 35.99 -55.13
CA LEU D 282 38.06 36.32 -54.20
C LEU D 282 38.59 37.72 -54.53
N VAL D 283 38.59 38.60 -53.54
CA VAL D 283 38.93 40.00 -53.74
C VAL D 283 40.19 40.32 -52.93
N LYS D 284 41.19 40.88 -53.61
CA LYS D 284 42.42 41.31 -52.95
C LYS D 284 43.08 42.38 -53.78
N ASP D 285 43.17 43.60 -53.23
CA ASP D 285 43.79 44.76 -53.87
C ASP D 285 43.15 45.06 -55.22
N ASP D 286 41.85 45.40 -55.17
CA ASP D 286 40.99 45.78 -56.31
C ASP D 286 41.10 44.82 -57.49
N LYS D 287 41.36 43.54 -57.21
CA LYS D 287 41.48 42.51 -58.23
C LYS D 287 40.62 41.32 -57.80
N PHE D 288 39.48 41.15 -58.45
CA PHE D 288 38.58 40.04 -58.17
C PHE D 288 38.88 38.87 -59.10
N TYR D 289 38.66 37.66 -58.59
CA TYR D 289 38.85 36.45 -59.38
C TYR D 289 37.72 35.47 -59.12
N PHE D 290 37.26 34.82 -60.19
CA PHE D 290 36.25 33.79 -60.08
C PHE D 290 36.82 32.55 -59.39
N ILE D 291 36.04 31.97 -58.48
CA ILE D 291 36.46 30.72 -57.86
C ILE D 291 35.39 29.65 -57.96
N GLU D 292 34.11 30.04 -58.00
CA GLU D 292 33.02 29.07 -57.95
C GLU D 292 31.70 29.73 -58.29
N VAL D 293 30.76 28.90 -58.76
CA VAL D 293 29.34 29.23 -58.82
C VAL D 293 28.57 28.09 -58.18
N ASN D 294 27.70 28.43 -57.22
CA ASN D 294 26.81 27.43 -56.64
C ASN D 294 25.45 27.52 -57.32
N PRO D 295 25.02 26.49 -58.04
CA PRO D 295 23.74 26.55 -58.78
C PRO D 295 22.54 26.22 -57.88
N ARG D 296 22.36 27.02 -56.83
CA ARG D 296 21.33 26.76 -55.84
C ARG D 296 21.07 28.03 -55.05
N VAL D 297 19.93 28.05 -54.36
CA VAL D 297 19.69 29.08 -53.35
C VAL D 297 20.57 28.78 -52.15
N GLN D 298 21.22 29.81 -51.62
CA GLN D 298 22.22 29.64 -50.57
C GLN D 298 21.61 29.94 -49.21
N VAL D 299 22.37 29.58 -48.17
CA VAL D 299 22.00 29.83 -46.77
C VAL D 299 21.97 31.32 -46.50
N GLU D 300 22.87 32.06 -47.16
CA GLU D 300 23.05 33.49 -46.94
C GLU D 300 22.21 34.34 -47.87
N HIS D 301 21.12 33.79 -48.41
CA HIS D 301 20.22 34.58 -49.25
C HIS D 301 19.39 35.56 -48.43
N THR D 302 19.28 35.33 -47.12
CA THR D 302 18.39 36.13 -46.29
C THR D 302 18.87 37.57 -46.18
N ILE D 303 20.18 37.79 -46.04
CA ILE D 303 20.70 39.15 -45.95
C ILE D 303 20.55 39.88 -47.28
N THR D 304 20.68 39.17 -48.40
CA THR D 304 20.42 39.77 -49.71
C THR D 304 18.95 40.18 -49.83
N GLU D 305 18.04 39.33 -49.33
CA GLU D 305 16.63 39.68 -49.29
C GLU D 305 16.39 40.92 -48.43
N LEU D 306 17.07 41.00 -47.29
CA LEU D 306 16.89 42.14 -46.39
C LEU D 306 17.40 43.44 -46.99
N ILE D 307 18.55 43.40 -47.66
CA ILE D 307 19.12 44.64 -48.20
C ILE D 307 18.51 45.01 -49.55
N THR D 308 17.88 44.08 -50.25
CA THR D 308 17.27 44.41 -51.54
C THR D 308 15.75 44.50 -51.48
N GLY D 309 15.11 43.89 -50.49
CA GLY D 309 13.67 43.85 -50.44
C GLY D 309 13.05 42.83 -51.37
N VAL D 310 13.84 41.99 -52.01
CA VAL D 310 13.38 41.03 -53.00
C VAL D 310 13.34 39.66 -52.36
N ASP D 311 12.17 39.02 -52.39
CA ASP D 311 12.01 37.67 -51.87
C ASP D 311 12.67 36.69 -52.84
N ILE D 312 13.79 36.11 -52.42
CA ILE D 312 14.57 35.25 -53.31
C ILE D 312 13.86 33.93 -53.57
N VAL D 313 13.30 33.32 -52.53
CA VAL D 313 12.64 32.02 -52.69
C VAL D 313 11.34 32.16 -53.48
N GLN D 314 10.58 33.23 -53.23
CA GLN D 314 9.36 33.48 -53.99
C GLN D 314 9.67 33.71 -55.46
N ALA D 315 10.70 34.51 -55.76
CA ALA D 315 11.11 34.73 -57.14
C ALA D 315 11.65 33.45 -57.77
N GLN D 316 12.31 32.61 -56.98
CA GLN D 316 12.77 31.31 -57.49
C GLN D 316 11.60 30.44 -57.92
N ILE D 317 10.56 30.38 -57.09
CA ILE D 317 9.37 29.60 -57.42
C ILE D 317 8.68 30.17 -58.65
N LEU D 318 8.57 31.50 -58.72
CA LEU D 318 7.90 32.15 -59.85
C LEU D 318 8.68 31.95 -61.15
N ILE D 319 10.01 31.95 -61.08
CA ILE D 319 10.83 31.65 -62.25
C ILE D 319 10.65 30.19 -62.65
N ALA D 320 10.56 29.29 -61.67
CA ALA D 320 10.24 27.90 -61.95
C ALA D 320 8.86 27.73 -62.57
N GLN D 321 7.96 28.70 -62.36
CA GLN D 321 6.69 28.73 -63.07
C GLN D 321 6.81 29.33 -64.47
N GLY D 322 8.01 29.65 -64.92
CA GLY D 322 8.19 30.27 -66.22
C GLY D 322 7.64 31.67 -66.33
N LYS D 323 7.86 32.51 -65.31
CA LYS D 323 7.38 33.88 -65.32
C LYS D 323 8.55 34.84 -65.48
N ASP D 324 8.30 35.94 -66.16
CA ASP D 324 9.32 36.96 -66.38
C ASP D 324 9.62 37.72 -65.09
N LEU D 325 10.89 38.10 -64.93
CA LEU D 325 11.33 38.75 -63.71
C LEU D 325 10.71 40.13 -63.53
N HIS D 326 10.50 40.85 -64.62
CA HIS D 326 9.99 42.21 -64.55
C HIS D 326 8.54 42.36 -65.00
N ARG D 327 7.95 41.34 -65.62
CA ARG D 327 6.59 41.48 -66.11
C ARG D 327 5.56 41.08 -65.06
N GLU D 328 5.73 39.91 -64.45
CA GLU D 328 4.77 39.40 -63.47
C GLU D 328 5.30 39.38 -62.05
N ILE D 329 6.60 39.10 -61.86
CA ILE D 329 7.17 39.13 -60.51
C ILE D 329 7.20 40.56 -59.97
N GLY D 330 7.49 41.53 -60.84
CA GLY D 330 7.48 42.92 -60.45
C GLY D 330 8.81 43.47 -59.99
N LEU D 331 9.90 42.73 -60.15
CA LEU D 331 11.21 43.25 -59.79
C LEU D 331 11.61 44.36 -60.76
N PRO D 332 12.18 45.46 -60.27
CA PRO D 332 12.58 46.55 -61.16
C PRO D 332 13.81 46.22 -61.98
N ALA D 333 14.25 47.16 -62.82
CA ALA D 333 15.44 46.95 -63.62
C ALA D 333 16.69 47.10 -62.74
N GLN D 334 17.86 47.05 -63.39
CA GLN D 334 19.11 46.86 -62.66
C GLN D 334 19.48 48.07 -61.82
N SER D 335 19.39 49.27 -62.39
CA SER D 335 19.77 50.47 -61.66
C SER D 335 18.71 50.91 -60.65
N GLU D 336 17.53 50.31 -60.68
CA GLU D 336 16.46 50.64 -59.74
C GLU D 336 16.37 49.65 -58.58
N ILE D 337 17.31 48.72 -58.46
CA ILE D 337 17.33 47.79 -57.34
C ILE D 337 17.82 48.55 -56.11
N PRO D 338 17.03 48.61 -55.04
CA PRO D 338 17.43 49.42 -53.87
C PRO D 338 18.41 48.67 -52.98
N LEU D 339 19.31 49.42 -52.36
CA LEU D 339 20.21 48.91 -51.33
C LEU D 339 19.69 49.44 -50.00
N LEU D 340 18.92 48.61 -49.30
CA LEU D 340 18.26 49.02 -48.06
C LEU D 340 19.16 48.72 -46.89
N GLY D 341 20.18 49.56 -46.69
CA GLY D 341 21.06 49.41 -45.56
C GLY D 341 21.98 48.21 -45.66
N SER D 342 22.42 47.74 -44.50
CA SER D 342 23.35 46.63 -44.39
C SER D 342 22.77 45.56 -43.47
N ALA D 343 23.17 44.32 -43.70
CA ALA D 343 22.64 43.19 -42.95
C ALA D 343 23.75 42.24 -42.54
N ILE D 344 23.52 41.53 -41.45
CA ILE D 344 24.48 40.58 -40.86
C ILE D 344 23.74 39.28 -40.57
N GLN D 345 24.29 38.16 -41.04
CA GLN D 345 23.74 36.84 -40.77
C GLN D 345 24.68 36.07 -39.85
N CYS D 346 24.15 35.55 -38.75
CA CYS D 346 24.88 34.68 -37.84
C CYS D 346 24.20 33.33 -37.76
N ARG D 347 24.94 32.26 -38.00
CA ARG D 347 24.43 30.91 -37.86
C ARG D 347 24.78 30.40 -36.47
N ILE D 348 23.76 30.15 -35.65
CA ILE D 348 23.94 29.60 -34.32
C ILE D 348 23.85 28.08 -34.43
N THR D 349 24.97 27.40 -34.21
CA THR D 349 25.07 25.96 -34.35
C THR D 349 25.34 25.33 -32.98
N THR D 350 25.44 24.01 -32.98
CA THR D 350 25.77 23.25 -31.78
C THR D 350 27.25 22.98 -31.64
N GLU D 351 28.08 23.58 -32.49
CA GLU D 351 29.53 23.44 -32.36
C GLU D 351 30.00 24.12 -31.08
N ASP D 352 30.81 23.41 -30.30
CA ASP D 352 31.28 23.93 -29.02
C ASP D 352 32.67 24.50 -29.21
N PRO D 353 32.84 25.82 -29.19
CA PRO D 353 34.18 26.40 -29.40
C PRO D 353 35.16 26.11 -28.28
N GLN D 354 34.68 25.70 -27.11
CA GLN D 354 35.55 25.22 -26.04
C GLN D 354 35.94 23.76 -26.22
N ASN D 355 35.43 23.09 -27.26
CA ASN D 355 35.71 21.69 -27.52
C ASN D 355 36.18 21.49 -28.96
N GLY D 356 36.89 22.48 -29.50
CA GLY D 356 37.36 22.39 -30.87
C GLY D 356 36.27 22.41 -31.91
N PHE D 357 35.17 23.11 -31.64
CA PHE D 357 34.01 23.23 -32.54
C PHE D 357 33.43 21.88 -32.91
N LEU D 358 33.43 20.96 -31.95
CA LEU D 358 32.73 19.69 -32.13
C LEU D 358 31.23 19.91 -31.97
N PRO D 359 30.40 19.35 -32.85
CA PRO D 359 28.95 19.55 -32.74
C PRO D 359 28.38 18.81 -31.55
N ASP D 360 27.84 19.56 -30.59
CA ASP D 360 27.26 18.98 -29.39
C ASP D 360 25.89 18.39 -29.69
N THR D 361 25.51 17.39 -28.90
CA THR D 361 24.19 16.79 -28.95
C THR D 361 23.56 16.85 -27.57
N GLY D 362 22.31 16.43 -27.47
CA GLY D 362 21.62 16.40 -26.21
C GLY D 362 20.23 16.97 -26.33
N LYS D 363 19.68 17.39 -25.20
CA LYS D 363 18.32 17.89 -25.11
C LYS D 363 18.33 19.39 -24.85
N ILE D 364 17.56 20.13 -25.64
CA ILE D 364 17.39 21.57 -25.44
C ILE D 364 16.28 21.75 -24.41
N ASP D 365 16.65 22.13 -23.19
CA ASP D 365 15.67 22.36 -22.14
C ASP D 365 15.20 23.81 -22.08
N THR D 366 15.92 24.74 -22.69
CA THR D 366 15.55 26.14 -22.68
C THR D 366 15.80 26.73 -24.05
N TYR D 367 14.81 27.47 -24.55
CA TYR D 367 14.97 28.21 -25.81
C TYR D 367 14.19 29.51 -25.72
N ARG D 368 14.89 30.63 -25.81
CA ARG D 368 14.28 31.94 -25.87
C ARG D 368 14.83 32.67 -27.09
N SER D 369 13.95 33.12 -27.97
CA SER D 369 14.39 33.81 -29.15
C SER D 369 14.09 35.30 -29.04
N PRO D 370 14.99 36.16 -29.51
CA PRO D 370 14.77 37.60 -29.44
C PRO D 370 13.87 38.07 -30.58
N GLY D 371 13.69 39.38 -30.65
CA GLY D 371 12.87 39.96 -31.70
C GLY D 371 12.99 41.46 -31.71
N GLY D 372 12.02 42.10 -32.35
CA GLY D 372 11.97 43.54 -32.40
C GLY D 372 12.41 44.10 -33.74
N PHE D 373 12.83 45.37 -33.70
CA PHE D 373 13.18 46.08 -34.92
C PHE D 373 14.51 45.58 -35.48
N GLY D 374 14.52 45.33 -36.79
CA GLY D 374 15.74 44.97 -37.47
C GLY D 374 16.20 43.54 -37.28
N ILE D 375 15.37 42.67 -36.71
CA ILE D 375 15.76 41.31 -36.38
C ILE D 375 14.95 40.35 -37.24
N ARG D 376 15.64 39.43 -37.92
CA ARG D 376 15.00 38.40 -38.72
C ARG D 376 15.46 37.04 -38.24
N LEU D 377 14.51 36.13 -38.03
CA LEU D 377 14.80 34.80 -37.50
C LEU D 377 14.38 33.74 -38.50
N ASP D 378 15.26 32.78 -38.74
CA ASP D 378 14.98 31.61 -39.57
C ASP D 378 15.39 30.39 -38.74
N VAL D 379 14.47 29.92 -37.91
CA VAL D 379 14.78 28.87 -36.96
C VAL D 379 14.71 27.51 -37.65
N GLY D 380 15.58 26.59 -37.24
CA GLY D 380 15.51 25.23 -37.70
C GLY D 380 14.78 24.35 -36.69
N ASN D 381 15.52 23.48 -36.01
CA ASN D 381 14.98 22.65 -34.94
C ASN D 381 15.70 23.03 -33.66
N ALA D 382 15.17 24.03 -32.95
CA ALA D 382 15.81 24.57 -31.76
C ALA D 382 14.85 24.78 -30.60
N TYR D 383 13.62 24.27 -30.69
CA TYR D 383 12.62 24.51 -29.67
C TYR D 383 12.97 23.78 -28.38
N ALA D 384 12.31 24.21 -27.29
CA ALA D 384 12.53 23.58 -25.99
C ALA D 384 11.96 22.16 -26.00
N GLY D 385 12.76 21.21 -25.51
CA GLY D 385 12.40 19.82 -25.54
C GLY D 385 12.90 19.06 -26.75
N TYR D 386 13.50 19.75 -27.73
CA TYR D 386 14.03 19.06 -28.90
C TYR D 386 15.33 18.35 -28.55
N GLU D 387 15.45 17.11 -29.02
CA GLU D 387 16.64 16.30 -28.82
C GLU D 387 17.54 16.44 -30.04
N VAL D 388 18.70 17.05 -29.85
CA VAL D 388 19.63 17.26 -30.95
C VAL D 388 20.36 15.95 -31.23
N THR D 389 20.28 15.49 -32.48
CA THR D 389 20.87 14.25 -32.94
C THR D 389 22.16 14.52 -33.70
N PRO D 390 23.13 13.59 -33.67
CA PRO D 390 24.36 13.76 -34.45
C PRO D 390 24.22 13.41 -35.93
N TYR D 391 23.01 13.18 -36.43
CA TYR D 391 22.82 12.76 -37.80
C TYR D 391 22.93 13.93 -38.77
N PHE D 392 22.20 15.01 -38.50
CA PHE D 392 22.10 16.13 -39.41
C PHE D 392 23.11 17.21 -39.05
N ASP D 393 22.99 18.38 -39.68
CA ASP D 393 23.93 19.46 -39.47
C ASP D 393 23.76 20.08 -38.09
N SER D 394 24.77 20.85 -37.68
CA SER D 394 24.82 21.40 -36.34
C SER D 394 23.93 22.62 -36.16
N LEU D 395 23.33 23.14 -37.22
CA LEU D 395 22.63 24.42 -37.17
C LEU D 395 21.37 24.35 -36.32
N LEU D 396 21.23 25.29 -35.40
CA LEU D 396 20.03 25.45 -34.57
C LEU D 396 19.10 26.51 -35.12
N VAL D 397 19.61 27.72 -35.36
CA VAL D 397 18.78 28.85 -35.77
C VAL D 397 19.67 29.82 -36.54
N LYS D 398 19.14 30.35 -37.64
CA LYS D 398 19.76 31.44 -38.36
C LYS D 398 19.08 32.75 -37.97
N VAL D 399 19.87 33.70 -37.50
CA VAL D 399 19.36 35.02 -37.14
C VAL D 399 20.04 36.05 -38.04
N CYS D 400 19.25 36.95 -38.61
CA CYS D 400 19.74 37.99 -39.49
C CYS D 400 19.34 39.34 -38.94
N THR D 401 20.30 40.26 -38.89
CA THR D 401 20.09 41.60 -38.34
C THR D 401 20.36 42.62 -39.44
N PHE D 402 19.38 43.48 -39.69
CA PHE D 402 19.48 44.48 -40.75
C PHE D 402 19.25 45.87 -40.17
N ALA D 403 19.99 46.85 -40.69
CA ALA D 403 19.85 48.24 -40.29
C ALA D 403 20.37 49.12 -41.42
N ASN D 404 20.03 50.40 -41.36
CA ASN D 404 20.49 51.33 -42.38
C ASN D 404 21.99 51.61 -42.25
N GLU D 405 22.53 51.51 -41.03
CA GLU D 405 23.94 51.74 -40.78
C GLU D 405 24.55 50.46 -40.22
N PHE D 406 25.78 50.14 -40.65
CA PHE D 406 26.40 48.88 -40.31
C PHE D 406 26.71 48.78 -38.82
N SER D 407 27.03 49.91 -38.18
CA SER D 407 27.30 49.90 -36.74
C SER D 407 26.05 49.56 -35.95
N ASP D 408 24.89 50.06 -36.38
CA ASP D 408 23.63 49.70 -35.75
C ASP D 408 23.35 48.21 -35.92
N SER D 409 23.69 47.65 -37.09
CA SER D 409 23.53 46.22 -37.31
C SER D 409 24.43 45.41 -36.38
N VAL D 410 25.68 45.87 -36.18
CA VAL D 410 26.60 45.18 -35.27
C VAL D 410 26.06 45.21 -33.84
N ARG D 411 25.56 46.38 -33.43
CA ARG D 411 25.02 46.53 -32.07
C ARG D 411 23.78 45.66 -31.86
N LYS D 412 22.88 45.62 -32.84
CA LYS D 412 21.69 44.78 -32.71
C LYS D 412 22.04 43.30 -32.75
N MET D 413 23.06 42.91 -33.53
CA MET D 413 23.49 41.52 -33.54
C MET D 413 24.09 41.13 -32.20
N ASP D 414 24.84 42.04 -31.57
CA ASP D 414 25.36 41.77 -30.23
C ASP D 414 24.23 41.65 -29.21
N ARG D 415 23.22 42.51 -29.33
CA ARG D 415 22.05 42.43 -28.45
C ARG D 415 21.32 41.10 -28.64
N VAL D 416 21.20 40.65 -29.88
CA VAL D 416 20.54 39.37 -30.16
C VAL D 416 21.34 38.22 -29.56
N LEU D 417 22.65 38.22 -29.75
CA LEU D 417 23.48 37.12 -29.26
C LEU D 417 23.51 37.08 -27.74
N HIS D 418 23.38 38.23 -27.08
CA HIS D 418 23.28 38.23 -25.63
C HIS D 418 21.87 37.87 -25.16
N GLU D 419 20.85 38.23 -25.93
CA GLU D 419 19.48 37.91 -25.56
C GLU D 419 19.16 36.43 -25.80
N PHE D 420 19.85 35.82 -26.77
CA PHE D 420 19.57 34.44 -27.14
C PHE D 420 19.95 33.50 -26.01
N ARG D 421 19.07 32.53 -25.72
CA ARG D 421 19.26 31.61 -24.61
C ARG D 421 18.93 30.20 -25.07
N ILE D 422 19.96 29.39 -25.29
CA ILE D 422 19.81 27.97 -25.61
C ILE D 422 20.61 27.21 -24.57
N ARG D 423 19.92 26.48 -23.70
CA ARG D 423 20.54 25.74 -22.62
C ARG D 423 20.30 24.25 -22.79
N GLY D 424 21.18 23.46 -22.19
CA GLY D 424 21.15 22.01 -22.34
C GLY D 424 22.01 21.48 -23.47
N VAL D 425 22.51 22.36 -24.33
CA VAL D 425 23.44 21.99 -25.39
C VAL D 425 24.39 23.16 -25.60
N LYS D 426 25.61 22.85 -26.04
CA LYS D 426 26.59 23.90 -26.27
C LYS D 426 26.35 24.57 -27.61
N THR D 427 26.63 25.87 -27.66
CA THR D 427 26.46 26.66 -28.88
C THR D 427 27.74 27.42 -29.17
N ASN D 428 27.81 27.98 -30.37
CA ASN D 428 28.91 28.84 -30.78
C ASN D 428 28.63 30.31 -30.49
N ILE D 429 27.67 30.59 -29.59
CA ILE D 429 27.30 31.98 -29.30
C ILE D 429 28.43 32.82 -28.71
N PRO D 430 29.21 32.34 -27.73
CA PRO D 430 30.36 33.17 -27.29
C PRO D 430 31.39 33.44 -28.38
N PHE D 431 31.61 32.47 -29.28
CA PHE D 431 32.51 32.71 -30.41
C PHE D 431 31.95 33.78 -31.34
N LEU D 432 30.64 33.74 -31.59
CA LEU D 432 30.01 34.77 -32.41
C LEU D 432 30.09 36.14 -31.74
N ILE D 433 29.94 36.19 -30.42
CA ILE D 433 30.07 37.45 -29.68
C ILE D 433 31.49 37.99 -29.81
N ASN D 434 32.49 37.12 -29.68
CA ASN D 434 33.88 37.53 -29.81
C ASN D 434 34.18 38.06 -31.22
N VAL D 435 33.62 37.41 -32.24
CA VAL D 435 33.83 37.89 -33.62
C VAL D 435 33.11 39.23 -33.82
N ILE D 436 31.92 39.39 -33.25
CA ILE D 436 31.18 40.65 -33.36
C ILE D 436 31.94 41.80 -32.71
N ALA D 437 32.53 41.55 -31.53
CA ALA D 437 33.22 42.59 -30.79
C ALA D 437 34.55 42.99 -31.41
N ASN D 438 35.07 42.24 -32.37
CA ASN D 438 36.36 42.55 -32.97
C ASN D 438 36.26 43.80 -33.85
N GLU D 439 37.31 44.62 -33.81
CA GLU D 439 37.33 45.86 -34.58
C GLU D 439 37.57 45.64 -36.06
N ASN D 440 38.15 44.49 -36.45
CA ASN D 440 38.26 44.17 -37.87
C ASN D 440 36.89 43.92 -38.48
N PHE D 441 36.02 43.22 -37.73
CA PHE D 441 34.67 42.94 -38.21
C PHE D 441 33.86 44.23 -38.35
N THR D 442 33.93 45.10 -37.35
CA THR D 442 33.15 46.34 -37.37
C THR D 442 33.65 47.29 -38.46
N SER D 443 34.96 47.29 -38.74
CA SER D 443 35.46 48.07 -39.85
C SER D 443 35.11 47.43 -41.19
N GLY D 444 34.92 46.12 -41.20
CA GLY D 444 34.62 45.41 -42.44
C GLY D 444 35.82 44.98 -43.22
N GLN D 445 37.01 44.96 -42.61
CA GLN D 445 38.25 44.58 -43.29
C GLN D 445 38.66 43.16 -42.94
N ALA D 446 37.73 42.33 -42.47
CA ALA D 446 38.03 40.95 -42.16
C ALA D 446 38.34 40.17 -43.43
N THR D 447 39.29 39.23 -43.33
CA THR D 447 39.68 38.36 -44.43
C THR D 447 39.36 36.92 -44.05
N THR D 448 39.72 35.99 -44.95
CA THR D 448 39.50 34.58 -44.68
C THR D 448 40.48 34.05 -43.62
N THR D 449 41.58 34.76 -43.40
CA THR D 449 42.55 34.42 -42.37
C THR D 449 42.37 35.22 -41.09
N PHE D 450 41.30 36.02 -41.01
CA PHE D 450 41.10 36.88 -39.84
C PHE D 450 40.83 36.06 -38.58
N ILE D 451 40.05 34.99 -38.72
CA ILE D 451 39.72 34.15 -37.57
C ILE D 451 40.97 33.43 -37.05
N ASP D 452 41.78 32.90 -37.97
CA ASP D 452 42.95 32.11 -37.57
C ASP D 452 44.06 32.99 -37.01
N ASN D 453 44.14 34.24 -37.49
CA ASN D 453 45.24 35.10 -37.06
C ASN D 453 44.96 35.74 -35.70
N THR D 454 43.71 35.68 -35.23
CA THR D 454 43.33 36.32 -33.98
C THR D 454 43.08 35.26 -32.91
N PRO D 455 43.98 35.08 -31.95
CA PRO D 455 43.71 34.11 -30.88
C PRO D 455 42.82 34.65 -29.79
N SER D 456 42.54 35.96 -29.79
CA SER D 456 41.70 36.53 -28.74
C SER D 456 40.23 36.19 -28.94
N LEU D 457 39.87 35.74 -30.14
CA LEU D 457 38.49 35.33 -30.40
C LEU D 457 38.12 34.04 -29.67
N PHE D 458 39.11 33.26 -29.24
CA PHE D 458 38.86 32.00 -28.55
C PHE D 458 38.98 32.15 -27.03
N ASN D 459 39.08 33.37 -26.52
CA ASN D 459 39.03 33.63 -25.09
C ASN D 459 37.57 33.91 -24.71
N PHE D 460 36.99 33.02 -23.90
CA PHE D 460 35.58 33.11 -23.60
C PHE D 460 35.37 33.40 -22.12
N PRO D 461 34.57 34.42 -21.78
CA PRO D 461 34.29 34.70 -20.37
C PRO D 461 33.48 33.59 -19.72
N ARG D 462 33.65 33.45 -18.41
CA ARG D 462 32.90 32.45 -17.67
C ARG D 462 31.45 32.91 -17.52
N LEU D 463 30.52 32.00 -17.79
CA LEU D 463 29.10 32.26 -17.65
C LEU D 463 28.62 31.62 -16.35
N ARG D 464 27.88 32.39 -15.56
CA ARG D 464 27.49 31.92 -14.23
C ARG D 464 26.45 30.81 -14.31
N ASP D 465 25.42 31.00 -15.14
CA ASP D 465 24.37 30.01 -15.40
C ASP D 465 23.70 29.55 -14.10
N ARG D 466 23.24 30.54 -13.33
CA ARG D 466 22.80 30.26 -11.97
C ARG D 466 21.44 29.58 -11.91
N GLY D 467 20.58 29.80 -12.91
CA GLY D 467 19.29 29.13 -12.92
C GLY D 467 19.41 27.62 -13.11
N THR D 468 20.26 27.19 -14.04
CA THR D 468 20.48 25.77 -14.27
C THR D 468 21.10 25.10 -13.06
N LYS D 469 22.08 25.75 -12.44
CA LYS D 469 22.72 25.19 -11.25
C LYS D 469 21.75 25.10 -10.08
N THR D 470 20.92 26.12 -9.91
CA THR D 470 19.92 26.10 -8.83
C THR D 470 18.90 25.00 -9.06
N LEU D 471 18.42 24.84 -10.29
CA LEU D 471 17.46 23.77 -10.58
C LEU D 471 18.09 22.40 -10.39
N HIS D 472 19.36 22.25 -10.77
CA HIS D 472 20.07 20.99 -10.58
C HIS D 472 20.21 20.64 -9.10
N TYR D 473 20.58 21.63 -8.28
CA TYR D 473 20.71 21.38 -6.84
C TYR D 473 19.36 21.08 -6.20
N LEU D 474 18.31 21.80 -6.61
CA LEU D 474 16.98 21.57 -6.06
C LEU D 474 16.49 20.17 -6.42
N SER D 475 16.72 19.74 -7.66
CA SER D 475 16.33 18.39 -8.07
C SER D 475 17.13 17.33 -7.33
N MET D 476 18.42 17.57 -7.11
CA MET D 476 19.25 16.61 -6.40
C MET D 476 18.80 16.44 -4.95
N ILE D 477 18.53 17.55 -4.26
CA ILE D 477 18.09 17.46 -2.88
C ILE D 477 16.66 16.92 -2.78
N THR D 478 15.82 17.24 -3.77
CA THR D 478 14.44 16.73 -3.77
C THR D 478 14.41 15.21 -3.96
N VAL D 479 15.26 14.68 -4.85
CA VAL D 479 15.19 13.26 -5.18
C VAL D 479 16.06 12.45 -4.23
N ASN D 480 17.34 12.76 -4.15
CA ASN D 480 18.29 11.95 -3.39
C ASN D 480 18.41 12.35 -1.94
N GLY D 481 17.83 13.49 -1.53
CA GLY D 481 17.91 13.93 -0.16
C GLY D 481 19.24 14.59 0.16
N PHE D 482 19.26 15.27 1.29
CA PHE D 482 20.49 15.89 1.77
C PHE D 482 21.42 14.81 2.33
N PRO D 483 22.71 14.82 1.97
CA PRO D 483 23.61 13.78 2.47
C PRO D 483 23.87 13.92 3.97
N GLY D 484 23.81 12.80 4.67
CA GLY D 484 24.10 12.75 6.08
C GLY D 484 22.91 12.86 7.01
N ILE D 485 21.76 13.30 6.52
CA ILE D 485 20.57 13.44 7.34
C ILE D 485 19.46 12.57 6.78
N GLU D 486 18.44 12.35 7.60
CA GLU D 486 17.28 11.58 7.17
C GLU D 486 16.46 12.37 6.17
N ASN D 487 15.94 11.67 5.16
CA ASN D 487 15.19 12.30 4.07
C ASN D 487 13.73 12.48 4.49
N THR D 488 13.53 13.41 5.42
CA THR D 488 12.19 13.76 5.85
C THR D 488 11.53 14.72 4.84
N GLU D 489 10.21 14.77 4.89
CA GLU D 489 9.46 15.68 4.04
C GLU D 489 9.65 17.12 4.53
N LYS D 490 9.79 18.04 3.58
CA LYS D 490 9.93 19.46 3.91
C LYS D 490 8.69 19.97 4.63
N ARG D 491 8.92 20.69 5.72
CA ARG D 491 7.86 21.21 6.56
C ARG D 491 7.57 22.67 6.25
N HIS D 492 6.36 23.09 6.57
CA HIS D 492 5.97 24.49 6.42
C HIS D 492 6.48 25.29 7.61
N PHE D 493 7.15 26.41 7.32
CA PHE D 493 7.66 27.30 8.33
C PHE D 493 7.14 28.71 8.08
N GLU D 494 6.73 29.38 9.15
CA GLU D 494 6.43 30.79 9.06
C GLU D 494 7.72 31.59 8.90
N GLU D 495 7.58 32.83 8.45
CA GLU D 495 8.72 33.72 8.39
C GLU D 495 9.20 34.03 9.81
N PRO D 496 10.51 34.09 10.04
CA PRO D 496 11.01 34.34 11.39
C PRO D 496 10.64 35.73 11.88
N ARG D 497 10.42 35.84 13.19
CA ARG D 497 9.96 37.07 13.78
C ARG D 497 11.06 38.13 13.76
N GLN D 498 10.88 39.16 12.96
CA GLN D 498 11.83 40.25 12.94
C GLN D 498 11.72 41.07 14.23
N PRO D 499 12.84 41.48 14.81
CA PRO D 499 12.80 42.15 16.11
C PRO D 499 12.26 43.57 16.01
N LEU D 500 11.56 43.98 17.07
CA LEU D 500 11.11 45.37 17.23
C LEU D 500 12.13 46.02 18.15
N LEU D 501 13.17 46.60 17.55
CA LEU D 501 14.28 47.13 18.30
C LEU D 501 14.01 48.55 18.78
N ASN D 502 14.76 48.97 19.79
CA ASN D 502 14.75 50.34 20.30
C ASN D 502 16.16 50.87 20.10
N LEU D 503 16.41 51.45 18.93
CA LEU D 503 17.76 51.86 18.56
C LEU D 503 18.21 53.08 19.34
N GLU D 504 19.48 53.07 19.75
CA GLU D 504 20.12 54.23 20.36
C GLU D 504 21.57 54.24 19.91
N LYS D 505 22.01 55.36 19.34
CA LYS D 505 23.34 55.46 18.80
C LYS D 505 24.37 55.49 19.92
N LYS D 506 25.40 54.64 19.81
CA LYS D 506 26.42 54.52 20.83
C LYS D 506 27.78 54.35 20.18
N LYS D 507 28.83 54.66 20.93
CA LYS D 507 30.20 54.48 20.48
C LYS D 507 30.63 53.05 20.84
N THR D 508 30.89 52.25 19.82
CA THR D 508 31.26 50.85 20.00
C THR D 508 32.78 50.70 20.02
N ALA D 509 33.23 49.50 20.42
CA ALA D 509 34.66 49.20 20.41
C ALA D 509 35.20 49.12 18.99
N LYS D 510 34.35 48.74 18.02
CA LYS D 510 34.77 48.73 16.62
C LYS D 510 35.11 50.12 16.12
N ASN D 511 34.31 51.12 16.54
CA ASN D 511 34.60 52.51 16.15
C ASN D 511 35.92 52.98 16.77
N ILE D 512 36.17 52.61 18.02
CA ILE D 512 37.42 52.98 18.68
C ILE D 512 38.60 52.32 17.99
N LEU D 513 38.46 51.05 17.60
CA LEU D 513 39.52 50.38 16.87
C LEU D 513 39.71 50.95 15.47
N ASP D 514 38.66 51.47 14.86
CA ASP D 514 38.79 52.08 13.54
C ASP D 514 39.47 53.43 13.60
N GLU D 515 39.11 54.27 14.57
CA GLU D 515 39.66 55.62 14.63
C GLU D 515 40.91 55.72 15.49
N GLN D 516 41.15 54.75 16.38
CA GLN D 516 42.34 54.76 17.21
C GLN D 516 42.99 53.38 17.21
N GLY D 517 43.97 53.16 18.08
CA GLY D 517 44.66 51.89 18.14
C GLY D 517 43.91 50.85 18.97
N ALA D 518 44.51 49.66 19.05
CA ALA D 518 43.98 48.62 19.92
C ALA D 518 44.19 48.96 21.38
N ASP D 519 45.22 49.74 21.69
CA ASP D 519 45.47 50.17 23.07
C ASP D 519 44.33 51.06 23.57
N ALA D 520 43.76 51.89 22.69
CA ALA D 520 42.59 52.65 23.08
C ALA D 520 41.39 51.74 23.36
N VAL D 521 41.26 50.64 22.61
CA VAL D 521 40.20 49.68 22.86
C VAL D 521 40.37 49.03 24.23
N VAL D 522 41.59 48.60 24.55
CA VAL D 522 41.79 47.96 25.85
C VAL D 522 41.78 48.95 27.00
N ASP D 523 41.99 50.24 26.72
CA ASP D 523 41.77 51.25 27.76
C ASP D 523 40.28 51.50 27.96
N TYR D 524 39.51 51.44 26.88
CA TYR D 524 38.05 51.51 27.01
C TYR D 524 37.50 50.32 27.77
N VAL D 525 38.08 49.14 27.56
CA VAL D 525 37.70 47.96 28.34
C VAL D 525 38.10 48.14 29.80
N LYS D 526 39.32 48.66 30.04
CA LYS D 526 39.79 48.85 31.41
C LYS D 526 38.97 49.90 32.15
N ASN D 527 38.58 50.97 31.46
CA ASN D 527 37.80 52.03 32.10
C ASN D 527 36.32 51.70 32.21
N THR D 528 35.87 50.61 31.60
CA THR D 528 34.47 50.20 31.69
C THR D 528 34.23 49.49 33.01
N LYS D 529 33.34 50.05 33.84
CA LYS D 529 33.01 49.43 35.11
C LYS D 529 32.04 48.26 34.94
N GLU D 530 31.23 48.29 33.89
CA GLU D 530 30.30 47.20 33.63
C GLU D 530 31.03 46.00 33.05
N VAL D 531 30.31 44.89 32.95
CA VAL D 531 30.83 43.68 32.35
C VAL D 531 30.48 43.68 30.88
N LEU D 532 31.50 43.67 30.02
CA LEU D 532 31.28 43.60 28.58
C LEU D 532 30.91 42.19 28.18
N LEU D 533 30.17 42.08 27.08
CA LEU D 533 29.69 40.79 26.59
C LEU D 533 30.18 40.57 25.16
N THR D 534 30.63 39.35 24.89
CA THR D 534 30.95 38.91 23.53
C THR D 534 29.93 37.87 23.12
N ASP D 535 29.24 38.13 22.01
CA ASP D 535 28.18 37.24 21.53
C ASP D 535 28.82 36.11 20.72
N THR D 536 28.74 34.89 21.24
CA THR D 536 29.23 33.72 20.53
C THR D 536 28.10 32.97 19.82
N THR D 537 27.01 33.67 19.50
CA THR D 537 25.90 33.04 18.77
C THR D 537 26.33 32.62 17.38
N LEU D 538 27.10 33.46 16.69
CA LEU D 538 27.41 33.23 15.29
C LEU D 538 28.49 32.18 15.08
N ARG D 539 29.27 31.83 16.12
CA ARG D 539 30.22 30.74 16.00
C ARG D 539 29.93 29.60 16.96
N ASP D 540 30.02 29.85 18.27
CA ASP D 540 30.16 28.73 19.21
C ASP D 540 28.83 28.19 19.70
N ALA D 541 27.79 29.02 19.74
CA ALA D 541 26.48 28.55 20.16
C ALA D 541 25.93 27.50 19.17
N HIS D 542 26.16 27.72 17.88
CA HIS D 542 25.73 26.74 16.89
C HIS D 542 26.80 25.69 16.60
N GLN D 543 28.07 25.96 16.93
CA GLN D 543 29.06 24.88 16.88
C GLN D 543 28.75 23.82 17.94
N SER D 544 28.38 24.24 19.15
CA SER D 544 28.11 23.30 20.22
C SER D 544 26.77 22.60 20.03
N LEU D 545 25.74 23.32 19.61
CA LEU D 545 24.38 22.80 19.58
C LEU D 545 23.96 22.27 18.22
N LEU D 546 24.26 22.97 17.14
CA LEU D 546 23.74 22.64 15.82
C LEU D 546 24.78 21.98 14.92
N ALA D 547 25.87 21.47 15.51
CA ALA D 547 26.98 20.84 14.78
C ALA D 547 27.56 21.79 13.73
N THR D 548 27.65 23.07 14.10
CA THR D 548 28.27 24.14 13.30
C THR D 548 27.56 24.36 11.96
N ARG D 549 26.31 23.93 11.84
CA ARG D 549 25.61 23.91 10.56
C ARG D 549 24.84 25.19 10.27
N LEU D 550 24.93 26.20 11.13
CA LEU D 550 24.21 27.46 10.90
C LEU D 550 24.74 28.15 9.65
N ARG D 551 23.82 28.60 8.81
CA ARG D 551 24.15 29.11 7.49
C ARG D 551 24.15 30.63 7.47
N LEU D 552 24.83 31.19 6.47
CA LEU D 552 24.93 32.64 6.31
C LEU D 552 23.58 33.25 5.97
N GLN D 553 22.71 32.50 5.29
CA GLN D 553 21.40 33.02 4.92
C GLN D 553 20.54 33.30 6.16
N ASP D 554 20.65 32.45 7.18
CA ASP D 554 19.97 32.72 8.44
C ASP D 554 20.66 33.82 9.23
N MET D 555 21.97 33.99 9.03
CA MET D 555 22.70 35.06 9.71
C MET D 555 22.34 36.43 9.16
N LYS D 556 22.03 36.48 7.86
CA LYS D 556 21.84 37.76 7.18
C LYS D 556 20.57 38.48 7.62
N GLY D 557 19.54 37.74 7.99
CA GLY D 557 18.29 38.35 8.40
C GLY D 557 18.33 39.01 9.76
N ILE D 558 19.40 38.80 10.52
CA ILE D 558 19.51 39.33 11.87
C ILE D 558 20.85 40.01 12.13
N ALA D 559 21.79 39.99 11.17
CA ALA D 559 23.08 40.61 11.39
C ALA D 559 22.97 42.12 11.62
N GLN D 560 22.16 42.80 10.79
CA GLN D 560 21.96 44.23 10.96
C GLN D 560 21.24 44.54 12.26
N ALA D 561 20.28 43.70 12.63
CA ALA D 561 19.55 43.89 13.88
C ALA D 561 20.45 43.71 15.09
N ILE D 562 21.38 42.76 15.03
CA ILE D 562 22.35 42.59 16.11
C ILE D 562 23.30 43.78 16.17
N ASP D 563 23.72 44.27 15.00
CA ASP D 563 24.66 45.39 14.96
C ASP D 563 24.03 46.67 15.50
N GLN D 564 22.75 46.91 15.20
CA GLN D 564 22.11 48.15 15.61
C GLN D 564 21.47 48.06 17.00
N GLY D 565 20.75 46.98 17.28
CA GLY D 565 20.05 46.84 18.55
C GLY D 565 20.94 46.54 19.73
N LEU D 566 22.14 46.00 19.50
CA LEU D 566 23.09 45.70 20.56
C LEU D 566 24.44 46.34 20.24
N PRO D 567 24.55 47.67 20.36
CA PRO D 567 25.87 48.31 20.18
C PRO D 567 26.76 48.18 21.39
N GLU D 568 26.21 47.77 22.55
CA GLU D 568 26.98 47.61 23.77
C GLU D 568 27.84 46.36 23.77
N LEU D 569 27.67 45.48 22.78
CA LEU D 569 28.49 44.28 22.69
C LEU D 569 29.95 44.65 22.45
N PHE D 570 30.84 44.02 23.22
CA PHE D 570 32.26 44.22 22.99
C PHE D 570 32.68 43.68 21.63
N SER D 571 32.32 42.43 21.34
CA SER D 571 32.63 41.83 20.05
C SER D 571 31.62 40.74 19.77
N ALA D 572 31.67 40.21 18.55
CA ALA D 572 30.83 39.10 18.13
C ALA D 572 31.71 38.03 17.51
N GLU D 573 31.71 36.85 18.12
CA GLU D 573 32.48 35.72 17.60
C GLU D 573 31.69 35.07 16.48
N MET D 574 32.19 35.21 15.25
CA MET D 574 31.49 34.72 14.07
C MET D 574 32.39 33.86 13.18
N TRP D 575 33.65 33.67 13.55
CA TRP D 575 34.60 33.00 12.68
C TRP D 575 35.53 32.13 13.52
N GLY D 576 36.32 31.32 12.84
CA GLY D 576 37.25 30.44 13.51
C GLY D 576 36.60 29.17 14.02
N GLY D 577 37.42 28.35 14.66
CA GLY D 577 36.94 27.08 15.16
C GLY D 577 36.61 26.13 14.03
N ALA D 578 35.46 25.46 14.15
CA ALA D 578 35.01 24.51 13.16
C ALA D 578 34.20 25.15 12.02
N THR D 579 33.95 26.46 12.10
CA THR D 579 33.15 27.11 11.06
C THR D 579 33.84 27.07 9.71
N PHE D 580 35.16 27.31 9.70
CA PHE D 580 35.92 27.40 8.45
C PHE D 580 35.88 26.08 7.69
N ASP D 581 36.09 24.96 8.39
CA ASP D 581 36.06 23.66 7.72
C ASP D 581 34.63 23.24 7.42
N VAL D 582 33.70 23.47 8.36
CA VAL D 582 32.36 22.92 8.24
C VAL D 582 31.59 23.61 7.12
N ALA D 583 31.74 24.93 6.97
CA ALA D 583 31.05 25.65 5.91
C ALA D 583 31.46 25.13 4.54
N TYR D 584 32.78 25.01 4.31
CA TYR D 584 33.30 24.47 3.05
C TYR D 584 32.84 23.03 2.81
N ARG D 585 32.89 22.19 3.86
CA ARG D 585 32.67 20.78 3.66
C ARG D 585 31.19 20.44 3.49
N PHE D 586 30.34 21.00 4.35
CA PHE D 586 28.92 20.65 4.38
C PHE D 586 28.02 21.76 3.87
N LEU D 587 28.27 23.01 4.22
CA LEU D 587 27.35 24.07 3.84
C LEU D 587 27.58 24.55 2.41
N ASN D 588 28.73 24.19 1.83
CA ASN D 588 29.11 24.57 0.47
C ASN D 588 29.07 26.08 0.27
N GLU D 589 29.53 26.81 1.29
CA GLU D 589 29.66 28.25 1.22
C GLU D 589 31.04 28.65 1.73
N SER D 590 31.57 29.71 1.18
CA SER D 590 32.90 30.17 1.57
C SER D 590 32.82 30.91 2.90
N PRO D 591 33.67 30.55 3.87
CA PRO D 591 33.76 31.36 5.10
C PRO D 591 34.19 32.79 4.84
N TRP D 592 35.00 33.02 3.81
CA TRP D 592 35.36 34.39 3.43
C TRP D 592 34.15 35.16 2.92
N TYR D 593 33.27 34.50 2.17
CA TYR D 593 32.05 35.14 1.71
C TYR D 593 31.13 35.49 2.88
N ARG D 594 31.01 34.57 3.85
CA ARG D 594 30.22 34.83 5.04
C ARG D 594 30.81 36.00 5.84
N LEU D 595 32.14 36.03 5.98
CA LEU D 595 32.80 37.11 6.68
C LEU D 595 32.58 38.45 5.99
N ARG D 596 32.67 38.47 4.66
CA ARG D 596 32.45 39.71 3.91
C ARG D 596 31.00 40.19 4.04
N LYS D 597 30.04 39.28 3.92
CA LYS D 597 28.63 39.67 4.02
C LYS D 597 28.28 40.15 5.43
N LEU D 598 28.81 39.48 6.46
CA LEU D 598 28.56 39.92 7.82
C LEU D 598 29.27 41.23 8.13
N ARG D 599 30.45 41.45 7.55
CA ARG D 599 31.16 42.71 7.74
C ARG D 599 30.42 43.87 7.10
N LYS D 600 29.86 43.67 5.92
CA LYS D 600 29.04 44.71 5.31
C LYS D 600 27.74 44.92 6.08
N LEU D 601 27.17 43.84 6.63
CA LEU D 601 25.92 43.96 7.37
C LEU D 601 26.13 44.53 8.77
N MET D 602 27.30 44.32 9.38
CA MET D 602 27.58 44.74 10.74
C MET D 602 28.83 45.61 10.73
N PRO D 603 28.71 46.89 10.35
CA PRO D 603 29.90 47.75 10.30
C PRO D 603 30.38 48.22 11.65
N ASN D 604 29.49 48.35 12.64
CA ASN D 604 29.86 48.86 13.96
C ASN D 604 30.09 47.74 14.96
N THR D 605 30.00 46.48 14.55
CA THR D 605 30.22 45.35 15.44
C THR D 605 31.63 44.81 15.23
N MET D 606 32.38 44.74 16.32
CA MET D 606 33.76 44.29 16.25
C MET D 606 33.80 42.77 16.14
N PHE D 607 34.61 42.26 15.22
CA PHE D 607 34.54 40.86 14.81
C PHE D 607 35.66 40.06 15.47
N GLN D 608 35.32 38.88 15.98
CA GLN D 608 36.25 38.01 16.70
C GLN D 608 36.27 36.64 16.07
N MET D 609 37.46 36.04 15.96
CA MET D 609 37.62 34.69 15.43
C MET D 609 38.41 33.85 16.43
N LEU D 610 38.24 32.54 16.34
CA LEU D 610 39.00 31.61 17.16
C LEU D 610 40.22 31.12 16.37
N PHE D 611 41.40 31.40 16.91
CA PHE D 611 42.66 31.10 16.23
C PHE D 611 43.42 30.05 17.03
N ARG D 612 43.81 28.96 16.37
CA ARG D 612 44.47 27.85 17.03
C ARG D 612 45.99 28.01 17.05
N GLY D 613 46.49 29.23 16.93
CA GLY D 613 47.91 29.46 17.01
C GLY D 613 48.62 29.02 15.74
N SER D 614 49.45 27.98 15.87
CA SER D 614 50.18 27.48 14.71
C SER D 614 49.28 26.66 13.80
N ASN D 615 48.14 26.20 14.29
CA ASN D 615 47.25 25.39 13.48
C ASN D 615 46.32 26.24 12.62
N ALA D 616 46.22 27.54 12.93
CA ALA D 616 45.35 28.52 12.25
C ALA D 616 43.91 28.01 12.32
N VAL D 617 43.22 27.80 11.21
CA VAL D 617 41.90 27.18 11.23
C VAL D 617 41.94 25.70 10.90
N GLY D 618 43.11 25.16 10.55
CA GLY D 618 43.25 23.75 10.24
C GLY D 618 43.61 22.93 11.47
N TYR D 619 43.78 21.64 11.23
CA TYR D 619 44.12 20.70 12.30
C TYR D 619 45.59 20.33 12.33
N GLN D 620 46.27 20.38 11.19
CA GLN D 620 47.68 20.07 11.11
C GLN D 620 48.51 21.31 11.44
N ASN D 621 49.81 21.25 11.18
CA ASN D 621 50.72 22.36 11.44
C ASN D 621 51.16 22.97 10.11
N TYR D 622 51.31 24.28 10.10
CA TYR D 622 51.66 25.06 8.93
C TYR D 622 52.88 25.92 9.22
N PRO D 623 53.64 26.29 8.19
CA PRO D 623 54.77 27.19 8.41
C PRO D 623 54.32 28.59 8.80
N ASP D 624 55.28 29.37 9.31
CA ASP D 624 54.97 30.66 9.92
C ASP D 624 54.49 31.69 8.90
N ASN D 625 54.97 31.62 7.66
CA ASN D 625 54.53 32.56 6.64
C ASN D 625 53.07 32.33 6.26
N VAL D 626 52.62 31.07 6.28
CA VAL D 626 51.21 30.76 6.03
C VAL D 626 50.34 31.35 7.13
N ILE D 627 50.78 31.24 8.38
CA ILE D 627 50.04 31.80 9.51
C ILE D 627 49.97 33.32 9.41
N GLU D 628 51.10 33.94 9.06
CA GLU D 628 51.13 35.40 8.91
C GLU D 628 50.25 35.86 7.76
N GLU D 629 50.24 35.11 6.66
CA GLU D 629 49.39 35.46 5.52
C GLU D 629 47.92 35.32 5.85
N PHE D 630 47.55 34.25 6.58
CA PHE D 630 46.16 34.10 7.01
C PHE D 630 45.74 35.23 7.95
N ILE D 631 46.62 35.60 8.87
CA ILE D 631 46.32 36.69 9.80
C ILE D 631 46.14 37.99 9.05
N ARG D 632 47.02 38.27 8.08
CA ARG D 632 46.93 39.50 7.30
C ARG D 632 45.65 39.54 6.46
N VAL D 633 45.31 38.43 5.80
CA VAL D 633 44.12 38.42 4.95
C VAL D 633 42.85 38.51 5.80
N ALA D 634 42.81 37.80 6.92
CA ALA D 634 41.64 37.88 7.80
C ALA D 634 41.48 39.27 8.41
N ALA D 635 42.59 39.92 8.78
CA ALA D 635 42.52 41.27 9.30
C ALA D 635 42.07 42.25 8.24
N HIS D 636 42.50 42.04 6.99
CA HIS D 636 42.07 42.91 5.90
C HIS D 636 40.59 42.73 5.60
N GLU D 637 40.09 41.49 5.61
CA GLU D 637 38.70 41.24 5.27
C GLU D 637 37.73 41.62 6.37
N GLY D 638 38.19 41.83 7.60
CA GLY D 638 37.31 42.36 8.62
C GLY D 638 37.37 41.74 9.99
N ILE D 639 38.25 40.77 10.20
CA ILE D 639 38.44 40.19 11.53
C ILE D 639 39.22 41.18 12.39
N ASP D 640 38.67 41.49 13.56
CA ASP D 640 39.25 42.50 14.43
C ASP D 640 39.92 41.93 15.67
N VAL D 641 39.38 40.87 16.26
CA VAL D 641 39.95 40.23 17.43
C VAL D 641 40.35 38.82 17.07
N PHE D 642 41.61 38.47 17.36
CA PHE D 642 42.12 37.13 17.12
C PHE D 642 42.34 36.47 18.47
N ARG D 643 41.44 35.56 18.85
CA ARG D 643 41.60 34.78 20.07
C ARG D 643 42.56 33.64 19.77
N ILE D 644 43.82 33.81 20.15
CA ILE D 644 44.89 32.88 19.81
C ILE D 644 45.10 31.95 21.00
N PHE D 645 44.69 30.70 20.85
CA PHE D 645 44.87 29.68 21.88
C PHE D 645 45.74 28.56 21.36
N ASP D 646 46.49 27.95 22.27
CA ASP D 646 47.27 26.76 21.97
C ASP D 646 46.56 25.54 22.52
N SER D 647 46.71 24.42 21.81
CA SER D 647 46.09 23.17 22.24
C SER D 647 46.68 22.68 23.56
N LEU D 648 47.99 22.85 23.75
CA LEU D 648 48.68 22.39 24.94
C LEU D 648 49.18 23.54 25.82
N ASN D 649 48.67 24.75 25.60
CA ASN D 649 49.06 25.97 26.33
C ASN D 649 50.55 26.23 26.21
N TRP D 650 51.06 26.16 24.98
CA TRP D 650 52.48 26.35 24.70
C TRP D 650 52.68 27.72 24.06
N LEU D 651 53.48 28.57 24.72
CA LEU D 651 53.74 29.91 24.22
C LEU D 651 54.44 29.99 22.85
N PRO D 652 55.47 29.19 22.51
CA PRO D 652 56.09 29.33 21.18
C PRO D 652 55.17 29.04 20.01
N GLN D 653 54.08 28.30 20.21
CA GLN D 653 53.13 28.08 19.13
C GLN D 653 52.10 29.20 19.02
N MET D 654 52.19 30.23 19.86
CA MET D 654 51.30 31.38 19.79
C MET D 654 52.03 32.71 19.65
N GLU D 655 53.34 32.75 19.90
CA GLU D 655 54.06 34.02 19.91
C GLU D 655 54.06 34.69 18.54
N LYS D 656 54.32 33.91 17.49
CA LYS D 656 54.38 34.48 16.15
C LYS D 656 53.00 34.93 15.67
N SER D 657 51.95 34.19 16.03
CA SER D 657 50.59 34.60 15.69
C SER D 657 50.21 35.89 16.40
N ILE D 658 50.57 36.01 17.68
CA ILE D 658 50.29 37.24 18.43
C ILE D 658 51.04 38.41 17.81
N GLN D 659 52.31 38.19 17.42
CA GLN D 659 53.09 39.25 16.78
C GLN D 659 52.50 39.67 15.44
N ALA D 660 52.01 38.70 14.65
CA ALA D 660 51.40 39.03 13.36
C ALA D 660 50.11 39.82 13.53
N VAL D 661 49.30 39.45 14.52
CA VAL D 661 48.06 40.19 14.79
C VAL D 661 48.39 41.60 15.28
N ARG D 662 49.46 41.74 16.07
CA ARG D 662 49.91 43.08 16.46
C ARG D 662 50.37 43.88 15.24
N ASP D 663 51.06 43.23 14.30
CA ASP D 663 51.56 43.92 13.12
C ASP D 663 50.42 44.38 12.21
N ASN D 664 49.34 43.61 12.16
CA ASN D 664 48.20 43.99 11.31
C ASN D 664 47.27 45.00 11.97
N GLY D 665 47.63 45.54 13.13
CA GLY D 665 46.83 46.58 13.75
C GLY D 665 45.54 46.12 14.39
N LYS D 666 45.43 44.83 14.72
CA LYS D 666 44.23 44.27 15.33
C LYS D 666 44.49 43.96 16.79
N ILE D 667 43.44 43.49 17.47
CA ILE D 667 43.53 43.13 18.88
C ILE D 667 43.96 41.68 18.98
N ALA D 668 45.09 41.44 19.64
CA ALA D 668 45.58 40.09 19.90
C ALA D 668 45.10 39.65 21.27
N GLU D 669 44.48 38.48 21.32
CA GLU D 669 43.89 37.95 22.54
C GLU D 669 44.60 36.64 22.90
N ALA D 670 45.64 36.74 23.71
CA ALA D 670 46.31 35.55 24.21
C ALA D 670 45.38 34.78 25.14
N THR D 671 45.42 33.46 25.03
CA THR D 671 44.38 32.61 25.62
C THR D 671 45.01 31.49 26.43
N ILE D 672 44.53 31.31 27.65
CA ILE D 672 44.90 30.17 28.49
C ILE D 672 43.73 29.19 28.48
N CYS D 673 44.02 27.95 28.12
CA CYS D 673 43.00 26.90 28.12
C CYS D 673 42.92 26.30 29.52
N TYR D 674 41.84 26.63 30.24
CA TYR D 674 41.67 26.12 31.59
C TYR D 674 41.31 24.64 31.57
N THR D 675 41.90 23.89 32.49
CA THR D 675 41.58 22.48 32.67
C THR D 675 41.86 22.11 34.12
N GLY D 676 41.34 20.96 34.53
CA GLY D 676 41.53 20.52 35.89
C GLY D 676 40.72 21.37 36.88
N ASP D 677 41.19 21.35 38.12
CA ASP D 677 40.56 22.13 39.19
C ASP D 677 41.66 22.79 40.02
N ILE D 678 41.60 24.12 40.12
CA ILE D 678 42.60 24.85 40.89
C ILE D 678 42.33 24.82 42.39
N LEU D 679 41.17 24.33 42.81
CA LEU D 679 40.83 24.23 44.22
C LEU D 679 40.88 22.80 44.72
N ASP D 680 41.36 21.87 43.89
CA ASP D 680 41.49 20.47 44.29
C ASP D 680 42.95 20.15 44.51
N PRO D 681 43.36 19.85 45.75
CA PRO D 681 44.78 19.54 46.00
C PRO D 681 45.23 18.22 45.40
N SER D 682 44.31 17.32 45.04
CA SER D 682 44.70 16.01 44.54
C SER D 682 45.27 16.10 43.12
N ARG D 683 44.94 17.16 42.39
CA ARG D 683 45.50 17.37 41.07
C ARG D 683 46.32 18.66 41.08
N PRO D 684 47.62 18.60 41.34
CA PRO D 684 48.45 19.82 41.43
C PRO D 684 49.17 20.21 40.14
N LYS D 685 48.92 19.52 39.03
CA LYS D 685 49.60 19.85 37.77
C LYS D 685 49.20 21.22 37.27
N TYR D 686 47.90 21.54 37.32
CA TYR D 686 47.40 22.85 36.92
C TYR D 686 46.82 23.51 38.17
N ASN D 687 47.71 24.17 38.91
CA ASN D 687 47.32 24.90 40.11
C ASN D 687 47.29 26.39 39.80
N ILE D 688 47.13 27.21 40.84
CA ILE D 688 47.01 28.66 40.65
C ILE D 688 48.31 29.25 40.12
N GLN D 689 49.44 28.78 40.64
CA GLN D 689 50.74 29.32 40.25
C GLN D 689 51.06 29.03 38.79
N TYR D 690 50.61 27.88 38.27
CA TYR D 690 50.79 27.56 36.85
C TYR D 690 50.10 28.59 35.97
N TYR D 691 48.84 28.89 36.27
CA TYR D 691 48.11 29.89 35.50
C TYR D 691 48.67 31.29 35.70
N LYS D 692 49.21 31.58 36.90
CA LYS D 692 49.83 32.88 37.12
C LYS D 692 51.09 33.05 36.27
N ASP D 693 51.94 32.03 36.21
CA ASP D 693 53.16 32.17 35.40
C ASP D 693 52.84 32.16 33.91
N LEU D 694 51.83 31.39 33.50
CA LEU D 694 51.40 31.42 32.11
C LEU D 694 50.84 32.80 31.74
N ALA D 695 50.09 33.42 32.65
CA ALA D 695 49.56 34.75 32.40
C ALA D 695 50.66 35.80 32.32
N LYS D 696 51.69 35.70 33.18
CA LYS D 696 52.75 36.69 33.11
C LYS D 696 53.64 36.46 31.88
N GLU D 697 53.78 35.21 31.44
CA GLU D 697 54.48 34.96 30.19
C GLU D 697 53.70 35.49 28.99
N LEU D 698 52.37 35.40 29.04
CA LEU D 698 51.56 35.95 27.96
C LEU D 698 51.59 37.48 27.98
N GLU D 699 51.66 38.09 29.17
CA GLU D 699 51.79 39.53 29.25
C GLU D 699 53.19 39.99 28.85
N ALA D 700 54.17 39.08 28.90
CA ALA D 700 55.50 39.39 28.35
C ALA D 700 55.41 39.63 26.85
N THR D 701 54.59 38.85 26.16
CA THR D 701 54.25 39.14 24.78
C THR D 701 53.35 40.37 24.72
N GLY D 702 53.22 40.93 23.53
CA GLY D 702 52.51 42.19 23.36
C GLY D 702 51.01 42.06 23.21
N ALA D 703 50.46 40.91 23.61
CA ALA D 703 49.03 40.66 23.46
C ALA D 703 48.20 41.64 24.28
N HIS D 704 47.05 42.03 23.74
CA HIS D 704 46.26 43.09 24.33
C HIS D 704 45.35 42.58 25.44
N ILE D 705 44.67 41.45 25.21
CA ILE D 705 43.70 40.91 26.15
C ILE D 705 44.11 39.49 26.50
N LEU D 706 44.00 39.14 27.77
CA LEU D 706 44.24 37.78 28.24
C LEU D 706 42.90 37.04 28.28
N ALA D 707 42.85 35.88 27.63
CA ALA D 707 41.62 35.11 27.55
C ALA D 707 41.74 33.84 28.39
N VAL D 708 40.65 33.48 29.06
CA VAL D 708 40.58 32.22 29.79
C VAL D 708 39.53 31.34 29.13
N ASP D 710 37.59 28.19 28.95
CA ASP D 710 37.12 26.97 29.59
C ASP D 710 36.26 26.21 28.59
N MET D 711 36.90 25.28 27.88
CA MET D 711 36.25 24.64 26.73
C MET D 711 35.20 23.62 27.18
N ALA D 712 35.38 23.03 28.36
CA ALA D 712 34.51 21.96 28.82
C ALA D 712 33.59 22.39 29.95
N GLY D 713 33.57 23.67 30.31
CA GLY D 713 32.76 24.11 31.43
C GLY D 713 33.25 23.61 32.77
N LEU D 714 34.57 23.54 32.95
CA LEU D 714 35.17 23.00 34.17
C LEU D 714 35.36 24.05 35.26
N LEU D 715 35.21 25.33 34.94
CA LEU D 715 35.51 26.40 35.89
C LEU D 715 34.38 26.53 36.89
N LYS D 716 34.58 25.99 38.09
CA LYS D 716 33.61 26.13 39.16
C LYS D 716 33.61 27.58 39.67
N PRO D 717 32.46 28.05 40.22
CA PRO D 717 32.37 29.49 40.57
C PRO D 717 33.36 29.96 41.61
N GLN D 718 33.65 29.17 42.64
CA GLN D 718 34.69 29.54 43.59
C GLN D 718 36.06 29.54 42.93
N ALA D 719 36.32 28.52 42.11
CA ALA D 719 37.54 28.49 41.31
C ALA D 719 37.57 29.64 40.32
N ALA D 720 36.41 30.02 39.78
CA ALA D 720 36.34 31.16 38.87
C ALA D 720 36.74 32.45 39.57
N TYR D 721 36.18 32.70 40.76
CA TYR D 721 36.50 33.91 41.50
C TYR D 721 37.97 33.94 41.88
N ARG D 722 38.49 32.82 42.39
CA ARG D 722 39.89 32.77 42.81
C ARG D 722 40.84 32.95 41.63
N LEU D 723 40.56 32.26 40.51
CA LEU D 723 41.43 32.36 39.35
C LEU D 723 41.41 33.75 38.74
N ILE D 724 40.23 34.35 38.62
CA ILE D 724 40.14 35.67 37.99
C ILE D 724 40.77 36.73 38.88
N SER D 725 40.59 36.64 40.21
CA SER D 725 41.25 37.59 41.11
C SER D 725 42.76 37.44 41.08
N GLU D 726 43.26 36.18 41.08
CA GLU D 726 44.69 35.95 41.05
C GLU D 726 45.31 36.43 39.74
N LEU D 727 44.60 36.24 38.62
CA LEU D 727 45.09 36.79 37.35
C LEU D 727 45.03 38.31 37.35
N LYS D 728 44.00 38.90 37.97
CA LYS D 728 43.87 40.35 37.98
C LYS D 728 44.98 41.01 38.78
N ASP D 729 45.48 40.36 39.84
CA ASP D 729 46.64 40.94 40.51
C ASP D 729 47.96 40.51 39.88
N THR D 730 47.99 39.43 39.11
CA THR D 730 49.23 39.00 38.47
C THR D 730 49.58 39.88 37.27
N VAL D 731 48.61 40.17 36.41
CA VAL D 731 48.83 40.90 35.17
C VAL D 731 47.89 42.08 35.12
N ASP D 732 48.15 43.00 34.18
CA ASP D 732 47.39 44.23 34.06
C ASP D 732 46.52 44.31 32.82
N LEU D 733 46.76 43.49 31.80
CA LEU D 733 45.92 43.49 30.62
C LEU D 733 44.54 42.90 30.96
N PRO D 734 43.49 43.32 30.27
CA PRO D 734 42.14 42.88 30.63
C PRO D 734 41.91 41.40 30.42
N ILE D 735 40.94 40.86 31.16
CA ILE D 735 40.67 39.43 31.22
C ILE D 735 39.37 39.15 30.48
N HIS D 736 39.42 38.19 29.57
CA HIS D 736 38.25 37.70 28.85
C HIS D 736 37.98 36.27 29.29
N LEU D 737 36.74 35.99 29.72
CA LEU D 737 36.37 34.67 30.18
C LEU D 737 35.44 34.00 29.18
N HIS D 738 35.76 32.76 28.82
CA HIS D 738 34.94 31.95 27.92
C HIS D 738 34.68 30.62 28.62
N THR D 739 33.41 30.30 28.83
CA THR D 739 33.03 29.05 29.49
C THR D 739 31.79 28.48 28.83
N HIS D 740 31.52 27.21 29.12
CA HIS D 740 30.34 26.51 28.63
C HIS D 740 29.42 26.19 29.80
N ASP D 741 28.13 26.09 29.51
CA ASP D 741 27.11 25.81 30.51
C ASP D 741 26.81 24.32 30.63
N THR D 742 27.78 23.46 30.35
CA THR D 742 27.55 22.02 30.28
C THR D 742 27.12 21.45 31.62
N SER D 743 27.77 21.89 32.70
CA SER D 743 27.40 21.45 34.03
C SER D 743 26.24 22.22 34.62
N GLY D 744 25.72 23.22 33.89
CA GLY D 744 24.65 24.05 34.40
C GLY D 744 25.10 25.16 35.33
N ASN D 745 26.41 25.35 35.49
CA ASN D 745 26.96 26.33 36.40
C ASN D 745 27.62 27.50 35.67
N GLY D 746 27.23 27.75 34.42
CA GLY D 746 27.87 28.82 33.66
C GLY D 746 27.53 30.21 34.17
N ILE D 747 26.26 30.43 34.53
CA ILE D 747 25.82 31.75 34.97
C ILE D 747 26.46 32.12 36.30
N ILE D 748 26.50 31.18 37.25
CA ILE D 748 27.09 31.47 38.55
C ILE D 748 28.61 31.60 38.44
N THR D 749 29.24 30.85 37.52
CA THR D 749 30.66 31.05 37.24
C THR D 749 30.94 32.45 36.69
N TYR D 750 30.09 32.90 35.77
CA TYR D 750 30.24 34.25 35.22
C TYR D 750 30.02 35.32 36.29
N SER D 751 29.06 35.10 37.19
CA SER D 751 28.84 36.04 38.28
C SER D 751 30.02 36.07 39.25
N GLY D 752 30.60 34.90 39.54
CA GLY D 752 31.76 34.87 40.41
C GLY D 752 32.98 35.54 39.80
N ALA D 753 33.15 35.38 38.48
CA ALA D 753 34.21 36.11 37.80
C ALA D 753 33.91 37.60 37.73
N THR D 754 32.63 37.98 37.67
CA THR D 754 32.24 39.38 37.71
C THR D 754 32.61 40.01 39.05
N GLN D 755 32.39 39.27 40.15
CA GLN D 755 32.80 39.76 41.47
C GLN D 755 34.32 39.92 41.56
N ALA D 756 35.06 39.01 40.95
CA ALA D 756 36.52 39.11 40.96
C ALA D 756 37.04 40.22 40.06
N GLY D 757 36.23 40.67 39.09
CA GLY D 757 36.62 41.79 38.26
C GLY D 757 36.97 41.43 36.84
N VAL D 758 36.30 40.42 36.27
CA VAL D 758 36.52 40.08 34.88
C VAL D 758 35.92 41.18 33.98
N ASP D 759 36.47 41.28 32.77
CA ASP D 759 36.10 42.36 31.87
C ASP D 759 35.07 41.95 30.83
N ILE D 760 35.38 40.94 30.02
CA ILE D 760 34.48 40.46 28.98
C ILE D 760 34.15 39.00 29.26
N ILE D 761 32.89 38.63 29.08
CA ILE D 761 32.45 37.25 29.21
C ILE D 761 31.73 36.84 27.93
N ASP D 762 31.94 35.60 27.53
CA ASP D 762 31.40 35.07 26.29
C ASP D 762 30.00 34.52 26.53
N VAL D 763 29.01 35.09 25.83
CA VAL D 763 27.62 34.71 26.01
C VAL D 763 27.01 34.43 24.65
N ALA D 764 25.82 33.85 24.68
CA ALA D 764 25.05 33.57 23.48
C ALA D 764 23.61 34.04 23.70
N THR D 765 22.86 34.11 22.61
CA THR D 765 21.44 34.38 22.73
C THR D 765 20.75 33.20 23.40
N ALA D 766 19.62 33.48 24.07
CA ALA D 766 18.98 32.50 24.95
C ALA D 766 18.50 31.27 24.19
N SER D 767 18.03 31.46 22.95
CA SER D 767 17.52 30.33 22.16
C SER D 767 18.62 29.40 21.71
N LEU D 768 19.86 29.87 21.66
CA LEU D 768 21.01 29.03 21.31
C LEU D 768 21.97 28.88 22.49
N ALA D 769 21.46 29.03 23.70
CA ALA D 769 22.26 28.93 24.92
C ALA D 769 21.89 27.67 25.69
N GLY D 770 22.64 27.43 26.77
CA GLY D 770 22.42 26.27 27.60
C GLY D 770 23.05 25.02 27.02
N GLY D 771 23.22 24.02 27.88
CA GLY D 771 23.87 22.79 27.47
C GLY D 771 25.32 23.03 27.12
N THR D 772 25.76 22.42 26.01
CA THR D 772 27.15 22.55 25.60
C THR D 772 27.50 23.95 25.08
N SER D 773 26.51 24.81 24.88
CA SER D 773 26.75 26.16 24.38
C SER D 773 27.06 27.10 25.55
N GLN D 774 27.17 28.39 25.24
CA GLN D 774 27.49 29.42 26.21
C GLN D 774 26.28 29.75 27.08
N PRO D 775 26.51 30.36 28.25
CA PRO D 775 25.38 30.90 29.01
C PRO D 775 24.67 32.03 28.29
N SER D 776 23.39 32.20 28.59
CA SER D 776 22.56 33.17 27.89
C SER D 776 22.91 34.59 28.29
N MET D 777 22.85 35.51 27.32
CA MET D 777 23.18 36.91 27.59
C MET D 777 22.04 37.62 28.33
N GLN D 778 20.79 37.21 28.07
CA GLN D 778 19.67 37.81 28.79
C GLN D 778 19.66 37.37 30.25
N SER D 779 19.93 36.09 30.50
CA SER D 779 19.98 35.59 31.86
C SER D 779 21.21 36.10 32.61
N ILE D 780 22.32 36.36 31.91
CA ILE D 780 23.46 36.97 32.59
C ILE D 780 23.23 38.47 32.81
N TYR D 781 22.36 39.10 32.02
CA TYR D 781 21.92 40.45 32.37
C TYR D 781 21.09 40.43 33.66
N TYR D 782 20.07 39.56 33.69
CA TYR D 782 19.17 39.54 34.83
C TYR D 782 19.81 38.94 36.09
N ALA D 783 20.92 38.22 35.94
CA ALA D 783 21.65 37.74 37.11
C ALA D 783 22.42 38.85 37.81
N LEU D 784 22.76 39.92 37.10
CA LEU D 784 23.52 41.03 37.66
C LEU D 784 22.76 42.36 37.55
N GLU D 785 21.43 42.30 37.61
CA GLU D 785 20.63 43.49 37.39
C GLU D 785 20.73 44.50 38.53
N HIS D 786 21.08 44.06 39.73
CA HIS D 786 21.17 44.99 40.85
C HIS D 786 22.41 44.70 41.70
N GLY D 787 23.43 44.11 41.11
CA GLY D 787 24.69 43.89 41.80
C GLY D 787 25.60 45.09 41.68
N PRO D 788 26.82 44.98 42.20
CA PRO D 788 27.79 46.08 42.02
C PRO D 788 28.16 46.34 40.58
N ARG D 789 28.20 45.30 39.75
CA ARG D 789 28.53 45.42 38.34
C ARG D 789 27.37 44.90 37.51
N HIS D 790 26.95 45.69 36.52
CA HIS D 790 25.89 45.30 35.60
C HIS D 790 26.48 44.83 34.28
N ALA D 791 25.63 44.24 33.46
CA ALA D 791 26.01 43.84 32.11
C ALA D 791 25.72 44.96 31.13
N SER D 792 26.62 45.12 30.17
CA SER D 792 26.48 46.16 29.14
C SER D 792 25.75 45.55 27.95
N ILE D 793 24.42 45.62 27.99
CA ILE D 793 23.58 45.11 26.90
C ILE D 793 22.22 45.79 27.00
N ASN D 794 21.50 45.83 25.89
CA ASN D 794 20.09 46.19 25.87
C ASN D 794 19.31 44.88 25.86
N VAL D 795 18.79 44.50 27.03
CA VAL D 795 18.15 43.19 27.17
C VAL D 795 16.82 43.13 26.43
N LYS D 796 16.18 44.28 26.18
CA LYS D 796 14.94 44.26 25.38
C LYS D 796 15.24 43.92 23.93
N ASN D 797 16.28 44.54 23.36
CA ASN D 797 16.68 44.24 22.00
C ASN D 797 17.21 42.82 21.87
N ALA D 798 17.95 42.34 22.87
CA ALA D 798 18.44 40.97 22.88
C ALA D 798 17.28 39.97 22.95
N GLU D 799 16.26 40.29 23.75
CA GLU D 799 15.10 39.41 23.84
C GLU D 799 14.30 39.43 22.53
N GLN D 800 14.29 40.57 21.84
CA GLN D 800 13.63 40.63 20.53
C GLN D 800 14.38 39.81 19.49
N ILE D 801 15.72 39.87 19.50
CA ILE D 801 16.55 39.09 18.58
C ILE D 801 16.43 37.60 18.88
N ASP D 802 16.23 37.26 20.15
CA ASP D 802 16.06 35.86 20.54
C ASP D 802 14.83 35.23 19.92
N HIS D 803 13.82 36.05 19.58
CA HIS D 803 12.66 35.53 18.86
C HIS D 803 13.03 35.04 17.47
N TYR D 804 13.84 35.82 16.75
CA TYR D 804 14.33 35.38 15.45
C TYR D 804 15.18 34.13 15.58
N TRP D 805 16.04 34.08 16.59
CA TRP D 805 16.92 32.93 16.76
C TRP D 805 16.12 31.67 17.10
N GLU D 806 15.07 31.82 17.93
CA GLU D 806 14.18 30.69 18.23
C GLU D 806 13.45 30.22 16.97
N ASP D 807 13.01 31.17 16.14
CA ASP D 807 12.30 30.80 14.91
C ASP D 807 13.22 30.07 13.94
N VAL D 808 14.47 30.53 13.80
CA VAL D 808 15.38 29.91 12.83
C VAL D 808 16.09 28.68 13.37
N ARG D 809 16.01 28.41 14.68
CA ARG D 809 16.57 27.16 15.18
C ARG D 809 15.73 25.97 14.74
N LYS D 810 14.45 26.18 14.43
CA LYS D 810 13.59 25.09 14.00
C LYS D 810 13.99 24.52 12.65
N TYR D 811 14.73 25.27 11.83
CA TYR D 811 15.19 24.76 10.55
C TYR D 811 16.25 23.69 10.70
N TYR D 812 16.94 23.64 11.84
CA TYR D 812 18.07 22.76 12.06
C TYR D 812 17.72 21.59 12.96
N ALA D 813 16.47 21.12 12.87
CA ALA D 813 16.05 19.93 13.61
C ALA D 813 16.86 18.67 13.32
N PRO D 814 17.28 18.35 12.07
CA PRO D 814 18.15 17.16 11.89
C PRO D 814 19.51 17.27 12.56
N PHE D 815 19.98 18.48 12.88
CA PHE D 815 21.29 18.65 13.50
C PHE D 815 21.21 18.87 15.01
N GLU D 816 20.04 18.67 15.61
CA GLU D 816 19.90 18.84 17.05
C GLU D 816 20.60 17.70 17.79
N ALA D 817 21.23 18.05 18.91
CA ALA D 817 21.95 17.04 19.69
C ALA D 817 21.00 16.06 20.36
N GLY D 818 19.86 16.54 20.86
CA GLY D 818 18.88 15.71 21.50
C GLY D 818 18.38 16.36 22.77
N ILE D 819 17.86 15.54 23.66
CA ILE D 819 17.39 16.03 24.96
C ILE D 819 18.60 16.45 25.79
N THR D 820 18.66 17.72 26.15
CA THR D 820 19.82 18.30 26.82
C THR D 820 19.46 18.66 28.24
N SER D 821 20.27 18.19 29.18
CA SER D 821 20.14 18.42 30.60
C SER D 821 21.49 18.85 31.14
N PRO D 822 21.54 19.54 32.29
CA PRO D 822 22.83 19.82 32.92
C PRO D 822 23.55 18.52 33.28
N GLN D 823 24.86 18.50 33.04
CA GLN D 823 25.65 17.29 33.14
C GLN D 823 26.89 17.58 33.99
N THR D 824 26.85 17.15 35.25
CA THR D 824 28.00 17.29 36.13
C THR D 824 29.04 16.21 35.92
N GLU D 825 28.75 15.22 35.05
CA GLU D 825 29.75 14.24 34.65
C GLU D 825 30.91 14.84 33.88
N VAL D 826 30.75 16.06 33.35
CA VAL D 826 31.82 16.72 32.60
C VAL D 826 32.99 17.07 33.51
N TYR D 827 32.75 17.13 34.82
CA TYR D 827 33.85 17.36 35.76
C TYR D 827 34.77 16.17 35.83
N MET D 828 34.25 14.96 35.55
CA MET D 828 35.10 13.78 35.56
C MET D 828 35.83 13.59 34.23
N HIS D 829 35.08 13.40 33.14
CA HIS D 829 35.72 12.99 31.89
C HIS D 829 36.33 14.18 31.15
N GLU D 830 35.84 15.39 31.41
CA GLU D 830 36.39 16.65 30.89
C GLU D 830 36.40 16.71 29.37
N MET D 831 35.41 16.08 28.73
CA MET D 831 35.29 16.15 27.28
C MET D 831 34.54 17.42 26.89
N PRO D 832 35.08 18.24 25.99
CA PRO D 832 34.33 19.41 25.52
C PRO D 832 33.13 18.99 24.68
N GLY D 833 32.27 19.98 24.40
CA GLY D 833 30.99 19.70 23.76
C GLY D 833 31.12 19.15 22.36
N GLY D 834 32.03 19.70 21.57
CA GLY D 834 32.26 19.17 20.23
C GLY D 834 32.85 17.77 20.27
N GLN D 835 33.76 17.52 21.22
CA GLN D 835 34.30 16.18 21.39
C GLN D 835 33.23 15.19 21.81
N TYR D 836 32.31 15.61 22.68
CA TYR D 836 31.20 14.75 23.07
C TYR D 836 30.30 14.43 21.88
N THR D 837 29.86 15.46 21.17
CA THR D 837 28.89 15.27 20.08
C THR D 837 29.51 14.62 18.84
N ASN D 838 30.84 14.57 18.74
CA ASN D 838 31.48 13.80 17.68
C ASN D 838 31.85 12.39 18.11
N LEU D 839 32.25 12.22 19.38
CA LEU D 839 32.64 10.89 19.85
C LEU D 839 31.45 9.99 20.05
N LYS D 840 30.28 10.56 20.39
CA LYS D 840 29.08 9.73 20.46
C LYS D 840 28.70 9.18 19.09
N SER D 841 28.80 10.02 18.05
CA SER D 841 28.54 9.56 16.69
C SER D 841 29.59 8.56 16.22
N GLN D 842 30.86 8.77 16.59
CA GLN D 842 31.89 7.80 16.23
C GLN D 842 31.69 6.46 16.93
N ALA D 843 31.24 6.48 18.19
CA ALA D 843 30.93 5.23 18.88
C ALA D 843 29.72 4.54 18.27
N ALA D 844 28.74 5.33 17.81
CA ALA D 844 27.61 4.75 17.10
C ALA D 844 28.03 4.12 15.77
N ALA D 845 28.99 4.73 15.07
CA ALA D 845 29.45 4.19 13.80
C ALA D 845 30.18 2.86 13.99
N VAL D 846 30.94 2.73 15.09
CA VAL D 846 31.65 1.50 15.37
C VAL D 846 30.77 0.47 16.08
N GLY D 847 29.53 0.83 16.41
CA GLY D 847 28.63 -0.07 17.10
C GLY D 847 29.00 -0.37 18.53
N LEU D 848 29.43 0.65 19.28
CA LEU D 848 29.71 0.53 20.71
C LEU D 848 29.05 1.67 21.48
N GLY D 849 27.93 2.18 20.98
CA GLY D 849 27.22 3.26 21.66
C GLY D 849 26.59 2.84 22.97
N HIS D 850 26.33 1.55 23.16
CA HIS D 850 25.80 1.06 24.43
C HIS D 850 26.87 1.01 25.51
N ARG D 851 28.14 1.15 25.14
CA ARG D 851 29.25 1.21 26.08
C ARG D 851 29.83 2.61 26.19
N PHE D 852 28.96 3.63 26.11
CA PHE D 852 29.46 5.00 26.14
C PHE D 852 29.90 5.42 27.53
N ASP D 853 29.32 4.82 28.58
CA ASP D 853 29.82 5.08 29.93
C ASP D 853 31.23 4.55 30.11
N GLU D 854 31.49 3.34 29.61
CA GLU D 854 32.85 2.81 29.60
C GLU D 854 33.76 3.63 28.70
N ILE D 855 33.21 4.22 27.63
CA ILE D 855 33.99 5.08 26.76
C ILE D 855 34.41 6.36 27.48
N LYS D 856 33.51 6.94 28.28
CA LYS D 856 33.84 8.13 29.05
C LYS D 856 34.87 7.83 30.14
N GLN D 857 34.72 6.68 30.82
CA GLN D 857 35.73 6.27 31.80
C GLN D 857 37.07 6.00 31.12
N MET D 858 37.03 5.42 29.92
CA MET D 858 38.21 5.23 29.09
C MET D 858 38.87 6.56 28.77
N TYR D 859 38.06 7.58 28.44
CA TYR D 859 38.59 8.91 28.14
C TYR D 859 39.29 9.50 29.35
N ARG D 860 38.66 9.37 30.52
CA ARG D 860 39.23 9.93 31.75
C ARG D 860 40.57 9.28 32.09
N LYS D 861 40.61 7.93 32.08
CA LYS D 861 41.85 7.28 32.48
C LYS D 861 42.89 7.31 31.37
N VAL D 862 42.47 7.50 30.12
CA VAL D 862 43.43 7.72 29.04
C VAL D 862 44.06 9.09 29.16
N ASN D 863 43.27 10.10 29.55
CA ASN D 863 43.83 11.42 29.83
C ASN D 863 44.81 11.36 31.00
N MET D 864 44.48 10.56 32.03
CA MET D 864 45.41 10.37 33.13
C MET D 864 46.68 9.64 32.67
N MET D 865 46.53 8.68 31.76
CA MET D 865 47.68 7.93 31.25
C MET D 865 48.61 8.83 30.42
N PHE D 866 48.04 9.73 29.62
CA PHE D 866 48.83 10.61 28.77
C PHE D 866 49.57 11.68 29.55
N GLY D 867 49.30 11.82 30.84
CA GLY D 867 49.93 12.82 31.68
C GLY D 867 49.06 13.99 32.05
N ASP D 868 47.73 13.84 31.99
CA ASP D 868 46.75 14.90 32.29
C ASP D 868 47.00 16.12 31.39
N ILE D 869 46.80 15.89 30.10
CA ILE D 869 47.07 16.91 29.09
C ILE D 869 45.87 17.84 28.96
N ILE D 870 46.08 18.99 28.30
CA ILE D 870 44.99 19.91 28.01
C ILE D 870 44.11 19.30 26.94
N LYS D 871 42.83 19.12 27.24
CA LYS D 871 41.89 18.47 26.32
C LYS D 871 41.07 19.53 25.60
N VAL D 872 41.64 20.09 24.54
CA VAL D 872 40.96 21.01 23.64
C VAL D 872 41.37 20.63 22.22
N THR D 873 40.65 21.17 21.24
CA THR D 873 40.92 20.85 19.84
C THR D 873 42.30 21.36 19.43
N PRO D 874 43.13 20.53 18.78
CA PRO D 874 42.91 19.11 18.43
C PRO D 874 43.49 18.09 19.41
N SER D 875 43.96 18.49 20.60
CA SER D 875 44.50 17.51 21.54
C SER D 875 43.38 16.66 22.16
N SER D 876 42.16 17.19 22.22
CA SER D 876 41.04 16.39 22.69
C SER D 876 40.71 15.27 21.71
N LYS D 877 40.96 15.49 20.42
CA LYS D 877 40.77 14.44 19.42
C LYS D 877 41.72 13.27 19.64
N VAL D 878 42.94 13.55 20.11
CA VAL D 878 43.90 12.48 20.40
C VAL D 878 43.41 11.61 21.55
N VAL D 879 42.93 12.25 22.63
CA VAL D 879 42.41 11.52 23.78
C VAL D 879 41.17 10.72 23.38
N GLY D 880 40.30 11.33 22.56
CA GLY D 880 39.10 10.62 22.11
C GLY D 880 39.43 9.44 21.22
N ASP D 881 40.41 9.60 20.31
CA ASP D 881 40.81 8.50 19.44
C ASP D 881 41.45 7.37 20.25
N MET D 882 42.26 7.70 21.25
CA MET D 882 42.85 6.69 22.11
C MET D 882 41.77 5.95 22.90
N ALA D 883 40.79 6.68 23.43
CA ALA D 883 39.71 6.06 24.18
C ALA D 883 38.86 5.17 23.29
N LEU D 884 38.56 5.61 22.07
CA LEU D 884 37.79 4.78 21.14
C LEU D 884 38.58 3.57 20.68
N PHE D 885 39.90 3.71 20.55
CA PHE D 885 40.75 2.59 20.17
C PHE D 885 40.84 1.55 21.28
N MET D 886 40.91 1.99 22.53
CA MET D 886 41.27 1.08 23.61
C MET D 886 40.12 0.15 24.01
N ILE D 887 38.87 0.59 23.90
CA ILE D 887 37.76 -0.33 24.13
C ILE D 887 37.37 -1.10 22.87
N GLN D 888 37.79 -0.64 21.69
CA GLN D 888 37.49 -1.38 20.47
C GLN D 888 38.28 -2.68 20.42
N ASN D 889 39.49 -2.67 20.96
CA ASN D 889 40.33 -3.86 21.04
C ASN D 889 40.36 -4.47 22.43
N ASP D 890 39.53 -3.98 23.34
CA ASP D 890 39.39 -4.48 24.72
C ASP D 890 40.74 -4.44 25.45
N LEU D 891 41.25 -3.22 25.63
CA LEU D 891 42.56 -2.99 26.22
C LEU D 891 42.43 -2.26 27.56
N THR D 892 43.42 -2.46 28.40
CA THR D 892 43.58 -1.71 29.64
C THR D 892 44.91 -0.97 29.58
N GLU D 893 45.22 -0.22 30.64
CA GLU D 893 46.47 0.53 30.68
C GLU D 893 47.67 -0.40 30.69
N GLU D 894 47.57 -1.51 31.44
CA GLU D 894 48.65 -2.51 31.43
C GLU D 894 48.77 -3.17 30.07
N ASP D 895 47.65 -3.35 29.36
CA ASP D 895 47.68 -3.98 28.06
C ASP D 895 48.42 -3.12 27.04
N VAL D 896 48.14 -1.81 27.02
CA VAL D 896 48.84 -0.94 26.08
C VAL D 896 50.26 -0.65 26.56
N TYR D 897 50.52 -0.85 27.86
CA TYR D 897 51.88 -0.66 28.36
C TYR D 897 52.76 -1.85 28.01
N ALA D 898 52.20 -3.06 28.01
CA ALA D 898 53.01 -4.26 27.77
C ALA D 898 52.95 -4.70 26.31
N ARG D 899 51.76 -4.98 25.80
CA ARG D 899 51.60 -5.53 24.47
C ARG D 899 51.60 -4.48 23.37
N GLY D 900 51.75 -3.20 23.71
CA GLY D 900 51.55 -2.14 22.75
C GLY D 900 52.64 -2.04 21.69
N ASN D 901 53.70 -2.82 21.83
CA ASN D 901 54.76 -2.82 20.82
C ASN D 901 54.27 -3.42 19.50
N GLU D 902 53.38 -4.41 19.56
CA GLU D 902 52.89 -5.09 18.38
C GLU D 902 51.50 -4.64 17.95
N LEU D 903 50.97 -3.58 18.57
CA LEU D 903 49.67 -3.05 18.21
C LEU D 903 49.85 -1.74 17.44
N ASN D 904 49.16 -1.62 16.31
CA ASN D 904 49.21 -0.41 15.50
C ASN D 904 48.25 0.61 16.09
N PHE D 905 48.78 1.69 16.64
CA PHE D 905 48.00 2.73 17.28
C PHE D 905 47.49 3.70 16.23
N PRO D 906 46.41 4.44 16.53
CA PRO D 906 45.88 5.41 15.55
C PRO D 906 46.88 6.52 15.27
N GLU D 907 46.80 7.06 14.05
CA GLU D 907 47.82 7.99 13.56
C GLU D 907 47.80 9.33 14.28
N SER D 908 46.66 9.73 14.86
CA SER D 908 46.62 10.98 15.59
C SER D 908 47.33 10.88 16.93
N VAL D 909 47.27 9.72 17.57
CA VAL D 909 47.96 9.52 18.84
C VAL D 909 49.47 9.53 18.65
N VAL D 910 49.96 8.84 17.61
CA VAL D 910 51.38 8.85 17.34
C VAL D 910 51.83 10.22 16.82
N SER D 911 50.92 10.98 16.20
CA SER D 911 51.26 12.34 15.79
C SER D 911 51.41 13.24 17.01
N PHE D 912 50.52 13.10 18.00
CA PHE D 912 50.66 13.86 19.23
C PHE D 912 51.92 13.48 19.99
N PHE D 913 52.23 12.19 20.08
CA PHE D 913 53.40 11.75 20.81
C PHE D 913 54.70 12.00 20.05
N ARG D 914 54.63 12.24 18.74
CA ARG D 914 55.80 12.66 17.98
C ARG D 914 56.08 14.16 18.10
N GLY D 915 55.20 14.91 18.74
CA GLY D 915 55.40 16.34 18.88
C GLY D 915 54.83 17.19 17.78
N ASP D 916 53.89 16.67 16.98
CA ASP D 916 53.31 17.46 15.90
C ASP D 916 52.36 18.53 16.43
N LEU D 917 51.79 18.33 17.62
CA LEU D 917 50.91 19.31 18.23
C LEU D 917 51.63 20.21 19.23
N GLY D 918 52.94 20.07 19.39
CA GLY D 918 53.68 20.82 20.37
C GLY D 918 54.07 19.99 21.57
N GLN D 919 54.68 20.67 22.55
CA GLN D 919 55.18 20.01 23.74
C GLN D 919 54.23 20.25 24.90
N PRO D 920 53.66 19.20 25.48
CA PRO D 920 52.75 19.39 26.62
C PRO D 920 53.49 19.82 27.88
N VAL D 921 52.71 20.29 28.85
CA VAL D 921 53.27 20.70 30.13
C VAL D 921 53.74 19.46 30.89
N GLY D 922 54.99 19.49 31.35
CA GLY D 922 55.57 18.38 32.08
C GLY D 922 56.13 17.28 31.22
N GLY D 923 56.02 17.39 29.89
CA GLY D 923 56.57 16.39 28.99
C GLY D 923 55.69 15.16 28.88
N PHE D 924 56.02 14.34 27.88
CA PHE D 924 55.31 13.09 27.67
C PHE D 924 55.70 12.07 28.73
N PRO D 925 54.85 11.08 29.01
CA PRO D 925 55.32 9.89 29.72
C PRO D 925 56.31 9.13 28.86
N GLU D 926 57.55 9.00 29.35
CA GLU D 926 58.66 8.63 28.48
C GLU D 926 58.57 7.18 28.01
N LYS D 927 58.11 6.26 28.86
CA LYS D 927 58.03 4.87 28.47
C LYS D 927 56.87 4.64 27.50
N LEU D 928 55.70 5.20 27.81
CA LEU D 928 54.54 5.04 26.95
C LEU D 928 54.77 5.71 25.60
N GLN D 929 55.54 6.81 25.58
CA GLN D 929 55.93 7.43 24.32
C GLN D 929 56.75 6.47 23.47
N LYS D 930 57.72 5.77 24.09
CA LYS D 930 58.54 4.81 23.35
C LYS D 930 57.69 3.65 22.84
N ILE D 931 56.66 3.25 23.59
CA ILE D 931 55.76 2.22 23.12
C ILE D 931 54.93 2.73 21.93
N ILE D 932 54.47 3.98 22.00
CA ILE D 932 53.52 4.48 21.01
C ILE D 932 54.22 4.78 19.69
N VAL D 933 55.22 5.67 19.71
CA VAL D 933 56.03 5.90 18.51
C VAL D 933 57.20 4.93 18.59
N LYS D 934 57.12 3.88 17.78
CA LYS D 934 58.09 2.79 17.87
C LYS D 934 59.38 3.11 17.14
N ASP D 935 59.27 3.59 15.90
CA ASP D 935 60.43 3.84 15.06
C ASP D 935 60.42 5.21 14.39
N LYS D 936 59.31 5.93 14.40
CA LYS D 936 59.24 7.22 13.72
C LYS D 936 60.03 8.27 14.49
N ALA D 937 60.37 9.35 13.78
CA ALA D 937 61.14 10.43 14.37
C ALA D 937 60.25 11.28 15.27
N VAL D 938 60.79 11.68 16.41
CA VAL D 938 60.07 12.53 17.36
C VAL D 938 60.64 13.94 17.30
N ILE D 939 59.81 14.90 17.69
CA ILE D 939 60.14 16.31 17.62
C ILE D 939 60.05 16.91 19.02
N THR D 940 61.12 17.62 19.42
CA THR D 940 61.19 18.21 20.75
C THR D 940 61.00 19.72 20.74
N ASP D 941 60.83 20.33 19.56
CA ASP D 941 60.62 21.77 19.48
C ASP D 941 59.36 22.08 18.67
N ARG D 942 59.19 23.34 18.32
CA ARG D 942 58.01 23.79 17.57
C ARG D 942 57.96 23.13 16.20
N PRO D 943 56.88 22.45 15.84
CA PRO D 943 56.80 21.81 14.51
C PRO D 943 56.69 22.78 13.36
N GLY D 944 56.43 24.07 13.62
CA GLY D 944 56.43 25.04 12.56
C GLY D 944 57.81 25.28 11.97
N LEU D 945 58.85 25.03 12.76
CA LEU D 945 60.21 25.11 12.24
C LEU D 945 60.52 23.96 11.29
N HIS D 946 59.91 22.80 11.51
CA HIS D 946 60.17 21.62 10.70
C HIS D 946 59.23 21.49 9.51
N ALA D 947 58.30 22.43 9.34
CA ALA D 947 57.37 22.39 8.23
C ALA D 947 58.04 22.89 6.95
N GLU D 948 57.72 22.25 5.83
CA GLU D 948 58.25 22.68 4.54
C GLU D 948 57.67 24.03 4.17
N LYS D 949 58.53 24.93 3.69
CA LYS D 949 58.11 26.30 3.42
C LYS D 949 57.21 26.35 2.18
N VAL D 950 56.23 27.24 2.23
CA VAL D 950 55.22 27.37 1.18
C VAL D 950 55.43 28.71 0.48
N ASP D 951 55.56 28.68 -0.83
CA ASP D 951 55.64 29.88 -1.66
C ASP D 951 54.25 30.16 -2.22
N PHE D 952 53.76 31.38 -2.01
CA PHE D 952 52.37 31.68 -2.34
C PHE D 952 52.16 31.81 -3.84
N GLU D 953 53.19 32.23 -4.57
CA GLU D 953 53.04 32.39 -6.02
C GLU D 953 52.92 31.04 -6.72
N THR D 954 53.67 30.03 -6.25
CA THR D 954 53.61 28.70 -6.86
C THR D 954 52.24 28.06 -6.65
N VAL D 955 51.73 28.10 -5.42
CA VAL D 955 50.42 27.51 -5.16
C VAL D 955 49.32 28.36 -5.77
N LYS D 956 49.56 29.67 -5.94
CA LYS D 956 48.60 30.52 -6.64
C LYS D 956 48.49 30.13 -8.11
N ALA D 957 49.62 29.89 -8.77
CA ALA D 957 49.61 29.45 -10.16
C ALA D 957 48.99 28.07 -10.29
N ASP D 958 49.30 27.16 -9.35
CA ASP D 958 48.71 25.82 -9.39
C ASP D 958 47.20 25.87 -9.17
N LEU D 959 46.74 26.72 -8.25
CA LEU D 959 45.31 26.85 -8.00
C LEU D 959 44.61 27.48 -9.20
N GLU D 960 45.24 28.46 -9.85
CA GLU D 960 44.68 29.02 -11.08
C GLU D 960 44.60 27.97 -12.18
N GLN D 961 45.57 27.05 -12.23
CA GLN D 961 45.48 25.91 -13.13
C GLN D 961 44.33 24.99 -12.77
N LYS D 962 44.05 24.78 -11.48
CA LYS D 962 43.00 23.85 -11.07
C LYS D 962 41.60 24.45 -11.19
N ILE D 963 41.35 25.58 -10.50
CA ILE D 963 39.99 26.12 -10.45
C ILE D 963 39.59 26.88 -11.70
N GLY D 964 40.53 27.12 -12.61
CA GLY D 964 40.18 27.71 -13.89
C GLY D 964 40.09 29.22 -13.92
N TYR D 965 40.47 29.91 -12.84
CA TYR D 965 40.49 31.36 -12.83
C TYR D 965 41.52 31.84 -11.81
N GLU D 966 41.85 33.12 -11.89
CA GLU D 966 42.83 33.69 -10.99
C GLU D 966 42.24 33.80 -9.58
N PRO D 967 42.84 33.17 -8.58
CA PRO D 967 42.27 33.22 -7.23
C PRO D 967 42.77 34.42 -6.44
N GLY D 968 41.95 34.80 -5.46
CA GLY D 968 42.36 35.82 -4.52
C GLY D 968 43.32 35.26 -3.48
N ASP D 969 43.80 36.15 -2.61
CA ASP D 969 44.69 35.73 -1.52
C ASP D 969 43.95 34.82 -0.54
N HIS D 970 42.67 35.10 -0.29
CA HIS D 970 41.88 34.25 0.59
C HIS D 970 41.67 32.86 0.00
N GLU D 971 41.48 32.78 -1.32
CA GLU D 971 41.30 31.48 -1.96
C GLU D 971 42.59 30.67 -1.94
N VAL D 972 43.73 31.33 -2.17
CA VAL D 972 45.03 30.65 -2.10
C VAL D 972 45.28 30.16 -0.68
N ILE D 973 44.97 30.98 0.32
CA ILE D 973 45.17 30.61 1.72
C ILE D 973 44.27 29.43 2.09
N SER D 974 43.00 29.45 1.64
CA SER D 974 42.09 28.35 1.92
C SER D 974 42.53 27.07 1.21
N TYR D 975 43.12 27.19 0.02
CA TYR D 975 43.68 26.02 -0.65
C TYR D 975 44.89 25.48 0.09
N ILE D 976 45.67 26.37 0.72
CA ILE D 976 46.83 25.90 1.49
C ILE D 976 46.37 25.17 2.74
N MET D 977 45.39 25.72 3.46
CA MET D 977 44.95 25.14 4.72
C MET D 977 44.16 23.85 4.49
N TYR D 978 43.24 23.86 3.54
CA TYR D 978 42.38 22.71 3.25
C TYR D 978 42.45 22.42 1.76
N PRO D 979 43.42 21.63 1.32
CA PRO D 979 43.59 21.41 -0.13
C PRO D 979 42.45 20.64 -0.79
N GLN D 980 42.10 19.48 -0.24
CA GLN D 980 41.04 18.68 -0.85
C GLN D 980 39.67 19.30 -0.63
N VAL D 981 39.46 19.93 0.53
CA VAL D 981 38.17 20.50 0.87
C VAL D 981 37.87 21.70 -0.02
N PHE D 982 38.87 22.54 -0.28
CA PHE D 982 38.66 23.70 -1.16
C PHE D 982 38.39 23.28 -2.59
N LEU D 983 39.07 22.24 -3.07
CA LEU D 983 38.83 21.76 -4.43
C LEU D 983 37.45 21.12 -4.55
N ASP D 984 37.03 20.37 -3.53
CA ASP D 984 35.68 19.82 -3.53
C ASP D 984 34.62 20.93 -3.48
N TYR D 985 34.90 21.99 -2.72
CA TYR D 985 33.99 23.13 -2.67
C TYR D 985 33.92 23.83 -4.02
N GLN D 986 35.05 23.95 -4.72
CA GLN D 986 35.04 24.57 -6.04
C GLN D 986 34.30 23.71 -7.05
N LYS D 987 34.46 22.39 -6.97
CA LYS D 987 33.68 21.49 -7.83
C LYS D 987 32.18 21.60 -7.54
N MET D 988 31.83 21.70 -6.26
CA MET D 988 30.42 21.89 -5.88
C MET D 988 29.90 23.24 -6.34
N GLN D 989 30.75 24.27 -6.36
CA GLN D 989 30.35 25.57 -6.89
C GLN D 989 30.13 25.51 -8.39
N ARG D 990 30.98 24.76 -9.09
CA ARG D 990 30.83 24.64 -10.54
C ARG D 990 29.61 23.78 -10.90
N GLU D 991 29.22 22.84 -10.04
CA GLU D 991 28.09 21.99 -10.36
C GLU D 991 26.75 22.57 -9.89
N PHE D 992 26.68 22.99 -8.63
CA PHE D 992 25.42 23.42 -8.03
C PHE D 992 25.29 24.93 -7.86
N GLY D 993 26.35 25.69 -8.11
CA GLY D 993 26.27 27.13 -7.96
C GLY D 993 26.29 27.57 -6.51
N ALA D 994 25.91 28.83 -6.31
CA ALA D 994 25.91 29.45 -4.98
C ALA D 994 24.67 29.00 -4.22
N VAL D 995 24.79 27.87 -3.52
CA VAL D 995 23.67 27.35 -2.74
C VAL D 995 23.51 28.07 -1.40
N THR D 996 24.42 28.99 -1.07
CA THR D 996 24.31 29.76 0.16
C THR D 996 23.14 30.73 0.14
N LEU D 997 22.64 31.09 -1.05
CA LEU D 997 21.54 32.03 -1.16
C LEU D 997 20.18 31.38 -0.91
N LEU D 998 20.11 30.06 -0.88
CA LEU D 998 18.86 29.37 -0.56
C LEU D 998 18.55 29.50 0.93
N ASP D 999 17.26 29.51 1.24
CA ASP D 999 16.85 29.43 2.63
C ASP D 999 17.08 28.02 3.17
N THR D 1000 17.24 27.91 4.48
CA THR D 1000 17.63 26.66 5.11
C THR D 1000 16.66 25.50 4.91
N PRO D 1001 15.32 25.64 5.03
CA PRO D 1001 14.46 24.49 4.67
C PRO D 1001 14.58 24.06 3.22
N THR D 1002 14.73 25.01 2.30
CA THR D 1002 14.93 24.66 0.90
C THR D 1002 16.32 24.06 0.67
N PHE D 1003 17.32 24.57 1.40
CA PHE D 1003 18.67 24.04 1.30
C PHE D 1003 18.75 22.60 1.81
N LEU D 1004 17.98 22.28 2.85
CA LEU D 1004 18.09 20.98 3.48
C LEU D 1004 17.15 19.94 2.89
N HIS D 1005 15.90 20.30 2.62
CA HIS D 1005 14.89 19.32 2.21
C HIS D 1005 14.46 19.49 0.76
N GLY D 1006 15.07 20.41 0.02
CA GLY D 1006 14.75 20.54 -1.38
C GLY D 1006 13.47 21.31 -1.60
N MET D 1007 12.56 20.74 -2.36
CA MET D 1007 11.37 21.43 -2.82
C MET D 1007 10.19 20.48 -2.82
N ARG D 1008 9.05 20.94 -2.29
CA ARG D 1008 7.85 20.12 -2.29
C ARG D 1008 7.12 20.23 -3.62
N LEU D 1009 6.18 19.31 -3.84
CA LEU D 1009 5.32 19.37 -5.00
C LEU D 1009 4.35 20.55 -4.86
N ASN D 1010 4.17 21.29 -5.97
CA ASN D 1010 3.33 22.48 -6.05
C ASN D 1010 3.76 23.56 -5.06
N GLU D 1011 5.05 23.60 -4.74
CA GLU D 1011 5.59 24.63 -3.87
C GLU D 1011 6.14 25.77 -4.71
N LYS D 1012 6.10 26.98 -4.16
CA LYS D 1012 6.61 28.17 -4.83
C LYS D 1012 7.69 28.81 -3.95
N ILE D 1013 8.90 28.89 -4.47
CA ILE D 1013 10.01 29.51 -3.76
C ILE D 1013 10.57 30.64 -4.62
N GLU D 1014 11.26 31.56 -3.96
CA GLU D 1014 11.93 32.67 -4.63
C GLU D 1014 13.36 32.76 -4.13
N VAL D 1015 14.31 32.75 -5.05
CA VAL D 1015 15.74 32.79 -4.73
C VAL D 1015 16.31 34.07 -5.30
N GLN D 1016 16.89 34.89 -4.43
CA GLN D 1016 17.54 36.14 -4.85
C GLN D 1016 19.01 35.82 -5.11
N ILE D 1017 19.35 35.63 -6.39
CA ILE D 1017 20.74 35.36 -6.74
C ILE D 1017 21.59 36.61 -6.56
N GLU D 1018 21.07 37.77 -6.92
CA GLU D 1018 21.76 39.04 -6.74
C GLU D 1018 20.70 40.14 -6.64
N LYS D 1019 21.16 41.38 -6.45
CA LYS D 1019 20.24 42.50 -6.30
C LYS D 1019 19.49 42.76 -7.60
N GLY D 1020 18.16 42.79 -7.50
CA GLY D 1020 17.31 42.97 -8.66
C GLY D 1020 17.06 41.72 -9.48
N LYS D 1021 17.60 40.57 -9.06
CA LYS D 1021 17.43 39.31 -9.79
C LYS D 1021 16.87 38.27 -8.83
N THR D 1022 15.60 37.93 -8.99
CA THR D 1022 14.96 36.93 -8.16
C THR D 1022 14.45 35.79 -9.05
N LEU D 1023 14.84 34.57 -8.72
CA LEU D 1023 14.44 33.39 -9.46
C LEU D 1023 13.13 32.86 -8.90
N SER D 1024 12.08 32.85 -9.72
CA SER D 1024 10.80 32.26 -9.35
C SER D 1024 10.82 30.79 -9.79
N ILE D 1025 10.86 29.89 -8.82
CA ILE D 1025 10.97 28.45 -9.07
C ILE D 1025 9.75 27.76 -8.49
N ARG D 1026 9.05 26.99 -9.32
CA ARG D 1026 7.91 26.19 -8.89
C ARG D 1026 8.08 24.77 -9.38
N LEU D 1027 8.03 23.81 -8.46
CA LEU D 1027 8.08 22.40 -8.81
C LEU D 1027 6.66 21.92 -9.08
N ASP D 1028 6.40 21.52 -10.32
CA ASP D 1028 5.06 21.13 -10.74
C ASP D 1028 4.83 19.63 -10.73
N GLU D 1029 5.83 18.84 -11.12
CA GLU D 1029 5.66 17.40 -11.20
C GLU D 1029 7.02 16.72 -11.14
N ILE D 1030 7.09 15.63 -10.41
CA ILE D 1030 8.28 14.78 -10.34
C ILE D 1030 7.97 13.50 -11.13
N GLY D 1031 8.73 13.28 -12.20
CA GLY D 1031 8.48 12.12 -13.03
C GLY D 1031 8.96 10.84 -12.41
N GLU D 1032 8.40 9.73 -12.91
CA GLU D 1032 8.82 8.41 -12.47
C GLU D 1032 10.22 8.10 -13.01
N PRO D 1033 11.01 7.32 -12.28
CA PRO D 1033 12.34 6.94 -12.79
C PRO D 1033 12.22 6.02 -13.99
N ASP D 1034 13.16 6.17 -14.93
CA ASP D 1034 13.21 5.34 -16.12
C ASP D 1034 14.05 4.09 -15.82
N LEU D 1035 14.39 3.35 -16.87
CA LEU D 1035 15.25 2.18 -16.70
C LEU D 1035 16.67 2.57 -16.36
N ALA D 1036 17.11 3.76 -16.80
CA ALA D 1036 18.45 4.24 -16.50
C ALA D 1036 18.55 4.88 -15.12
N GLY D 1037 17.43 5.00 -14.39
CA GLY D 1037 17.46 5.57 -13.06
C GLY D 1037 17.31 7.08 -12.99
N ASN D 1038 16.97 7.73 -14.09
CA ASN D 1038 16.83 9.18 -14.12
C ASN D 1038 15.37 9.58 -13.98
N ARG D 1039 15.12 10.64 -13.22
CA ARG D 1039 13.80 11.21 -13.07
C ARG D 1039 13.77 12.61 -13.67
N VAL D 1040 12.67 12.95 -14.32
CA VAL D 1040 12.49 14.27 -14.90
C VAL D 1040 11.63 15.09 -13.95
N LEU D 1041 12.17 16.20 -13.48
CA LEU D 1041 11.44 17.12 -12.61
C LEU D 1041 10.93 18.29 -13.42
N PHE D 1042 9.63 18.53 -13.34
CA PHE D 1042 8.98 19.56 -14.16
C PHE D 1042 8.98 20.85 -13.37
N PHE D 1043 10.04 21.64 -13.55
CA PHE D 1043 10.18 22.92 -12.87
C PHE D 1043 9.55 24.03 -13.70
N ASN D 1044 9.16 25.09 -13.01
CA ASN D 1044 8.68 26.31 -13.64
C ASN D 1044 9.62 27.44 -13.20
N LEU D 1045 10.65 27.69 -14.00
CA LEU D 1045 11.65 28.70 -13.68
C LEU D 1045 11.33 29.98 -14.45
N ASN D 1046 11.07 31.05 -13.70
CA ASN D 1046 10.79 32.39 -14.25
C ASN D 1046 9.61 32.36 -15.21
N GLY D 1047 8.57 31.61 -14.85
CA GLY D 1047 7.38 31.51 -15.65
C GLY D 1047 7.42 30.45 -16.73
N GLN D 1048 8.60 29.94 -17.07
CA GLN D 1048 8.77 29.02 -18.18
C GLN D 1048 9.00 27.61 -17.67
N ARG D 1049 8.45 26.64 -18.39
CA ARG D 1049 8.66 25.23 -18.07
C ARG D 1049 10.09 24.84 -18.38
N ARG D 1050 10.75 24.17 -17.43
CA ARG D 1050 12.09 23.64 -17.64
C ARG D 1050 12.15 22.24 -17.04
N GLU D 1051 12.45 21.25 -17.86
CA GLU D 1051 12.53 19.87 -17.43
C GLU D 1051 13.97 19.54 -17.05
N VAL D 1052 14.18 19.13 -15.80
CA VAL D 1052 15.50 18.83 -15.28
C VAL D 1052 15.60 17.33 -15.06
N VAL D 1053 16.64 16.73 -15.63
CA VAL D 1053 16.89 15.30 -15.50
C VAL D 1053 17.90 15.09 -14.39
N ILE D 1054 17.51 14.31 -13.39
CA ILE D 1054 18.37 14.04 -12.24
C ILE D 1054 18.34 12.53 -11.98
N ASN D 1055 19.52 11.99 -11.65
CA ASN D 1055 19.65 10.55 -11.43
C ASN D 1055 19.23 10.21 -10.01
N ASP D 1056 18.19 9.38 -9.88
CA ASP D 1056 17.83 8.82 -8.59
C ASP D 1056 18.88 7.80 -8.19
N GLN D 1057 19.40 7.92 -6.96
CA GLN D 1057 20.42 6.99 -6.51
C GLN D 1057 19.81 5.69 -6.00
N SER D 1058 18.63 5.75 -5.41
CA SER D 1058 18.00 4.57 -4.79
C SER D 1058 16.94 3.98 -5.73
N VAL D 1059 17.40 3.46 -6.87
CA VAL D 1059 16.55 2.69 -7.77
C VAL D 1059 17.20 1.35 -8.14
N GLN D 1060 18.45 1.38 -8.59
CA GLN D 1060 19.16 0.17 -8.96
C GLN D 1060 20.60 0.14 -8.48
N ALA D 1061 21.15 1.26 -8.01
CA ALA D 1061 22.58 1.44 -7.70
C ALA D 1061 23.44 1.04 -8.91
N GLN D 1062 23.07 1.57 -10.06
CA GLN D 1062 23.78 1.28 -11.31
C GLN D 1062 25.15 1.94 -11.40
N VAL D 1063 25.44 2.90 -10.52
CA VAL D 1063 26.73 3.59 -10.54
C VAL D 1063 27.83 2.69 -10.00
#